data_7MW5
#
_entry.id   7MW5
#
_cell.length_a   1.00
_cell.length_b   1.00
_cell.length_c   1.00
_cell.angle_alpha   90.00
_cell.angle_beta   90.00
_cell.angle_gamma   90.00
#
_symmetry.space_group_name_H-M   'P 1'
#
loop_
_entity.id
_entity.type
_entity.pdbx_description
1 polymer 'Fab of antibody clone 2, light chain'
2 polymer 'Fab of antibody clone 2, heavy chain'
3 polymer 'Spike glycoprotein'
4 branched 2-acetamido-2-deoxy-beta-D-glucopyranose-(1-4)-2-acetamido-2-deoxy-beta-D-glucopyranose
5 non-polymer 2-acetamido-2-deoxy-beta-D-glucopyranose
#
loop_
_entity_poly.entity_id
_entity_poly.type
_entity_poly.pdbx_seq_one_letter_code
_entity_poly.pdbx_strand_id
1 'polypeptide(L)'
;MESDTLLLWVLLLWVPGSTGDIVLTQSPASLAVSLGQRATISCRASESVEYYGTSLMQWYQQKPGQPPKVLIYAASNVES
GVPARFSGSGSGTDFSLNIHPVEEDDIAMYFCQQSRKVPWTFGGGTKLEIKRADAAPTVSIFPPSSEQLTSGGASVVCFT
VAAPSVFIFPPSDEQLKSGTASVVCLLNNFYPREAKVQWKVDNALQSGNSQESVTEQDSKDSTYSLSSTLTLSKADYEKH
KVYACEVTHQGLSSPVTKSFNRGEA
;
L,G,E
2 'polypeptide(L)'
;MGWNWIFILILSVTTGVHSEVQLQQSGPELVKPGASVKISCKASGYSFTGYSMNWMKQSPEKSLEWIGEINPSTGGTTDN
QKFKAKATLTVDKSSSTAYMQLKSLTSEDSAVYYCARSRGDYWGQGTSVTVSSAKTTPPSVYPLAPGSAAQTNSMVTLGC
LVKASTKGPSVFPLAPSSKSTSGGTAALGCLVKDYFPEPVTVSWNSGALTSGVHTFPAVLQSSGLYSLSSVVTVPSSSLG
TQTYICNVNHKPSNTKVDKKVEP
;
H,F,D
3 'polypeptide(L)'
;MFVFLVLLPLVSSQCVNLTTRTQLPPAYTNSFTRGVYYPDKVFRSSVLHSTQDLFLPFFSNVTWFHAIHVSGTNGTKRFD
NPVLPFNDGVYFASTEKSNIIRGWIFGTTLDSKTQSLLIVNNATNVVIKVCEFQFCNDPFLGVYYHKNNKSWMESEFRVY
SSANNCTFEYVSQPFLMDLEGKQGNFKNLREFVFKNIDGYFKIYSKHTPINLVRDLPQGFSALEPLVDLPIGINITRFQT
LLALHRSYLTPGDSSSGWTAGAAAYYVGYLQPRTFLLKYNENGTITDAVDCALDPLSETKCTLKSFTVEKGIYQTSNFRV
QPTESIVRFPNITNLCPFGEVFNATRFASVYAWNRKRISNCVADYSVLYNSASFSTFKCYGVSPTKLNDLCFTNVYADSF
VIRGDEVRQIAPGQTGKIADYNYKLPDDFTGCVIAWNSNNLDSKVGGNYNYLYRLFRKSNLKPFERDISTEIYQAGSTPC
NGVEGFNCYFPLQSYGFQPTNGVGYQPYRVVVLSFELLHAPATVCGPKKSTNLVKNKCVNFNFNGLTGTGVLTESNKKFL
PFQQFGRDIADTTDAVRDPQTLEILDITPCSFGGVSVITPGTNTSNQVAVLYQDVNCTEVPVAIHADQLTPTWRVYSTGS
NVFQTRAGCLIGAEHVNNSYECDIPIGAGICASYQTQTNSPGSASSVASQSIIAYTMSLGAENSVAYSNNSIAIPTNFTI
SVTTEILPVSMTKTSVDCTMYICGDSTECSNLLLQYGSFCTQLNRALTGIAVEQDKNTQEVFAQVKQIYKTPPIKDFGGF
NFSQILPDPSKPSKRSFIEDLLFNKVTLADAGFIKQYGDCLGDIAARDLICAQKFNGLTVLPPLLTDEMIAQYTSALLAG
TITSGWTFGAGAALQIPFAMQMAYRFNGIGVTQNVLYENQKLIANQFNSAIGKIQDSLSSTASALGKLQDVVNQNAQALN
TLVKQLSSNFGAISSVLNDILSRLDPPEAEVQIDRLITGRLQSLQTYVTQQLIRAAEIRASANLAATKMSECVLGQSKRV
DFCGKGYHLMSFPQSAPHGVVFLHVTYVPAQEKNFTTAPAICHDGKAHFPREGVFVSNGTHWFVTQRNFYEPQIITTDNT
FVSGNCDVVIGIVNNTVYDPLQPELDSFKEELDKYFKNHTSPDVDLGDISGINASVVNIQKEIDRLNEVAKNLNESLIDL
QELGKYEQGSGYIPEAPRDGQAYVRKDGEWVLLSTFLGRSLEVLFQGPGHHHHHHHHSAWSHPQFEKGGGSGGGGSGGSA
WSHPQFEK
;
C,B,A
#
loop_
_chem_comp.id
_chem_comp.type
_chem_comp.name
_chem_comp.formula
NAG D-saccharide, beta linking 2-acetamido-2-deoxy-beta-D-glucopyranose 'C8 H15 N O6'
#
# COMPACT_ATOMS: atom_id res chain seq x y z
N ILE A 22 -29.77 56.59 -46.66
CA ILE A 22 -29.32 55.31 -47.18
C ILE A 22 -29.95 55.04 -48.55
N VAL A 23 -29.13 54.65 -49.52
CA VAL A 23 -29.57 54.42 -50.89
C VAL A 23 -29.50 52.92 -51.17
N LEU A 24 -30.60 52.35 -51.63
CA LEU A 24 -30.69 50.94 -51.95
C LEU A 24 -30.81 50.77 -53.47
N THR A 25 -29.77 50.23 -54.08
CA THR A 25 -29.77 49.92 -55.51
C THR A 25 -30.07 48.44 -55.68
N GLN A 26 -31.05 48.12 -56.52
CA GLN A 26 -31.55 46.76 -56.64
C GLN A 26 -30.99 46.10 -57.91
N SER A 27 -30.19 45.06 -57.71
CA SER A 27 -29.67 44.22 -58.77
C SER A 27 -30.64 43.07 -59.03
N PRO A 28 -30.44 42.31 -60.14
CA PRO A 28 -31.44 42.28 -61.22
C PRO A 28 -32.89 42.47 -60.79
N ALA A 29 -33.54 43.44 -61.45
CA ALA A 29 -34.93 43.80 -61.23
C ALA A 29 -35.89 43.12 -62.17
N SER A 30 -35.39 42.39 -63.17
CA SER A 30 -36.26 41.67 -64.10
C SER A 30 -35.65 40.28 -64.29
N LEU A 31 -36.05 39.35 -63.41
CA LEU A 31 -35.53 38.00 -63.42
C LEU A 31 -36.51 37.09 -64.15
N ALA A 32 -36.05 36.45 -65.21
CA ALA A 32 -36.85 35.48 -65.95
C ALA A 32 -36.75 34.13 -65.24
N VAL A 33 -37.88 33.63 -64.74
CA VAL A 33 -37.92 32.39 -63.97
C VAL A 33 -38.98 31.49 -64.58
N SER A 34 -38.62 30.22 -64.80
CA SER A 34 -39.60 29.23 -65.20
C SER A 34 -40.39 28.79 -63.97
N LEU A 35 -41.62 28.36 -64.21
CA LEU A 35 -42.51 28.00 -63.11
C LEU A 35 -41.92 26.84 -62.32
N GLY A 36 -41.45 27.12 -61.11
CA GLY A 36 -40.75 26.14 -60.29
C GLY A 36 -39.25 26.30 -60.25
N GLN A 37 -38.71 27.30 -60.94
CA GLN A 37 -37.26 27.49 -60.99
C GLN A 37 -36.80 28.42 -59.87
N ARG A 38 -35.47 28.51 -59.71
CA ARG A 38 -34.87 29.33 -58.68
C ARG A 38 -35.06 30.81 -59.01
N ALA A 39 -34.98 31.66 -58.00
CA ALA A 39 -35.06 33.10 -58.21
C ALA A 39 -34.39 33.83 -57.06
N THR A 40 -33.73 34.94 -57.38
CA THR A 40 -33.08 35.75 -56.37
C THR A 40 -32.86 37.16 -56.90
N ILE A 41 -33.15 38.14 -56.04
CA ILE A 41 -33.00 39.56 -56.34
C ILE A 41 -32.20 40.18 -55.22
N SER A 42 -31.36 41.16 -55.54
CA SER A 42 -30.44 41.65 -54.53
C SER A 42 -30.54 43.16 -54.36
N CYS A 43 -30.14 43.63 -53.18
CA CYS A 43 -30.18 45.04 -52.84
C CYS A 43 -28.84 45.45 -52.23
N ARG A 44 -28.45 46.70 -52.49
CA ARG A 44 -27.20 47.25 -52.00
C ARG A 44 -27.52 48.53 -51.25
N ALA A 45 -27.12 48.59 -49.98
CA ALA A 45 -27.46 49.69 -49.10
C ALA A 45 -26.33 50.72 -49.08
N SER A 46 -26.40 51.67 -48.15
CA SER A 46 -25.38 52.69 -48.00
C SER A 46 -24.47 52.47 -46.79
N GLU A 47 -24.81 51.52 -45.92
CA GLU A 47 -24.00 51.26 -44.73
C GLU A 47 -24.28 49.83 -44.28
N SER A 48 -23.73 49.47 -43.12
CA SER A 48 -24.00 48.18 -42.50
C SER A 48 -25.24 48.33 -41.62
N VAL A 49 -26.35 47.77 -42.06
CA VAL A 49 -27.63 47.89 -41.36
C VAL A 49 -27.64 46.99 -40.14
N GLU A 50 -26.53 46.30 -39.88
CA GLU A 50 -26.42 45.34 -38.80
C GLU A 50 -26.06 45.97 -37.46
N TYR A 51 -26.35 47.27 -37.28
CA TYR A 51 -26.07 47.92 -36.01
C TYR A 51 -26.85 47.26 -34.88
N TYR A 52 -26.24 47.26 -33.70
CA TYR A 52 -26.77 46.61 -32.50
C TYR A 52 -26.79 45.10 -32.61
N GLY A 53 -26.05 44.54 -33.55
CA GLY A 53 -26.00 43.10 -33.75
C GLY A 53 -27.11 42.53 -34.59
N THR A 54 -28.04 43.35 -35.08
CA THR A 54 -29.14 42.89 -35.91
C THR A 54 -29.32 43.83 -37.09
N SER A 55 -29.74 43.27 -38.21
CA SER A 55 -30.05 44.06 -39.40
C SER A 55 -31.55 44.33 -39.47
N LEU A 56 -31.92 45.55 -39.88
CA LEU A 56 -33.30 45.98 -39.78
C LEU A 56 -33.88 46.27 -41.16
N MET A 57 -33.63 45.38 -42.11
CA MET A 57 -34.18 45.48 -43.45
C MET A 57 -35.50 44.72 -43.54
N GLN A 58 -36.38 45.19 -44.42
CA GLN A 58 -37.64 44.53 -44.68
C GLN A 58 -37.84 44.39 -46.17
N TRP A 59 -38.66 43.40 -46.55
CA TRP A 59 -38.95 43.13 -47.95
C TRP A 59 -40.45 43.00 -48.14
N TYR A 60 -40.92 43.45 -49.30
CA TYR A 60 -42.35 43.54 -49.58
C TYR A 60 -42.64 43.07 -51.00
N GLN A 61 -43.85 42.56 -51.20
CA GLN A 61 -44.36 42.20 -52.51
C GLN A 61 -45.63 42.98 -52.79
N GLN A 62 -45.78 43.44 -54.04
CA GLN A 62 -46.92 44.27 -54.43
C GLN A 62 -47.38 43.80 -55.80
N LYS A 63 -48.46 43.01 -55.81
CA LYS A 63 -49.08 42.67 -57.08
C LYS A 63 -49.66 43.94 -57.71
N PRO A 64 -49.57 44.09 -59.04
CA PRO A 64 -50.01 45.35 -59.67
C PRO A 64 -51.47 45.66 -59.34
N GLY A 65 -51.66 46.77 -58.64
CA GLY A 65 -52.98 47.16 -58.19
C GLY A 65 -53.38 46.61 -56.83
N GLN A 66 -52.44 46.16 -56.02
CA GLN A 66 -52.73 45.57 -54.72
C GLN A 66 -51.89 46.22 -53.64
N PRO A 67 -52.38 46.25 -52.41
CA PRO A 67 -51.58 46.76 -51.30
C PRO A 67 -50.39 45.86 -51.03
N PRO A 68 -49.18 46.40 -51.00
CA PRO A 68 -47.98 45.57 -50.83
C PRO A 68 -47.89 44.97 -49.44
N LYS A 69 -47.97 43.64 -49.37
CA LYS A 69 -47.75 42.90 -48.15
C LYS A 69 -46.27 42.85 -47.80
N VAL A 70 -45.97 42.77 -46.51
CA VAL A 70 -44.60 42.61 -46.02
C VAL A 70 -44.24 41.13 -46.07
N LEU A 71 -42.97 40.84 -46.34
CA LEU A 71 -42.51 39.47 -46.41
C LEU A 71 -41.59 39.06 -45.27
N ILE A 72 -40.66 39.93 -44.86
CA ILE A 72 -39.63 39.56 -43.90
C ILE A 72 -39.48 40.66 -42.86
N TYR A 73 -39.41 40.27 -41.59
CA TYR A 73 -39.09 41.23 -40.52
C TYR A 73 -37.71 41.85 -40.72
N ALA A 74 -36.74 41.03 -41.09
CA ALA A 74 -35.33 41.32 -40.86
C ALA A 74 -34.49 40.72 -41.98
N ALA A 75 -33.22 40.45 -41.70
CA ALA A 75 -32.41 39.68 -42.64
C ALA A 75 -33.12 38.39 -43.03
N SER A 76 -33.70 37.68 -42.07
CA SER A 76 -34.27 36.37 -42.33
C SER A 76 -35.70 36.19 -41.84
N ASN A 77 -36.07 36.81 -40.72
CA ASN A 77 -37.33 36.49 -40.05
C ASN A 77 -38.53 36.89 -40.90
N VAL A 78 -39.28 35.89 -41.36
CA VAL A 78 -40.41 36.16 -42.24
C VAL A 78 -41.59 36.70 -41.43
N GLU A 79 -42.56 37.27 -42.16
CA GLU A 79 -43.73 37.87 -41.56
C GLU A 79 -44.72 36.76 -41.13
N SER A 80 -45.90 37.20 -40.68
CA SER A 80 -46.98 36.28 -40.34
C SER A 80 -47.99 36.24 -41.46
N GLY A 81 -48.34 35.04 -41.91
CA GLY A 81 -49.24 34.85 -43.03
C GLY A 81 -48.57 34.87 -44.39
N VAL A 82 -47.27 35.12 -44.44
CA VAL A 82 -46.54 35.10 -45.71
C VAL A 82 -46.51 33.68 -46.26
N PRO A 83 -46.55 33.48 -47.58
CA PRO A 83 -46.39 32.13 -48.12
C PRO A 83 -45.17 31.43 -47.56
N ALA A 84 -45.34 30.14 -47.24
CA ALA A 84 -44.33 29.41 -46.48
C ALA A 84 -43.00 29.32 -47.21
N ARG A 85 -43.04 29.30 -48.55
CA ARG A 85 -41.79 29.14 -49.29
C ARG A 85 -41.02 30.44 -49.49
N PHE A 86 -41.54 31.57 -49.04
CA PHE A 86 -40.77 32.81 -49.07
C PHE A 86 -39.61 32.74 -48.06
N SER A 87 -38.43 33.14 -48.51
CA SER A 87 -37.26 33.19 -47.65
C SER A 87 -36.26 34.15 -48.25
N GLY A 88 -35.33 34.60 -47.41
CA GLY A 88 -34.29 35.52 -47.84
C GLY A 88 -33.22 35.70 -46.79
N SER A 89 -32.01 36.07 -47.19
CA SER A 89 -30.91 36.16 -46.26
C SER A 89 -29.95 37.24 -46.76
N GLY A 90 -28.75 37.26 -46.19
CA GLY A 90 -27.73 38.21 -46.55
C GLY A 90 -26.98 38.66 -45.32
N SER A 91 -26.07 39.61 -45.51
CA SER A 91 -25.28 40.14 -44.40
C SER A 91 -24.74 41.50 -44.81
N GLY A 92 -24.28 42.25 -43.80
CA GLY A 92 -23.60 43.50 -44.04
C GLY A 92 -24.42 44.47 -44.86
N THR A 93 -24.03 44.65 -46.12
CA THR A 93 -24.76 45.49 -47.06
C THR A 93 -25.45 44.71 -48.16
N ASP A 94 -25.04 43.47 -48.43
CA ASP A 94 -25.62 42.69 -49.51
C ASP A 94 -26.64 41.70 -48.96
N PHE A 95 -27.89 41.82 -49.41
CA PHE A 95 -28.98 40.95 -48.99
C PHE A 95 -29.76 40.54 -50.23
N SER A 96 -30.29 39.31 -50.21
CA SER A 96 -31.02 38.80 -51.35
C SER A 96 -32.13 37.87 -50.91
N LEU A 97 -33.25 37.93 -51.63
CA LEU A 97 -34.36 37.01 -51.44
C LEU A 97 -34.04 35.63 -52.01
N ASN A 98 -34.56 34.60 -51.33
CA ASN A 98 -34.38 33.22 -51.80
C ASN A 98 -35.78 32.58 -51.82
N ILE A 99 -36.46 32.71 -52.95
CA ILE A 99 -37.75 32.06 -53.18
C ILE A 99 -37.49 30.80 -54.00
N HIS A 100 -37.47 29.66 -53.32
CA HIS A 100 -37.09 28.43 -54.01
C HIS A 100 -38.26 27.89 -54.83
N PRO A 101 -39.46 27.65 -54.25
CA PRO A 101 -40.60 27.28 -55.12
C PRO A 101 -41.31 28.48 -55.76
N VAL A 102 -40.81 28.92 -56.91
CA VAL A 102 -41.45 30.03 -57.63
C VAL A 102 -42.65 29.47 -58.40
N GLU A 103 -43.85 29.85 -57.98
CA GLU A 103 -45.06 29.46 -58.67
C GLU A 103 -45.55 30.62 -59.55
N GLU A 104 -46.72 30.45 -60.16
CA GLU A 104 -47.26 31.48 -61.05
C GLU A 104 -47.77 32.69 -60.27
N ASP A 105 -48.22 32.48 -59.04
CA ASP A 105 -48.77 33.58 -58.24
C ASP A 105 -47.70 34.61 -57.90
N ASP A 106 -46.48 34.17 -57.61
CA ASP A 106 -45.41 35.06 -57.14
C ASP A 106 -44.82 35.84 -58.32
N ILE A 107 -45.65 36.71 -58.88
CA ILE A 107 -45.27 37.62 -59.95
C ILE A 107 -45.76 39.01 -59.56
N ALA A 108 -44.85 39.86 -59.09
CA ALA A 108 -45.24 41.15 -58.54
C ALA A 108 -44.02 42.05 -58.45
N MET A 109 -44.23 43.24 -57.88
CA MET A 109 -43.17 44.21 -57.64
C MET A 109 -42.58 43.95 -56.26
N TYR A 110 -41.29 43.63 -56.19
CA TYR A 110 -40.65 43.30 -54.92
C TYR A 110 -39.75 44.45 -54.50
N PHE A 111 -39.83 44.82 -53.23
CA PHE A 111 -39.17 46.00 -52.69
C PHE A 111 -38.36 45.64 -51.45
N CYS A 112 -37.23 46.33 -51.28
CA CYS A 112 -36.39 46.22 -50.10
C CYS A 112 -36.27 47.59 -49.45
N GLN A 113 -36.35 47.62 -48.12
CA GLN A 113 -36.36 48.87 -47.38
C GLN A 113 -35.49 48.76 -46.14
N GLN A 114 -34.82 49.86 -45.81
CA GLN A 114 -33.98 49.95 -44.61
C GLN A 114 -34.72 50.75 -43.54
N SER A 115 -34.52 50.35 -42.29
CA SER A 115 -35.11 51.02 -41.15
C SER A 115 -34.07 51.59 -40.20
N ARG A 116 -32.77 51.39 -40.47
CA ARG A 116 -31.71 51.83 -39.58
C ARG A 116 -31.70 53.34 -39.41
N LYS A 117 -31.39 54.07 -40.49
CA LYS A 117 -31.39 55.52 -40.43
C LYS A 117 -32.82 56.03 -40.44
N VAL A 118 -33.09 57.01 -39.58
CA VAL A 118 -34.44 57.52 -39.34
C VAL A 118 -35.14 57.87 -40.66
N PRO A 119 -34.48 58.56 -41.62
CA PRO A 119 -35.12 58.72 -42.94
C PRO A 119 -35.14 57.41 -43.71
N TRP A 120 -36.13 56.57 -43.43
CA TRP A 120 -36.23 55.27 -44.08
C TRP A 120 -36.38 55.43 -45.59
N THR A 121 -35.68 54.59 -46.35
CA THR A 121 -35.65 54.70 -47.80
C THR A 121 -35.92 53.35 -48.45
N PHE A 122 -36.57 53.40 -49.61
CA PHE A 122 -36.88 52.23 -50.42
C PHE A 122 -35.93 52.15 -51.61
N GLY A 123 -36.12 51.11 -52.44
CA GLY A 123 -35.33 50.91 -53.62
C GLY A 123 -36.16 51.04 -54.89
N GLY A 124 -35.51 50.75 -56.01
CA GLY A 124 -36.16 50.83 -57.30
C GLY A 124 -37.29 49.84 -57.49
N GLY A 125 -37.07 48.60 -57.10
CA GLY A 125 -38.06 47.54 -57.22
C GLY A 125 -37.61 46.50 -58.24
N THR A 126 -38.23 45.33 -58.17
CA THR A 126 -37.90 44.21 -59.05
C THR A 126 -39.20 43.64 -59.60
N LYS A 127 -39.23 43.34 -60.90
CA LYS A 127 -40.40 42.78 -61.55
C LYS A 127 -40.04 41.38 -62.07
N LEU A 128 -40.62 40.35 -61.45
CA LEU A 128 -40.43 39.00 -61.95
C LEU A 128 -41.23 38.79 -63.24
N GLU A 129 -40.71 37.91 -64.09
CA GLU A 129 -41.40 37.50 -65.30
C GLU A 129 -41.20 36.00 -65.49
N ILE A 130 -42.25 35.32 -65.92
CA ILE A 130 -42.17 33.88 -66.12
C ILE A 130 -41.35 33.58 -67.37
N LYS A 131 -40.50 32.57 -67.29
CA LYS A 131 -39.60 32.25 -68.39
C LYS A 131 -40.37 31.67 -69.56
N ARG A 132 -40.21 32.30 -70.73
CA ARG A 132 -40.82 31.83 -71.96
C ARG A 132 -39.79 31.90 -73.08
N THR A 160 -39.96 31.05 -74.08
CA THR A 160 -39.09 31.10 -75.25
C THR A 160 -39.25 32.44 -75.96
N VAL A 161 -38.25 32.80 -76.75
CA VAL A 161 -38.24 34.09 -77.42
C VAL A 161 -39.40 34.16 -78.41
N ALA A 162 -40.16 35.24 -78.36
CA ALA A 162 -41.31 35.46 -79.21
C ALA A 162 -41.03 36.62 -80.16
N ALA A 163 -41.20 36.38 -81.45
CA ALA A 163 -40.94 37.42 -82.44
C ALA A 163 -42.02 38.48 -82.38
N PRO A 164 -41.66 39.75 -82.22
CA PRO A 164 -42.68 40.81 -82.17
C PRO A 164 -43.15 41.23 -83.55
N SER A 165 -44.47 41.38 -83.68
CA SER A 165 -45.08 41.84 -84.92
C SER A 165 -45.31 43.34 -84.84
N VAL A 166 -44.78 44.07 -85.80
CA VAL A 166 -44.82 45.53 -85.83
C VAL A 166 -45.92 45.99 -86.78
N PHE A 167 -46.74 46.93 -86.34
CA PHE A 167 -47.69 47.56 -87.25
C PHE A 167 -47.85 49.02 -86.84
N ILE A 168 -48.40 49.81 -87.75
CA ILE A 168 -48.56 51.25 -87.52
C ILE A 168 -49.99 51.67 -87.83
N PHE A 169 -50.58 52.43 -86.92
CA PHE A 169 -51.85 53.11 -87.12
C PHE A 169 -51.58 54.56 -87.52
N PRO A 170 -51.85 54.96 -88.76
CA PRO A 170 -51.85 56.38 -89.09
C PRO A 170 -53.13 57.02 -88.61
N PRO A 171 -53.11 58.31 -88.27
CA PRO A 171 -54.34 58.98 -87.82
C PRO A 171 -55.39 59.01 -88.91
N SER A 172 -56.63 58.84 -88.49
CA SER A 172 -57.75 58.79 -89.42
C SER A 172 -58.06 60.18 -89.97
N ASP A 173 -58.77 60.19 -91.11
CA ASP A 173 -59.17 61.46 -91.71
C ASP A 173 -60.12 62.23 -90.80
N GLU A 174 -61.04 61.52 -90.13
CA GLU A 174 -61.92 62.19 -89.17
C GLU A 174 -61.13 62.77 -88.01
N GLN A 175 -60.13 62.04 -87.52
CA GLN A 175 -59.25 62.57 -86.48
C GLN A 175 -58.50 63.79 -86.98
N LEU A 176 -58.10 63.79 -88.26
CA LEU A 176 -57.50 64.98 -88.85
C LEU A 176 -58.48 66.15 -88.83
N LYS A 177 -59.74 65.89 -89.18
CA LYS A 177 -60.77 66.91 -89.10
C LYS A 177 -60.98 67.40 -87.68
N SER A 178 -60.66 66.57 -86.69
CA SER A 178 -60.67 67.01 -85.29
C SER A 178 -59.55 68.01 -85.00
N GLY A 179 -58.60 68.18 -85.91
CA GLY A 179 -57.55 69.17 -85.77
C GLY A 179 -56.19 68.66 -85.37
N THR A 180 -56.05 67.38 -85.03
CA THR A 180 -54.78 66.81 -84.62
C THR A 180 -54.55 65.50 -85.33
N ALA A 181 -53.32 64.98 -85.17
CA ALA A 181 -52.91 63.70 -85.75
C ALA A 181 -52.10 62.94 -84.72
N SER A 182 -52.24 61.62 -84.74
CA SER A 182 -51.56 60.75 -83.77
C SER A 182 -51.14 59.46 -84.49
N VAL A 183 -49.84 59.28 -84.61
CA VAL A 183 -49.27 58.06 -85.17
C VAL A 183 -49.07 57.05 -84.06
N VAL A 184 -49.46 55.80 -84.30
CA VAL A 184 -49.34 54.74 -83.31
C VAL A 184 -48.43 53.66 -83.87
N CYS A 185 -47.42 53.25 -83.09
CA CYS A 185 -46.56 52.12 -83.44
C CYS A 185 -46.85 51.03 -82.41
N LEU A 186 -47.33 49.89 -82.90
CA LEU A 186 -47.82 48.80 -82.07
C LEU A 186 -46.96 47.56 -82.26
N LEU A 187 -46.52 47.00 -81.13
CA LEU A 187 -45.80 45.72 -81.08
C LEU A 187 -46.71 44.70 -80.42
N ASN A 188 -47.22 43.75 -81.21
CA ASN A 188 -48.11 42.71 -80.71
C ASN A 188 -47.27 41.50 -80.29
N ASN A 189 -47.15 41.34 -78.96
CA ASN A 189 -46.51 40.20 -78.32
C ASN A 189 -45.01 40.21 -78.50
N PHE A 190 -44.27 40.12 -77.40
CA PHE A 190 -42.82 39.97 -77.41
C PHE A 190 -42.36 39.64 -75.99
N TYR A 191 -41.50 38.64 -75.86
CA TYR A 191 -41.01 38.24 -74.55
C TYR A 191 -39.87 39.14 -74.06
N PRO A 192 -38.78 39.32 -74.83
CA PRO A 192 -37.70 40.19 -74.34
C PRO A 192 -38.18 41.64 -74.18
N ARG A 193 -38.11 42.14 -72.95
CA ARG A 193 -38.69 43.44 -72.64
C ARG A 193 -38.02 44.56 -73.43
N GLU A 194 -36.70 44.54 -73.51
CA GLU A 194 -35.97 45.65 -74.10
C GLU A 194 -36.28 45.74 -75.59
N ALA A 195 -36.79 46.90 -76.01
CA ALA A 195 -37.15 47.13 -77.40
C ALA A 195 -37.10 48.63 -77.65
N LYS A 196 -36.38 49.03 -78.69
CA LYS A 196 -36.24 50.44 -79.04
C LYS A 196 -37.08 50.73 -80.28
N VAL A 197 -37.96 51.72 -80.18
CA VAL A 197 -38.78 52.18 -81.29
C VAL A 197 -38.33 53.59 -81.65
N GLN A 198 -38.04 53.80 -82.93
CA GLN A 198 -37.60 55.10 -83.42
C GLN A 198 -38.51 55.50 -84.59
N TRP A 199 -38.67 56.81 -84.75
CA TRP A 199 -39.66 57.36 -85.65
C TRP A 199 -39.01 58.27 -86.68
N LYS A 200 -39.34 58.04 -87.95
CA LYS A 200 -38.81 58.78 -89.08
C LYS A 200 -39.91 59.64 -89.65
N VAL A 201 -39.71 60.97 -89.59
CA VAL A 201 -40.64 61.94 -90.15
C VAL A 201 -40.07 62.36 -91.50
N ASP A 202 -40.59 61.76 -92.56
CA ASP A 202 -40.00 61.90 -93.91
C ASP A 202 -38.51 61.58 -93.87
N ASN A 203 -38.19 60.42 -93.30
CA ASN A 203 -36.81 59.95 -93.14
C ASN A 203 -35.97 60.89 -92.27
N ALA A 204 -36.62 61.55 -91.32
CA ALA A 204 -35.92 62.35 -90.32
C ALA A 204 -36.26 61.82 -88.93
N LEU A 205 -35.22 61.51 -88.15
CA LEU A 205 -35.43 60.90 -86.84
C LEU A 205 -36.15 61.86 -85.91
N GLN A 206 -37.14 61.34 -85.18
CA GLN A 206 -37.98 62.13 -84.30
C GLN A 206 -37.59 61.90 -82.85
N SER A 207 -37.57 62.99 -82.07
CA SER A 207 -37.23 62.91 -80.65
C SER A 207 -37.88 64.07 -79.92
N GLY A 208 -38.28 63.80 -78.67
CA GLY A 208 -38.78 64.83 -77.77
C GLY A 208 -40.28 64.93 -77.64
N ASN A 209 -41.04 64.36 -78.58
CA ASN A 209 -42.50 64.47 -78.55
C ASN A 209 -43.15 63.12 -78.79
N SER A 210 -42.71 62.10 -78.08
CA SER A 210 -43.28 60.77 -78.16
C SER A 210 -43.68 60.28 -76.78
N GLN A 211 -44.68 59.40 -76.74
CA GLN A 211 -45.15 58.82 -75.49
C GLN A 211 -45.22 57.31 -75.64
N GLU A 212 -45.11 56.60 -74.51
CA GLU A 212 -44.96 55.16 -74.53
C GLU A 212 -45.86 54.49 -73.50
N SER A 213 -46.36 53.31 -73.84
CA SER A 213 -47.12 52.47 -72.92
C SER A 213 -46.76 51.01 -73.17
N VAL A 214 -46.46 50.28 -72.09
CA VAL A 214 -46.14 48.86 -72.15
C VAL A 214 -46.99 48.14 -71.11
N THR A 215 -47.73 47.13 -71.57
CA THR A 215 -48.55 46.35 -70.66
C THR A 215 -47.69 45.40 -69.84
N GLU A 216 -48.21 45.02 -68.67
CA GLU A 216 -47.48 44.14 -67.77
C GLU A 216 -47.46 42.72 -68.33
N GLN A 217 -46.78 41.83 -67.61
CA GLN A 217 -46.57 40.46 -68.08
C GLN A 217 -47.88 39.68 -68.00
N ASP A 218 -48.55 39.53 -69.13
CA ASP A 218 -49.74 38.70 -69.19
C ASP A 218 -49.37 37.24 -68.98
N SER A 219 -50.17 36.55 -68.16
CA SER A 219 -49.80 35.21 -67.68
C SER A 219 -50.20 34.10 -68.64
N LYS A 220 -50.82 34.42 -69.78
CA LYS A 220 -51.26 33.41 -70.73
C LYS A 220 -50.34 33.34 -71.95
N ASP A 221 -50.14 34.45 -72.64
CA ASP A 221 -49.23 34.49 -73.78
C ASP A 221 -47.78 34.63 -73.37
N SER A 222 -47.51 35.04 -72.14
CA SER A 222 -46.14 35.25 -71.63
C SER A 222 -45.37 36.22 -72.52
N THR A 223 -46.06 37.24 -73.03
CA THR A 223 -45.46 38.23 -73.91
C THR A 223 -45.98 39.61 -73.53
N TYR A 224 -45.19 40.63 -73.85
CA TYR A 224 -45.59 42.01 -73.62
C TYR A 224 -46.13 42.63 -74.91
N SER A 225 -46.92 43.69 -74.75
CA SER A 225 -47.44 44.44 -75.89
C SER A 225 -47.04 45.89 -75.74
N LEU A 226 -46.65 46.51 -76.86
CA LEU A 226 -46.04 47.83 -76.84
C LEU A 226 -46.85 48.80 -77.68
N SER A 227 -47.04 50.02 -77.17
CA SER A 227 -47.69 51.08 -77.94
C SER A 227 -46.88 52.36 -77.80
N SER A 228 -46.62 53.03 -78.92
CA SER A 228 -45.92 54.30 -78.92
C SER A 228 -46.74 55.31 -79.72
N THR A 229 -46.95 56.49 -79.13
CA THR A 229 -47.85 57.50 -79.67
C THR A 229 -47.11 58.78 -79.99
N LEU A 230 -47.34 59.30 -81.20
CA LEU A 230 -46.86 60.61 -81.62
C LEU A 230 -48.06 61.52 -81.82
N THR A 231 -48.12 62.61 -81.07
CA THR A 231 -49.19 63.58 -81.16
C THR A 231 -48.66 64.85 -81.82
N LEU A 232 -49.41 65.38 -82.78
CA LEU A 232 -48.97 66.57 -83.49
C LEU A 232 -50.18 67.25 -84.12
N SER A 233 -49.95 68.45 -84.64
CA SER A 233 -51.02 69.20 -85.28
C SER A 233 -51.24 68.71 -86.71
N LYS A 234 -52.41 69.05 -87.25
CA LYS A 234 -52.76 68.63 -88.61
C LYS A 234 -51.83 69.23 -89.64
N ALA A 235 -51.49 70.52 -89.48
CA ALA A 235 -50.56 71.16 -90.41
C ALA A 235 -49.19 70.50 -90.35
N ASP A 236 -48.69 70.23 -89.14
CA ASP A 236 -47.43 69.51 -89.00
C ASP A 236 -47.52 68.10 -89.55
N TYR A 237 -48.72 67.50 -89.51
CA TYR A 237 -48.91 66.18 -90.07
C TYR A 237 -48.80 66.21 -91.60
N GLU A 238 -49.50 67.15 -92.24
CA GLU A 238 -49.49 67.25 -93.69
C GLU A 238 -48.23 67.90 -94.24
N LYS A 239 -47.40 68.48 -93.37
CA LYS A 239 -46.11 69.00 -93.83
C LYS A 239 -45.19 67.90 -94.32
N HIS A 240 -45.42 66.66 -93.90
CA HIS A 240 -44.57 65.53 -94.25
C HIS A 240 -45.39 64.40 -94.83
N LYS A 241 -44.74 63.58 -95.65
CA LYS A 241 -45.40 62.50 -96.37
C LYS A 241 -45.21 61.14 -95.72
N VAL A 242 -43.97 60.73 -95.47
CA VAL A 242 -43.67 59.38 -95.00
C VAL A 242 -43.52 59.42 -93.48
N TYR A 243 -44.28 58.58 -92.79
CA TYR A 243 -44.10 58.37 -91.35
C TYR A 243 -43.71 56.92 -91.13
N ALA A 244 -42.54 56.70 -90.54
CA ALA A 244 -42.00 55.37 -90.37
C ALA A 244 -41.70 55.08 -88.91
N CYS A 245 -41.86 53.81 -88.53
CA CYS A 245 -41.49 53.32 -87.21
C CYS A 245 -40.57 52.13 -87.38
N GLU A 246 -39.40 52.19 -86.76
CA GLU A 246 -38.45 51.09 -86.78
C GLU A 246 -38.31 50.55 -85.36
N VAL A 247 -38.20 49.22 -85.27
CA VAL A 247 -38.13 48.52 -83.98
C VAL A 247 -36.89 47.64 -83.99
N THR A 248 -36.07 47.79 -82.95
CA THR A 248 -34.99 46.86 -82.68
C THR A 248 -35.32 46.11 -81.39
N HIS A 249 -35.12 44.79 -81.41
CA HIS A 249 -35.58 43.90 -80.36
C HIS A 249 -34.80 42.59 -80.46
N GLN A 250 -34.77 41.84 -79.35
CA GLN A 250 -34.06 40.58 -79.30
C GLN A 250 -34.83 39.44 -79.96
N GLY A 251 -36.13 39.62 -80.17
CA GLY A 251 -36.94 38.60 -80.83
C GLY A 251 -36.91 38.74 -82.33
N LEU A 252 -36.14 39.69 -82.83
CA LEU A 252 -35.98 39.94 -84.25
C LEU A 252 -34.50 39.99 -84.63
N SER A 253 -34.18 39.39 -85.77
CA SER A 253 -32.79 39.38 -86.24
C SER A 253 -32.37 40.73 -86.78
N SER A 254 -33.24 41.39 -87.54
CA SER A 254 -32.96 42.69 -88.14
C SER A 254 -34.09 43.64 -87.77
N PRO A 255 -33.80 44.94 -87.62
CA PRO A 255 -34.85 45.88 -87.22
C PRO A 255 -35.99 45.90 -88.22
N VAL A 256 -37.21 46.02 -87.71
CA VAL A 256 -38.42 45.96 -88.52
C VAL A 256 -38.99 47.36 -88.65
N THR A 257 -39.19 47.80 -89.89
CA THR A 257 -39.66 49.15 -90.16
C THR A 257 -40.98 49.10 -90.92
N LYS A 258 -41.94 49.90 -90.46
CA LYS A 258 -43.23 50.05 -91.13
C LYS A 258 -43.44 51.54 -91.40
N SER A 259 -43.62 51.89 -92.66
CA SER A 259 -43.79 53.28 -93.08
C SER A 259 -45.08 53.42 -93.86
N PHE A 260 -45.79 54.53 -93.62
CA PHE A 260 -47.02 54.84 -94.33
C PHE A 260 -46.91 56.24 -94.92
N ASN A 261 -47.45 56.40 -96.13
CA ASN A 261 -47.38 57.65 -96.87
C ASN A 261 -48.76 58.28 -96.97
N ARG A 262 -48.79 59.60 -97.16
CA ARG A 262 -50.05 60.33 -97.14
C ARG A 262 -50.89 59.98 -98.37
N GLY A 263 -52.20 59.98 -98.18
CA GLY A 263 -53.13 59.68 -99.27
C GLY A 263 -53.31 58.20 -99.50
N VAL B 21 -59.24 42.33 -39.11
CA VAL B 21 -59.32 43.78 -39.15
C VAL B 21 -59.05 44.28 -40.57
N GLN B 22 -59.82 45.28 -41.00
CA GLN B 22 -59.67 45.89 -42.31
C GLN B 22 -59.47 47.39 -42.15
N LEU B 23 -58.60 47.95 -42.99
CA LEU B 23 -58.26 49.37 -42.97
C LEU B 23 -58.86 50.05 -44.19
N GLN B 24 -59.65 51.10 -43.95
CA GLN B 24 -60.25 51.89 -45.01
C GLN B 24 -59.55 53.24 -45.09
N GLN B 25 -59.40 53.73 -46.32
CA GLN B 25 -58.66 54.99 -46.52
C GLN B 25 -59.44 55.89 -47.46
N SER B 26 -59.51 57.17 -47.13
CA SER B 26 -60.20 58.16 -47.94
C SER B 26 -59.33 59.40 -48.09
N GLY B 27 -59.39 60.03 -49.26
CA GLY B 27 -60.19 59.59 -50.39
C GLY B 27 -59.65 60.19 -51.68
N PRO B 28 -60.31 59.91 -52.81
CA PRO B 28 -59.89 60.53 -54.07
C PRO B 28 -59.98 62.05 -53.98
N GLU B 29 -59.01 62.73 -54.60
CA GLU B 29 -58.91 64.18 -54.47
C GLU B 29 -58.28 64.77 -55.73
N LEU B 30 -58.71 65.99 -56.07
CA LEU B 30 -58.32 66.68 -57.29
C LEU B 30 -57.80 68.09 -57.00
N VAL B 31 -56.94 68.25 -56.00
CA VAL B 31 -56.53 69.57 -55.55
C VAL B 31 -55.64 70.25 -56.58
N LYS B 32 -55.49 71.57 -56.41
CA LYS B 32 -54.60 72.38 -57.22
C LYS B 32 -53.29 72.61 -56.47
N PRO B 33 -52.26 73.14 -57.14
CA PRO B 33 -51.00 73.41 -56.44
C PRO B 33 -51.19 74.35 -55.26
N GLY B 34 -50.45 74.07 -54.18
CA GLY B 34 -50.40 74.92 -53.01
C GLY B 34 -51.44 74.63 -51.94
N ALA B 35 -52.34 73.67 -52.15
CA ALA B 35 -53.41 73.41 -51.21
C ALA B 35 -52.92 72.48 -50.09
N SER B 36 -53.86 72.03 -49.26
CA SER B 36 -53.55 71.12 -48.16
C SER B 36 -54.85 70.43 -47.75
N VAL B 37 -54.85 69.10 -47.75
CA VAL B 37 -56.08 68.33 -47.56
C VAL B 37 -55.83 67.18 -46.58
N LYS B 38 -56.80 66.94 -45.71
CA LYS B 38 -56.77 65.85 -44.76
C LYS B 38 -57.09 64.53 -45.46
N ILE B 39 -56.32 63.49 -45.17
CA ILE B 39 -56.67 62.14 -45.63
C ILE B 39 -56.81 61.21 -44.43
N SER B 40 -57.85 60.37 -44.46
CA SER B 40 -58.32 59.64 -43.29
C SER B 40 -58.14 58.13 -43.44
N CYS B 41 -58.02 57.45 -42.29
CA CYS B 41 -57.89 55.99 -42.21
C CYS B 41 -58.81 55.46 -41.12
N LYS B 42 -59.94 54.88 -41.52
CA LYS B 42 -60.76 54.14 -40.57
C LYS B 42 -60.11 52.81 -40.25
N ALA B 43 -59.90 52.55 -38.95
CA ALA B 43 -59.11 51.42 -38.47
C ALA B 43 -59.93 50.16 -38.25
N SER B 44 -61.16 50.30 -37.75
CA SER B 44 -62.06 49.18 -37.46
C SER B 44 -61.44 48.36 -36.34
N GLY B 45 -61.13 47.07 -36.54
CA GLY B 45 -60.70 46.20 -35.46
C GLY B 45 -59.32 46.46 -34.89
N TYR B 46 -58.65 47.53 -35.33
CA TYR B 46 -57.36 47.88 -34.76
C TYR B 46 -57.51 48.27 -33.30
N SER B 47 -56.50 47.94 -32.51
CA SER B 47 -56.37 48.50 -31.18
C SER B 47 -55.94 49.96 -31.23
N PHE B 48 -55.35 50.39 -32.36
CA PHE B 48 -54.86 51.75 -32.59
C PHE B 48 -54.11 52.32 -31.40
N THR B 49 -53.47 51.44 -30.62
CA THR B 49 -52.59 51.83 -29.54
C THR B 49 -51.27 51.09 -29.54
N GLY B 50 -51.09 50.10 -30.40
CA GLY B 50 -49.84 49.37 -30.51
C GLY B 50 -49.49 49.04 -31.94
N TYR B 51 -50.06 49.80 -32.88
CA TYR B 51 -49.81 49.59 -34.30
C TYR B 51 -49.53 50.94 -34.94
N SER B 52 -48.28 51.16 -35.38
CA SER B 52 -47.93 52.41 -36.03
C SER B 52 -48.61 52.50 -37.40
N MET B 53 -49.43 53.53 -37.58
CA MET B 53 -50.12 53.75 -38.85
C MET B 53 -49.20 54.54 -39.80
N ASN B 54 -48.14 53.86 -40.21
CA ASN B 54 -47.12 54.47 -41.04
C ASN B 54 -47.70 54.89 -42.39
N TRP B 55 -47.21 56.02 -42.90
CA TRP B 55 -47.71 56.65 -44.11
C TRP B 55 -46.67 56.55 -45.23
N MET B 56 -47.14 56.20 -46.42
CA MET B 56 -46.35 55.72 -47.54
C MET B 56 -46.65 56.52 -48.79
N LYS B 57 -45.66 56.60 -49.68
CA LYS B 57 -45.80 57.29 -50.96
C LYS B 57 -45.57 56.29 -52.10
N GLN B 58 -46.59 56.07 -52.91
CA GLN B 58 -46.48 55.27 -54.13
C GLN B 58 -46.64 56.21 -55.33
N SER B 59 -45.56 56.40 -56.07
CA SER B 59 -45.55 57.28 -57.24
C SER B 59 -46.19 56.57 -58.43
N PRO B 60 -46.37 57.27 -59.58
CA PRO B 60 -46.83 56.56 -60.78
C PRO B 60 -45.71 55.78 -61.46
N GLU B 61 -44.92 55.11 -60.63
CA GLU B 61 -43.97 54.08 -61.01
C GLU B 61 -43.74 53.26 -59.74
N LYS B 62 -42.70 52.43 -59.71
CA LYS B 62 -42.54 51.59 -58.54
C LYS B 62 -42.16 52.43 -57.32
N SER B 63 -40.94 52.96 -57.30
CA SER B 63 -40.53 54.14 -56.54
C SER B 63 -41.24 54.36 -55.20
N LEU B 64 -41.30 53.35 -54.34
CA LEU B 64 -41.89 53.56 -53.03
C LEU B 64 -41.01 54.46 -52.18
N GLU B 65 -41.63 55.09 -51.19
CA GLU B 65 -40.89 55.95 -50.27
C GLU B 65 -41.67 56.07 -48.98
N TRP B 66 -40.97 56.07 -47.85
CA TRP B 66 -41.56 56.16 -46.52
C TRP B 66 -41.80 57.63 -46.21
N ILE B 67 -43.07 58.06 -46.26
CA ILE B 67 -43.40 59.42 -45.88
C ILE B 67 -43.15 59.64 -44.40
N GLY B 68 -43.70 58.76 -43.55
CA GLY B 68 -43.55 58.99 -42.14
C GLY B 68 -44.01 57.84 -41.28
N GLU B 69 -43.59 57.88 -40.01
CA GLU B 69 -43.95 56.90 -39.00
C GLU B 69 -44.55 57.62 -37.81
N ILE B 70 -45.64 57.07 -37.28
CA ILE B 70 -46.42 57.75 -36.26
C ILE B 70 -46.67 56.81 -35.09
N ASN B 71 -46.99 57.40 -33.93
CA ASN B 71 -47.17 56.70 -32.67
C ASN B 71 -48.58 56.95 -32.16
N PRO B 72 -49.54 56.08 -32.46
CA PRO B 72 -50.92 56.31 -31.99
C PRO B 72 -51.04 56.42 -30.48
N SER B 73 -50.21 55.69 -29.73
CA SER B 73 -50.27 55.77 -28.27
C SER B 73 -49.89 57.17 -27.79
N THR B 74 -48.86 57.77 -28.39
CA THR B 74 -48.36 59.08 -27.97
C THR B 74 -48.60 60.16 -29.01
N GLY B 75 -48.12 59.95 -30.23
CA GLY B 75 -48.20 60.97 -31.26
C GLY B 75 -46.84 61.27 -31.86
N GLY B 76 -45.82 60.59 -31.37
CA GLY B 76 -44.46 60.75 -31.89
C GLY B 76 -44.37 60.44 -33.36
N THR B 77 -43.79 61.36 -34.13
CA THR B 77 -43.74 61.25 -35.59
C THR B 77 -42.34 61.64 -36.07
N THR B 78 -41.48 60.64 -36.25
CA THR B 78 -40.23 60.84 -36.95
C THR B 78 -40.49 60.82 -38.45
N ASP B 79 -39.90 61.76 -39.17
CA ASP B 79 -40.22 61.96 -40.58
C ASP B 79 -38.94 62.07 -41.39
N ASN B 80 -39.05 61.78 -42.68
CA ASN B 80 -37.94 61.92 -43.60
C ASN B 80 -37.78 63.39 -43.99
N GLN B 81 -36.56 63.91 -43.85
CA GLN B 81 -36.34 65.34 -44.02
C GLN B 81 -36.44 65.77 -45.48
N LYS B 82 -36.18 64.84 -46.42
CA LYS B 82 -36.08 65.21 -47.84
C LYS B 82 -37.29 66.00 -48.30
N PHE B 83 -38.48 65.58 -47.88
CA PHE B 83 -39.69 66.36 -48.06
C PHE B 83 -40.43 66.50 -46.74
N LYS B 84 -39.70 66.75 -45.66
CA LYS B 84 -40.34 67.12 -44.40
C LYS B 84 -41.22 68.35 -44.61
N ALA B 85 -40.64 69.43 -45.16
CA ALA B 85 -41.34 70.60 -45.64
C ALA B 85 -42.48 71.04 -44.73
N LYS B 86 -43.72 70.78 -45.15
CA LYS B 86 -44.90 71.11 -44.38
C LYS B 86 -45.81 69.91 -44.22
N ALA B 87 -45.23 68.72 -44.07
CA ALA B 87 -46.01 67.51 -43.87
C ALA B 87 -46.24 67.28 -42.37
N THR B 88 -47.51 67.16 -41.98
CA THR B 88 -47.88 66.94 -40.58
C THR B 88 -48.66 65.64 -40.50
N LEU B 89 -48.31 64.82 -39.51
CA LEU B 89 -48.90 63.49 -39.34
C LEU B 89 -49.41 63.36 -37.91
N THR B 90 -50.71 63.16 -37.77
CA THR B 90 -51.38 63.21 -36.47
C THR B 90 -52.13 61.92 -36.21
N VAL B 91 -52.28 61.57 -34.94
CA VAL B 91 -53.07 60.42 -34.52
C VAL B 91 -54.26 60.93 -33.70
N ASP B 92 -55.46 60.57 -34.12
CA ASP B 92 -56.68 60.92 -33.41
C ASP B 92 -57.32 59.63 -32.90
N LYS B 93 -57.10 59.33 -31.61
CA LYS B 93 -57.55 58.07 -31.04
C LYS B 93 -59.06 57.96 -30.94
N SER B 94 -59.76 59.10 -30.88
CA SER B 94 -61.22 59.05 -30.78
C SER B 94 -61.85 58.41 -32.00
N SER B 95 -61.44 58.84 -33.19
CA SER B 95 -61.96 58.31 -34.44
C SER B 95 -61.19 57.11 -34.95
N SER B 96 -60.12 56.70 -34.27
CA SER B 96 -59.23 55.64 -34.73
C SER B 96 -58.64 55.94 -36.10
N THR B 97 -58.27 57.19 -36.36
CA THR B 97 -57.83 57.61 -37.67
C THR B 97 -56.47 58.30 -37.60
N ALA B 98 -55.72 58.18 -38.68
CA ALA B 98 -54.50 58.93 -38.90
C ALA B 98 -54.69 59.85 -40.09
N TYR B 99 -54.13 61.04 -40.00
CA TYR B 99 -54.38 62.10 -40.98
C TYR B 99 -53.08 62.63 -41.53
N MET B 100 -52.99 62.71 -42.86
CA MET B 100 -51.96 63.50 -43.50
C MET B 100 -52.56 64.77 -44.07
N GLN B 101 -51.84 65.88 -43.86
CA GLN B 101 -52.11 67.19 -44.45
C GLN B 101 -50.81 67.64 -45.10
N LEU B 102 -50.55 67.20 -46.32
CA LEU B 102 -49.30 67.59 -46.97
C LEU B 102 -49.45 69.04 -47.42
N LYS B 103 -49.12 69.97 -46.52
CA LYS B 103 -49.35 71.38 -46.78
C LYS B 103 -48.40 71.89 -47.86
N SER B 104 -48.94 72.74 -48.74
CA SER B 104 -48.26 73.25 -49.93
C SER B 104 -48.05 72.12 -50.94
N LEU B 105 -48.39 72.37 -52.19
CA LEU B 105 -48.43 71.32 -53.19
C LEU B 105 -47.71 71.76 -54.46
N THR B 106 -47.32 70.78 -55.27
CA THR B 106 -46.75 71.01 -56.58
C THR B 106 -47.20 69.87 -57.49
N SER B 107 -47.12 70.11 -58.80
CA SER B 107 -47.56 69.10 -59.76
C SER B 107 -46.76 67.81 -59.63
N GLU B 108 -45.49 67.91 -59.25
CA GLU B 108 -44.68 66.70 -59.07
C GLU B 108 -45.19 65.85 -57.93
N ASP B 109 -45.60 66.48 -56.81
CA ASP B 109 -46.09 65.74 -55.65
C ASP B 109 -47.54 65.31 -55.86
N SER B 110 -47.75 64.52 -56.90
CA SER B 110 -49.05 63.95 -57.24
C SER B 110 -48.86 62.43 -57.31
N ALA B 111 -49.01 61.77 -56.17
CA ALA B 111 -48.78 60.33 -56.08
C ALA B 111 -49.71 59.74 -55.04
N VAL B 112 -50.04 58.47 -55.23
CA VAL B 112 -50.93 57.79 -54.29
C VAL B 112 -50.24 57.71 -52.93
N TYR B 113 -51.04 57.76 -51.87
CA TYR B 113 -50.52 57.67 -50.52
C TYR B 113 -51.18 56.48 -49.83
N TYR B 114 -50.41 55.78 -49.00
CA TYR B 114 -50.86 54.55 -48.36
C TYR B 114 -50.70 54.63 -46.85
N CYS B 115 -51.44 53.77 -46.17
CA CYS B 115 -51.59 53.78 -44.71
C CYS B 115 -51.51 52.35 -44.21
N ALA B 116 -50.56 52.06 -43.30
CA ALA B 116 -50.35 50.66 -42.97
C ALA B 116 -49.88 50.50 -41.53
N ARG B 117 -50.37 49.43 -40.88
CA ARG B 117 -49.98 49.14 -39.52
C ARG B 117 -48.58 48.52 -39.47
N SER B 118 -47.97 48.59 -38.28
CA SER B 118 -46.69 47.93 -37.98
C SER B 118 -45.65 48.16 -39.07
N ARG B 119 -45.15 47.08 -39.65
CA ARG B 119 -44.22 47.16 -40.78
C ARG B 119 -44.95 47.26 -42.11
N GLY B 120 -46.27 47.30 -42.10
CA GLY B 120 -47.05 47.29 -43.32
C GLY B 120 -47.82 46.00 -43.49
N ASP B 121 -48.27 45.42 -42.37
CA ASP B 121 -48.96 44.15 -42.45
C ASP B 121 -50.26 44.28 -43.23
N TYR B 122 -51.11 45.24 -42.84
CA TYR B 122 -52.40 45.47 -43.49
C TYR B 122 -52.41 46.90 -44.02
N TRP B 123 -52.02 47.08 -45.28
CA TRP B 123 -52.09 48.38 -45.90
C TRP B 123 -53.53 48.78 -46.16
N GLY B 124 -53.80 50.07 -46.11
CA GLY B 124 -55.11 50.58 -46.47
C GLY B 124 -55.36 50.42 -47.96
N GLN B 125 -56.58 50.79 -48.36
CA GLN B 125 -56.94 50.71 -49.78
C GLN B 125 -56.15 51.69 -50.63
N GLY B 126 -55.50 52.68 -50.02
CA GLY B 126 -54.70 53.62 -50.75
C GLY B 126 -55.53 54.71 -51.41
N THR B 127 -55.07 55.96 -51.33
CA THR B 127 -55.77 57.09 -51.91
C THR B 127 -54.76 57.97 -52.64
N SER B 128 -55.16 58.44 -53.82
CA SER B 128 -54.30 59.22 -54.67
C SER B 128 -54.48 60.72 -54.39
N VAL B 129 -53.42 61.49 -54.62
CA VAL B 129 -53.51 62.93 -54.69
C VAL B 129 -53.18 63.32 -56.13
N THR B 130 -54.00 64.19 -56.70
CA THR B 130 -53.85 64.60 -58.10
C THR B 130 -53.78 66.12 -58.13
N VAL B 131 -52.55 66.65 -58.20
CA VAL B 131 -52.33 68.09 -58.29
C VAL B 131 -52.58 68.50 -59.73
N SER B 132 -53.81 68.91 -60.03
CA SER B 132 -54.26 69.16 -61.39
C SER B 132 -54.56 70.64 -61.55
N LYS B 163 -53.73 71.33 -62.35
CA LYS B 163 -53.97 72.74 -62.62
C LYS B 163 -55.17 72.92 -63.56
N ALA B 164 -55.38 72.00 -64.48
CA ALA B 164 -56.47 72.10 -65.44
C ALA B 164 -57.78 71.66 -64.80
N SER B 165 -58.83 71.55 -65.61
CA SER B 165 -60.15 71.14 -65.16
C SER B 165 -60.57 69.86 -65.87
N THR B 166 -61.71 69.33 -65.46
CA THR B 166 -62.25 68.12 -66.08
C THR B 166 -62.56 68.37 -67.54
N LYS B 167 -62.11 67.46 -68.40
CA LYS B 167 -62.31 67.59 -69.83
C LYS B 167 -62.69 66.23 -70.40
N GLY B 168 -63.75 66.19 -71.21
CA GLY B 168 -64.26 64.97 -71.76
C GLY B 168 -63.29 64.32 -72.74
N PRO B 169 -63.34 62.99 -72.84
CA PRO B 169 -62.43 62.29 -73.75
C PRO B 169 -62.87 62.37 -75.20
N SER B 170 -61.88 62.43 -76.08
CA SER B 170 -62.10 62.43 -77.52
C SER B 170 -61.70 61.08 -78.07
N VAL B 171 -62.63 60.43 -78.77
CA VAL B 171 -62.40 59.11 -79.36
C VAL B 171 -62.05 59.30 -80.82
N PHE B 172 -60.84 58.88 -81.19
CA PHE B 172 -60.35 59.00 -82.54
C PHE B 172 -60.17 57.61 -83.14
N PRO B 173 -60.81 57.30 -84.27
CA PRO B 173 -60.65 55.97 -84.87
C PRO B 173 -59.22 55.75 -85.35
N LEU B 174 -58.78 54.49 -85.26
CA LEU B 174 -57.47 54.07 -85.75
C LEU B 174 -57.73 52.98 -86.78
N ALA B 175 -57.37 53.27 -88.03
CA ALA B 175 -57.86 52.50 -89.17
C ALA B 175 -57.36 51.07 -89.12
N PRO B 176 -58.10 50.12 -89.68
CA PRO B 176 -57.63 48.74 -89.77
C PRO B 176 -56.38 48.62 -90.64
N SER B 177 -55.89 47.39 -90.74
CA SER B 177 -54.69 47.13 -91.52
C SER B 177 -54.91 47.44 -93.00
N SER B 178 -53.82 47.76 -93.68
CA SER B 178 -53.91 48.06 -95.11
C SER B 178 -54.40 46.86 -95.90
N LYS B 179 -53.93 45.67 -95.55
CA LYS B 179 -54.42 44.43 -96.15
C LYS B 179 -55.34 43.70 -95.18
N GLY B 184 -55.60 37.35 -93.49
CA GLY B 184 -54.75 37.44 -92.32
C GLY B 184 -55.42 38.14 -91.16
N THR B 185 -54.62 38.76 -90.29
CA THR B 185 -55.12 39.45 -89.12
C THR B 185 -54.96 40.96 -89.34
N ALA B 186 -56.06 41.69 -89.18
CA ALA B 186 -56.07 43.14 -89.31
C ALA B 186 -56.33 43.77 -87.95
N ALA B 187 -55.67 44.88 -87.69
CA ALA B 187 -55.75 45.56 -86.40
C ALA B 187 -56.33 46.96 -86.59
N LEU B 188 -57.38 47.26 -85.83
CA LEU B 188 -57.91 48.61 -85.77
C LEU B 188 -57.96 49.04 -84.31
N GLY B 189 -58.54 50.21 -84.02
CA GLY B 189 -58.64 50.59 -82.63
C GLY B 189 -59.29 51.95 -82.44
N CYS B 190 -59.28 52.38 -81.18
CA CYS B 190 -59.79 53.68 -80.79
C CYS B 190 -58.79 54.34 -79.85
N LEU B 191 -58.47 55.60 -80.13
CA LEU B 191 -57.55 56.39 -79.34
C LEU B 191 -58.36 57.35 -78.48
N VAL B 192 -58.35 57.13 -77.16
CA VAL B 192 -59.07 57.96 -76.23
C VAL B 192 -58.09 59.01 -75.73
N LYS B 193 -58.20 60.23 -76.26
CA LYS B 193 -57.26 61.30 -75.98
C LYS B 193 -57.92 62.37 -75.13
N ASP B 194 -57.10 63.07 -74.33
CA ASP B 194 -57.50 64.29 -73.66
C ASP B 194 -58.67 64.03 -72.69
N TYR B 195 -58.42 63.18 -71.72
CA TYR B 195 -59.38 62.89 -70.66
C TYR B 195 -58.72 63.09 -69.31
N PHE B 196 -59.56 63.31 -68.29
CA PHE B 196 -59.10 63.60 -66.94
C PHE B 196 -60.28 63.49 -65.96
N PRO B 197 -60.12 62.81 -64.83
CA PRO B 197 -59.02 61.92 -64.41
C PRO B 197 -59.23 60.48 -64.87
N GLU B 198 -58.42 59.57 -64.33
CA GLU B 198 -58.67 58.15 -64.51
C GLU B 198 -59.91 57.75 -63.69
N PRO B 199 -60.55 56.63 -64.05
CA PRO B 199 -60.31 55.79 -65.22
C PRO B 199 -61.38 55.93 -66.30
N VAL B 200 -61.12 55.34 -67.46
CA VAL B 200 -62.07 55.26 -68.56
C VAL B 200 -62.35 53.79 -68.83
N THR B 201 -63.61 53.39 -68.76
CA THR B 201 -64.00 52.02 -69.06
C THR B 201 -64.31 51.90 -70.54
N VAL B 202 -63.56 51.06 -71.25
CA VAL B 202 -63.68 50.91 -72.68
C VAL B 202 -64.09 49.48 -72.99
N SER B 203 -65.18 49.33 -73.74
CA SER B 203 -65.64 48.04 -74.22
C SER B 203 -65.70 48.05 -75.75
N TRP B 204 -65.98 46.89 -76.32
CA TRP B 204 -66.05 46.74 -77.76
C TRP B 204 -67.33 46.02 -78.14
N ASN B 205 -68.11 46.61 -79.04
CA ASN B 205 -69.42 46.09 -79.42
C ASN B 205 -70.31 45.90 -78.19
N SER B 206 -70.25 46.89 -77.28
CA SER B 206 -70.93 46.80 -75.98
C SER B 206 -70.51 45.55 -75.23
N GLY B 207 -69.22 45.25 -75.27
CA GLY B 207 -68.69 44.07 -74.60
C GLY B 207 -68.82 42.78 -75.36
N ALA B 208 -69.25 42.82 -76.62
CA ALA B 208 -69.39 41.61 -77.43
C ALA B 208 -68.12 41.26 -78.19
N LEU B 209 -67.07 42.07 -78.07
CA LEU B 209 -65.78 41.80 -78.69
C LEU B 209 -64.73 41.82 -77.59
N THR B 210 -64.33 40.64 -77.12
CA THR B 210 -63.48 40.52 -75.95
C THR B 210 -62.07 40.05 -76.30
N SER B 211 -61.95 38.92 -77.00
CA SER B 211 -60.63 38.40 -77.33
C SER B 211 -59.97 39.25 -78.40
N GLY B 212 -58.66 39.40 -78.29
CA GLY B 212 -57.91 40.24 -79.20
C GLY B 212 -57.95 41.71 -78.88
N VAL B 213 -58.63 42.11 -77.80
CA VAL B 213 -58.74 43.51 -77.40
C VAL B 213 -57.63 43.81 -76.40
N HIS B 214 -56.85 44.84 -76.70
CA HIS B 214 -55.75 45.29 -75.85
C HIS B 214 -56.05 46.70 -75.41
N THR B 215 -56.37 46.88 -74.12
CA THR B 215 -56.67 48.18 -73.55
C THR B 215 -55.40 48.69 -72.87
N PHE B 216 -54.63 49.49 -73.60
CA PHE B 216 -53.36 49.97 -73.09
C PHE B 216 -53.58 51.01 -71.98
N PRO B 217 -52.72 51.04 -70.97
CA PRO B 217 -52.90 52.00 -69.87
C PRO B 217 -52.70 53.44 -70.35
N ALA B 218 -53.24 54.36 -69.56
CA ALA B 218 -53.18 55.77 -69.89
C ALA B 218 -51.78 56.32 -69.73
N VAL B 219 -51.46 57.32 -70.55
CA VAL B 219 -50.15 57.99 -70.53
C VAL B 219 -50.38 59.48 -70.37
N LEU B 220 -49.59 60.11 -69.49
CA LEU B 220 -49.68 61.55 -69.26
C LEU B 220 -49.16 62.30 -70.48
N GLN B 221 -49.85 63.39 -70.83
CA GLN B 221 -49.47 64.21 -71.97
C GLN B 221 -48.84 65.52 -71.50
N SER B 222 -48.38 66.32 -72.47
CA SER B 222 -47.79 67.61 -72.16
C SER B 222 -48.84 68.58 -71.63
N SER B 223 -50.06 68.52 -72.17
CA SER B 223 -51.14 69.40 -71.72
C SER B 223 -51.65 69.07 -70.33
N GLY B 224 -51.21 67.95 -69.75
CA GLY B 224 -51.72 67.49 -68.49
C GLY B 224 -52.91 66.57 -68.58
N LEU B 225 -53.44 66.35 -69.77
CA LEU B 225 -54.55 65.43 -69.98
C LEU B 225 -54.02 64.01 -70.18
N TYR B 226 -54.95 63.05 -70.22
CA TYR B 226 -54.61 61.64 -70.25
C TYR B 226 -55.11 61.02 -71.54
N SER B 227 -54.42 59.97 -71.99
CA SER B 227 -54.82 59.31 -73.22
C SER B 227 -54.37 57.86 -73.18
N LEU B 228 -55.11 57.01 -73.87
CA LEU B 228 -54.82 55.59 -73.96
C LEU B 228 -55.33 55.06 -75.30
N SER B 229 -54.87 53.86 -75.64
CA SER B 229 -55.21 53.24 -76.91
C SER B 229 -55.88 51.90 -76.65
N SER B 230 -57.10 51.73 -77.15
CA SER B 230 -57.81 50.46 -77.09
C SER B 230 -57.78 49.86 -78.49
N VAL B 231 -56.91 48.89 -78.71
CA VAL B 231 -56.71 48.32 -80.02
C VAL B 231 -57.33 46.92 -80.06
N VAL B 232 -57.51 46.41 -81.28
CA VAL B 232 -58.08 45.08 -81.47
C VAL B 232 -57.52 44.48 -82.74
N THR B 233 -57.15 43.20 -82.66
CA THR B 233 -56.70 42.42 -83.80
C THR B 233 -57.74 41.34 -84.09
N VAL B 234 -58.17 41.26 -85.34
CA VAL B 234 -59.30 40.42 -85.73
C VAL B 234 -58.99 39.76 -87.08
N PRO B 235 -59.75 38.75 -87.49
CA PRO B 235 -59.62 38.25 -88.86
C PRO B 235 -59.93 39.35 -89.87
N SER B 236 -59.17 39.35 -90.97
CA SER B 236 -59.34 40.38 -92.00
C SER B 236 -60.72 40.30 -92.64
N SER B 237 -61.17 39.09 -92.95
CA SER B 237 -62.46 38.92 -93.62
C SER B 237 -63.61 39.45 -92.79
N SER B 238 -63.48 39.41 -91.46
CA SER B 238 -64.52 39.95 -90.60
C SER B 238 -64.76 41.43 -90.86
N LEU B 239 -63.73 42.15 -91.34
CA LEU B 239 -63.89 43.55 -91.69
C LEU B 239 -65.00 43.74 -92.72
N GLY B 240 -65.22 42.75 -93.57
CA GLY B 240 -66.32 42.83 -94.52
C GLY B 240 -67.69 42.77 -93.87
N THR B 241 -67.83 41.94 -92.83
CA THR B 241 -69.13 41.67 -92.24
C THR B 241 -69.23 42.13 -90.80
N GLN B 242 -68.25 41.80 -89.96
CA GLN B 242 -68.31 42.16 -88.55
C GLN B 242 -68.17 43.67 -88.38
N THR B 243 -69.03 44.26 -87.56
CA THR B 243 -69.04 45.68 -87.30
C THR B 243 -68.30 45.97 -86.00
N TYR B 244 -67.39 46.94 -86.01
CA TYR B 244 -66.52 47.23 -84.88
C TYR B 244 -66.93 48.56 -84.26
N ILE B 245 -67.29 48.52 -82.98
CA ILE B 245 -67.67 49.71 -82.23
C ILE B 245 -66.88 49.72 -80.93
N CYS B 246 -66.29 50.86 -80.60
CA CYS B 246 -65.63 51.07 -79.32
C CYS B 246 -66.51 51.97 -78.46
N ASN B 247 -66.74 51.53 -77.22
CA ASN B 247 -67.58 52.25 -76.27
C ASN B 247 -66.68 52.78 -75.16
N VAL B 248 -66.73 54.09 -74.94
CA VAL B 248 -65.86 54.79 -74.02
C VAL B 248 -66.71 55.45 -72.95
N ASN B 249 -66.43 55.14 -71.69
CA ASN B 249 -67.15 55.70 -70.55
C ASN B 249 -66.17 56.43 -69.65
N HIS B 250 -66.44 57.72 -69.41
CA HIS B 250 -65.61 58.60 -68.60
C HIS B 250 -66.52 59.21 -67.53
N LYS B 251 -66.61 58.53 -66.39
CA LYS B 251 -67.53 58.94 -65.32
C LYS B 251 -67.18 60.26 -64.64
N PRO B 252 -65.90 60.72 -64.59
CA PRO B 252 -65.68 62.07 -64.03
C PRO B 252 -66.42 63.15 -64.79
N SER B 253 -66.52 63.02 -66.11
CA SER B 253 -67.31 63.93 -66.92
C SER B 253 -68.60 63.30 -67.42
N ASN B 254 -68.85 62.04 -67.06
CA ASN B 254 -70.04 61.30 -67.49
C ASN B 254 -70.19 61.34 -69.00
N THR B 255 -69.10 61.08 -69.70
CA THR B 255 -69.06 61.11 -71.16
C THR B 255 -69.10 59.68 -71.70
N LYS B 256 -70.14 59.36 -72.46
CA LYS B 256 -70.27 58.07 -73.13
C LYS B 256 -70.19 58.31 -74.63
N VAL B 257 -69.12 57.82 -75.25
CA VAL B 257 -68.92 57.96 -76.69
C VAL B 257 -68.84 56.57 -77.31
N ASP B 258 -69.69 56.32 -78.29
CA ASP B 258 -69.73 55.04 -79.00
C ASP B 258 -69.36 55.30 -80.44
N LYS B 259 -68.16 54.89 -80.83
CA LYS B 259 -67.62 55.20 -82.15
C LYS B 259 -67.39 53.92 -82.95
N LYS B 260 -67.97 53.86 -84.14
CA LYS B 260 -67.74 52.75 -85.05
C LYS B 260 -66.47 53.01 -85.85
N VAL B 261 -65.69 51.96 -86.09
CA VAL B 261 -64.40 52.04 -86.77
C VAL B 261 -64.47 51.24 -88.06
N GLU B 262 -64.08 51.88 -89.16
CA GLU B 262 -64.09 51.25 -90.47
C GLU B 262 -62.93 51.83 -91.27
N PRO B 263 -62.40 51.08 -92.25
CA PRO B 263 -61.31 51.60 -93.09
C PRO B 263 -61.77 52.74 -94.00
N CYS C 15 3.43 -37.72 -44.08
CA CYS C 15 4.56 -38.63 -44.27
C CYS C 15 4.04 -40.02 -44.63
N VAL C 16 4.22 -40.95 -43.70
CA VAL C 16 3.77 -42.32 -43.85
C VAL C 16 2.63 -42.55 -42.87
N ASN C 17 1.39 -42.50 -43.38
CA ASN C 17 0.24 -42.88 -42.57
C ASN C 17 0.16 -44.39 -42.39
N LEU C 18 0.77 -44.89 -41.32
CA LEU C 18 0.69 -46.29 -40.94
C LEU C 18 -0.76 -46.66 -40.66
N THR C 19 -1.33 -47.57 -41.45
CA THR C 19 -2.75 -47.91 -41.37
C THR C 19 -2.92 -49.42 -41.22
N THR C 20 -2.80 -49.91 -39.98
CA THR C 20 -3.17 -51.27 -39.67
C THR C 20 -3.84 -51.34 -38.30
N ARG C 21 -4.24 -50.19 -37.74
CA ARG C 21 -4.78 -50.15 -36.39
C ARG C 21 -6.03 -51.01 -36.26
N THR C 22 -6.18 -51.65 -35.10
CA THR C 22 -7.29 -52.57 -34.85
C THR C 22 -8.15 -52.11 -33.67
N GLN C 23 -8.26 -50.80 -33.48
CA GLN C 23 -9.17 -50.19 -32.49
C GLN C 23 -8.79 -50.68 -31.11
N LEU C 24 -9.68 -51.35 -30.36
CA LEU C 24 -9.45 -51.75 -28.97
C LEU C 24 -9.16 -50.53 -28.13
N PRO C 25 -10.16 -49.71 -27.83
CA PRO C 25 -9.93 -48.42 -27.14
C PRO C 25 -9.20 -48.62 -25.82
N PRO C 26 -8.31 -47.71 -25.46
CA PRO C 26 -7.45 -47.92 -24.29
C PRO C 26 -8.25 -47.94 -23.00
N ALA C 27 -7.72 -48.68 -22.02
CA ALA C 27 -8.35 -48.83 -20.71
C ALA C 27 -7.66 -47.93 -19.70
N TYR C 28 -8.09 -48.06 -18.44
CA TYR C 28 -7.60 -47.25 -17.35
C TYR C 28 -7.09 -48.16 -16.23
N THR C 29 -5.96 -47.79 -15.64
CA THR C 29 -5.37 -48.57 -14.57
C THR C 29 -5.05 -47.67 -13.39
N ASN C 30 -4.67 -48.32 -12.28
CA ASN C 30 -4.44 -47.63 -11.01
C ASN C 30 -3.01 -47.13 -10.95
N SER C 31 -2.84 -45.86 -10.59
CA SER C 31 -1.50 -45.29 -10.47
C SER C 31 -0.75 -45.77 -9.24
N PHE C 32 -1.46 -46.36 -8.28
CA PHE C 32 -0.87 -46.85 -7.01
C PHE C 32 -0.10 -45.69 -6.37
N THR C 33 1.15 -45.90 -5.95
CA THR C 33 1.89 -44.85 -5.24
C THR C 33 3.08 -44.38 -6.05
N ARG C 34 2.89 -44.18 -7.35
CA ARG C 34 3.95 -43.75 -8.25
C ARG C 34 3.67 -42.33 -8.75
N GLY C 35 4.73 -41.65 -9.15
CA GLY C 35 4.60 -40.33 -9.75
C GLY C 35 4.95 -39.17 -8.82
N VAL C 36 6.03 -39.31 -8.06
CA VAL C 36 6.47 -38.27 -7.13
C VAL C 36 7.92 -37.93 -7.44
N TYR C 37 8.22 -36.65 -7.60
CA TYR C 37 9.55 -36.18 -7.89
C TYR C 37 10.12 -35.41 -6.70
N TYR C 38 11.30 -34.83 -6.89
CA TYR C 38 11.89 -33.94 -5.89
C TYR C 38 11.50 -32.51 -6.22
N PRO C 39 10.73 -31.84 -5.37
CA PRO C 39 10.27 -30.49 -5.71
C PRO C 39 11.39 -29.48 -5.90
N ASP C 40 12.52 -29.64 -5.21
CA ASP C 40 13.59 -28.65 -5.27
C ASP C 40 14.91 -29.34 -4.97
N LYS C 41 16.00 -28.60 -5.17
CA LYS C 41 17.36 -29.09 -4.97
C LYS C 41 17.74 -29.13 -3.49
N VAL C 42 16.81 -28.80 -2.59
CA VAL C 42 17.12 -28.77 -1.17
C VAL C 42 17.38 -30.18 -0.65
N PHE C 43 18.37 -30.32 0.22
CA PHE C 43 18.68 -31.57 0.89
C PHE C 43 18.11 -31.55 2.31
N ARG C 44 17.46 -32.63 2.69
CA ARG C 44 16.99 -32.85 4.05
C ARG C 44 17.35 -34.27 4.46
N SER C 45 17.11 -34.60 5.73
CA SER C 45 17.49 -35.91 6.23
C SER C 45 16.61 -36.27 7.43
N SER C 46 15.93 -37.42 7.32
CA SER C 46 15.13 -37.97 8.41
C SER C 46 14.09 -36.98 8.92
N VAL C 47 13.49 -36.23 7.99
CA VAL C 47 12.44 -35.28 8.32
C VAL C 47 11.26 -35.50 7.37
N LEU C 48 10.10 -35.02 7.79
CA LEU C 48 8.86 -35.12 7.03
C LEU C 48 8.45 -33.70 6.65
N HIS C 49 8.50 -33.39 5.36
CA HIS C 49 8.23 -32.04 4.87
C HIS C 49 6.90 -32.00 4.13
N SER C 50 6.07 -31.01 4.45
CA SER C 50 4.78 -30.82 3.81
C SER C 50 4.92 -29.76 2.73
N THR C 51 4.85 -30.18 1.47
CA THR C 51 5.09 -29.28 0.35
C THR C 51 3.87 -29.23 -0.57
N GLN C 52 3.54 -28.02 -1.02
CA GLN C 52 2.46 -27.78 -1.96
C GLN C 52 3.05 -27.60 -3.34
N ASP C 53 2.64 -28.46 -4.28
CA ASP C 53 3.15 -28.41 -5.64
C ASP C 53 2.24 -29.26 -6.52
N LEU C 54 2.60 -29.40 -7.78
CA LEU C 54 1.82 -30.21 -8.71
C LEU C 54 2.28 -31.66 -8.60
N PHE C 55 1.35 -32.55 -8.28
CA PHE C 55 1.64 -33.97 -8.12
C PHE C 55 0.50 -34.79 -8.70
N LEU C 56 0.81 -36.04 -9.04
CA LEU C 56 -0.22 -36.98 -9.45
C LEU C 56 -0.87 -37.58 -8.21
N PRO C 57 -2.17 -37.39 -8.01
CA PRO C 57 -2.81 -37.93 -6.79
C PRO C 57 -2.70 -39.44 -6.74
N PHE C 58 -2.64 -39.97 -5.52
CA PHE C 58 -2.48 -41.40 -5.32
C PHE C 58 -3.71 -42.15 -5.81
N PHE C 59 -3.48 -43.33 -6.37
CA PHE C 59 -4.54 -44.20 -6.88
C PHE C 59 -5.43 -43.45 -7.86
N SER C 60 -4.80 -42.90 -8.90
CA SER C 60 -5.49 -42.15 -9.94
C SER C 60 -5.59 -43.01 -11.19
N ASN C 61 -6.56 -42.67 -12.04
CA ASN C 61 -6.78 -43.39 -13.28
C ASN C 61 -5.77 -42.94 -14.32
N VAL C 62 -4.93 -43.86 -14.80
CA VAL C 62 -3.93 -43.57 -15.81
C VAL C 62 -4.29 -44.34 -17.07
N THR C 63 -4.13 -43.68 -18.22
CA THR C 63 -4.59 -44.23 -19.49
C THR C 63 -3.56 -45.22 -20.02
N TRP C 64 -3.93 -46.49 -20.07
CA TRP C 64 -3.02 -47.56 -20.47
C TRP C 64 -2.98 -47.64 -21.99
N PHE C 65 -1.91 -47.11 -22.59
CA PHE C 65 -1.72 -47.18 -24.04
C PHE C 65 -0.83 -48.37 -24.38
N HIS C 66 -1.16 -49.08 -25.45
CA HIS C 66 -0.47 -50.30 -25.83
C HIS C 66 0.25 -50.14 -27.17
N ALA C 67 1.06 -51.16 -27.50
CA ALA C 67 1.66 -51.30 -28.83
C ALA C 67 1.98 -52.79 -29.01
N ILE C 68 1.11 -53.49 -29.71
CA ILE C 68 1.22 -54.93 -29.94
C ILE C 68 0.70 -55.23 -31.34
N HIS C 69 1.29 -56.25 -31.98
CA HIS C 69 0.82 -56.70 -33.28
C HIS C 69 0.11 -58.05 -33.24
N VAL C 70 0.26 -58.81 -32.17
CA VAL C 70 -0.35 -60.13 -32.06
C VAL C 70 -1.87 -60.00 -31.99
N GLY C 75 -5.06 -61.26 -36.63
CA GLY C 75 -4.32 -60.66 -35.53
C GLY C 75 -4.87 -59.32 -35.10
N THR C 76 -4.17 -58.68 -34.15
CA THR C 76 -4.56 -57.37 -33.62
C THR C 76 -3.31 -56.49 -33.59
N LYS C 77 -3.13 -55.70 -34.64
CA LYS C 77 -2.02 -54.77 -34.76
C LYS C 77 -2.53 -53.37 -34.41
N ARG C 78 -1.91 -52.73 -33.42
CA ARG C 78 -2.38 -51.42 -32.97
C ARG C 78 -1.26 -50.68 -32.27
N PHE C 79 -1.08 -49.41 -32.65
CA PHE C 79 -0.28 -48.47 -31.87
C PHE C 79 -1.18 -47.46 -31.16
N ASP C 80 -0.58 -46.79 -30.18
CA ASP C 80 -1.25 -45.71 -29.45
C ASP C 80 -0.31 -44.52 -29.43
N ASN C 81 -0.61 -43.51 -30.26
CA ASN C 81 0.17 -42.28 -30.30
C ASN C 81 -0.73 -41.12 -30.74
N PRO C 82 -1.70 -40.75 -29.91
CA PRO C 82 -2.57 -39.61 -30.23
C PRO C 82 -1.87 -38.29 -29.88
N VAL C 83 -2.57 -37.19 -30.15
CA VAL C 83 -2.11 -35.88 -29.71
C VAL C 83 -2.93 -35.48 -28.50
N LEU C 84 -2.42 -35.81 -27.31
CA LEU C 84 -3.16 -35.58 -26.08
C LEU C 84 -2.92 -34.16 -25.57
N PRO C 85 -3.91 -33.57 -24.89
CA PRO C 85 -3.69 -32.27 -24.25
C PRO C 85 -2.70 -32.39 -23.11
N PHE C 86 -1.94 -31.31 -22.87
CA PHE C 86 -0.95 -31.30 -21.81
C PHE C 86 -1.61 -31.33 -20.44
N ASN C 87 -2.59 -30.46 -20.23
CA ASN C 87 -3.38 -30.40 -18.99
C ASN C 87 -2.50 -30.28 -17.75
N ASP C 88 -1.68 -29.22 -17.74
CA ASP C 88 -0.94 -28.80 -16.55
C ASP C 88 -0.04 -29.91 -16.01
N GLY C 89 0.93 -30.30 -16.82
CA GLY C 89 1.90 -31.31 -16.42
C GLY C 89 1.47 -32.71 -16.79
N VAL C 90 2.43 -33.57 -17.13
CA VAL C 90 2.14 -34.92 -17.59
C VAL C 90 3.08 -35.90 -16.88
N TYR C 91 2.51 -36.93 -16.27
CA TYR C 91 3.28 -38.06 -15.77
C TYR C 91 3.23 -39.17 -16.80
N PHE C 92 4.34 -39.39 -17.48
CA PHE C 92 4.48 -40.43 -18.48
C PHE C 92 5.26 -41.60 -17.88
N ALA C 93 4.97 -42.80 -18.34
CA ALA C 93 5.71 -43.96 -17.82
C ALA C 93 5.70 -45.06 -18.88
N SER C 94 6.84 -45.30 -19.52
CA SER C 94 6.96 -46.35 -20.51
C SER C 94 7.50 -47.62 -19.86
N THR C 95 6.98 -48.76 -20.32
CA THR C 95 7.39 -50.07 -19.82
C THR C 95 7.79 -50.91 -21.03
N GLU C 96 9.08 -51.22 -21.13
CA GLU C 96 9.64 -51.81 -22.33
C GLU C 96 10.51 -53.01 -22.01
N LYS C 97 10.55 -53.95 -22.95
CA LYS C 97 11.58 -54.99 -23.00
C LYS C 97 12.66 -54.67 -24.02
N SER C 98 12.31 -53.91 -25.05
CA SER C 98 13.21 -53.44 -26.09
C SER C 98 13.17 -51.91 -26.11
N ASN C 99 13.80 -51.32 -27.11
CA ASN C 99 13.77 -49.87 -27.30
C ASN C 99 12.63 -49.56 -28.28
N ILE C 100 11.44 -49.33 -27.75
CA ILE C 100 10.24 -49.17 -28.56
C ILE C 100 9.80 -47.72 -28.63
N ILE C 101 9.43 -47.14 -27.48
CA ILE C 101 9.02 -45.74 -27.46
C ILE C 101 10.25 -44.87 -27.59
N ARG C 102 10.28 -44.03 -28.63
CA ARG C 102 11.47 -43.22 -28.89
C ARG C 102 11.47 -41.95 -28.05
N GLY C 103 10.47 -41.10 -28.22
CA GLY C 103 10.47 -39.81 -27.55
C GLY C 103 9.11 -39.19 -27.37
N TRP C 104 9.09 -37.86 -27.30
CA TRP C 104 7.87 -37.12 -27.05
C TRP C 104 7.87 -35.83 -27.85
N ILE C 105 6.68 -35.31 -28.11
CA ILE C 105 6.49 -34.02 -28.78
C ILE C 105 5.57 -33.18 -27.92
N PHE C 106 5.93 -31.91 -27.73
CA PHE C 106 5.15 -30.97 -26.95
C PHE C 106 4.88 -29.74 -27.80
N GLY C 107 4.08 -28.83 -27.27
CA GLY C 107 3.74 -27.60 -27.96
C GLY C 107 2.25 -27.35 -27.98
N THR C 108 1.90 -26.17 -28.50
CA THR C 108 0.50 -25.77 -28.56
C THR C 108 -0.21 -26.35 -29.79
N THR C 109 0.27 -25.99 -30.99
CA THR C 109 -0.35 -26.44 -32.22
C THR C 109 0.43 -27.52 -32.96
N LEU C 110 1.67 -27.78 -32.57
CA LEU C 110 2.50 -28.82 -33.19
C LEU C 110 2.71 -28.53 -34.67
N SER C 116 7.42 -25.91 -30.89
CA SER C 116 7.13 -27.35 -30.78
C SER C 116 8.34 -28.12 -30.30
N LEU C 117 8.34 -28.50 -29.03
CA LEU C 117 9.43 -29.28 -28.46
C LEU C 117 9.52 -30.64 -29.14
N LEU C 118 10.75 -31.11 -29.35
CA LEU C 118 11.00 -32.37 -30.04
C LEU C 118 12.09 -33.13 -29.27
N ILE C 119 11.67 -33.92 -28.29
CA ILE C 119 12.61 -34.71 -27.49
C ILE C 119 12.60 -36.11 -28.08
N VAL C 120 13.56 -36.37 -28.97
CA VAL C 120 13.64 -37.63 -29.69
C VAL C 120 14.91 -38.37 -29.27
N ASN C 121 14.73 -39.60 -28.81
CA ASN C 121 15.85 -40.50 -28.54
C ASN C 121 16.16 -41.28 -29.81
N ASN C 122 16.94 -40.65 -30.68
CA ASN C 122 17.07 -41.05 -32.07
C ASN C 122 18.10 -42.16 -32.29
N ALA C 123 18.42 -42.88 -31.21
CA ALA C 123 19.19 -44.14 -31.27
C ALA C 123 20.65 -43.91 -31.63
N THR C 124 20.99 -42.68 -31.99
CA THR C 124 22.37 -42.23 -32.09
C THR C 124 22.66 -41.02 -31.23
N ASN C 125 21.62 -40.35 -30.74
CA ASN C 125 21.71 -39.03 -30.13
C ASN C 125 20.35 -38.67 -29.55
N VAL C 126 20.38 -38.01 -28.40
CA VAL C 126 19.17 -37.54 -27.73
C VAL C 126 18.99 -36.09 -28.13
N VAL C 127 18.14 -35.87 -29.13
CA VAL C 127 18.02 -34.54 -29.72
C VAL C 127 16.78 -33.84 -29.18
N ILE C 128 16.96 -32.58 -28.78
CA ILE C 128 15.88 -31.83 -28.14
C ILE C 128 15.66 -30.54 -28.95
N LYS C 129 15.78 -30.65 -30.27
CA LYS C 129 15.49 -29.51 -31.14
C LYS C 129 14.16 -28.87 -30.79
N VAL C 130 14.20 -27.62 -30.32
CA VAL C 130 12.99 -26.87 -29.99
C VAL C 130 12.78 -25.87 -31.12
N CYS C 131 11.76 -26.12 -31.94
CA CYS C 131 11.57 -25.33 -33.14
C CYS C 131 10.09 -25.00 -33.34
N GLU C 132 9.76 -24.33 -34.44
CA GLU C 132 8.39 -24.04 -34.82
C GLU C 132 7.89 -24.97 -35.92
N PHE C 133 8.66 -26.02 -36.22
CA PHE C 133 8.35 -26.90 -37.35
C PHE C 133 7.00 -27.58 -37.17
N GLN C 134 6.30 -27.76 -38.29
CA GLN C 134 5.01 -28.45 -38.34
C GLN C 134 5.23 -29.76 -39.06
N PHE C 135 5.22 -30.86 -38.31
CA PHE C 135 5.51 -32.18 -38.85
C PHE C 135 4.23 -32.82 -39.39
N CYS C 136 4.30 -34.12 -39.67
CA CYS C 136 3.20 -34.87 -40.26
C CYS C 136 2.44 -35.64 -39.19
N ASN C 137 1.28 -36.16 -39.59
CA ASN C 137 0.43 -36.91 -38.68
C ASN C 137 1.04 -38.29 -38.41
N ASP C 138 0.61 -38.89 -37.29
CA ASP C 138 1.09 -40.18 -36.81
C ASP C 138 2.61 -40.18 -36.74
N PRO C 139 3.21 -39.42 -35.82
CA PRO C 139 4.67 -39.30 -35.78
C PRO C 139 5.33 -40.61 -35.38
N PHE C 140 6.31 -41.04 -36.16
CA PHE C 140 7.10 -42.22 -35.85
C PHE C 140 8.38 -42.18 -36.67
N LEU C 141 9.33 -43.05 -36.30
CA LEU C 141 10.59 -43.17 -37.03
C LEU C 141 10.66 -44.44 -37.84
N GLY C 142 10.49 -45.60 -37.20
CA GLY C 142 10.67 -46.86 -37.90
C GLY C 142 12.12 -47.29 -37.98
N VAL C 143 12.39 -48.58 -37.72
CA VAL C 143 13.73 -49.13 -37.84
C VAL C 143 13.66 -50.35 -38.75
N TYR C 144 14.77 -50.63 -39.43
CA TYR C 144 14.82 -51.66 -40.46
C TYR C 144 15.69 -52.81 -39.98
N TYR C 145 15.26 -54.03 -40.30
CA TYR C 145 15.86 -55.25 -39.72
C TYR C 145 16.73 -55.95 -40.77
N HIS C 146 18.00 -55.55 -40.81
CA HIS C 146 19.07 -56.39 -41.36
C HIS C 146 19.80 -57.11 -40.24
N TRP C 152 19.01 -55.61 -37.07
CA TRP C 152 18.29 -54.73 -36.15
C TRP C 152 18.97 -53.37 -36.03
N MET C 153 18.99 -52.67 -37.15
CA MET C 153 19.50 -51.31 -37.28
C MET C 153 18.30 -50.39 -37.51
N GLU C 154 18.56 -49.10 -37.71
CA GLU C 154 17.48 -48.15 -37.91
C GLU C 154 17.07 -48.09 -39.38
N SER C 155 15.96 -47.40 -39.64
CA SER C 155 15.47 -47.23 -41.01
C SER C 155 15.52 -45.79 -41.47
N GLU C 156 14.83 -44.89 -40.77
CA GLU C 156 14.73 -43.49 -41.17
C GLU C 156 14.03 -42.73 -40.03
N PHE C 157 13.66 -41.48 -40.30
CA PHE C 157 13.14 -40.58 -39.29
C PHE C 157 11.68 -40.21 -39.54
N ARG C 158 11.33 -39.83 -40.77
CA ARG C 158 9.95 -39.60 -41.23
C ARG C 158 9.13 -38.70 -40.31
N VAL C 159 9.79 -37.85 -39.52
CA VAL C 159 9.09 -36.76 -38.83
C VAL C 159 9.96 -35.51 -38.99
N TYR C 160 9.55 -34.41 -38.36
CA TYR C 160 10.26 -33.13 -38.47
C TYR C 160 10.26 -32.66 -39.93
N SER C 161 9.05 -32.44 -40.45
CA SER C 161 8.88 -32.05 -41.84
C SER C 161 9.55 -30.71 -42.13
N SER C 162 9.27 -29.71 -41.31
CA SER C 162 9.85 -28.38 -41.47
C SER C 162 11.07 -28.24 -40.56
N ALA C 163 11.76 -27.11 -40.71
CA ALA C 163 12.89 -26.77 -39.85
C ALA C 163 12.62 -25.50 -39.05
N ASN C 164 12.27 -24.41 -39.72
CA ASN C 164 11.89 -23.14 -39.09
C ASN C 164 13.06 -22.61 -38.25
N ASN C 165 12.75 -21.90 -37.16
CA ASN C 165 13.79 -21.19 -36.42
C ASN C 165 14.74 -22.15 -35.72
N CYS C 166 14.21 -23.12 -34.98
CA CYS C 166 15.03 -24.03 -34.17
C CYS C 166 15.96 -23.23 -33.24
N THR C 167 15.37 -22.25 -32.55
CA THR C 167 16.15 -21.24 -31.83
C THR C 167 16.55 -21.70 -30.43
N PHE C 168 15.59 -22.17 -29.64
CA PHE C 168 15.80 -22.38 -28.21
C PHE C 168 16.96 -23.30 -27.90
N GLU C 169 16.86 -24.57 -28.28
CA GLU C 169 17.91 -25.53 -27.96
C GLU C 169 18.08 -26.52 -29.11
N TYR C 170 19.29 -27.08 -29.19
CA TYR C 170 19.59 -28.16 -30.13
C TYR C 170 20.50 -29.19 -29.48
N VAL C 171 20.51 -29.28 -28.15
CA VAL C 171 21.46 -30.14 -27.45
C VAL C 171 21.26 -31.61 -27.85
N SER C 172 22.38 -32.31 -28.03
CA SER C 172 22.37 -33.74 -28.32
C SER C 172 23.54 -34.38 -27.60
N GLN C 173 23.65 -35.70 -27.71
CA GLN C 173 24.72 -36.45 -27.07
C GLN C 173 24.92 -37.79 -27.75
N PRO C 174 26.14 -38.11 -28.19
CA PRO C 174 26.39 -39.42 -28.84
C PRO C 174 25.95 -40.60 -27.98
N PHE C 175 24.98 -41.36 -28.47
CA PHE C 175 24.40 -42.46 -27.72
C PHE C 175 24.23 -43.65 -28.67
N LEU C 176 24.18 -44.86 -28.10
CA LEU C 176 23.98 -46.09 -28.86
C LEU C 176 22.83 -46.86 -28.24
N MET C 177 21.73 -46.98 -28.99
CA MET C 177 20.55 -47.70 -28.54
C MET C 177 20.37 -48.96 -29.39
N ASP C 178 20.29 -50.11 -28.73
CA ASP C 178 20.22 -51.40 -29.41
C ASP C 178 18.77 -51.66 -29.82
N LEU C 179 18.40 -51.14 -30.99
CA LEU C 179 17.05 -51.26 -31.52
C LEU C 179 16.80 -52.67 -32.05
N GLU C 180 16.32 -53.56 -31.20
CA GLU C 180 16.10 -54.94 -31.60
C GLU C 180 14.85 -55.49 -30.93
N GLY C 181 14.50 -56.72 -31.29
CA GLY C 181 13.36 -57.40 -30.71
C GLY C 181 13.79 -58.46 -29.70
N LYS C 182 13.56 -58.18 -28.42
CA LYS C 182 13.99 -59.04 -27.33
C LYS C 182 12.73 -59.61 -26.67
N GLN C 183 12.38 -60.84 -27.04
CA GLN C 183 11.17 -61.46 -26.51
C GLN C 183 11.27 -61.63 -25.00
N GLY C 184 10.22 -61.24 -24.29
CA GLY C 184 10.20 -61.35 -22.85
C GLY C 184 8.91 -60.82 -22.23
N ASN C 185 9.03 -60.20 -21.06
CA ASN C 185 7.88 -59.66 -20.34
C ASN C 185 8.20 -58.30 -19.75
N PHE C 186 9.02 -57.53 -20.47
CA PHE C 186 9.53 -56.19 -20.15
C PHE C 186 10.12 -56.06 -18.74
N LYS C 187 11.31 -55.47 -18.67
CA LYS C 187 11.99 -55.25 -17.39
C LYS C 187 12.47 -53.80 -17.25
N ASN C 188 11.87 -52.87 -17.98
CA ASN C 188 12.23 -51.47 -17.91
C ASN C 188 11.02 -50.63 -17.51
N LEU C 189 11.29 -49.52 -16.82
CA LEU C 189 10.23 -48.60 -16.41
C LEU C 189 10.83 -47.19 -16.42
N ARG C 190 10.64 -46.49 -17.54
CA ARG C 190 11.15 -45.12 -17.70
C ARG C 190 10.09 -44.12 -17.23
N GLU C 191 9.95 -44.04 -15.91
CA GLU C 191 9.07 -43.04 -15.32
C GLU C 191 9.58 -41.64 -15.63
N PHE C 192 8.66 -40.72 -15.89
CA PHE C 192 9.03 -39.38 -16.34
C PHE C 192 7.94 -38.42 -15.89
N VAL C 193 8.35 -37.27 -15.35
CA VAL C 193 7.44 -36.17 -15.07
C VAL C 193 7.86 -34.98 -15.92
N PHE C 194 6.97 -34.51 -16.78
CA PHE C 194 7.23 -33.37 -17.64
C PHE C 194 6.32 -32.24 -17.18
N LYS C 195 6.92 -31.09 -16.86
CA LYS C 195 6.07 -29.94 -16.55
C LYS C 195 6.77 -28.67 -16.96
N ASN C 196 5.98 -27.59 -17.08
CA ASN C 196 6.47 -26.30 -17.54
C ASN C 196 6.19 -25.26 -16.45
N ILE C 197 7.24 -24.84 -15.75
CA ILE C 197 7.12 -23.86 -14.68
C ILE C 197 8.11 -22.74 -14.94
N ASP C 198 7.62 -21.49 -14.90
CA ASP C 198 8.44 -20.30 -15.11
C ASP C 198 9.18 -20.34 -16.44
N GLY C 199 8.54 -20.90 -17.46
CA GLY C 199 9.14 -21.04 -18.77
C GLY C 199 10.15 -22.16 -18.89
N TYR C 200 10.46 -22.85 -17.80
CA TYR C 200 11.41 -23.96 -17.83
C TYR C 200 10.65 -25.27 -17.93
N PHE C 201 11.02 -26.10 -18.90
CA PHE C 201 10.39 -27.39 -19.11
C PHE C 201 11.19 -28.42 -18.32
N LYS C 202 10.82 -28.59 -17.05
CA LYS C 202 11.52 -29.52 -16.17
C LYS C 202 11.11 -30.95 -16.49
N ILE C 203 12.11 -31.79 -16.70
CA ILE C 203 11.96 -33.22 -16.94
C ILE C 203 12.60 -33.95 -15.77
N TYR C 204 11.80 -34.76 -15.08
CA TYR C 204 12.24 -35.60 -13.98
C TYR C 204 12.22 -37.05 -14.44
N SER C 205 13.32 -37.76 -14.18
CA SER C 205 13.51 -39.10 -14.69
C SER C 205 13.65 -40.11 -13.56
N LYS C 206 13.38 -41.37 -13.90
CA LYS C 206 13.57 -42.51 -13.00
C LYS C 206 13.44 -43.79 -13.82
N HIS C 207 14.35 -44.73 -13.59
CA HIS C 207 14.35 -46.01 -14.28
C HIS C 207 14.43 -47.13 -13.25
N THR C 208 13.66 -48.19 -13.47
CA THR C 208 13.52 -49.24 -12.48
C THR C 208 13.28 -50.59 -13.16
N PRO C 209 14.01 -51.64 -12.77
CA PRO C 209 13.79 -52.98 -13.33
C PRO C 209 12.59 -53.65 -12.68
N ILE C 210 11.50 -53.78 -13.43
CA ILE C 210 10.28 -54.43 -12.96
C ILE C 210 9.84 -55.42 -14.04
N ASN C 211 9.68 -56.69 -13.65
CA ASN C 211 9.33 -57.72 -14.63
C ASN C 211 7.83 -57.73 -14.90
N LEU C 212 7.03 -58.10 -13.88
CA LEU C 212 5.58 -58.19 -13.99
C LEU C 212 5.12 -58.90 -15.26
N VAL C 213 3.94 -58.55 -15.75
CA VAL C 213 3.46 -59.07 -17.03
C VAL C 213 3.12 -57.93 -17.97
N ARG C 214 2.14 -57.09 -17.60
CA ARG C 214 1.83 -55.90 -18.39
C ARG C 214 1.43 -54.69 -17.57
N ASP C 215 1.43 -54.76 -16.24
CA ASP C 215 0.79 -53.76 -15.40
C ASP C 215 1.82 -52.84 -14.75
N LEU C 216 1.30 -51.79 -14.11
CA LEU C 216 2.07 -50.80 -13.36
C LEU C 216 2.31 -51.30 -11.94
N PRO C 217 3.55 -51.43 -11.51
CA PRO C 217 3.83 -52.05 -10.21
C PRO C 217 3.61 -51.07 -9.05
N GLN C 218 3.57 -51.65 -7.86
CA GLN C 218 3.53 -50.87 -6.62
C GLN C 218 4.96 -50.51 -6.23
N GLY C 219 5.12 -50.00 -5.00
CA GLY C 219 6.44 -49.60 -4.53
C GLY C 219 6.75 -48.17 -4.86
N PHE C 220 7.15 -47.40 -3.84
CA PHE C 220 7.39 -45.98 -4.05
C PHE C 220 8.75 -45.76 -4.70
N SER C 221 8.81 -44.78 -5.60
CA SER C 221 10.05 -44.40 -6.27
C SER C 221 9.99 -42.90 -6.57
N ALA C 222 11.04 -42.18 -6.16
CA ALA C 222 11.09 -40.72 -6.32
C ALA C 222 11.82 -40.39 -7.61
N LEU C 223 11.17 -39.61 -8.47
CA LEU C 223 11.69 -39.28 -9.79
C LEU C 223 12.65 -38.10 -9.65
N GLU C 224 13.93 -38.41 -9.50
CA GLU C 224 14.93 -37.36 -9.38
C GLU C 224 14.97 -36.53 -10.66
N PRO C 225 15.07 -35.20 -10.54
CA PRO C 225 15.05 -34.35 -11.73
C PRO C 225 16.22 -34.64 -12.66
N LEU C 226 15.94 -34.59 -13.96
CA LEU C 226 16.98 -34.76 -14.97
C LEU C 226 17.43 -33.42 -15.55
N VAL C 227 16.50 -32.66 -16.14
CA VAL C 227 16.86 -31.43 -16.84
C VAL C 227 15.81 -30.35 -16.62
N ASP C 228 16.14 -29.11 -17.02
CA ASP C 228 15.25 -27.98 -16.80
C ASP C 228 14.87 -27.28 -18.11
N LEU C 229 15.81 -27.22 -19.06
CA LEU C 229 15.52 -26.73 -20.40
C LEU C 229 14.85 -25.36 -20.43
N PRO C 230 15.58 -24.27 -20.20
CA PRO C 230 14.99 -22.94 -20.39
C PRO C 230 14.41 -22.76 -21.80
N ILE C 231 13.10 -22.65 -21.89
CA ILE C 231 12.38 -22.49 -23.15
C ILE C 231 11.46 -21.28 -23.00
N GLY C 232 10.75 -20.94 -24.07
CA GLY C 232 9.82 -19.82 -24.03
C GLY C 232 8.43 -20.13 -24.54
N ILE C 233 8.24 -21.30 -25.13
CA ILE C 233 6.94 -21.69 -25.70
C ILE C 233 6.19 -22.53 -24.68
N ASN C 234 4.97 -22.11 -24.36
CA ASN C 234 4.11 -22.82 -23.42
C ASN C 234 3.40 -23.98 -24.12
N ILE C 235 3.28 -25.09 -23.42
CA ILE C 235 2.81 -26.35 -24.00
C ILE C 235 1.38 -26.62 -23.58
N THR C 236 0.52 -26.94 -24.55
CA THR C 236 -0.85 -27.33 -24.28
C THR C 236 -1.20 -28.72 -24.82
N ARG C 237 -0.34 -29.33 -25.64
CA ARG C 237 -0.60 -30.65 -26.19
C ARG C 237 0.60 -31.55 -25.97
N PHE C 238 0.35 -32.84 -25.82
CA PHE C 238 1.36 -33.84 -25.54
C PHE C 238 1.19 -35.00 -26.51
N GLN C 239 2.30 -35.49 -27.08
CA GLN C 239 2.24 -36.57 -28.04
C GLN C 239 3.38 -37.55 -27.80
N THR C 240 3.07 -38.85 -27.83
CA THR C 240 4.07 -39.90 -27.68
C THR C 240 4.64 -40.23 -29.04
N LEU C 241 5.94 -40.56 -29.09
CA LEU C 241 6.67 -40.70 -30.34
C LEU C 241 7.31 -42.09 -30.40
N LEU C 242 6.77 -42.95 -31.27
CA LEU C 242 7.10 -44.36 -31.33
C LEU C 242 8.03 -44.66 -32.50
N ALA C 243 8.33 -45.95 -32.66
CA ALA C 243 9.17 -46.45 -33.76
C ALA C 243 8.58 -47.75 -34.30
N LEU C 244 8.62 -47.91 -35.61
CA LEU C 244 8.13 -49.08 -36.30
C LEU C 244 9.26 -50.07 -36.60
N HIS C 245 8.87 -51.30 -36.97
CA HIS C 245 9.80 -52.40 -37.20
C HIS C 245 9.64 -52.92 -38.63
N ARG C 246 10.43 -52.34 -39.55
CA ARG C 246 10.52 -52.86 -40.90
C ARG C 246 11.46 -54.06 -40.92
N SER C 247 10.94 -55.23 -41.26
CA SER C 247 11.71 -56.47 -41.17
C SER C 247 11.68 -57.20 -42.52
N TYR C 248 12.45 -58.29 -42.59
CA TYR C 248 12.49 -59.13 -43.78
C TYR C 248 11.37 -60.15 -43.83
N LEU C 249 10.83 -60.56 -42.69
CA LEU C 249 9.82 -61.61 -42.65
C LEU C 249 8.40 -61.09 -42.87
N THR C 250 8.17 -59.79 -42.69
CA THR C 250 6.89 -59.16 -43.04
C THR C 250 7.14 -57.81 -43.69
N PRO C 251 7.80 -57.79 -44.86
CA PRO C 251 8.05 -56.52 -45.53
C PRO C 251 6.92 -56.14 -46.48
N GLY C 252 7.07 -55.02 -47.19
CA GLY C 252 6.10 -54.64 -48.20
C GLY C 252 5.85 -53.16 -48.27
N ASP C 253 4.58 -52.77 -48.29
CA ASP C 253 4.19 -51.37 -48.38
C ASP C 253 4.28 -50.73 -46.99
N SER C 254 3.70 -49.53 -46.86
CA SER C 254 3.73 -48.82 -45.58
C SER C 254 3.08 -49.62 -44.47
N SER C 255 1.99 -50.30 -44.77
CA SER C 255 1.22 -51.03 -43.77
C SER C 255 1.65 -52.48 -43.63
N SER C 256 2.75 -52.88 -44.26
CA SER C 256 3.20 -54.27 -44.18
C SER C 256 4.26 -54.49 -43.11
N GLY C 257 5.27 -53.63 -43.04
CA GLY C 257 6.37 -53.83 -42.12
C GLY C 257 6.10 -53.28 -40.73
N TRP C 258 5.13 -53.86 -40.02
CA TRP C 258 4.77 -53.36 -38.70
C TRP C 258 5.60 -54.03 -37.61
N THR C 259 5.43 -55.35 -37.45
CA THR C 259 6.13 -56.14 -36.44
C THR C 259 6.21 -55.39 -35.11
N ALA C 260 5.03 -55.05 -34.58
CA ALA C 260 4.95 -54.21 -33.39
C ALA C 260 5.55 -54.92 -32.18
N GLY C 261 6.68 -54.41 -31.69
CA GLY C 261 7.25 -54.89 -30.45
C GLY C 261 6.29 -54.71 -29.31
N ALA C 262 6.08 -55.77 -28.52
CA ALA C 262 5.11 -55.73 -27.43
C ALA C 262 5.58 -54.74 -26.36
N ALA C 263 4.93 -53.58 -26.30
CA ALA C 263 5.29 -52.56 -25.32
C ALA C 263 4.03 -51.80 -24.93
N ALA C 264 4.17 -50.89 -23.98
CA ALA C 264 3.05 -50.11 -23.51
C ALA C 264 3.58 -48.89 -22.78
N TYR C 265 2.66 -48.00 -22.40
CA TYR C 265 2.99 -46.86 -21.54
C TYR C 265 1.73 -46.38 -20.86
N TYR C 266 1.92 -45.49 -19.89
CA TYR C 266 0.85 -44.99 -19.04
C TYR C 266 0.98 -43.49 -18.95
N VAL C 267 -0.16 -42.79 -19.00
CA VAL C 267 -0.20 -41.34 -18.97
C VAL C 267 -1.18 -40.89 -17.90
N GLY C 268 -0.72 -39.97 -17.04
CA GLY C 268 -1.60 -39.31 -16.09
C GLY C 268 -1.32 -37.82 -16.08
N TYR C 269 -2.22 -37.08 -15.45
CA TYR C 269 -2.15 -35.63 -15.43
C TYR C 269 -1.95 -35.10 -14.01
N LEU C 270 -1.14 -34.05 -13.89
CA LEU C 270 -0.78 -33.50 -12.60
C LEU C 270 -1.86 -32.59 -12.05
N GLN C 271 -2.00 -32.57 -10.73
CA GLN C 271 -2.96 -31.73 -10.03
C GLN C 271 -2.29 -31.02 -8.88
N PRO C 272 -2.69 -29.79 -8.57
CA PRO C 272 -2.13 -29.09 -7.41
C PRO C 272 -2.51 -29.75 -6.09
N ARG C 273 -1.53 -30.30 -5.37
CA ARG C 273 -1.77 -30.98 -4.12
C ARG C 273 -0.68 -30.62 -3.12
N THR C 274 -1.01 -30.81 -1.84
CA THR C 274 -0.04 -30.74 -0.76
C THR C 274 0.28 -32.16 -0.31
N PHE C 275 1.55 -32.55 -0.43
CA PHE C 275 1.98 -33.87 -0.02
C PHE C 275 2.87 -33.78 1.22
N LEU C 276 2.98 -34.90 1.91
CA LEU C 276 3.93 -35.08 3.01
C LEU C 276 5.00 -36.07 2.54
N LEU C 277 6.22 -35.56 2.36
CA LEU C 277 7.33 -36.35 1.84
C LEU C 277 8.27 -36.68 2.98
N LYS C 278 8.59 -37.96 3.14
CA LYS C 278 9.50 -38.41 4.18
C LYS C 278 10.88 -38.65 3.56
N TYR C 279 11.90 -38.02 4.11
CA TYR C 279 13.26 -38.17 3.63
C TYR C 279 14.01 -39.17 4.49
N ASN C 280 14.98 -39.86 3.88
CA ASN C 280 15.77 -40.85 4.57
C ASN C 280 17.05 -40.21 5.10
N GLU C 281 17.97 -41.04 5.58
CA GLU C 281 19.21 -40.53 6.16
C GLU C 281 20.06 -39.81 5.12
N ASN C 282 20.16 -40.38 3.91
CA ASN C 282 21.04 -39.81 2.88
C ASN C 282 20.33 -38.85 1.95
N GLY C 283 19.04 -38.58 2.15
CA GLY C 283 18.35 -37.53 1.42
C GLY C 283 17.35 -38.00 0.38
N THR C 284 17.27 -39.30 0.11
CA THR C 284 16.33 -39.78 -0.89
C THR C 284 14.93 -39.90 -0.29
N ILE C 285 13.93 -39.63 -1.12
CA ILE C 285 12.54 -39.69 -0.69
C ILE C 285 12.09 -41.14 -0.69
N THR C 286 11.60 -41.62 0.45
CA THR C 286 11.22 -43.02 0.61
C THR C 286 9.71 -43.25 0.60
N ASP C 287 8.93 -42.30 1.12
CA ASP C 287 7.49 -42.41 1.12
C ASP C 287 6.85 -41.04 1.06
N ALA C 288 5.58 -41.01 0.66
CA ALA C 288 4.83 -39.77 0.56
C ALA C 288 3.37 -40.06 0.86
N VAL C 289 2.67 -39.01 1.30
CA VAL C 289 1.27 -39.11 1.71
C VAL C 289 0.50 -37.97 1.06
N ASP C 290 -0.62 -38.30 0.40
CA ASP C 290 -1.51 -37.29 -0.17
C ASP C 290 -2.42 -36.76 0.92
N CYS C 291 -2.42 -35.44 1.12
CA CYS C 291 -3.17 -34.85 2.22
C CYS C 291 -4.67 -35.04 2.05
N ALA C 292 -5.18 -34.88 0.82
CA ALA C 292 -6.63 -34.93 0.63
C ALA C 292 -7.16 -36.36 0.71
N LEU C 293 -6.74 -37.21 -0.25
CA LEU C 293 -7.13 -38.61 -0.43
C LEU C 293 -8.21 -39.08 0.55
N ASP C 294 -7.86 -39.97 1.46
CA ASP C 294 -8.75 -40.44 2.51
C ASP C 294 -8.53 -39.68 3.80
N PRO C 295 -9.50 -39.69 4.71
CA PRO C 295 -9.33 -38.94 5.98
C PRO C 295 -8.12 -39.36 6.79
N LEU C 296 -7.70 -40.63 6.71
CA LEU C 296 -6.52 -41.07 7.46
C LEU C 296 -5.28 -40.33 7.01
N SER C 297 -5.12 -40.14 5.70
CA SER C 297 -3.98 -39.38 5.20
C SER C 297 -4.09 -37.91 5.57
N GLU C 298 -5.31 -37.38 5.68
CA GLU C 298 -5.48 -36.02 6.19
C GLU C 298 -5.00 -35.92 7.62
N THR C 299 -5.33 -36.91 8.45
CA THR C 299 -4.82 -36.95 9.82
C THR C 299 -3.30 -37.02 9.84
N LYS C 300 -2.72 -37.86 8.96
CA LYS C 300 -1.28 -37.96 8.88
C LYS C 300 -0.65 -36.62 8.52
N CYS C 301 -1.25 -35.90 7.58
CA CYS C 301 -0.76 -34.59 7.21
C CYS C 301 -0.85 -33.62 8.38
N THR C 302 -1.97 -33.62 9.09
CA THR C 302 -2.15 -32.68 10.19
C THR C 302 -1.27 -33.04 11.38
N LEU C 303 -0.98 -34.33 11.58
CA LEU C 303 -0.11 -34.76 12.66
C LEU C 303 1.36 -34.76 12.27
N LYS C 304 1.68 -34.53 11.00
CA LYS C 304 3.06 -34.50 10.51
C LYS C 304 3.79 -35.79 10.86
N SER C 305 3.11 -36.92 10.70
CA SER C 305 3.67 -38.21 11.05
C SER C 305 3.01 -39.29 10.19
N PHE C 306 3.65 -40.46 10.18
CA PHE C 306 3.14 -41.61 9.44
C PHE C 306 2.46 -42.64 10.34
N THR C 307 2.52 -42.45 11.66
CA THR C 307 1.71 -43.20 12.60
C THR C 307 1.00 -42.21 13.50
N VAL C 308 -0.30 -42.46 13.76
CA VAL C 308 -1.15 -41.48 14.39
C VAL C 308 -1.71 -41.94 15.73
N GLU C 309 -1.60 -43.23 16.06
CA GLU C 309 -2.11 -43.78 17.33
C GLU C 309 -3.62 -43.65 17.43
N LYS C 310 -4.19 -44.22 18.49
CA LYS C 310 -5.64 -44.20 18.67
C LYS C 310 -6.12 -42.84 19.14
N GLY C 311 -7.24 -42.39 18.59
CA GLY C 311 -7.89 -41.21 19.14
C GLY C 311 -8.60 -40.40 18.06
N ILE C 312 -8.98 -39.19 18.46
CA ILE C 312 -9.67 -38.23 17.62
C ILE C 312 -8.71 -37.13 17.23
N TYR C 313 -8.75 -36.71 15.97
CA TYR C 313 -7.87 -35.64 15.50
C TYR C 313 -8.66 -34.62 14.70
N GLN C 314 -8.51 -33.36 15.07
CA GLN C 314 -9.18 -32.25 14.39
C GLN C 314 -8.46 -31.94 13.07
N THR C 315 -9.20 -31.98 11.97
CA THR C 315 -8.61 -31.80 10.65
C THR C 315 -9.11 -30.59 9.90
N SER C 316 -10.42 -30.34 9.91
CA SER C 316 -10.97 -29.22 9.13
C SER C 316 -12.30 -28.81 9.74
N ASN C 317 -13.03 -27.96 9.03
CA ASN C 317 -14.33 -27.48 9.46
C ASN C 317 -15.32 -27.61 8.30
N PHE C 318 -16.59 -27.79 8.64
CA PHE C 318 -17.65 -27.88 7.64
C PHE C 318 -18.25 -26.49 7.47
N ARG C 319 -17.96 -25.87 6.32
CA ARG C 319 -18.48 -24.55 5.99
C ARG C 319 -19.52 -24.72 4.90
N VAL C 320 -20.79 -24.79 5.30
CA VAL C 320 -21.87 -24.93 4.34
C VAL C 320 -21.97 -23.64 3.53
N GLN C 321 -21.55 -23.69 2.27
CA GLN C 321 -21.64 -22.52 1.41
C GLN C 321 -23.11 -22.24 1.09
N PRO C 322 -23.51 -20.97 1.02
CA PRO C 322 -24.91 -20.66 0.74
C PRO C 322 -25.21 -20.68 -0.76
N THR C 323 -26.43 -21.10 -1.07
CA THR C 323 -26.91 -21.18 -2.44
C THR C 323 -28.01 -20.15 -2.66
N GLU C 324 -28.00 -19.53 -3.84
CA GLU C 324 -28.98 -18.53 -4.26
C GLU C 324 -28.83 -17.24 -3.47
N SER C 325 -29.19 -16.11 -4.08
CA SER C 325 -29.10 -14.80 -3.43
C SER C 325 -30.50 -14.22 -3.33
N ILE C 326 -30.86 -13.75 -2.13
CA ILE C 326 -32.17 -13.17 -1.88
C ILE C 326 -32.04 -11.66 -1.78
N VAL C 327 -32.88 -10.95 -2.53
CA VAL C 327 -33.02 -9.51 -2.44
C VAL C 327 -34.51 -9.21 -2.32
N ARG C 328 -34.89 -8.42 -1.33
CA ARG C 328 -36.29 -8.13 -1.05
C ARG C 328 -36.48 -6.64 -0.80
N PHE C 329 -37.56 -6.09 -1.32
CA PHE C 329 -37.93 -4.69 -1.17
C PHE C 329 -39.45 -4.57 -1.16
N PRO C 330 -39.98 -3.49 -0.59
CA PRO C 330 -41.44 -3.37 -0.50
C PRO C 330 -42.10 -3.20 -1.86
N ASN C 331 -43.42 -3.37 -1.86
CA ASN C 331 -44.19 -3.25 -3.10
C ASN C 331 -44.08 -1.84 -3.65
N ILE C 332 -43.48 -1.72 -4.82
CA ILE C 332 -43.31 -0.42 -5.48
C ILE C 332 -44.70 0.09 -5.87
N THR C 333 -45.17 1.12 -5.17
CA THR C 333 -46.52 1.63 -5.39
C THR C 333 -46.52 3.13 -5.64
N ASN C 334 -45.56 3.84 -5.07
CA ASN C 334 -45.48 5.30 -5.23
C ASN C 334 -44.75 5.67 -6.52
N LEU C 335 -45.35 5.23 -7.63
CA LEU C 335 -44.78 5.52 -8.94
C LEU C 335 -44.92 7.00 -9.25
N CYS C 336 -43.83 7.61 -9.71
CA CYS C 336 -43.85 9.02 -10.06
C CYS C 336 -44.70 9.24 -11.32
N PRO C 337 -45.40 10.36 -11.40
CA PRO C 337 -46.22 10.63 -12.59
C PRO C 337 -45.38 10.98 -13.80
N PHE C 338 -45.31 10.06 -14.76
CA PHE C 338 -44.61 10.32 -16.01
C PHE C 338 -45.56 10.28 -17.20
N GLY C 339 -46.43 9.28 -17.29
CA GLY C 339 -47.48 9.31 -18.30
C GLY C 339 -48.46 10.44 -18.10
N GLU C 340 -48.59 10.95 -16.88
CA GLU C 340 -49.44 12.10 -16.62
C GLU C 340 -48.82 13.39 -17.13
N VAL C 341 -47.52 13.39 -17.43
CA VAL C 341 -46.87 14.55 -18.02
C VAL C 341 -46.36 14.29 -19.42
N PHE C 342 -46.05 13.04 -19.78
CA PHE C 342 -45.68 12.73 -21.15
C PHE C 342 -46.93 12.56 -22.02
N ASN C 343 -47.80 11.62 -21.66
CA ASN C 343 -49.09 11.45 -22.33
C ASN C 343 -50.15 12.33 -21.65
N ALA C 344 -49.85 13.62 -21.60
CA ALA C 344 -50.71 14.61 -20.98
C ALA C 344 -51.58 15.29 -22.03
N THR C 345 -52.25 16.37 -21.62
CA THR C 345 -53.05 17.16 -22.53
C THR C 345 -52.12 18.06 -23.35
N ARG C 346 -52.70 19.05 -24.03
CA ARG C 346 -51.92 20.02 -24.81
C ARG C 346 -50.83 20.62 -23.95
N PHE C 347 -49.60 20.64 -24.49
CA PHE C 347 -48.43 21.05 -23.72
C PHE C 347 -48.34 22.55 -23.61
N ALA C 348 -47.18 23.05 -23.17
CA ALA C 348 -46.90 24.46 -23.05
C ALA C 348 -45.92 24.89 -24.13
N SER C 349 -46.03 26.16 -24.52
CA SER C 349 -45.12 26.71 -25.53
C SER C 349 -43.70 26.76 -24.98
N VAL C 350 -42.76 27.05 -25.86
CA VAL C 350 -41.35 27.01 -25.47
C VAL C 350 -40.91 28.27 -24.74
N TYR C 351 -41.55 29.41 -25.00
CA TYR C 351 -41.23 30.62 -24.25
C TYR C 351 -41.80 30.58 -22.85
N ALA C 352 -42.89 29.85 -22.63
CA ALA C 352 -43.51 29.67 -21.32
C ALA C 352 -43.70 28.17 -21.12
N TRP C 353 -42.67 27.50 -20.61
CA TRP C 353 -42.67 26.05 -20.44
C TRP C 353 -43.05 25.68 -19.01
N ASN C 354 -43.95 24.70 -18.89
CA ASN C 354 -44.45 24.26 -17.59
C ASN C 354 -43.45 23.30 -16.97
N ARG C 355 -42.82 23.71 -15.88
CA ARG C 355 -41.85 22.89 -15.17
C ARG C 355 -42.56 22.15 -14.06
N LYS C 356 -42.88 20.87 -14.31
CA LYS C 356 -43.60 20.05 -13.34
C LYS C 356 -42.59 19.36 -12.44
N ARG C 357 -42.45 19.85 -11.21
CA ARG C 357 -41.57 19.20 -10.25
C ARG C 357 -42.16 17.88 -9.78
N ILE C 358 -41.29 16.90 -9.58
CA ILE C 358 -41.69 15.61 -9.04
C ILE C 358 -40.73 15.19 -7.93
N SER C 359 -41.26 14.92 -6.75
CA SER C 359 -40.46 14.49 -5.60
C SER C 359 -41.16 13.35 -4.87
N ASN C 360 -40.54 12.94 -3.76
CA ASN C 360 -41.06 11.96 -2.80
C ASN C 360 -41.85 10.83 -3.46
N CYS C 361 -41.24 10.24 -4.50
CA CYS C 361 -41.82 9.08 -5.16
C CYS C 361 -40.69 8.29 -5.80
N VAL C 362 -40.99 7.04 -6.14
CA VAL C 362 -40.06 6.16 -6.84
C VAL C 362 -40.50 6.11 -8.31
N ALA C 363 -39.61 6.49 -9.20
CA ALA C 363 -39.92 6.50 -10.62
C ALA C 363 -39.34 5.26 -11.30
N ASP C 364 -40.05 4.77 -12.32
CA ASP C 364 -39.63 3.58 -13.05
C ASP C 364 -38.82 4.02 -14.27
N TYR C 365 -37.54 4.33 -14.02
CA TYR C 365 -36.63 4.72 -15.08
C TYR C 365 -36.37 3.60 -16.08
N SER C 366 -36.69 2.35 -15.73
CA SER C 366 -36.42 1.21 -16.60
C SER C 366 -37.11 1.38 -17.95
N VAL C 367 -38.41 1.67 -17.93
CA VAL C 367 -39.13 1.91 -19.18
C VAL C 367 -38.63 3.18 -19.86
N LEU C 368 -38.02 4.10 -19.10
CA LEU C 368 -37.50 5.31 -19.71
C LEU C 368 -36.26 5.01 -20.57
N TYR C 369 -35.34 4.21 -20.05
CA TYR C 369 -34.14 3.89 -20.81
C TYR C 369 -34.22 2.55 -21.55
N ASN C 370 -35.41 1.94 -21.61
CA ASN C 370 -35.58 0.68 -22.30
C ASN C 370 -36.61 0.72 -23.42
N SER C 371 -37.67 1.52 -23.28
CA SER C 371 -38.71 1.55 -24.29
C SER C 371 -38.21 2.24 -25.56
N ALA C 372 -39.05 2.19 -26.60
CA ALA C 372 -38.69 2.80 -27.88
C ALA C 372 -39.85 3.57 -28.51
N SER C 373 -40.89 3.87 -27.73
CA SER C 373 -42.00 4.67 -28.26
C SER C 373 -41.54 6.07 -28.66
N PHE C 374 -40.50 6.58 -28.01
CA PHE C 374 -39.90 7.85 -28.38
C PHE C 374 -38.84 7.64 -29.47
N SER C 375 -38.17 8.72 -29.83
CA SER C 375 -37.12 8.65 -30.85
C SER C 375 -35.73 8.72 -30.24
N THR C 376 -35.48 9.72 -29.40
CA THR C 376 -34.16 9.95 -28.82
C THR C 376 -34.26 10.00 -27.30
N PHE C 377 -33.38 9.25 -26.63
CA PHE C 377 -33.24 9.27 -25.18
C PHE C 377 -31.74 9.42 -24.88
N LYS C 378 -31.28 10.66 -24.80
CA LYS C 378 -29.88 10.95 -24.55
C LYS C 378 -29.70 11.41 -23.11
N CYS C 379 -28.80 10.75 -22.39
CA CYS C 379 -28.50 11.07 -20.99
C CYS C 379 -27.14 11.74 -20.95
N TYR C 380 -27.06 12.89 -20.29
CA TYR C 380 -25.80 13.62 -20.15
C TYR C 380 -25.32 13.49 -18.71
N GLY C 381 -24.16 12.88 -18.54
CA GLY C 381 -23.59 12.69 -17.21
C GLY C 381 -24.04 11.40 -16.54
N VAL C 382 -25.36 11.23 -16.42
CA VAL C 382 -25.91 10.05 -15.77
C VAL C 382 -25.98 8.91 -16.78
N SER C 383 -25.70 7.69 -16.31
CA SER C 383 -25.72 6.51 -17.16
C SER C 383 -27.01 5.73 -16.97
N PRO C 384 -27.54 5.13 -18.04
CA PRO C 384 -28.76 4.32 -17.91
C PRO C 384 -28.63 3.19 -16.91
N THR C 385 -27.47 2.55 -16.82
CA THR C 385 -27.27 1.50 -15.83
C THR C 385 -27.31 2.04 -14.40
N LYS C 386 -27.01 3.32 -14.21
CA LYS C 386 -27.03 3.95 -12.90
C LYS C 386 -28.33 4.66 -12.59
N LEU C 387 -29.32 4.60 -13.49
CA LEU C 387 -30.59 5.25 -13.22
C LEU C 387 -31.37 4.56 -12.10
N ASN C 388 -31.23 3.24 -11.96
CA ASN C 388 -32.06 2.48 -11.03
C ASN C 388 -31.50 2.44 -9.61
N ASP C 389 -30.36 3.09 -9.35
CA ASP C 389 -29.80 3.08 -8.01
C ASP C 389 -29.32 4.44 -7.53
N LEU C 390 -29.48 5.50 -8.31
CA LEU C 390 -29.12 6.84 -7.87
C LEU C 390 -30.32 7.53 -7.23
N CYS C 391 -30.08 8.18 -6.10
CA CYS C 391 -31.12 8.83 -5.32
C CYS C 391 -30.93 10.34 -5.37
N PHE C 392 -31.97 11.06 -5.77
CA PHE C 392 -31.95 12.51 -5.87
C PHE C 392 -32.92 13.12 -4.87
N THR C 393 -32.63 14.36 -4.47
CA THR C 393 -33.56 15.08 -3.61
C THR C 393 -34.88 15.35 -4.31
N ASN C 394 -34.81 15.79 -5.57
CA ASN C 394 -36.01 16.06 -6.36
C ASN C 394 -35.65 16.02 -7.83
N VAL C 395 -36.68 15.89 -8.67
CA VAL C 395 -36.52 15.82 -10.12
C VAL C 395 -37.48 16.82 -10.75
N TYR C 396 -36.99 17.56 -11.73
CA TYR C 396 -37.80 18.50 -12.49
C TYR C 396 -38.09 17.94 -13.87
N ALA C 397 -39.06 18.56 -14.55
CA ALA C 397 -39.47 18.09 -15.88
C ALA C 397 -40.03 19.30 -16.63
N ASP C 398 -39.26 19.81 -17.59
CA ASP C 398 -39.70 20.94 -18.41
C ASP C 398 -40.17 20.39 -19.76
N SER C 399 -41.46 20.54 -20.03
CA SER C 399 -42.08 19.97 -21.22
C SER C 399 -42.51 21.06 -22.17
N PHE C 400 -42.17 20.90 -23.45
CA PHE C 400 -42.56 21.87 -24.47
C PHE C 400 -42.42 21.23 -25.84
N VAL C 401 -42.81 21.97 -26.86
CA VAL C 401 -42.76 21.53 -28.25
C VAL C 401 -41.73 22.38 -28.97
N ILE C 402 -40.66 21.75 -29.45
CA ILE C 402 -39.64 22.43 -30.25
C ILE C 402 -40.16 22.50 -31.68
N ARG C 403 -39.56 23.37 -32.50
CA ARG C 403 -40.02 23.56 -33.88
C ARG C 403 -40.03 22.25 -34.66
N GLY C 404 -39.15 21.31 -34.33
CA GLY C 404 -39.09 20.06 -35.05
C GLY C 404 -37.68 19.58 -35.32
N ASP C 405 -36.77 20.53 -35.43
CA ASP C 405 -35.35 20.23 -35.59
C ASP C 405 -34.59 21.17 -34.65
N GLU C 406 -33.27 21.21 -34.82
CA GLU C 406 -32.40 22.02 -33.95
C GLU C 406 -32.58 21.60 -32.49
N VAL C 407 -32.88 20.33 -32.27
CA VAL C 407 -32.82 19.78 -30.92
C VAL C 407 -31.40 19.61 -30.43
N ARG C 408 -30.42 19.71 -31.33
CA ARG C 408 -29.02 19.61 -30.93
C ARG C 408 -28.55 20.81 -30.14
N GLN C 409 -29.30 21.91 -30.15
CA GLN C 409 -28.96 23.06 -29.34
C GLN C 409 -29.54 22.97 -27.93
N ILE C 410 -30.41 21.99 -27.68
CA ILE C 410 -30.92 21.74 -26.34
C ILE C 410 -29.91 20.93 -25.52
N ALA C 411 -28.79 20.58 -26.11
CA ALA C 411 -27.72 19.89 -25.42
C ALA C 411 -27.03 20.83 -24.43
N PRO C 412 -26.30 20.28 -23.46
CA PRO C 412 -25.55 21.14 -22.52
C PRO C 412 -24.69 22.19 -23.21
N GLY C 413 -25.02 23.46 -22.98
CA GLY C 413 -24.21 24.56 -23.45
C GLY C 413 -24.14 24.72 -24.96
N GLN C 414 -25.26 25.08 -25.57
CA GLN C 414 -25.31 25.39 -26.99
C GLN C 414 -26.01 26.72 -27.20
N THR C 415 -25.68 27.38 -28.31
CA THR C 415 -26.20 28.69 -28.65
C THR C 415 -27.08 28.59 -29.89
N GLY C 416 -28.14 29.40 -29.92
CA GLY C 416 -29.05 29.40 -31.05
C GLY C 416 -30.31 30.20 -30.83
N LYS C 417 -31.45 29.65 -31.23
CA LYS C 417 -32.73 30.35 -31.13
C LYS C 417 -33.46 30.02 -29.84
N ILE C 418 -33.83 28.74 -29.67
CA ILE C 418 -34.51 28.31 -28.45
C ILE C 418 -33.55 28.29 -27.27
N ALA C 419 -32.33 27.79 -27.47
CA ALA C 419 -31.39 27.63 -26.38
C ALA C 419 -30.87 28.95 -25.83
N ASP C 420 -31.11 30.07 -26.52
CA ASP C 420 -30.62 31.36 -26.07
C ASP C 420 -31.71 32.35 -25.72
N TYR C 421 -32.95 32.12 -26.13
CA TYR C 421 -34.04 33.06 -25.83
C TYR C 421 -35.33 32.40 -25.36
N ASN C 422 -35.49 31.09 -25.50
CA ASN C 422 -36.70 30.41 -25.06
C ASN C 422 -36.46 29.53 -23.85
N TYR C 423 -35.49 28.63 -23.92
CA TYR C 423 -35.18 27.72 -22.82
C TYR C 423 -33.71 27.39 -22.87
N LYS C 424 -32.97 27.79 -21.84
CA LYS C 424 -31.54 27.55 -21.76
C LYS C 424 -31.26 26.42 -20.77
N LEU C 425 -30.37 25.52 -21.15
CA LEU C 425 -30.00 24.40 -20.31
C LEU C 425 -28.62 24.65 -19.73
N PRO C 426 -28.45 24.60 -18.41
CA PRO C 426 -27.15 24.95 -17.81
C PRO C 426 -26.04 24.06 -18.31
N ASP C 427 -24.85 24.65 -18.44
CA ASP C 427 -23.67 23.97 -18.99
C ASP C 427 -23.48 22.58 -18.41
N ASP C 428 -23.29 22.49 -17.09
CA ASP C 428 -23.24 21.20 -16.43
C ASP C 428 -24.65 20.66 -16.25
N PHE C 429 -24.93 19.50 -16.85
CA PHE C 429 -26.26 18.89 -16.81
C PHE C 429 -26.15 17.46 -16.32
N THR C 430 -27.01 17.08 -15.38
CA THR C 430 -26.98 15.77 -14.74
C THR C 430 -28.19 14.91 -15.08
N GLY C 431 -28.83 15.15 -16.22
CA GLY C 431 -30.04 14.42 -16.54
C GLY C 431 -30.12 13.87 -17.95
N CYS C 432 -31.32 13.45 -18.35
CA CYS C 432 -31.59 12.91 -19.67
C CYS C 432 -32.63 13.78 -20.38
N VAL C 433 -32.81 13.52 -21.66
CA VAL C 433 -33.73 14.29 -22.51
C VAL C 433 -34.54 13.33 -23.36
N ILE C 434 -35.83 13.20 -23.07
CA ILE C 434 -36.74 12.54 -23.99
C ILE C 434 -36.85 13.39 -25.26
N ALA C 435 -36.96 12.74 -26.41
CA ALA C 435 -37.05 13.48 -27.66
C ALA C 435 -37.72 12.61 -28.72
N TRP C 436 -38.90 13.01 -29.17
CA TRP C 436 -39.57 12.34 -30.27
C TRP C 436 -40.24 13.37 -31.17
N ASN C 437 -40.58 12.94 -32.38
CA ASN C 437 -41.40 13.74 -33.27
C ASN C 437 -42.87 13.52 -32.92
N SER C 438 -43.59 14.61 -32.64
CA SER C 438 -45.00 14.49 -32.29
C SER C 438 -45.82 13.92 -33.45
N ASN C 439 -45.53 14.38 -34.67
CA ASN C 439 -46.15 13.89 -35.91
C ASN C 439 -47.65 14.17 -35.85
N ASN C 440 -48.52 13.15 -36.01
CA ASN C 440 -49.92 13.39 -36.33
C ASN C 440 -50.67 14.10 -35.21
N LEU C 441 -50.35 13.77 -33.95
CA LEU C 441 -51.19 14.20 -32.84
C LEU C 441 -51.25 15.72 -32.72
N ASP C 442 -50.10 16.39 -32.88
CA ASP C 442 -50.06 17.85 -32.76
C ASP C 442 -50.05 18.56 -34.11
N SER C 443 -49.73 17.86 -35.20
CA SER C 443 -49.75 18.47 -36.54
C SER C 443 -51.19 18.45 -37.05
N LYS C 444 -51.97 19.41 -36.54
CA LYS C 444 -53.35 19.55 -36.99
C LYS C 444 -53.40 19.89 -38.47
N VAL C 445 -54.31 19.24 -39.19
CA VAL C 445 -54.42 19.46 -40.63
C VAL C 445 -54.81 20.91 -40.91
N GLY C 446 -54.29 21.44 -42.00
CA GLY C 446 -54.51 22.83 -42.34
C GLY C 446 -53.66 23.83 -41.60
N GLY C 447 -52.70 23.36 -40.79
CA GLY C 447 -51.83 24.26 -40.07
C GLY C 447 -52.18 24.41 -38.60
N ASN C 448 -51.28 24.00 -37.72
CA ASN C 448 -51.48 24.14 -36.28
C ASN C 448 -50.58 25.26 -35.76
N TYR C 449 -51.20 26.30 -35.21
CA TYR C 449 -50.49 27.45 -34.67
C TYR C 449 -50.72 27.57 -33.17
N ASN C 450 -50.71 26.43 -32.48
CA ASN C 450 -51.10 26.41 -31.07
C ASN C 450 -50.08 27.09 -30.19
N TYR C 451 -48.79 26.80 -30.37
CA TYR C 451 -47.75 27.27 -29.48
C TYR C 451 -46.86 28.28 -30.19
N LEU C 452 -46.16 29.08 -29.38
CA LEU C 452 -45.33 30.17 -29.88
C LEU C 452 -43.90 30.01 -29.37
N TYR C 453 -42.98 30.68 -30.04
CA TYR C 453 -41.58 30.75 -29.64
C TYR C 453 -41.16 32.21 -29.56
N ARG C 454 -40.01 32.46 -28.94
CA ARG C 454 -39.50 33.81 -28.77
C ARG C 454 -38.04 33.86 -29.19
N LEU C 455 -37.67 34.96 -29.84
CA LEU C 455 -36.30 35.19 -30.30
C LEU C 455 -35.70 36.50 -29.80
N PHE C 456 -36.47 37.56 -29.70
CA PHE C 456 -35.94 38.92 -29.71
C PHE C 456 -35.81 39.45 -28.29
N ARG C 457 -34.58 39.50 -27.79
CA ARG C 457 -34.29 40.18 -26.54
C ARG C 457 -32.81 40.53 -26.53
N LYS C 458 -32.44 41.46 -25.65
CA LYS C 458 -31.12 42.07 -25.71
C LYS C 458 -30.04 41.15 -25.17
N SER C 459 -30.36 40.31 -24.18
CA SER C 459 -29.37 39.51 -23.49
C SER C 459 -29.67 38.03 -23.65
N ASN C 460 -28.63 37.22 -23.52
CA ASN C 460 -28.78 35.78 -23.54
C ASN C 460 -29.57 35.32 -22.32
N LEU C 461 -30.43 34.33 -22.52
CA LEU C 461 -31.30 33.87 -21.45
C LEU C 461 -30.49 33.22 -20.34
N LYS C 462 -30.86 33.51 -19.09
CA LYS C 462 -30.23 32.87 -17.96
C LYS C 462 -30.67 31.40 -17.88
N PRO C 463 -29.84 30.53 -17.31
CA PRO C 463 -30.21 29.11 -17.24
C PRO C 463 -31.50 28.91 -16.46
N PHE C 464 -32.34 28.01 -16.97
CA PHE C 464 -33.60 27.64 -16.32
C PHE C 464 -34.45 28.87 -16.00
N GLU C 465 -34.82 29.60 -17.06
CA GLU C 465 -35.54 30.85 -16.93
C GLU C 465 -36.74 30.87 -17.85
N ARG C 466 -37.75 31.64 -17.46
CA ARG C 466 -38.95 31.86 -18.26
C ARG C 466 -39.12 33.35 -18.50
N ASP C 467 -39.02 33.76 -19.76
CA ASP C 467 -39.28 35.14 -20.17
C ASP C 467 -40.65 35.18 -20.81
N ILE C 468 -41.68 35.37 -19.99
CA ILE C 468 -43.06 35.43 -20.46
C ILE C 468 -43.47 36.87 -20.73
N SER C 469 -42.51 37.79 -20.72
CA SER C 469 -42.81 39.21 -20.92
C SER C 469 -43.34 39.45 -22.32
N THR C 470 -44.64 39.72 -22.45
CA THR C 470 -45.25 40.02 -23.73
C THR C 470 -45.15 41.53 -24.02
N GLU C 471 -43.92 42.03 -23.92
CA GLU C 471 -43.61 43.41 -24.24
C GLU C 471 -42.65 43.42 -25.43
N ILE C 472 -42.89 44.37 -26.33
CA ILE C 472 -42.21 44.34 -27.63
C ILE C 472 -40.79 44.88 -27.46
N TYR C 473 -39.84 44.25 -28.15
CA TYR C 473 -38.42 44.55 -27.98
C TYR C 473 -37.97 45.86 -28.61
N GLN C 474 -38.15 46.97 -27.89
CA GLN C 474 -37.25 48.13 -27.93
C GLN C 474 -36.99 48.65 -29.35
N ALA C 475 -37.76 48.19 -30.33
CA ALA C 475 -37.52 48.48 -31.76
C ALA C 475 -36.04 48.22 -32.06
N GLY C 476 -35.36 49.08 -32.81
CA GLY C 476 -33.93 48.99 -32.99
C GLY C 476 -33.22 50.14 -32.30
N SER C 477 -32.82 51.14 -33.09
CA SER C 477 -32.26 52.35 -32.51
C SER C 477 -33.31 53.15 -31.76
N THR C 478 -34.47 53.37 -32.38
CA THR C 478 -35.55 54.14 -31.81
C THR C 478 -36.28 53.37 -30.73
N PRO C 479 -36.94 54.05 -29.79
CA PRO C 479 -37.76 53.35 -28.81
C PRO C 479 -39.15 53.06 -29.36
N CYS C 480 -39.67 51.87 -29.02
CA CYS C 480 -41.02 51.50 -29.44
C CYS C 480 -42.06 52.44 -28.86
N ASN C 481 -41.97 52.73 -27.56
CA ASN C 481 -42.97 53.53 -26.85
C ASN C 481 -44.35 52.90 -26.95
N GLY C 482 -44.39 51.56 -27.01
CA GLY C 482 -45.61 50.79 -26.90
C GLY C 482 -46.26 50.39 -28.21
N VAL C 483 -45.83 50.95 -29.33
CA VAL C 483 -46.48 50.71 -30.62
C VAL C 483 -45.56 49.90 -31.53
N GLU C 484 -46.13 48.89 -32.18
CA GLU C 484 -45.39 48.12 -33.17
C GLU C 484 -45.26 48.91 -34.47
N GLY C 485 -44.05 48.94 -35.01
CA GLY C 485 -43.78 49.68 -36.23
C GLY C 485 -42.81 48.95 -37.15
N PHE C 486 -42.03 49.71 -37.92
CA PHE C 486 -41.02 49.08 -38.77
C PHE C 486 -39.81 48.65 -37.94
N ASN C 487 -39.26 49.55 -37.13
CA ASN C 487 -38.20 49.17 -36.21
C ASN C 487 -38.71 48.24 -35.12
N CYS C 488 -39.98 48.42 -34.73
CA CYS C 488 -40.55 47.72 -33.59
C CYS C 488 -41.18 46.41 -34.06
N TYR C 489 -40.72 45.30 -33.48
CA TYR C 489 -41.18 43.97 -33.87
C TYR C 489 -41.49 43.12 -32.65
N PHE C 490 -42.63 42.42 -32.71
CA PHE C 490 -43.14 41.60 -31.62
C PHE C 490 -42.20 40.42 -31.35
N PRO C 491 -41.95 40.09 -30.08
CA PRO C 491 -40.98 39.03 -29.79
C PRO C 491 -41.46 37.64 -30.16
N LEU C 492 -42.70 37.29 -29.83
CA LEU C 492 -43.20 35.95 -30.02
C LEU C 492 -43.69 35.74 -31.45
N GLN C 493 -43.45 34.54 -31.98
CA GLN C 493 -43.92 34.15 -33.30
C GLN C 493 -44.47 32.73 -33.22
N SER C 494 -45.51 32.46 -33.98
CA SER C 494 -46.29 31.24 -33.82
C SER C 494 -45.71 30.07 -34.60
N TYR C 495 -45.97 28.86 -34.10
CA TYR C 495 -45.69 27.64 -34.85
C TYR C 495 -46.57 27.55 -36.09
N GLY C 496 -46.12 26.73 -37.05
CA GLY C 496 -46.70 26.64 -38.36
C GLY C 496 -46.99 25.21 -38.82
N PHE C 497 -47.51 24.37 -37.93
CA PHE C 497 -47.57 22.92 -38.17
C PHE C 497 -48.62 22.59 -39.24
N GLN C 498 -48.24 22.77 -40.49
CA GLN C 498 -49.01 22.23 -41.60
C GLN C 498 -48.91 20.71 -41.60
N PRO C 499 -49.85 20.02 -42.26
CA PRO C 499 -49.84 18.55 -42.20
C PRO C 499 -48.55 17.90 -42.69
N THR C 500 -47.90 18.44 -43.74
CA THR C 500 -46.77 17.71 -44.31
C THR C 500 -45.48 17.97 -43.52
N ASN C 501 -44.96 19.20 -43.60
CA ASN C 501 -43.77 19.64 -42.88
C ASN C 501 -42.72 18.54 -42.66
N GLY C 502 -42.22 17.97 -43.75
CA GLY C 502 -41.33 16.82 -43.66
C GLY C 502 -40.17 16.96 -42.69
N VAL C 503 -40.21 16.17 -41.61
CA VAL C 503 -39.16 16.13 -40.59
C VAL C 503 -39.00 17.49 -39.93
N GLY C 504 -38.48 18.45 -40.69
CA GLY C 504 -38.16 19.75 -40.12
C GLY C 504 -39.41 20.60 -39.94
N TYR C 505 -39.44 21.40 -38.87
CA TYR C 505 -40.48 22.39 -38.62
C TYR C 505 -41.85 21.71 -38.47
N GLN C 506 -41.83 20.46 -38.00
CA GLN C 506 -42.95 19.57 -37.69
C GLN C 506 -43.07 19.52 -36.17
N PRO C 507 -44.26 19.34 -35.58
CA PRO C 507 -44.32 19.31 -34.11
C PRO C 507 -43.44 18.22 -33.51
N TYR C 508 -42.84 18.57 -32.36
CA TYR C 508 -41.74 17.79 -31.80
C TYR C 508 -41.81 17.96 -30.28
N ARG C 509 -42.44 16.99 -29.62
CA ARG C 509 -42.61 17.05 -28.18
C ARG C 509 -41.30 16.70 -27.48
N VAL C 510 -41.04 17.36 -26.35
CA VAL C 510 -39.79 17.12 -25.63
C VAL C 510 -39.98 17.47 -24.16
N VAL C 511 -39.31 16.70 -23.30
CA VAL C 511 -39.25 16.99 -21.87
C VAL C 511 -37.79 16.95 -21.44
N VAL C 512 -37.47 17.71 -20.40
CA VAL C 512 -36.11 17.80 -19.86
C VAL C 512 -36.18 17.41 -18.38
N LEU C 513 -35.32 16.49 -17.98
CA LEU C 513 -35.22 16.01 -16.61
C LEU C 513 -33.88 16.44 -16.04
N SER C 514 -33.89 17.31 -15.03
CA SER C 514 -32.66 17.89 -14.52
C SER C 514 -31.97 17.04 -13.47
N PHE C 515 -32.72 16.31 -12.66
CA PHE C 515 -32.17 15.47 -11.59
C PHE C 515 -31.32 16.30 -10.62
N GLU C 516 -31.98 17.25 -9.96
CA GLU C 516 -31.31 18.10 -8.98
C GLU C 516 -31.01 17.31 -7.71
N LEU C 517 -29.78 17.41 -7.22
CA LEU C 517 -29.35 16.76 -5.99
C LEU C 517 -28.75 17.80 -5.07
N LEU C 518 -29.26 17.88 -3.84
CA LEU C 518 -28.79 18.87 -2.89
C LEU C 518 -28.33 18.21 -1.59
N HIS C 519 -27.97 19.02 -0.60
CA HIS C 519 -27.63 18.51 0.73
C HIS C 519 -28.90 18.30 1.56
N ALA C 520 -29.83 17.55 0.99
CA ALA C 520 -31.14 17.30 1.57
C ALA C 520 -31.46 15.83 1.41
N PRO C 521 -32.41 15.31 2.18
CA PRO C 521 -32.80 13.89 2.01
C PRO C 521 -33.25 13.59 0.60
N ALA C 522 -32.63 12.58 -0.01
CA ALA C 522 -32.99 12.19 -1.36
C ALA C 522 -34.30 11.41 -1.33
N THR C 523 -35.31 11.92 -2.04
CA THR C 523 -36.65 11.35 -1.98
C THR C 523 -37.04 10.58 -3.23
N VAL C 524 -36.38 10.80 -4.36
CA VAL C 524 -36.68 10.09 -5.61
C VAL C 524 -35.51 9.17 -5.91
N CYS C 525 -35.82 7.89 -6.12
CA CYS C 525 -34.83 6.86 -6.39
C CYS C 525 -35.38 5.90 -7.45
N GLY C 526 -34.49 5.12 -8.03
CA GLY C 526 -34.89 4.12 -9.01
C GLY C 526 -35.59 2.95 -8.36
N PRO C 527 -36.15 2.08 -9.20
CA PRO C 527 -36.80 0.87 -8.68
C PRO C 527 -35.81 -0.02 -7.95
N LYS C 528 -36.31 -0.74 -6.95
CA LYS C 528 -35.48 -1.58 -6.10
C LYS C 528 -35.56 -3.06 -6.45
N LYS C 529 -36.78 -3.56 -6.68
CA LYS C 529 -37.12 -4.91 -7.16
C LYS C 529 -36.63 -6.04 -6.26
N SER C 530 -37.47 -7.04 -6.07
CA SER C 530 -37.17 -8.20 -5.24
C SER C 530 -37.09 -9.45 -6.12
N THR C 531 -36.68 -10.57 -5.52
CA THR C 531 -36.60 -11.83 -6.26
C THR C 531 -37.57 -12.88 -5.74
N ASN C 532 -37.45 -13.28 -4.48
CA ASN C 532 -38.30 -14.33 -3.90
C ASN C 532 -37.97 -14.54 -2.42
N LEU C 533 -38.71 -15.44 -1.78
CA LEU C 533 -38.42 -15.86 -0.40
C LEU C 533 -38.02 -17.33 -0.43
N VAL C 534 -36.92 -17.66 0.21
CA VAL C 534 -36.42 -19.03 0.26
C VAL C 534 -36.40 -19.49 1.71
N LYS C 535 -37.04 -20.63 1.96
CA LYS C 535 -37.10 -21.27 3.27
C LYS C 535 -35.82 -22.05 3.56
N ASN C 536 -35.90 -23.08 4.40
CA ASN C 536 -34.84 -23.56 5.27
C ASN C 536 -33.50 -23.86 4.59
N LYS C 537 -33.39 -23.59 3.29
CA LYS C 537 -32.09 -23.66 2.65
C LYS C 537 -31.16 -22.56 3.19
N CYS C 538 -29.86 -22.73 2.93
CA CYS C 538 -28.84 -21.76 3.32
C CYS C 538 -28.67 -20.74 2.20
N VAL C 539 -29.18 -19.53 2.42
CA VAL C 539 -29.17 -18.51 1.36
C VAL C 539 -28.46 -17.25 1.82
N ASN C 540 -28.36 -16.27 0.91
CA ASN C 540 -27.80 -14.95 1.18
C ASN C 540 -28.92 -13.94 0.96
N PHE C 541 -29.18 -13.11 1.98
CA PHE C 541 -30.28 -12.16 1.96
C PHE C 541 -29.78 -10.74 2.11
N ASN C 542 -30.57 -9.80 1.59
CA ASN C 542 -30.30 -8.37 1.68
C ASN C 542 -31.27 -7.66 2.60
N PHE C 543 -32.58 -7.84 2.40
CA PHE C 543 -33.62 -7.33 3.30
C PHE C 543 -33.43 -5.84 3.61
N ASN C 544 -33.45 -5.05 2.54
CA ASN C 544 -33.43 -3.58 2.65
C ASN C 544 -32.20 -3.10 3.42
N GLY C 545 -31.06 -3.75 3.19
CA GLY C 545 -29.82 -3.37 3.84
C GLY C 545 -29.37 -4.28 4.96
N LEU C 546 -30.21 -5.22 5.39
CA LEU C 546 -29.85 -6.18 6.44
C LEU C 546 -29.09 -7.36 5.82
N THR C 547 -27.99 -7.04 5.14
CA THR C 547 -27.25 -8.03 4.38
C THR C 547 -26.68 -9.11 5.29
N GLY C 548 -26.66 -10.33 4.77
CA GLY C 548 -26.09 -11.44 5.52
C GLY C 548 -26.39 -12.75 4.83
N THR C 549 -26.04 -13.82 5.52
CA THR C 549 -26.27 -15.18 5.05
C THR C 549 -26.83 -16.01 6.20
N GLY C 550 -27.72 -16.93 5.87
CA GLY C 550 -28.26 -17.80 6.90
C GLY C 550 -29.40 -18.67 6.38
N VAL C 551 -30.02 -19.35 7.34
CA VAL C 551 -31.22 -20.15 7.08
C VAL C 551 -32.42 -19.34 7.53
N LEU C 552 -33.36 -19.13 6.61
CA LEU C 552 -34.54 -18.29 6.87
C LEU C 552 -35.74 -19.18 7.13
N THR C 553 -35.88 -19.60 8.38
CA THR C 553 -37.01 -20.44 8.76
C THR C 553 -38.22 -19.57 9.06
N GLU C 554 -39.39 -20.21 9.13
CA GLU C 554 -40.63 -19.52 9.47
C GLU C 554 -40.78 -19.51 10.98
N SER C 555 -40.86 -18.32 11.56
CA SER C 555 -40.87 -18.15 13.01
C SER C 555 -42.29 -18.04 13.54
N ASN C 556 -42.43 -18.29 14.84
CA ASN C 556 -43.72 -18.28 15.51
C ASN C 556 -44.01 -17.00 16.30
N LYS C 557 -42.99 -16.22 16.61
CA LYS C 557 -43.18 -15.01 17.40
C LYS C 557 -43.67 -13.86 16.53
N LYS C 558 -44.46 -12.97 17.14
CA LYS C 558 -45.06 -11.85 16.43
C LYS C 558 -44.42 -10.54 16.87
N PHE C 559 -44.21 -9.64 15.90
CA PHE C 559 -43.67 -8.34 16.18
C PHE C 559 -44.80 -7.33 16.39
N LEU C 560 -44.43 -6.08 16.62
CA LEU C 560 -45.37 -4.97 16.59
C LEU C 560 -45.59 -4.53 15.15
N PRO C 561 -46.69 -3.83 14.87
CA PRO C 561 -46.97 -3.42 13.48
C PRO C 561 -45.85 -2.60 12.85
N PHE C 562 -45.20 -1.74 13.61
CA PHE C 562 -44.09 -0.94 13.11
C PHE C 562 -42.74 -1.64 13.29
N GLN C 563 -42.73 -2.82 13.91
CA GLN C 563 -41.49 -3.44 14.37
C GLN C 563 -40.79 -4.12 13.19
N GLN C 564 -39.68 -3.53 12.73
CA GLN C 564 -38.98 -4.02 11.55
C GLN C 564 -38.39 -5.41 11.74
N PHE C 565 -37.41 -5.55 12.65
CA PHE C 565 -36.71 -6.82 12.80
C PHE C 565 -36.20 -6.94 14.23
N GLY C 566 -35.82 -8.16 14.60
CA GLY C 566 -35.37 -8.44 15.94
C GLY C 566 -33.92 -8.82 16.09
N ARG C 567 -33.35 -8.57 17.27
CA ARG C 567 -32.00 -9.00 17.61
C ARG C 567 -32.00 -9.76 18.93
N ASP C 568 -30.82 -10.06 19.45
CA ASP C 568 -30.66 -10.78 20.69
C ASP C 568 -29.88 -9.91 21.69
N ILE C 569 -29.50 -10.52 22.81
CA ILE C 569 -28.71 -9.81 23.83
C ILE C 569 -27.38 -9.35 23.26
N ALA C 570 -26.85 -10.07 22.26
CA ALA C 570 -25.58 -9.73 21.65
C ALA C 570 -25.74 -8.81 20.45
N ASP C 571 -26.96 -8.32 20.19
CA ASP C 571 -27.23 -7.39 19.09
C ASP C 571 -26.89 -8.00 17.73
N THR C 572 -27.13 -9.30 17.59
CA THR C 572 -27.05 -9.99 16.31
C THR C 572 -28.46 -10.37 15.88
N THR C 573 -28.80 -10.04 14.63
CA THR C 573 -30.15 -10.27 14.14
C THR C 573 -30.50 -11.75 14.19
N ASP C 574 -31.68 -12.06 14.73
CA ASP C 574 -32.18 -13.42 14.78
C ASP C 574 -33.60 -13.54 14.25
N ALA C 575 -34.18 -12.43 13.79
CA ALA C 575 -35.51 -12.44 13.18
C ALA C 575 -35.60 -11.23 12.26
N VAL C 576 -36.58 -11.27 11.36
CA VAL C 576 -36.73 -10.23 10.35
C VAL C 576 -38.15 -10.29 9.80
N ARG C 577 -38.60 -9.18 9.23
CA ARG C 577 -39.89 -9.11 8.57
C ARG C 577 -39.66 -8.67 7.12
N ASP C 578 -39.94 -9.58 6.18
CA ASP C 578 -39.73 -9.28 4.78
C ASP C 578 -40.64 -8.13 4.35
N PRO C 579 -40.13 -7.21 3.51
CA PRO C 579 -40.99 -6.10 3.06
C PRO C 579 -42.21 -6.54 2.28
N GLN C 580 -42.10 -7.59 1.47
CA GLN C 580 -43.21 -8.01 0.62
C GLN C 580 -44.43 -8.43 1.43
N THR C 581 -44.32 -9.53 2.17
CA THR C 581 -45.38 -9.97 3.04
C THR C 581 -45.17 -9.34 4.42
N LEU C 582 -45.88 -9.82 5.45
CA LEU C 582 -45.72 -9.26 6.78
C LEU C 582 -45.62 -10.35 7.84
N GLU C 583 -45.05 -11.50 7.50
CA GLU C 583 -44.76 -12.51 8.51
C GLU C 583 -43.31 -12.41 8.94
N ILE C 584 -43.02 -13.01 10.08
CA ILE C 584 -41.70 -12.91 10.70
C ILE C 584 -40.93 -14.20 10.42
N LEU C 585 -39.71 -14.06 9.92
CA LEU C 585 -38.82 -15.19 9.70
C LEU C 585 -37.67 -15.17 10.68
N ASP C 586 -37.29 -16.36 11.14
CA ASP C 586 -36.17 -16.53 12.05
C ASP C 586 -34.91 -16.80 11.24
N ILE C 587 -33.86 -16.02 11.49
CA ILE C 587 -32.58 -16.16 10.81
C ILE C 587 -31.67 -16.98 11.71
N THR C 588 -31.42 -18.23 11.31
CA THR C 588 -30.45 -19.03 12.04
C THR C 588 -29.14 -19.08 11.27
N PRO C 589 -28.00 -19.22 11.96
CA PRO C 589 -26.73 -19.34 11.23
C PRO C 589 -26.68 -20.63 10.43
N CYS C 590 -26.08 -20.55 9.24
CA CYS C 590 -25.88 -21.75 8.46
C CYS C 590 -24.91 -22.68 9.18
N SER C 591 -25.27 -23.96 9.24
CA SER C 591 -24.58 -24.89 10.12
C SER C 591 -23.09 -24.97 9.79
N PHE C 592 -22.27 -24.63 10.78
CA PHE C 592 -20.82 -24.69 10.66
C PHE C 592 -20.29 -25.54 11.82
N GLY C 593 -19.15 -26.17 11.59
CA GLY C 593 -18.60 -27.05 12.61
C GLY C 593 -17.36 -27.79 12.17
N GLY C 594 -16.45 -28.03 13.12
CA GLY C 594 -15.21 -28.71 12.80
C GLY C 594 -15.42 -30.17 12.45
N VAL C 595 -14.47 -30.70 11.70
CA VAL C 595 -14.49 -32.10 11.27
C VAL C 595 -13.38 -32.85 11.99
N SER C 596 -13.71 -34.00 12.56
CA SER C 596 -12.76 -34.80 13.32
C SER C 596 -12.64 -36.18 12.69
N VAL C 597 -11.45 -36.77 12.80
CA VAL C 597 -11.18 -38.09 12.27
C VAL C 597 -10.94 -39.04 13.44
N ILE C 598 -11.65 -40.17 13.42
CA ILE C 598 -11.59 -41.19 14.45
C ILE C 598 -10.65 -42.27 13.93
N THR C 599 -9.57 -42.53 14.66
CA THR C 599 -8.60 -43.52 14.20
C THR C 599 -8.34 -44.55 15.28
N PRO C 600 -8.42 -45.84 14.97
CA PRO C 600 -8.05 -46.87 15.94
C PRO C 600 -6.57 -47.20 15.97
N GLY C 601 -5.73 -46.39 15.33
CA GLY C 601 -4.30 -46.64 15.33
C GLY C 601 -3.79 -47.13 14.00
N THR C 602 -2.79 -46.44 13.45
CA THR C 602 -2.22 -46.85 12.16
C THR C 602 -1.67 -48.27 12.24
N ASN C 603 -1.11 -48.65 13.39
CA ASN C 603 -0.60 -50.01 13.55
C ASN C 603 -1.70 -51.05 13.38
N THR C 604 -2.86 -50.81 13.99
CA THR C 604 -3.91 -51.82 14.00
C THR C 604 -4.61 -51.91 12.65
N SER C 605 -5.05 -50.77 12.11
CA SER C 605 -5.80 -50.78 10.86
C SER C 605 -5.73 -49.38 10.24
N ASN C 606 -6.18 -49.30 8.99
CA ASN C 606 -6.26 -48.03 8.27
C ASN C 606 -7.69 -47.59 8.04
N GLN C 607 -8.67 -48.24 8.68
CA GLN C 607 -10.07 -47.88 8.57
C GLN C 607 -10.39 -46.82 9.61
N VAL C 608 -10.91 -45.67 9.15
CA VAL C 608 -11.16 -44.53 10.02
C VAL C 608 -12.64 -44.17 9.95
N ALA C 609 -13.07 -43.37 10.92
CA ALA C 609 -14.42 -42.81 10.94
C ALA C 609 -14.33 -41.29 10.93
N VAL C 610 -15.46 -40.64 10.66
CA VAL C 610 -15.51 -39.19 10.59
C VAL C 610 -16.59 -38.70 11.55
N LEU C 611 -16.34 -37.56 12.19
CA LEU C 611 -17.33 -36.90 13.04
C LEU C 611 -17.51 -35.47 12.57
N TYR C 612 -18.76 -35.06 12.39
CA TYR C 612 -19.11 -33.68 12.08
C TYR C 612 -19.78 -33.10 13.32
N GLN C 613 -19.14 -32.11 13.94
CA GLN C 613 -19.49 -31.72 15.31
C GLN C 613 -20.91 -31.16 15.39
N ASP C 614 -21.17 -30.04 14.71
CA ASP C 614 -22.42 -29.33 14.93
C ASP C 614 -23.55 -29.77 14.01
N VAL C 615 -23.23 -30.13 12.77
CA VAL C 615 -24.25 -30.30 11.73
C VAL C 615 -25.11 -31.52 12.01
N ASN C 616 -26.27 -31.57 11.35
CA ASN C 616 -27.12 -32.75 11.35
C ASN C 616 -26.62 -33.74 10.29
N CYS C 617 -27.03 -35.00 10.44
CA CYS C 617 -26.57 -36.07 9.58
C CYS C 617 -27.06 -35.92 8.13
N THR C 618 -28.03 -35.06 7.88
CA THR C 618 -28.54 -34.86 6.53
C THR C 618 -27.65 -33.96 5.68
N GLU C 619 -26.61 -33.37 6.24
CA GLU C 619 -25.80 -32.37 5.56
C GLU C 619 -24.46 -32.98 5.15
N VAL C 620 -24.10 -32.81 3.88
CA VAL C 620 -22.82 -33.28 3.36
C VAL C 620 -22.20 -32.20 2.49
N ASN C 641 -22.05 -46.78 8.50
CA ASN C 641 -23.35 -46.12 8.52
C ASN C 641 -23.23 -44.66 8.92
N VAL C 642 -24.36 -43.96 8.95
CA VAL C 642 -24.41 -42.58 9.43
C VAL C 642 -25.25 -42.56 10.71
N PHE C 643 -24.58 -42.39 11.83
CA PHE C 643 -25.21 -42.35 13.15
C PHE C 643 -25.22 -40.91 13.65
N GLN C 644 -26.18 -40.60 14.52
CA GLN C 644 -26.35 -39.26 15.06
C GLN C 644 -26.10 -39.28 16.55
N THR C 645 -25.24 -38.39 17.02
CA THR C 645 -24.95 -38.23 18.44
C THR C 645 -25.18 -36.78 18.85
N ARG C 646 -25.29 -36.56 20.16
CA ARG C 646 -25.26 -35.20 20.68
C ARG C 646 -23.93 -34.54 20.36
N ALA C 647 -22.84 -35.31 20.33
CA ALA C 647 -21.55 -34.78 19.93
C ALA C 647 -21.56 -34.37 18.46
N GLY C 648 -22.19 -35.16 17.60
CA GLY C 648 -22.26 -34.84 16.19
C GLY C 648 -22.68 -36.04 15.37
N CYS C 649 -22.51 -35.91 14.06
CA CYS C 649 -22.84 -36.97 13.12
C CYS C 649 -21.60 -37.82 12.86
N LEU C 650 -21.69 -39.10 13.18
CA LEU C 650 -20.62 -40.05 12.90
C LEU C 650 -20.88 -40.76 11.58
N ILE C 651 -19.84 -40.89 10.77
CA ILE C 651 -19.90 -41.57 9.49
C ILE C 651 -18.83 -42.65 9.48
N GLY C 652 -19.22 -43.87 9.12
CA GLY C 652 -18.32 -45.00 9.09
C GLY C 652 -18.27 -45.79 10.37
N ALA C 653 -18.92 -45.34 11.43
CA ALA C 653 -18.97 -46.04 12.70
C ALA C 653 -20.34 -46.67 12.88
N GLU C 654 -20.35 -47.90 13.39
CA GLU C 654 -21.58 -48.64 13.61
C GLU C 654 -21.98 -48.55 15.08
N HIS C 655 -23.19 -48.05 15.33
CA HIS C 655 -23.69 -47.94 16.69
C HIS C 655 -24.10 -49.30 17.23
N VAL C 656 -23.67 -49.60 18.45
CA VAL C 656 -23.99 -50.86 19.11
C VAL C 656 -24.57 -50.54 20.48
N ASN C 657 -25.60 -51.28 20.87
CA ASN C 657 -26.33 -51.02 22.11
C ASN C 657 -25.77 -51.79 23.30
N ASN C 658 -24.49 -52.14 23.27
CA ASN C 658 -23.83 -52.75 24.41
C ASN C 658 -23.20 -51.64 25.26
N SER C 659 -22.36 -52.03 26.22
CA SER C 659 -21.67 -51.07 27.07
C SER C 659 -20.22 -51.49 27.22
N TYR C 660 -19.30 -50.56 26.93
CA TYR C 660 -17.87 -50.81 27.02
C TYR C 660 -17.18 -49.60 27.64
N GLU C 661 -16.00 -49.84 28.22
CA GLU C 661 -15.19 -48.74 28.70
C GLU C 661 -14.76 -47.85 27.54
N CYS C 662 -14.37 -46.63 27.87
CA CYS C 662 -14.01 -45.67 26.84
C CYS C 662 -12.63 -45.98 26.27
N ASP C 663 -12.55 -46.10 24.95
CA ASP C 663 -11.28 -46.25 24.26
C ASP C 663 -10.90 -44.98 23.49
N ILE C 664 -11.82 -44.48 22.66
CA ILE C 664 -11.63 -43.22 21.94
C ILE C 664 -12.77 -42.29 22.31
N PRO C 665 -12.60 -41.43 23.32
CA PRO C 665 -13.74 -40.65 23.83
C PRO C 665 -14.36 -39.73 22.79
N ILE C 666 -15.58 -40.05 22.36
CA ILE C 666 -16.23 -39.30 21.29
C ILE C 666 -16.83 -38.01 21.82
N GLY C 667 -17.59 -38.11 22.90
CA GLY C 667 -18.22 -36.94 23.51
C GLY C 667 -19.67 -37.18 23.87
N ALA C 668 -20.16 -36.39 24.82
CA ALA C 668 -21.56 -36.42 25.25
C ALA C 668 -21.99 -37.83 25.67
N GLY C 669 -21.09 -38.53 26.34
CA GLY C 669 -21.38 -39.87 26.78
C GLY C 669 -21.21 -40.95 25.73
N ILE C 670 -20.55 -40.64 24.62
CA ILE C 670 -20.33 -41.58 23.53
C ILE C 670 -18.83 -41.85 23.44
N CYS C 671 -18.48 -43.14 23.36
CA CYS C 671 -17.10 -43.55 23.17
C CYS C 671 -17.04 -44.62 22.08
N ALA C 672 -15.92 -44.67 21.37
CA ALA C 672 -15.73 -45.56 20.24
C ALA C 672 -14.69 -46.61 20.56
N SER C 673 -14.51 -47.56 19.64
CA SER C 673 -13.48 -48.60 19.79
C SER C 673 -13.42 -49.41 18.51
N TYR C 674 -12.29 -50.06 18.24
CA TYR C 674 -12.22 -50.94 17.08
C TYR C 674 -12.39 -52.33 17.62
N GLN C 675 -13.52 -52.94 17.33
CA GLN C 675 -13.81 -54.28 17.86
C GLN C 675 -14.52 -55.09 16.81
N GLN C 690 -13.17 -55.90 14.06
CA GLN C 690 -13.52 -55.91 12.64
C GLN C 690 -13.89 -54.52 12.13
N SER C 691 -14.40 -53.65 12.99
CA SER C 691 -14.85 -52.34 12.54
C SER C 691 -14.88 -51.30 13.65
N ILE C 692 -15.09 -50.04 13.28
CA ILE C 692 -15.21 -48.96 14.26
C ILE C 692 -16.64 -48.93 14.79
N ILE C 693 -16.79 -49.08 16.10
CA ILE C 693 -18.08 -49.07 16.77
C ILE C 693 -18.15 -47.85 17.67
N ALA C 694 -19.33 -47.29 17.81
CA ALA C 694 -19.62 -46.19 18.72
C ALA C 694 -20.74 -46.60 19.65
N TYR C 695 -20.62 -46.22 20.92
CA TYR C 695 -21.58 -46.69 21.91
C TYR C 695 -21.66 -45.68 23.05
N THR C 696 -22.62 -45.94 23.96
CA THR C 696 -22.72 -45.17 25.19
C THR C 696 -21.76 -45.76 26.21
N MET C 697 -20.88 -44.92 26.75
CA MET C 697 -19.84 -45.41 27.64
C MET C 697 -20.44 -45.97 28.93
N SER C 698 -19.75 -46.97 29.48
CA SER C 698 -20.07 -47.53 30.77
C SER C 698 -18.98 -47.18 31.76
N LEU C 699 -19.37 -46.66 32.93
CA LEU C 699 -18.40 -46.21 33.91
C LEU C 699 -17.62 -47.35 34.55
N GLY C 700 -18.04 -48.59 34.35
CA GLY C 700 -17.36 -49.74 34.89
C GLY C 700 -18.37 -50.81 35.25
N ALA C 701 -17.91 -51.77 36.04
CA ALA C 701 -18.77 -52.86 36.47
C ALA C 701 -19.68 -52.40 37.60
N GLU C 702 -20.96 -52.73 37.50
CA GLU C 702 -21.94 -52.35 38.50
C GLU C 702 -21.89 -53.29 39.70
N ASN C 703 -20.74 -53.29 40.37
CA ASN C 703 -20.55 -54.14 41.53
C ASN C 703 -21.46 -53.70 42.67
N SER C 704 -22.05 -54.68 43.35
CA SER C 704 -22.93 -54.43 44.48
C SER C 704 -22.34 -55.13 45.70
N VAL C 705 -21.76 -54.35 46.61
CA VAL C 705 -21.15 -54.91 47.81
C VAL C 705 -22.21 -55.62 48.64
N ALA C 706 -21.83 -56.73 49.26
CA ALA C 706 -22.74 -57.53 50.07
C ALA C 706 -22.87 -56.90 51.45
N TYR C 707 -23.48 -55.72 51.47
CA TYR C 707 -23.67 -55.00 52.72
C TYR C 707 -24.67 -55.72 53.63
N SER C 708 -24.33 -55.78 54.91
CA SER C 708 -25.25 -56.23 55.94
C SER C 708 -24.87 -55.53 57.24
N ASN C 709 -25.85 -55.41 58.13
CA ASN C 709 -25.64 -54.69 59.38
C ASN C 709 -24.83 -55.49 60.40
N ASN C 710 -24.32 -56.67 60.02
CA ASN C 710 -23.46 -57.43 60.92
C ASN C 710 -22.28 -58.08 60.22
N SER C 711 -22.07 -57.85 58.93
CA SER C 711 -21.05 -58.54 58.16
C SER C 711 -19.92 -57.59 57.80
N ILE C 712 -18.69 -58.08 57.90
CA ILE C 712 -17.49 -57.33 57.52
C ILE C 712 -16.67 -58.20 56.58
N ALA C 713 -15.75 -57.55 55.85
CA ALA C 713 -14.78 -58.23 55.01
C ALA C 713 -13.39 -57.85 55.48
N ILE C 714 -12.70 -58.79 56.12
CA ILE C 714 -11.36 -58.57 56.66
C ILE C 714 -10.35 -59.17 55.69
N PRO C 715 -9.41 -58.38 55.17
CA PRO C 715 -8.39 -58.94 54.27
C PRO C 715 -7.47 -59.92 55.00
N THR C 716 -6.94 -60.87 54.24
CA THR C 716 -6.05 -61.89 54.78
C THR C 716 -4.67 -61.90 54.14
N ASN C 717 -4.40 -61.00 53.20
CA ASN C 717 -3.12 -60.97 52.50
C ASN C 717 -2.81 -59.52 52.14
N PHE C 718 -1.87 -59.34 51.22
CA PHE C 718 -1.49 -58.00 50.75
C PHE C 718 -0.73 -58.13 49.43
N THR C 719 -0.69 -57.02 48.70
CA THR C 719 -0.15 -56.97 47.35
C THR C 719 0.76 -55.76 47.20
N ILE C 720 1.75 -55.64 48.10
CA ILE C 720 2.65 -54.49 48.16
C ILE C 720 3.08 -54.10 46.75
N SER C 721 2.88 -52.83 46.40
CA SER C 721 2.98 -52.39 45.02
C SER C 721 3.79 -51.10 44.93
N VAL C 722 4.26 -50.81 43.72
CA VAL C 722 5.02 -49.61 43.44
C VAL C 722 4.34 -48.92 42.26
N THR C 723 3.51 -47.92 42.55
CA THR C 723 2.96 -47.09 41.50
C THR C 723 3.96 -46.02 41.11
N THR C 724 3.73 -45.41 39.95
CA THR C 724 4.65 -44.42 39.41
C THR C 724 3.90 -43.12 39.16
N GLU C 725 4.55 -42.01 39.49
CA GLU C 725 3.98 -40.69 39.24
C GLU C 725 5.03 -39.79 38.62
N ILE C 726 4.68 -39.06 37.58
CA ILE C 726 5.59 -38.17 36.88
C ILE C 726 5.06 -36.75 37.03
N LEU C 727 5.92 -35.84 37.49
CA LEU C 727 5.52 -34.46 37.75
C LEU C 727 6.54 -33.51 37.11
N PRO C 728 6.12 -32.62 36.22
CA PRO C 728 7.04 -31.61 35.72
C PRO C 728 7.41 -30.62 36.81
N VAL C 729 8.69 -30.25 36.85
CA VAL C 729 9.20 -29.33 37.85
C VAL C 729 9.84 -28.09 37.26
N SER C 730 10.13 -28.07 35.96
CA SER C 730 10.79 -26.92 35.36
C SER C 730 10.56 -26.93 33.85
N MET C 731 10.63 -25.75 33.26
CA MET C 731 10.57 -25.58 31.82
C MET C 731 11.88 -24.99 31.33
N THR C 732 12.04 -24.96 30.01
CA THR C 732 13.30 -24.54 29.42
C THR C 732 13.55 -23.07 29.71
N LYS C 733 14.70 -22.77 30.30
CA LYS C 733 15.10 -21.40 30.61
C LYS C 733 15.51 -20.71 29.33
N THR C 734 14.63 -19.89 28.77
CA THR C 734 14.88 -19.17 27.55
C THR C 734 14.94 -17.67 27.80
N SER C 735 15.56 -16.96 26.86
CA SER C 735 15.60 -15.51 26.87
C SER C 735 15.58 -15.00 25.45
N VAL C 736 15.07 -13.80 25.26
CA VAL C 736 14.91 -13.21 23.94
C VAL C 736 15.49 -11.80 23.96
N ASP C 737 16.34 -11.50 23.00
CA ASP C 737 16.84 -10.14 22.77
C ASP C 737 15.80 -9.42 21.92
N CYS C 738 14.94 -8.65 22.57
CA CYS C 738 13.81 -8.04 21.86
C CYS C 738 14.29 -7.10 20.76
N THR C 739 15.37 -6.35 21.01
CA THR C 739 15.92 -5.49 19.97
C THR C 739 16.39 -6.32 18.78
N MET C 740 17.19 -7.35 19.04
CA MET C 740 17.69 -8.20 17.95
C MET C 740 16.56 -8.97 17.29
N TYR C 741 15.59 -9.43 18.07
CA TYR C 741 14.45 -10.15 17.50
C TYR C 741 13.67 -9.26 16.54
N ILE C 742 13.13 -8.16 17.06
CA ILE C 742 12.22 -7.32 16.27
C ILE C 742 12.96 -6.62 15.14
N CYS C 743 14.20 -6.17 15.39
CA CYS C 743 14.91 -5.32 14.46
C CYS C 743 16.07 -5.99 13.74
N GLY C 744 16.44 -7.21 14.11
CA GLY C 744 17.60 -7.82 13.49
C GLY C 744 18.85 -7.08 13.87
N ASP C 745 19.48 -6.45 12.87
CA ASP C 745 20.65 -5.61 13.09
C ASP C 745 20.46 -4.22 12.51
N SER C 746 19.29 -3.91 11.97
CA SER C 746 19.05 -2.61 11.35
C SER C 746 19.09 -1.50 12.40
N THR C 747 19.75 -0.39 12.04
CA THR C 747 19.83 0.75 12.95
C THR C 747 18.53 1.53 12.99
N GLU C 748 17.75 1.53 11.92
CA GLU C 748 16.52 2.31 11.87
C GLU C 748 15.47 1.75 12.83
N CYS C 749 15.29 0.43 12.82
CA CYS C 749 14.35 -0.18 13.75
C CYS C 749 14.82 -0.01 15.19
N SER C 750 16.13 -0.07 15.43
CA SER C 750 16.64 0.17 16.78
C SER C 750 16.42 1.62 17.21
N ASN C 751 16.43 2.55 16.26
CA ASN C 751 16.07 3.93 16.55
C ASN C 751 14.58 4.06 16.85
N LEU C 752 13.77 3.13 16.35
CA LEU C 752 12.40 2.96 16.81
C LEU C 752 12.42 1.97 17.96
N LEU C 753 11.25 1.50 18.38
CA LEU C 753 11.10 0.53 19.46
C LEU C 753 11.52 1.15 20.79
N LEU C 754 12.02 2.38 20.74
CA LEU C 754 12.25 3.21 21.91
C LEU C 754 11.21 4.30 22.06
N GLN C 755 10.64 4.76 20.95
CA GLN C 755 9.42 5.55 21.01
C GLN C 755 8.23 4.72 21.46
N TYR C 756 8.33 3.40 21.35
CA TYR C 756 7.35 2.49 21.94
C TYR C 756 7.58 2.29 23.43
N GLY C 757 8.70 2.78 23.97
CA GLY C 757 8.92 2.77 25.39
C GLY C 757 9.75 1.59 25.89
N SER C 758 9.46 1.17 27.12
CA SER C 758 10.23 0.14 27.81
C SER C 758 9.65 -1.26 27.63
N PHE C 759 8.99 -1.52 26.49
CA PHE C 759 8.38 -2.82 26.27
C PHE C 759 9.43 -3.94 26.29
N CYS C 760 10.57 -3.71 25.64
CA CYS C 760 11.62 -4.72 25.61
C CYS C 760 12.11 -5.05 27.02
N THR C 761 12.26 -4.02 27.86
CA THR C 761 12.64 -4.26 29.25
C THR C 761 11.60 -5.11 29.96
N GLN C 762 10.31 -4.82 29.75
CA GLN C 762 9.26 -5.64 30.34
C GLN C 762 9.42 -7.10 29.92
N LEU C 763 9.63 -7.33 28.62
CA LEU C 763 9.67 -8.69 28.11
C LEU C 763 10.88 -9.45 28.66
N ASN C 764 12.06 -8.84 28.59
CA ASN C 764 13.25 -9.54 29.06
C ASN C 764 13.24 -9.70 30.57
N ARG C 765 12.65 -8.75 31.30
CA ARG C 765 12.49 -8.91 32.73
C ARG C 765 11.56 -10.08 33.05
N ALA C 766 10.48 -10.21 32.30
CA ALA C 766 9.56 -11.33 32.53
C ALA C 766 10.24 -12.66 32.25
N LEU C 767 10.99 -12.75 31.15
CA LEU C 767 11.67 -14.01 30.84
C LEU C 767 12.77 -14.32 31.85
N THR C 768 13.51 -13.30 32.31
CA THR C 768 14.52 -13.53 33.33
C THR C 768 13.87 -13.99 34.63
N GLY C 769 12.75 -13.40 35.00
CA GLY C 769 12.03 -13.85 36.17
C GLY C 769 11.55 -15.29 36.03
N ILE C 770 11.08 -15.65 34.84
CA ILE C 770 10.65 -17.03 34.60
C ILE C 770 11.82 -17.99 34.75
N ALA C 771 12.98 -17.64 34.21
CA ALA C 771 14.14 -18.52 34.31
C ALA C 771 14.60 -18.67 35.76
N VAL C 772 14.65 -17.56 36.49
CA VAL C 772 15.01 -17.62 37.90
C VAL C 772 13.99 -18.47 38.66
N GLU C 773 12.72 -18.35 38.29
CA GLU C 773 11.68 -19.15 38.91
C GLU C 773 11.86 -20.64 38.60
N GLN C 774 12.32 -20.97 37.39
CA GLN C 774 12.62 -22.36 37.07
C GLN C 774 13.75 -22.89 37.94
N ASP C 775 14.79 -22.09 38.12
CA ASP C 775 15.88 -22.50 39.01
C ASP C 775 15.39 -22.67 40.44
N LYS C 776 14.50 -21.77 40.88
CA LYS C 776 13.94 -21.86 42.22
C LYS C 776 13.09 -23.12 42.37
N ASN C 777 12.33 -23.47 41.34
CA ASN C 777 11.54 -24.69 41.36
C ASN C 777 12.43 -25.92 41.48
N THR C 778 13.48 -26.00 40.65
CA THR C 778 14.39 -27.13 40.73
C THR C 778 15.07 -27.19 42.09
N GLN C 779 15.38 -26.03 42.68
CA GLN C 779 15.96 -26.02 44.03
C GLN C 779 14.97 -26.54 45.06
N GLU C 780 13.70 -26.13 44.97
CA GLU C 780 12.72 -26.53 45.97
C GLU C 780 12.40 -28.00 45.89
N VAL C 781 12.29 -28.55 44.68
CA VAL C 781 11.96 -29.96 44.54
C VAL C 781 13.10 -30.84 45.00
N PHE C 782 14.33 -30.53 44.56
CA PHE C 782 15.47 -31.42 44.78
C PHE C 782 16.36 -30.96 45.93
N ALA C 783 16.76 -29.70 45.97
CA ALA C 783 17.64 -29.24 47.03
C ALA C 783 16.88 -29.09 48.34
N GLN C 784 16.41 -30.22 48.87
CA GLN C 784 15.69 -30.25 50.13
C GLN C 784 16.45 -30.97 51.24
N VAL C 785 17.62 -31.53 50.95
CA VAL C 785 18.35 -32.34 51.91
C VAL C 785 19.74 -31.75 52.11
N LYS C 786 20.13 -31.64 53.38
CA LYS C 786 21.48 -31.26 53.76
C LYS C 786 22.32 -32.50 54.02
N GLN C 787 23.64 -32.33 53.92
CA GLN C 787 24.60 -33.44 54.08
C GLN C 787 24.29 -34.58 53.10
N ILE C 788 24.60 -34.30 51.83
CA ILE C 788 24.45 -35.26 50.73
C ILE C 788 24.96 -36.62 51.18
N TYR C 789 24.12 -37.64 51.08
CA TYR C 789 24.36 -38.91 51.74
C TYR C 789 24.94 -39.94 50.78
N LYS C 790 25.42 -41.04 51.35
CA LYS C 790 25.99 -42.14 50.59
C LYS C 790 25.44 -43.46 51.11
N THR C 791 25.41 -44.44 50.25
CA THR C 791 24.95 -45.77 50.62
C THR C 791 26.12 -46.64 51.05
N PRO C 792 25.88 -47.56 51.98
CA PRO C 792 26.97 -48.44 52.42
C PRO C 792 27.42 -49.33 51.28
N PRO C 793 28.69 -49.73 51.29
CA PRO C 793 29.17 -50.66 50.25
C PRO C 793 28.44 -51.99 50.25
N ILE C 794 27.91 -52.41 51.39
CA ILE C 794 27.18 -53.68 51.51
C ILE C 794 25.70 -53.35 51.56
N LYS C 795 24.97 -53.74 50.50
CA LYS C 795 23.55 -53.42 50.39
C LYS C 795 22.71 -54.56 50.97
N ASP C 796 22.81 -54.71 52.28
CA ASP C 796 22.00 -55.70 53.00
C ASP C 796 20.79 -55.02 53.63
N PHE C 797 19.82 -54.69 52.77
CA PHE C 797 18.61 -54.00 53.21
C PHE C 797 17.46 -55.00 53.40
N GLY C 798 17.67 -55.93 54.33
CA GLY C 798 16.62 -56.85 54.75
C GLY C 798 16.03 -57.71 53.65
N GLY C 799 16.75 -57.87 52.54
CA GLY C 799 16.27 -58.59 51.40
C GLY C 799 15.74 -57.72 50.28
N PHE C 800 15.47 -56.45 50.55
CA PHE C 800 15.04 -55.53 49.50
C PHE C 800 16.20 -55.26 48.55
N ASN C 801 15.86 -54.87 47.33
CA ASN C 801 16.84 -54.67 46.27
C ASN C 801 16.55 -53.35 45.56
N PHE C 802 17.39 -52.35 45.82
CA PHE C 802 17.25 -51.04 45.20
C PHE C 802 18.29 -50.80 44.12
N SER C 803 18.81 -51.85 43.49
CA SER C 803 19.90 -51.70 42.54
C SER C 803 19.47 -50.86 41.34
N GLN C 804 18.20 -51.00 40.91
CA GLN C 804 17.75 -50.27 39.73
C GLN C 804 17.58 -48.78 40.01
N ILE C 805 17.33 -48.40 41.26
CA ILE C 805 17.12 -47.00 41.59
C ILE C 805 18.38 -46.41 42.19
N LEU C 806 19.24 -47.26 42.75
CA LEU C 806 20.51 -46.78 43.27
C LEU C 806 21.47 -46.48 42.12
N PRO C 807 22.30 -45.45 42.27
CA PRO C 807 23.19 -45.07 41.17
C PRO C 807 24.21 -46.16 40.87
N ASP C 808 24.60 -46.24 39.60
CA ASP C 808 25.56 -47.28 39.25
C ASP C 808 26.94 -46.70 38.95
N PRO C 809 28.00 -47.43 39.31
CA PRO C 809 29.36 -46.92 39.05
C PRO C 809 29.76 -46.92 37.58
N SER C 810 28.97 -47.55 36.69
CA SER C 810 29.37 -47.66 35.29
C SER C 810 29.35 -46.32 34.54
N LYS C 811 29.05 -45.24 35.25
CA LYS C 811 29.17 -43.87 34.78
C LYS C 811 28.25 -43.57 33.58
N PRO C 812 26.93 -43.83 33.67
CA PRO C 812 26.00 -42.99 32.93
C PRO C 812 25.73 -41.73 33.74
N SER C 813 26.35 -40.61 33.37
CA SER C 813 26.49 -39.50 34.31
C SER C 813 26.87 -40.05 35.67
N LYS C 814 25.94 -39.99 36.62
CA LYS C 814 26.02 -40.82 37.82
C LYS C 814 24.65 -41.37 38.18
N ARG C 815 23.77 -41.53 37.19
CA ARG C 815 22.39 -41.89 37.38
C ARG C 815 22.25 -43.40 37.65
N SER C 816 21.02 -43.85 37.74
CA SER C 816 20.70 -45.26 37.96
C SER C 816 20.07 -45.84 36.71
N PHE C 817 19.69 -47.12 36.80
CA PHE C 817 19.07 -47.80 35.67
C PHE C 817 17.75 -47.13 35.29
N ILE C 818 16.86 -46.95 36.28
CA ILE C 818 15.56 -46.33 36.03
C ILE C 818 15.75 -44.91 35.50
N GLU C 819 16.70 -44.18 36.07
CA GLU C 819 16.98 -42.82 35.60
C GLU C 819 17.47 -42.85 34.16
N ASP C 820 18.30 -43.83 33.81
CA ASP C 820 18.75 -43.95 32.42
C ASP C 820 17.59 -44.21 31.48
N LEU C 821 16.67 -45.09 31.86
CA LEU C 821 15.51 -45.34 31.02
C LEU C 821 14.67 -44.08 30.87
N LEU C 822 14.44 -43.35 31.97
CA LEU C 822 13.64 -42.13 31.90
C LEU C 822 14.27 -41.10 30.99
N PHE C 823 15.60 -40.92 31.09
CA PHE C 823 16.27 -39.95 30.23
C PHE C 823 16.28 -40.42 28.78
N ASN C 824 16.29 -41.73 28.54
CA ASN C 824 16.24 -42.23 27.16
C ASN C 824 14.88 -41.99 26.54
N LYS C 825 13.80 -42.21 27.29
CA LYS C 825 12.45 -42.11 26.74
C LYS C 825 12.13 -40.72 26.20
N VAL C 826 12.10 -39.72 27.09
CA VAL C 826 11.71 -38.37 26.67
C VAL C 826 12.92 -37.64 26.10
N THR C 827 12.70 -36.93 25.00
CA THR C 827 13.78 -36.23 24.31
C THR C 827 13.66 -34.72 24.50
N LYS C 854 21.96 -21.26 18.78
CA LYS C 854 20.60 -20.75 18.58
C LYS C 854 20.55 -19.79 17.40
N PHE C 855 19.50 -18.96 17.35
CA PHE C 855 19.23 -18.14 16.17
C PHE C 855 18.12 -17.12 16.41
N ASN C 856 18.17 -16.00 15.67
CA ASN C 856 17.15 -14.95 15.71
C ASN C 856 17.00 -14.35 17.12
N GLY C 857 18.13 -14.07 17.75
CA GLY C 857 18.13 -13.30 18.99
C GLY C 857 17.46 -13.94 20.17
N LEU C 858 17.22 -15.26 20.14
CA LEU C 858 16.64 -15.98 21.26
C LEU C 858 17.56 -17.12 21.62
N THR C 859 17.88 -17.23 22.91
CA THR C 859 18.82 -18.23 23.41
C THR C 859 18.18 -19.01 24.54
N VAL C 860 18.81 -20.13 24.89
CA VAL C 860 18.35 -20.99 25.97
C VAL C 860 19.43 -20.99 27.04
N LEU C 861 19.10 -20.47 28.21
CA LEU C 861 20.06 -20.47 29.31
C LEU C 861 20.16 -21.88 29.90
N PRO C 862 21.37 -22.34 30.20
CA PRO C 862 21.53 -23.64 30.84
C PRO C 862 20.95 -23.63 32.25
N PRO C 863 20.36 -24.72 32.69
CA PRO C 863 19.87 -24.78 34.08
C PRO C 863 21.02 -24.61 35.05
N LEU C 864 20.72 -24.00 36.20
CA LEU C 864 21.74 -23.79 37.21
C LEU C 864 22.29 -25.11 37.72
N LEU C 865 21.41 -26.07 37.97
CA LEU C 865 21.83 -27.42 38.33
C LEU C 865 21.97 -28.25 37.06
N THR C 866 23.08 -28.96 36.94
CA THR C 866 23.24 -29.90 35.85
C THR C 866 22.69 -31.26 36.26
N ASP C 867 22.41 -32.09 35.25
CA ASP C 867 21.74 -33.36 35.50
C ASP C 867 22.52 -34.23 36.47
N GLU C 868 23.85 -34.10 36.49
CA GLU C 868 24.65 -34.90 37.43
C GLU C 868 24.36 -34.50 38.87
N MET C 869 24.25 -33.21 39.16
CA MET C 869 23.97 -32.79 40.53
C MET C 869 22.53 -33.08 40.92
N ILE C 870 21.59 -33.01 39.98
CA ILE C 870 20.23 -33.41 40.29
C ILE C 870 20.16 -34.88 40.61
N ALA C 871 20.90 -35.70 39.86
CA ALA C 871 21.02 -37.12 40.19
C ALA C 871 21.71 -37.32 41.54
N GLN C 872 22.63 -36.42 41.90
CA GLN C 872 23.28 -36.53 43.20
C GLN C 872 22.33 -36.20 44.34
N TYR C 873 21.51 -35.17 44.17
CA TYR C 873 20.41 -34.90 45.10
C TYR C 873 19.49 -36.12 45.23
N THR C 874 19.13 -36.70 44.09
CA THR C 874 18.27 -37.88 44.11
C THR C 874 18.91 -39.02 44.88
N SER C 875 20.20 -39.26 44.65
CA SER C 875 20.91 -40.34 45.34
C SER C 875 21.01 -40.06 46.84
N ALA C 876 21.23 -38.79 47.21
CA ALA C 876 21.30 -38.44 48.62
C ALA C 876 19.96 -38.68 49.32
N LEU C 877 18.86 -38.26 48.68
CA LEU C 877 17.54 -38.50 49.25
C LEU C 877 17.26 -39.99 49.35
N LEU C 878 17.63 -40.75 48.32
CA LEU C 878 17.40 -42.19 48.34
C LEU C 878 18.21 -42.87 49.44
N ALA C 879 19.46 -42.45 49.62
CA ALA C 879 20.29 -43.03 50.67
C ALA C 879 19.77 -42.65 52.05
N GLY C 880 19.26 -41.42 52.21
CA GLY C 880 18.70 -41.03 53.48
C GLY C 880 17.45 -41.81 53.84
N THR C 881 16.56 -41.99 52.87
CA THR C 881 15.33 -42.74 53.15
C THR C 881 15.57 -44.24 53.25
N ILE C 882 16.62 -44.76 52.62
CA ILE C 882 16.91 -46.19 52.72
C ILE C 882 17.50 -46.53 54.09
N THR C 883 18.47 -45.74 54.55
CA THR C 883 19.20 -46.06 55.76
C THR C 883 18.59 -45.44 57.01
N SER C 884 18.21 -44.17 56.95
CA SER C 884 17.71 -43.46 58.12
C SER C 884 16.20 -43.48 58.25
N GLY C 885 15.47 -43.39 57.14
CA GLY C 885 14.02 -43.37 57.18
C GLY C 885 13.49 -41.97 56.97
N TRP C 886 12.58 -41.54 57.85
CA TRP C 886 12.11 -40.17 57.84
C TRP C 886 12.92 -39.27 58.77
N THR C 887 13.88 -39.83 59.50
CA THR C 887 14.62 -39.05 60.48
C THR C 887 15.48 -37.98 59.84
N PHE C 888 16.05 -38.26 58.67
CA PHE C 888 16.91 -37.27 58.01
C PHE C 888 16.13 -36.06 57.54
N GLY C 889 14.81 -36.14 57.46
CA GLY C 889 13.99 -35.01 57.12
C GLY C 889 13.65 -34.09 58.26
N ALA C 890 14.05 -34.43 59.49
CA ALA C 890 13.82 -33.59 60.66
C ALA C 890 15.12 -33.07 61.25
N GLY C 891 16.06 -33.97 61.56
CA GLY C 891 17.35 -33.57 62.08
C GLY C 891 18.50 -34.29 61.40
N ALA C 892 19.32 -34.95 62.19
CA ALA C 892 20.41 -35.77 61.66
C ALA C 892 19.89 -37.16 61.33
N ALA C 893 20.50 -37.78 60.32
CA ALA C 893 20.01 -39.05 59.81
C ALA C 893 20.27 -40.18 60.79
N LEU C 894 19.28 -40.50 61.62
CA LEU C 894 19.38 -41.61 62.55
C LEU C 894 19.29 -42.93 61.78
N GLN C 895 20.40 -43.65 61.69
CA GLN C 895 20.39 -44.91 60.96
C GLN C 895 19.50 -45.94 61.67
N ILE C 896 18.81 -46.74 60.88
CA ILE C 896 17.94 -47.79 61.41
C ILE C 896 17.88 -48.90 60.36
N PRO C 897 18.00 -50.16 60.75
CA PRO C 897 18.03 -51.24 59.76
C PRO C 897 16.76 -51.28 58.93
N PHE C 898 16.92 -51.53 57.63
CA PHE C 898 15.76 -51.74 56.77
C PHE C 898 15.05 -53.02 57.19
N ALA C 899 13.76 -53.08 56.88
CA ALA C 899 12.79 -54.07 57.34
C ALA C 899 12.43 -53.82 58.81
N MET C 900 13.09 -52.86 59.45
CA MET C 900 12.63 -52.33 60.72
C MET C 900 11.99 -50.95 60.56
N GLN C 901 12.50 -50.15 59.63
CA GLN C 901 11.80 -48.94 59.21
C GLN C 901 10.46 -49.28 58.57
N MET C 902 10.43 -50.32 57.74
CA MET C 902 9.20 -50.70 57.07
C MET C 902 8.18 -51.27 58.04
N ALA C 903 8.63 -51.94 59.10
CA ALA C 903 7.70 -52.38 60.15
C ALA C 903 7.04 -51.18 60.81
N TYR C 904 7.80 -50.11 61.02
CA TYR C 904 7.24 -48.91 61.62
C TYR C 904 6.34 -48.17 60.66
N ARG C 905 6.59 -48.29 59.35
CA ARG C 905 5.69 -47.73 58.38
C ARG C 905 4.38 -48.52 58.32
N PHE C 906 4.45 -49.84 58.51
CA PHE C 906 3.23 -50.61 58.74
C PHE C 906 2.49 -50.13 59.97
N ASN C 907 3.21 -49.91 61.06
CA ASN C 907 2.60 -49.33 62.25
C ASN C 907 1.90 -48.02 61.89
N GLY C 908 2.50 -47.23 61.02
CA GLY C 908 1.89 -46.01 60.53
C GLY C 908 0.63 -46.23 59.72
N ILE C 909 0.56 -47.31 58.95
CA ILE C 909 -0.64 -47.58 58.15
C ILE C 909 -1.60 -48.53 58.84
N GLY C 910 -1.38 -48.82 60.12
CA GLY C 910 -2.35 -49.58 60.88
C GLY C 910 -1.95 -51.00 61.24
N VAL C 911 -1.36 -51.73 60.29
CA VAL C 911 -1.01 -53.13 60.57
C VAL C 911 0.22 -53.18 61.46
N THR C 912 0.27 -54.22 62.30
CA THR C 912 1.31 -54.35 63.29
C THR C 912 2.63 -54.79 62.65
N GLN C 913 3.67 -54.86 63.47
CA GLN C 913 4.99 -55.31 63.00
C GLN C 913 4.98 -56.79 62.67
N ASN C 914 4.03 -57.54 63.21
CA ASN C 914 3.98 -58.98 63.00
C ASN C 914 3.87 -59.31 61.52
N VAL C 915 3.02 -58.57 60.81
CA VAL C 915 2.79 -58.85 59.39
C VAL C 915 4.10 -58.84 58.63
N LEU C 916 4.90 -57.78 58.82
CA LEU C 916 6.14 -57.66 58.09
C LEU C 916 7.18 -58.67 58.57
N TYR C 917 7.37 -58.78 59.88
CA TYR C 917 8.45 -59.63 60.39
C TYR C 917 8.19 -61.09 60.05
N GLU C 918 6.93 -61.53 60.11
CA GLU C 918 6.61 -62.89 59.71
C GLU C 918 6.46 -63.04 58.20
N ASN C 919 6.36 -61.94 57.46
CA ASN C 919 6.29 -61.96 56.01
C ASN C 919 7.45 -61.21 55.38
N GLN C 920 8.62 -61.24 56.03
CA GLN C 920 9.75 -60.44 55.56
C GLN C 920 10.24 -60.92 54.20
N LYS C 921 10.39 -62.23 54.03
CA LYS C 921 10.83 -62.75 52.74
C LYS C 921 9.82 -62.45 51.65
N LEU C 922 8.53 -62.63 51.96
CA LEU C 922 7.49 -62.29 50.98
C LEU C 922 7.52 -60.79 50.67
N ILE C 923 7.61 -59.95 51.70
CA ILE C 923 7.78 -58.52 51.42
C ILE C 923 9.28 -58.27 51.33
N ALA C 924 9.89 -58.90 50.36
CA ALA C 924 10.96 -58.36 49.51
C ALA C 924 10.79 -58.80 48.08
N ASN C 925 10.23 -59.98 47.84
CA ASN C 925 9.93 -60.43 46.49
C ASN C 925 8.78 -59.64 45.89
N GLN C 926 7.78 -59.28 46.70
CA GLN C 926 6.72 -58.42 46.18
C GLN C 926 7.28 -57.10 45.69
N PHE C 927 8.14 -56.47 46.51
CA PHE C 927 8.70 -55.19 46.14
C PHE C 927 9.63 -55.31 44.93
N ASN C 928 10.44 -56.37 44.87
CA ASN C 928 11.34 -56.54 43.73
C ASN C 928 10.56 -56.80 42.45
N SER C 929 9.49 -57.60 42.53
CA SER C 929 8.64 -57.81 41.36
C SER C 929 7.98 -56.51 40.91
N ALA C 930 7.55 -55.69 41.87
CA ALA C 930 6.98 -54.40 41.51
C ALA C 930 8.01 -53.50 40.83
N ILE C 931 9.24 -53.50 41.33
CA ILE C 931 10.30 -52.71 40.69
C ILE C 931 10.58 -53.22 39.29
N GLY C 932 10.62 -54.54 39.12
CA GLY C 932 10.83 -55.10 37.79
C GLY C 932 9.72 -54.75 36.82
N LYS C 933 8.47 -54.78 37.31
CA LYS C 933 7.35 -54.38 36.46
C LYS C 933 7.44 -52.90 36.09
N ILE C 934 7.89 -52.06 37.02
CA ILE C 934 8.09 -50.65 36.70
C ILE C 934 9.15 -50.51 35.62
N GLN C 935 10.24 -51.27 35.74
CA GLN C 935 11.30 -51.24 34.73
C GLN C 935 10.75 -51.64 33.35
N ASP C 936 10.00 -52.73 33.31
CA ASP C 936 9.45 -53.21 32.03
C ASP C 936 8.47 -52.20 31.44
N SER C 937 7.60 -51.62 32.28
CA SER C 937 6.62 -50.67 31.78
C SER C 937 7.29 -49.41 31.26
N LEU C 938 8.34 -48.95 31.95
CA LEU C 938 9.06 -47.77 31.48
C LEU C 938 9.79 -48.05 30.17
N SER C 939 10.35 -49.26 30.03
CA SER C 939 11.05 -49.59 28.79
C SER C 939 10.09 -49.72 27.62
N SER C 940 8.95 -50.40 27.84
CA SER C 940 8.05 -50.79 26.77
C SER C 940 7.40 -49.60 26.03
N THR C 941 6.60 -48.82 26.75
CA THR C 941 5.72 -47.85 26.12
C THR C 941 6.38 -46.48 26.02
N ALA C 942 6.27 -45.87 24.83
CA ALA C 942 6.85 -44.56 24.59
C ALA C 942 6.03 -43.42 25.19
N SER C 943 4.74 -43.62 25.43
CA SER C 943 3.88 -42.60 26.01
C SER C 943 3.82 -42.68 27.53
N ALA C 944 4.71 -43.44 28.16
CA ALA C 944 4.73 -43.51 29.62
C ALA C 944 5.05 -42.15 30.23
N LEU C 945 6.04 -41.46 29.68
CA LEU C 945 6.41 -40.12 30.14
C LEU C 945 5.76 -39.06 29.25
N GLY C 946 4.43 -39.04 29.28
CA GLY C 946 3.69 -38.13 28.43
C GLY C 946 3.66 -36.71 28.93
N LYS C 947 3.71 -36.50 30.24
CA LYS C 947 3.61 -35.16 30.80
C LYS C 947 4.85 -34.34 30.50
N LEU C 948 6.03 -34.89 30.77
CA LEU C 948 7.27 -34.19 30.48
C LEU C 948 7.43 -33.95 28.98
N GLN C 949 7.08 -34.96 28.16
CA GLN C 949 7.14 -34.79 26.72
C GLN C 949 6.19 -33.70 26.26
N ASP C 950 5.00 -33.62 26.87
CA ASP C 950 4.07 -32.56 26.53
C ASP C 950 4.65 -31.20 26.88
N VAL C 951 5.31 -31.09 28.03
CA VAL C 951 5.94 -29.82 28.42
C VAL C 951 7.00 -29.42 27.42
N VAL C 952 7.86 -30.37 27.04
CA VAL C 952 8.94 -30.08 26.10
C VAL C 952 8.38 -29.67 24.75
N ASN C 953 7.39 -30.42 24.26
CA ASN C 953 6.79 -30.11 22.97
C ASN C 953 6.09 -28.76 23.00
N GLN C 954 5.43 -28.43 24.11
CA GLN C 954 4.77 -27.12 24.21
C GLN C 954 5.78 -25.99 24.16
N ASN C 955 6.89 -26.11 24.91
CA ASN C 955 7.92 -25.07 24.86
C ASN C 955 8.53 -24.97 23.46
N ALA C 956 8.83 -26.11 22.84
CA ALA C 956 9.43 -26.10 21.51
C ALA C 956 8.48 -25.50 20.48
N GLN C 957 7.18 -25.81 20.59
CA GLN C 957 6.20 -25.29 19.64
C GLN C 957 6.00 -23.80 19.82
N ALA C 958 6.00 -23.33 21.07
CA ALA C 958 5.94 -21.89 21.30
C ALA C 958 7.14 -21.19 20.69
N LEU C 959 8.34 -21.75 20.90
CA LEU C 959 9.54 -21.15 20.29
C LEU C 959 9.46 -21.16 18.77
N ASN C 960 9.01 -22.28 18.19
CA ASN C 960 8.92 -22.39 16.74
C ASN C 960 7.90 -21.41 16.17
N THR C 961 6.76 -21.25 16.84
CA THR C 961 5.78 -20.26 16.41
C THR C 961 6.35 -18.86 16.49
N LEU C 962 7.06 -18.55 17.58
CA LEU C 962 7.70 -17.24 17.71
C LEU C 962 8.67 -16.99 16.56
N VAL C 963 9.45 -18.00 16.19
CA VAL C 963 10.39 -17.86 15.09
C VAL C 963 9.65 -17.66 13.77
N LYS C 964 8.65 -18.50 13.50
CA LYS C 964 7.95 -18.45 12.22
C LYS C 964 7.12 -17.19 12.06
N GLN C 965 6.80 -16.49 13.16
CA GLN C 965 6.14 -15.20 13.02
C GLN C 965 7.02 -14.16 12.36
N LEU C 966 8.35 -14.39 12.33
CA LEU C 966 9.23 -13.44 11.66
C LEU C 966 8.94 -13.37 10.16
N SER C 967 8.65 -14.51 9.54
CA SER C 967 8.33 -14.55 8.11
C SER C 967 6.84 -14.28 7.89
N SER C 968 6.42 -13.10 8.34
CA SER C 968 5.03 -12.67 8.22
C SER C 968 5.01 -11.18 7.88
N ASN C 969 4.25 -10.82 6.85
CA ASN C 969 4.22 -9.43 6.39
C ASN C 969 3.65 -8.50 7.45
N PHE C 970 2.60 -8.95 8.15
CA PHE C 970 1.87 -8.12 9.12
C PHE C 970 1.36 -6.85 8.47
N GLY C 971 0.90 -6.94 7.22
CA GLY C 971 0.40 -5.80 6.50
C GLY C 971 1.46 -4.95 5.82
N ALA C 972 2.73 -5.34 5.90
CA ALA C 972 3.80 -4.62 5.24
C ALA C 972 4.12 -5.29 3.90
N ILE C 973 5.09 -4.72 3.18
CA ILE C 973 5.46 -5.26 1.88
C ILE C 973 6.18 -6.60 2.01
N SER C 974 7.06 -6.74 3.01
CA SER C 974 7.88 -7.93 3.14
C SER C 974 8.12 -8.21 4.62
N SER C 975 8.58 -9.43 4.89
CA SER C 975 8.97 -9.83 6.23
C SER C 975 10.45 -9.60 6.49
N VAL C 976 11.18 -9.02 5.53
CA VAL C 976 12.60 -8.75 5.66
C VAL C 976 12.79 -7.24 5.58
N LEU C 977 13.45 -6.66 6.60
CA LEU C 977 13.63 -5.23 6.66
C LEU C 977 14.50 -4.71 5.52
N ASN C 978 15.45 -5.54 5.06
CA ASN C 978 16.36 -5.10 4.01
C ASN C 978 15.62 -4.79 2.72
N ASP C 979 14.66 -5.63 2.35
CA ASP C 979 13.90 -5.40 1.13
C ASP C 979 13.11 -4.10 1.19
N ILE C 980 12.47 -3.85 2.33
CA ILE C 980 11.68 -2.63 2.51
C ILE C 980 12.59 -1.40 2.45
N LEU C 981 13.73 -1.45 3.14
CA LEU C 981 14.67 -0.34 3.08
C LEU C 981 15.28 -0.18 1.70
N SER C 982 15.27 -1.22 0.89
CA SER C 982 15.83 -1.13 -0.46
C SER C 982 14.85 -0.49 -1.44
N ARG C 983 13.63 -1.03 -1.52
CA ARG C 983 12.72 -0.66 -2.60
C ARG C 983 11.79 0.50 -2.24
N LEU C 984 11.93 1.12 -1.08
CA LEU C 984 11.11 2.27 -0.71
C LEU C 984 11.97 3.40 -0.17
N ASP C 985 11.46 4.61 -0.35
CA ASP C 985 12.07 5.80 0.23
C ASP C 985 11.81 5.80 1.74
N PRO C 986 12.83 5.99 2.57
CA PRO C 986 12.67 5.74 4.02
C PRO C 986 11.52 6.49 4.65
N PRO C 987 11.23 7.75 4.28
CA PRO C 987 10.09 8.44 4.93
C PRO C 987 8.77 7.69 4.82
N GLU C 988 8.47 7.06 3.68
CA GLU C 988 7.26 6.25 3.60
C GLU C 988 7.53 4.77 3.83
N ALA C 989 8.78 4.32 3.73
CA ALA C 989 9.13 2.98 4.19
C ALA C 989 8.93 2.84 5.70
N GLU C 990 8.87 3.97 6.41
CA GLU C 990 8.63 3.94 7.85
C GLU C 990 7.32 3.24 8.18
N VAL C 991 6.32 3.38 7.30
CA VAL C 991 5.03 2.74 7.55
C VAL C 991 5.17 1.22 7.56
N GLN C 992 5.85 0.66 6.57
CA GLN C 992 6.07 -0.78 6.57
C GLN C 992 6.94 -1.20 7.74
N ILE C 993 7.96 -0.38 8.06
CA ILE C 993 8.86 -0.73 9.15
C ILE C 993 8.09 -0.86 10.46
N ASP C 994 7.26 0.13 10.79
CA ASP C 994 6.59 0.03 12.08
C ASP C 994 5.35 -0.85 12.02
N ARG C 995 4.81 -1.18 10.84
CA ARG C 995 3.84 -2.26 10.77
C ARG C 995 4.47 -3.59 11.17
N LEU C 996 5.66 -3.89 10.62
CA LEU C 996 6.40 -5.06 11.06
C LEU C 996 6.74 -4.98 12.55
N ILE C 997 7.09 -3.79 13.02
CA ILE C 997 7.43 -3.62 14.43
C ILE C 997 6.25 -3.98 15.32
N THR C 998 5.06 -3.44 15.00
CA THR C 998 3.88 -3.76 15.79
C THR C 998 3.53 -5.24 15.71
N GLY C 999 3.64 -5.84 14.52
CA GLY C 999 3.34 -7.25 14.39
C GLY C 999 4.26 -8.11 15.25
N ARG C 1000 5.57 -7.86 15.17
CA ARG C 1000 6.52 -8.63 15.95
C ARG C 1000 6.39 -8.35 17.45
N LEU C 1001 6.07 -7.11 17.81
CA LEU C 1001 5.81 -6.81 19.22
C LEU C 1001 4.61 -7.59 19.73
N GLN C 1002 3.54 -7.66 18.95
CA GLN C 1002 2.36 -8.42 19.37
C GLN C 1002 2.69 -9.90 19.49
N SER C 1003 3.45 -10.44 18.53
CA SER C 1003 3.84 -11.84 18.61
C SER C 1003 4.69 -12.12 19.85
N LEU C 1004 5.66 -11.24 20.13
CA LEU C 1004 6.51 -11.43 21.29
C LEU C 1004 5.72 -11.30 22.59
N GLN C 1005 4.80 -10.33 22.64
CA GLN C 1005 3.98 -10.16 23.83
C GLN C 1005 3.10 -11.37 24.07
N THR C 1006 2.52 -11.93 23.01
CA THR C 1006 1.73 -13.15 23.14
C THR C 1006 2.60 -14.29 23.65
N TYR C 1007 3.81 -14.43 23.09
CA TYR C 1007 4.72 -15.48 23.55
C TYR C 1007 5.03 -15.32 25.03
N VAL C 1008 5.30 -14.08 25.46
CA VAL C 1008 5.64 -13.84 26.85
C VAL C 1008 4.45 -14.13 27.76
N THR C 1009 3.25 -13.71 27.36
CA THR C 1009 2.07 -13.96 28.18
C THR C 1009 1.81 -15.46 28.32
N GLN C 1010 1.91 -16.20 27.23
N GLN C 1010 1.90 -16.19 27.22
CA GLN C 1010 1.68 -17.64 27.33
CA GLN C 1010 1.72 -17.64 27.28
C GLN C 1010 2.82 -18.33 28.10
C GLN C 1010 2.81 -18.30 28.12
N GLN C 1011 4.05 -17.82 28.00
CA GLN C 1011 5.13 -18.36 28.80
C GLN C 1011 4.89 -18.12 30.27
N LEU C 1012 4.38 -16.95 30.63
CA LEU C 1012 4.08 -16.66 32.04
C LEU C 1012 2.97 -17.56 32.56
N ILE C 1013 1.93 -17.78 31.75
CA ILE C 1013 0.83 -18.65 32.18
C ILE C 1013 1.32 -20.08 32.35
N ARG C 1014 2.09 -20.57 31.38
CA ARG C 1014 2.63 -21.93 31.49
C ARG C 1014 3.64 -22.03 32.63
N ALA C 1015 4.36 -20.96 32.94
CA ALA C 1015 5.26 -20.97 34.08
C ALA C 1015 4.50 -20.99 35.38
N ALA C 1016 3.34 -20.34 35.44
CA ALA C 1016 2.48 -20.48 36.61
C ALA C 1016 2.01 -21.92 36.78
N GLU C 1017 1.64 -22.57 35.68
CA GLU C 1017 1.25 -23.98 35.75
C GLU C 1017 2.41 -24.85 36.22
N ILE C 1018 3.60 -24.61 35.67
CA ILE C 1018 4.77 -25.40 36.05
C ILE C 1018 5.15 -25.13 37.50
N ARG C 1019 4.97 -23.89 37.96
CA ARG C 1019 5.22 -23.58 39.37
C ARG C 1019 4.26 -24.32 40.28
N ALA C 1020 2.98 -24.40 39.89
CA ALA C 1020 2.04 -25.19 40.67
C ALA C 1020 2.47 -26.64 40.72
N SER C 1021 2.89 -27.20 39.57
CA SER C 1021 3.33 -28.58 39.52
C SER C 1021 4.60 -28.78 40.35
N ALA C 1022 5.49 -27.80 40.35
CA ALA C 1022 6.75 -27.92 41.09
C ALA C 1022 6.51 -27.80 42.59
N ASN C 1023 5.57 -26.95 42.99
CA ASN C 1023 5.18 -26.91 44.41
C ASN C 1023 4.53 -28.22 44.83
N LEU C 1024 3.71 -28.80 43.94
CA LEU C 1024 3.16 -30.12 44.23
C LEU C 1024 4.26 -31.16 44.38
N ALA C 1025 5.26 -31.13 43.51
CA ALA C 1025 6.37 -32.08 43.59
C ALA C 1025 7.18 -31.89 44.86
N ALA C 1026 7.44 -30.64 45.23
CA ALA C 1026 8.16 -30.36 46.48
C ALA C 1026 7.37 -30.84 47.68
N THR C 1027 6.06 -30.59 47.69
CA THR C 1027 5.22 -31.06 48.78
C THR C 1027 5.23 -32.58 48.86
N LYS C 1028 5.16 -33.25 47.72
CA LYS C 1028 5.21 -34.72 47.72
C LYS C 1028 6.56 -35.22 48.22
N MET C 1029 7.65 -34.60 47.79
CA MET C 1029 8.96 -35.02 48.25
C MET C 1029 9.09 -34.83 49.76
N SER C 1030 8.56 -33.73 50.28
CA SER C 1030 8.61 -33.50 51.72
C SER C 1030 7.77 -34.53 52.47
N GLU C 1031 6.57 -34.82 51.98
CA GLU C 1031 5.64 -35.68 52.71
C GLU C 1031 5.77 -37.15 52.34
N CYS C 1032 5.92 -37.47 51.05
CA CYS C 1032 6.03 -38.87 50.65
C CYS C 1032 7.44 -39.41 50.92
N VAL C 1033 8.44 -38.78 50.32
CA VAL C 1033 9.81 -39.30 50.42
C VAL C 1033 10.34 -39.17 51.83
N LEU C 1034 10.17 -38.00 52.45
CA LEU C 1034 10.77 -37.70 53.75
C LEU C 1034 9.87 -38.09 54.92
N GLY C 1035 8.75 -38.73 54.66
CA GLY C 1035 7.86 -39.16 55.72
C GLY C 1035 6.97 -40.27 55.27
N GLN C 1036 5.81 -40.38 55.91
CA GLN C 1036 4.78 -41.34 55.53
C GLN C 1036 3.44 -40.62 55.59
N SER C 1037 2.86 -40.35 54.42
CA SER C 1037 1.67 -39.52 54.35
C SER C 1037 0.43 -40.33 54.74
N LYS C 1038 -0.36 -39.77 55.65
CA LYS C 1038 -1.68 -40.30 55.96
C LYS C 1038 -2.75 -39.76 55.02
N ARG C 1039 -2.40 -38.80 54.16
CA ARG C 1039 -3.33 -38.28 53.18
C ARG C 1039 -3.67 -39.35 52.16
N VAL C 1040 -4.95 -39.50 51.85
CA VAL C 1040 -5.40 -40.59 51.00
C VAL C 1040 -5.16 -40.24 49.54
N ASP C 1041 -4.63 -41.21 48.80
CA ASP C 1041 -4.35 -41.07 47.36
C ASP C 1041 -3.42 -39.91 47.06
N PHE C 1042 -2.66 -39.45 48.06
CA PHE C 1042 -1.65 -38.43 47.81
C PHE C 1042 -0.37 -39.05 47.27
N CYS C 1043 0.25 -39.94 48.04
CA CYS C 1043 1.43 -40.66 47.60
C CYS C 1043 1.05 -42.06 47.10
N GLY C 1044 0.29 -42.07 46.01
CA GLY C 1044 -0.12 -43.31 45.39
C GLY C 1044 -1.38 -43.89 46.01
N LYS C 1045 -2.05 -44.75 45.24
CA LYS C 1045 -3.30 -45.36 45.68
C LYS C 1045 -3.02 -46.57 46.54
N GLY C 1046 -3.71 -46.66 47.68
CA GLY C 1046 -3.40 -47.60 48.72
C GLY C 1046 -2.75 -46.92 49.92
N TYR C 1047 -2.51 -47.70 50.95
CA TYR C 1047 -1.89 -47.15 52.15
C TYR C 1047 -0.41 -46.90 51.88
N HIS C 1048 -0.03 -45.62 51.80
CA HIS C 1048 1.34 -45.27 51.43
C HIS C 1048 2.33 -45.72 52.48
N LEU C 1049 3.43 -46.35 52.03
CA LEU C 1049 4.49 -46.77 52.92
C LEU C 1049 5.69 -45.82 52.85
N MET C 1050 6.27 -45.68 51.66
CA MET C 1050 7.40 -44.79 51.45
C MET C 1050 7.57 -44.61 49.94
N SER C 1051 8.27 -43.55 49.57
CA SER C 1051 8.42 -43.20 48.17
C SER C 1051 9.90 -43.09 47.83
N PHE C 1052 10.18 -43.12 46.53
CA PHE C 1052 11.53 -43.01 45.99
C PHE C 1052 11.55 -41.93 44.93
N PRO C 1053 12.44 -40.95 45.02
CA PRO C 1053 12.56 -39.95 43.97
C PRO C 1053 13.54 -40.40 42.89
N GLN C 1054 13.21 -40.07 41.65
CA GLN C 1054 14.09 -40.23 40.51
C GLN C 1054 14.03 -38.97 39.67
N SER C 1055 15.14 -38.62 39.06
CA SER C 1055 15.21 -37.41 38.24
C SER C 1055 14.87 -37.74 36.79
N ALA C 1056 14.27 -36.79 36.10
CA ALA C 1056 14.01 -36.86 34.68
C ALA C 1056 14.30 -35.49 34.09
N PRO C 1057 14.62 -35.41 32.78
CA PRO C 1057 15.14 -34.17 32.19
C PRO C 1057 14.56 -32.88 32.73
N HIS C 1058 13.23 -32.80 32.83
CA HIS C 1058 12.57 -31.64 33.38
C HIS C 1058 11.46 -32.04 34.35
N GLY C 1059 11.73 -33.03 35.20
CA GLY C 1059 10.69 -33.43 36.13
C GLY C 1059 11.21 -34.44 37.12
N VAL C 1060 10.29 -34.89 37.97
CA VAL C 1060 10.59 -35.85 39.02
C VAL C 1060 9.62 -37.03 38.90
N VAL C 1061 10.13 -38.23 39.13
CA VAL C 1061 9.34 -39.45 39.11
C VAL C 1061 9.35 -40.03 40.50
N PHE C 1062 8.17 -40.17 41.09
CA PHE C 1062 8.02 -40.77 42.41
C PHE C 1062 7.59 -42.22 42.25
N LEU C 1063 8.30 -43.11 42.95
CA LEU C 1063 7.98 -44.53 42.99
C LEU C 1063 7.23 -44.80 44.29
N HIS C 1064 5.92 -44.52 44.26
CA HIS C 1064 5.10 -44.63 45.45
C HIS C 1064 4.92 -46.09 45.83
N VAL C 1065 5.54 -46.52 46.92
CA VAL C 1065 5.32 -47.86 47.45
C VAL C 1065 4.08 -47.79 48.33
N THR C 1066 3.10 -48.65 48.03
CA THR C 1066 1.84 -48.66 48.75
C THR C 1066 1.47 -50.09 49.13
N TYR C 1067 0.59 -50.17 50.12
CA TYR C 1067 0.07 -51.43 50.64
C TYR C 1067 -1.39 -51.54 50.20
N VAL C 1068 -1.73 -52.67 49.60
CA VAL C 1068 -3.07 -52.92 49.08
C VAL C 1068 -3.54 -54.26 49.63
N PRO C 1069 -4.65 -54.31 50.37
CA PRO C 1069 -5.02 -55.53 51.10
C PRO C 1069 -5.24 -56.78 50.23
N ALA C 1070 -6.23 -56.76 49.34
CA ALA C 1070 -6.54 -57.90 48.47
C ALA C 1070 -6.89 -59.17 49.24
N GLN C 1071 -7.43 -60.16 48.54
CA GLN C 1071 -7.79 -61.48 49.08
C GLN C 1071 -8.67 -61.34 50.33
N GLU C 1072 -9.87 -60.81 50.09
CA GLU C 1072 -10.80 -60.57 51.17
C GLU C 1072 -11.50 -61.86 51.60
N LYS C 1073 -12.11 -61.81 52.79
CA LYS C 1073 -12.87 -62.93 53.32
C LYS C 1073 -13.80 -62.38 54.40
N ASN C 1074 -15.10 -62.62 54.24
CA ASN C 1074 -16.10 -61.98 55.08
C ASN C 1074 -16.44 -62.82 56.30
N PHE C 1075 -16.69 -62.14 57.41
CA PHE C 1075 -17.17 -62.72 58.66
C PHE C 1075 -18.35 -61.89 59.15
N THR C 1076 -18.90 -62.29 60.30
CA THR C 1076 -19.98 -61.57 60.95
C THR C 1076 -19.47 -60.93 62.23
N THR C 1077 -19.94 -59.71 62.50
CA THR C 1077 -19.36 -58.84 63.51
C THR C 1077 -20.36 -58.52 64.61
N ALA C 1078 -19.93 -57.65 65.52
CA ALA C 1078 -20.71 -57.15 66.64
C ALA C 1078 -20.09 -55.86 67.14
N PRO C 1079 -20.88 -54.80 67.33
CA PRO C 1079 -20.31 -53.56 67.88
C PRO C 1079 -19.61 -53.76 69.22
N ALA C 1080 -20.12 -54.65 70.06
CA ALA C 1080 -19.49 -54.94 71.34
C ALA C 1080 -19.90 -56.34 71.77
N ILE C 1081 -19.21 -56.86 72.77
CA ILE C 1081 -19.42 -58.21 73.29
C ILE C 1081 -19.89 -58.11 74.72
N CYS C 1082 -20.96 -58.85 75.04
CA CYS C 1082 -21.56 -58.84 76.36
C CYS C 1082 -20.99 -59.97 77.21
N HIS C 1083 -20.26 -59.61 78.26
CA HIS C 1083 -19.85 -60.57 79.28
C HIS C 1083 -20.17 -60.00 80.64
N ASP C 1084 -20.90 -60.78 81.44
CA ASP C 1084 -21.26 -60.39 82.81
C ASP C 1084 -21.98 -59.04 82.83
N GLY C 1085 -22.78 -58.80 81.79
CA GLY C 1085 -23.52 -57.55 81.70
C GLY C 1085 -22.64 -56.32 81.69
N LYS C 1086 -21.59 -56.33 80.88
CA LYS C 1086 -20.62 -55.24 80.90
C LYS C 1086 -20.28 -54.65 79.54
N ALA C 1087 -20.64 -55.30 78.43
CA ALA C 1087 -20.54 -54.73 77.08
C ALA C 1087 -19.09 -54.33 76.76
N HIS C 1088 -18.24 -55.34 76.66
CA HIS C 1088 -16.84 -55.12 76.30
C HIS C 1088 -16.72 -54.62 74.86
N PHE C 1089 -15.85 -53.63 74.64
CA PHE C 1089 -15.51 -53.06 73.35
C PHE C 1089 -14.08 -53.43 72.97
N PRO C 1090 -13.79 -53.58 71.68
CA PRO C 1090 -12.43 -53.96 71.27
C PRO C 1090 -11.47 -52.79 71.43
N ARG C 1091 -10.30 -53.08 72.01
CA ARG C 1091 -9.36 -52.01 72.32
C ARG C 1091 -8.82 -51.35 71.05
N GLU C 1092 -8.42 -52.15 70.06
CA GLU C 1092 -7.84 -51.61 68.85
C GLU C 1092 -8.26 -52.32 67.57
N GLY C 1093 -9.17 -53.29 67.64
CA GLY C 1093 -9.53 -54.04 66.44
C GLY C 1093 -11.02 -54.19 66.21
N VAL C 1094 -11.39 -55.14 65.36
CA VAL C 1094 -12.78 -55.45 65.07
C VAL C 1094 -13.11 -56.81 65.69
N PHE C 1095 -14.35 -56.94 66.17
CA PHE C 1095 -14.88 -58.22 66.58
C PHE C 1095 -15.38 -58.96 65.34
N VAL C 1096 -14.87 -60.17 65.11
CA VAL C 1096 -15.30 -60.98 63.99
C VAL C 1096 -15.65 -62.37 64.51
N SER C 1097 -16.40 -63.11 63.69
CA SER C 1097 -16.81 -64.45 64.07
C SER C 1097 -16.55 -65.43 62.94
N ASN C 1098 -16.03 -66.59 63.30
CA ASN C 1098 -15.81 -67.68 62.36
C ASN C 1098 -17.06 -68.48 62.08
N GLY C 1099 -18.23 -67.94 62.44
CA GLY C 1099 -19.46 -68.67 62.41
C GLY C 1099 -19.76 -69.46 63.66
N THR C 1100 -18.75 -69.75 64.47
CA THR C 1100 -18.91 -70.44 65.74
C THR C 1100 -18.21 -69.71 66.88
N HIS C 1101 -17.04 -69.11 66.64
CA HIS C 1101 -16.25 -68.49 67.68
C HIS C 1101 -15.89 -67.07 67.27
N TRP C 1102 -15.71 -66.21 68.27
CA TRP C 1102 -15.42 -64.80 68.06
C TRP C 1102 -13.95 -64.49 68.35
N PHE C 1103 -13.43 -63.51 67.63
CA PHE C 1103 -12.04 -63.12 67.70
C PHE C 1103 -11.93 -61.61 67.57
N VAL C 1104 -10.81 -61.07 68.04
CA VAL C 1104 -10.48 -59.65 67.90
C VAL C 1104 -9.34 -59.56 66.89
N THR C 1105 -9.64 -59.06 65.70
CA THR C 1105 -8.61 -58.99 64.66
C THR C 1105 -8.40 -57.55 64.21
N GLN C 1106 -7.17 -57.23 63.87
CA GLN C 1106 -6.86 -55.88 63.42
C GLN C 1106 -7.61 -55.57 62.12
N ARG C 1107 -7.86 -54.29 61.91
CA ARG C 1107 -8.82 -53.85 60.90
C ARG C 1107 -8.31 -53.97 59.47
N ASN C 1108 -7.04 -54.29 59.27
CA ASN C 1108 -6.48 -54.38 57.92
C ASN C 1108 -5.80 -55.73 57.66
N PHE C 1109 -5.97 -56.71 58.54
CA PHE C 1109 -5.32 -58.01 58.36
C PHE C 1109 -5.94 -59.04 59.29
N TYR C 1110 -6.27 -60.21 58.78
CA TYR C 1110 -6.96 -61.23 59.56
C TYR C 1110 -5.98 -61.87 60.54
N GLU C 1111 -6.25 -61.72 61.84
CA GLU C 1111 -5.43 -62.32 62.89
C GLU C 1111 -6.32 -62.55 64.10
N PRO C 1112 -6.71 -63.81 64.36
CA PRO C 1112 -7.78 -64.07 65.33
C PRO C 1112 -7.62 -63.45 66.71
N GLN C 1113 -6.56 -63.81 67.45
CA GLN C 1113 -6.32 -63.20 68.75
C GLN C 1113 -7.53 -63.30 69.68
N ILE C 1114 -7.84 -64.52 70.15
CA ILE C 1114 -9.03 -64.82 70.95
C ILE C 1114 -9.24 -63.77 72.04
N ILE C 1115 -10.50 -63.46 72.32
CA ILE C 1115 -10.89 -62.28 73.09
C ILE C 1115 -10.44 -62.46 74.54
N THR C 1116 -9.74 -61.45 75.07
CA THR C 1116 -9.37 -61.41 76.47
C THR C 1116 -9.74 -60.04 77.04
N THR C 1117 -9.50 -59.85 78.34
CA THR C 1117 -9.70 -58.54 78.95
C THR C 1117 -8.56 -57.58 78.63
N ASP C 1118 -7.42 -58.08 78.19
CA ASP C 1118 -6.29 -57.21 77.85
C ASP C 1118 -6.55 -56.39 76.59
N ASN C 1119 -7.26 -56.96 75.60
CA ASN C 1119 -7.53 -56.28 74.35
C ASN C 1119 -8.97 -55.80 74.24
N THR C 1120 -9.71 -55.77 75.35
CA THR C 1120 -11.06 -55.23 75.38
C THR C 1120 -11.23 -54.38 76.63
N PHE C 1121 -12.11 -53.39 76.55
CA PHE C 1121 -12.38 -52.50 77.67
C PHE C 1121 -13.88 -52.35 77.88
N VAL C 1122 -14.27 -52.15 79.13
CA VAL C 1122 -15.67 -52.22 79.56
C VAL C 1122 -16.25 -50.81 79.63
N SER C 1123 -17.47 -50.65 79.11
CA SER C 1123 -18.12 -49.35 79.08
C SER C 1123 -19.59 -49.45 79.50
N GLY C 1124 -19.86 -50.15 80.60
CA GLY C 1124 -21.21 -50.12 81.14
C GLY C 1124 -21.92 -51.46 81.24
N ASN C 1125 -23.09 -51.56 80.63
CA ASN C 1125 -23.90 -52.76 80.66
C ASN C 1125 -24.51 -53.02 79.28
N CYS C 1126 -24.99 -54.24 79.09
CA CYS C 1126 -25.46 -54.68 77.77
C CYS C 1126 -26.91 -54.27 77.52
N ASP C 1127 -27.21 -52.97 77.63
CA ASP C 1127 -28.56 -52.48 77.38
C ASP C 1127 -28.62 -51.45 76.27
N VAL C 1128 -27.76 -50.43 76.32
CA VAL C 1128 -27.88 -49.32 75.38
C VAL C 1128 -27.38 -49.73 73.99
N VAL C 1129 -26.25 -50.43 73.92
CA VAL C 1129 -25.62 -50.73 72.64
C VAL C 1129 -26.52 -51.66 71.83
N ILE C 1130 -26.62 -51.40 70.53
CA ILE C 1130 -27.60 -52.08 69.69
C ILE C 1130 -27.13 -53.48 69.33
N GLY C 1131 -25.99 -53.57 68.64
CA GLY C 1131 -25.54 -54.84 68.11
C GLY C 1131 -24.83 -55.74 69.09
N ILE C 1132 -25.24 -55.68 70.36
CA ILE C 1132 -24.62 -56.52 71.39
C ILE C 1132 -24.82 -57.99 71.05
N VAL C 1133 -23.73 -58.75 71.09
CA VAL C 1133 -23.75 -60.19 70.90
C VAL C 1133 -23.16 -60.84 72.12
N ASN C 1134 -23.91 -61.76 72.74
CA ASN C 1134 -23.44 -62.42 73.95
C ASN C 1134 -22.27 -63.34 73.65
N ASN C 1135 -21.29 -63.34 74.54
CA ASN C 1135 -20.09 -64.15 74.41
C ASN C 1135 -19.35 -64.11 75.75
N THR C 1136 -18.16 -64.69 75.78
CA THR C 1136 -17.28 -64.67 76.94
C THR C 1136 -15.98 -63.98 76.58
N VAL C 1137 -15.42 -63.24 77.53
CA VAL C 1137 -14.10 -62.64 77.38
C VAL C 1137 -13.14 -63.35 78.32
N TYR C 1138 -12.07 -63.91 77.77
CA TYR C 1138 -11.11 -64.67 78.54
C TYR C 1138 -10.39 -63.75 79.52
N ASP C 1139 -9.95 -64.32 80.64
CA ASP C 1139 -9.24 -63.57 81.66
C ASP C 1139 -7.83 -64.12 81.79
N PRO C 1140 -6.80 -63.36 81.45
CA PRO C 1140 -5.42 -63.87 81.61
C PRO C 1140 -5.06 -64.21 83.03
N LEU C 1141 -5.62 -63.51 84.02
CA LEU C 1141 -5.29 -63.75 85.42
C LEU C 1141 -5.97 -65.01 85.96
N GLN C 1142 -7.16 -65.33 85.47
CA GLN C 1142 -7.98 -66.40 86.07
C GLN C 1142 -7.26 -67.75 86.16
N PRO C 1143 -6.60 -68.26 85.12
CA PRO C 1143 -5.89 -69.54 85.30
C PRO C 1143 -4.61 -69.39 86.09
N GLU C 1144 -3.99 -68.21 86.07
CA GLU C 1144 -2.75 -68.02 86.81
C GLU C 1144 -2.96 -68.25 88.31
N LEU C 1145 -4.04 -67.71 88.86
CA LEU C 1145 -4.38 -67.94 90.26
C LEU C 1145 -5.73 -68.63 90.38
N CYS D 15 49.96 42.56 16.15
CA CYS D 15 50.37 41.22 16.57
C CYS D 15 51.74 40.85 15.97
N VAL D 16 52.75 40.79 16.83
CA VAL D 16 54.12 40.52 16.42
C VAL D 16 54.38 39.03 16.58
N ASN D 17 55.21 38.48 15.69
CA ASN D 17 55.64 37.09 15.80
C ASN D 17 56.51 36.90 17.04
N LEU D 18 56.00 36.15 18.01
CA LEU D 18 56.79 35.85 19.20
C LEU D 18 57.82 34.77 18.90
N THR D 19 59.04 34.95 19.41
CA THR D 19 60.16 34.09 19.09
C THR D 19 60.93 33.71 20.34
N THR D 20 60.21 33.27 21.38
CA THR D 20 60.87 32.87 22.62
C THR D 20 60.30 31.53 23.11
N ARG D 21 59.62 30.81 22.22
CA ARG D 21 59.10 29.49 22.57
C ARG D 21 60.25 28.51 22.82
N THR D 22 59.97 27.49 23.63
CA THR D 22 61.01 26.56 24.06
C THR D 22 60.59 25.11 23.88
N GLN D 23 59.84 24.83 22.80
CA GLN D 23 59.42 23.47 22.46
C GLN D 23 58.67 22.80 23.61
N LEU D 24 59.33 21.86 24.31
CA LEU D 24 58.75 21.16 25.46
C LEU D 24 57.42 20.53 25.08
N PRO D 25 57.43 19.40 24.37
CA PRO D 25 56.18 18.86 23.84
C PRO D 25 55.17 18.62 24.94
N PRO D 26 53.89 18.86 24.66
CA PRO D 26 52.89 18.89 25.74
C PRO D 26 52.67 17.53 26.37
N ALA D 27 52.30 17.57 27.65
CA ALA D 27 51.99 16.37 28.41
C ALA D 27 50.48 16.11 28.43
N TYR D 28 50.11 14.98 29.03
CA TYR D 28 48.74 14.53 29.08
C TYR D 28 48.36 14.26 30.53
N THR D 29 47.10 14.49 30.88
CA THR D 29 46.64 14.32 32.25
C THR D 29 45.37 13.49 32.28
N ASN D 30 45.29 12.55 33.21
CA ASN D 30 44.11 11.70 33.34
C ASN D 30 42.95 12.54 33.86
N SER D 31 42.01 12.86 32.98
CA SER D 31 40.84 13.64 33.39
C SER D 31 40.01 12.86 34.39
N PHE D 32 39.62 13.53 35.47
CA PHE D 32 38.80 12.92 36.50
C PHE D 32 37.33 13.16 36.17
N THR D 33 36.44 12.91 37.14
CA THR D 33 35.00 13.01 36.93
C THR D 33 34.62 14.49 36.83
N ARG D 34 34.86 15.06 35.66
CA ARG D 34 34.51 16.44 35.38
C ARG D 34 34.06 16.56 33.93
N GLY D 35 33.22 17.55 33.68
CA GLY D 35 32.73 17.83 32.35
C GLY D 35 31.28 17.53 32.10
N VAL D 36 30.43 17.54 33.13
CA VAL D 36 29.01 17.25 32.99
C VAL D 36 28.24 18.54 33.22
N TYR D 37 27.46 18.93 32.23
CA TYR D 37 26.60 20.11 32.31
C TYR D 37 25.15 19.69 32.47
N TYR D 38 24.26 20.66 32.50
CA TYR D 38 22.84 20.38 32.58
C TYR D 38 22.33 20.06 31.19
N PRO D 39 22.08 18.78 30.87
CA PRO D 39 21.75 18.42 29.49
C PRO D 39 20.48 19.09 28.98
N ASP D 40 19.47 19.24 29.83
CA ASP D 40 18.22 19.86 29.42
C ASP D 40 17.88 21.01 30.36
N LYS D 41 16.78 21.72 30.05
CA LYS D 41 16.43 22.95 30.73
C LYS D 41 15.42 22.73 31.84
N VAL D 42 15.09 21.49 32.16
CA VAL D 42 13.98 21.15 33.05
C VAL D 42 14.52 20.80 34.42
N PHE D 43 14.01 21.49 35.44
CA PHE D 43 14.38 21.20 36.83
C PHE D 43 13.84 19.83 37.25
N ARG D 44 14.58 19.15 38.12
CA ARG D 44 14.16 17.88 38.67
C ARG D 44 14.64 17.79 40.12
N SER D 45 14.23 16.72 40.80
CA SER D 45 14.55 16.55 42.21
C SER D 45 14.48 15.08 42.60
N SER D 46 15.55 14.60 43.24
CA SER D 46 15.60 13.25 43.80
C SER D 46 15.30 12.18 42.75
N VAL D 47 15.82 12.39 41.53
CA VAL D 47 15.62 11.44 40.44
C VAL D 47 16.96 11.12 39.80
N LEU D 48 17.01 10.01 39.09
CA LEU D 48 18.16 9.58 38.32
C LEU D 48 17.75 9.54 36.85
N HIS D 49 18.24 10.48 36.06
CA HIS D 49 17.81 10.67 34.69
C HIS D 49 18.90 10.22 33.73
N SER D 50 18.54 9.38 32.77
CA SER D 50 19.47 8.85 31.78
C SER D 50 19.30 9.59 30.47
N THR D 51 20.40 10.11 29.93
CA THR D 51 20.34 10.85 28.68
C THR D 51 21.62 10.65 27.87
N GLN D 52 21.47 10.68 26.55
CA GLN D 52 22.58 10.60 25.62
C GLN D 52 22.80 11.96 24.96
N ASP D 53 24.03 12.42 24.94
CA ASP D 53 24.41 13.69 24.32
C ASP D 53 25.93 13.74 24.27
N LEU D 54 26.46 14.88 23.82
CA LEU D 54 27.90 15.08 23.75
C LEU D 54 28.41 15.39 25.15
N PHE D 55 29.13 14.43 25.75
CA PHE D 55 29.73 14.57 27.07
C PHE D 55 31.20 14.20 26.99
N LEU D 56 31.91 14.49 28.08
CA LEU D 56 33.32 14.15 28.21
C LEU D 56 33.43 12.83 28.95
N PRO D 57 33.85 11.74 28.30
CA PRO D 57 33.96 10.46 29.00
C PRO D 57 34.94 10.54 30.16
N PHE D 58 34.61 9.84 31.24
CA PHE D 58 35.49 9.81 32.41
C PHE D 58 36.80 9.11 32.07
N PHE D 59 37.86 9.55 32.75
CA PHE D 59 39.19 8.92 32.68
C PHE D 59 39.71 8.90 31.23
N SER D 60 39.98 10.10 30.72
CA SER D 60 40.63 10.30 29.43
C SER D 60 41.77 11.29 29.58
N ASN D 61 42.71 11.27 28.62
CA ASN D 61 43.74 12.31 28.60
C ASN D 61 43.19 13.68 28.23
N VAL D 62 43.73 14.70 28.90
CA VAL D 62 43.52 16.09 28.56
C VAL D 62 44.89 16.73 28.36
N THR D 63 45.01 17.55 27.32
CA THR D 63 46.32 18.03 26.85
C THR D 63 46.76 19.20 27.71
N TRP D 64 47.69 18.93 28.62
CA TRP D 64 48.15 19.94 29.57
C TRP D 64 49.00 20.99 28.87
N PHE D 65 48.72 22.26 29.13
CA PHE D 65 49.44 23.37 28.55
C PHE D 65 49.84 24.37 29.63
N HIS D 66 50.98 25.02 29.44
CA HIS D 66 51.53 25.98 30.40
C HIS D 66 51.85 27.31 29.72
N ALA D 67 52.14 28.32 30.54
CA ALA D 67 52.65 29.60 30.10
C ALA D 67 53.75 30.07 31.04
N ILE D 68 54.65 29.15 31.38
CA ILE D 68 55.59 29.32 32.49
C ILE D 68 56.82 30.08 32.02
N HIS D 69 57.34 30.93 32.90
CA HIS D 69 58.55 31.72 32.66
C HIS D 69 59.83 31.05 33.14
N VAL D 70 59.90 30.70 34.43
CA VAL D 70 61.12 30.22 35.07
C VAL D 70 62.24 31.25 34.91
N GLY D 75 66.53 26.11 33.10
CA GLY D 75 65.15 26.59 33.09
C GLY D 75 64.53 26.58 31.71
N THR D 76 63.29 27.05 31.62
CA THR D 76 62.58 27.10 30.34
C THR D 76 61.49 28.15 30.40
N LYS D 77 61.32 28.88 29.30
CA LYS D 77 60.27 29.89 29.16
C LYS D 77 59.34 29.41 28.06
N ARG D 78 58.27 28.72 28.44
CA ARG D 78 57.34 28.13 27.49
C ARG D 78 56.01 28.85 27.55
N PHE D 79 55.35 28.95 26.40
CA PHE D 79 54.11 29.68 26.25
C PHE D 79 53.22 28.94 25.25
N ASP D 80 51.98 28.69 25.64
CA ASP D 80 51.08 27.82 24.88
C ASP D 80 49.88 28.60 24.39
N ASN D 81 49.75 28.71 23.06
CA ASN D 81 48.48 29.08 22.44
C ASN D 81 48.38 28.56 21.01
N PRO D 82 48.50 27.25 20.78
CA PRO D 82 48.36 26.73 19.42
C PRO D 82 46.89 26.61 19.03
N VAL D 83 46.67 26.45 17.73
CA VAL D 83 45.33 26.34 17.18
C VAL D 83 44.98 24.86 17.15
N LEU D 84 44.21 24.41 18.14
CA LEU D 84 43.83 23.01 18.24
C LEU D 84 42.56 22.75 17.44
N PRO D 85 42.31 21.50 17.04
CA PRO D 85 41.02 21.17 16.44
C PRO D 85 39.90 21.29 17.46
N PHE D 86 38.71 21.66 16.97
CA PHE D 86 37.54 21.70 17.84
C PHE D 86 37.07 20.29 18.19
N ASN D 87 37.00 19.41 17.18
CA ASN D 87 36.59 18.02 17.37
C ASN D 87 35.20 17.94 17.99
N ASP D 88 34.32 18.85 17.60
CA ASP D 88 32.91 18.86 18.01
C ASP D 88 32.77 18.90 19.54
N GLY D 89 33.26 20.00 20.12
CA GLY D 89 33.11 20.21 21.54
C GLY D 89 34.42 20.13 22.31
N VAL D 90 34.70 21.14 23.13
CA VAL D 90 35.93 21.20 23.92
C VAL D 90 35.58 21.49 25.37
N TYR D 91 36.21 20.76 26.28
CA TYR D 91 36.06 20.97 27.72
C TYR D 91 37.22 21.84 28.18
N PHE D 92 37.10 23.13 27.91
CA PHE D 92 38.11 24.07 28.36
C PHE D 92 38.09 24.19 29.88
N ALA D 93 39.27 24.30 30.46
CA ALA D 93 39.39 24.56 31.89
C ALA D 93 40.68 25.32 32.13
N SER D 94 40.74 26.03 33.26
CA SER D 94 41.92 26.82 33.60
C SER D 94 42.11 26.83 35.10
N THR D 95 43.32 26.51 35.55
CA THR D 95 43.68 26.54 36.97
C THR D 95 44.81 27.55 37.10
N GLU D 96 44.45 28.81 37.31
CA GLU D 96 45.36 29.94 37.20
C GLU D 96 45.46 30.68 38.52
N LYS D 97 46.64 31.25 38.77
CA LYS D 97 46.82 32.09 39.95
C LYS D 97 46.15 33.44 39.78
N SER D 98 46.52 34.17 38.73
CA SER D 98 45.94 35.46 38.39
C SER D 98 45.07 35.30 37.15
N ASN D 99 44.53 36.44 36.68
CA ASN D 99 43.61 36.44 35.54
C ASN D 99 44.42 36.41 34.24
N ILE D 100 45.10 35.28 34.02
CA ILE D 100 45.96 35.14 32.87
C ILE D 100 45.15 34.75 31.63
N ILE D 101 44.18 33.85 31.80
CA ILE D 101 43.37 33.43 30.66
C ILE D 101 42.42 34.56 30.29
N ARG D 102 42.38 34.87 28.99
CA ARG D 102 41.59 36.00 28.51
C ARG D 102 40.55 35.62 27.47
N GLY D 103 40.93 34.88 26.43
CA GLY D 103 40.00 34.69 25.34
C GLY D 103 40.11 33.40 24.55
N TRP D 104 39.20 33.24 23.60
CA TRP D 104 39.15 32.08 22.72
C TRP D 104 38.83 32.57 21.32
N ILE D 105 39.57 32.07 20.33
CA ILE D 105 39.38 32.45 18.94
C ILE D 105 38.94 31.21 18.17
N PHE D 106 37.81 31.31 17.49
CA PHE D 106 37.20 30.18 16.79
C PHE D 106 37.21 30.44 15.29
N GLY D 107 36.54 29.54 14.57
CA GLY D 107 36.39 29.57 13.13
C GLY D 107 36.77 28.24 12.53
N THR D 108 36.68 28.16 11.21
CA THR D 108 37.10 26.98 10.47
C THR D 108 38.38 27.21 9.67
N THR D 109 38.64 28.45 9.29
CA THR D 109 39.89 28.83 8.63
C THR D 109 40.57 29.99 9.34
N LEU D 110 40.27 30.19 10.61
CA LEU D 110 40.78 31.31 11.40
C LEU D 110 40.36 32.65 10.80
N SER D 116 34.51 32.10 14.43
CA SER D 116 35.20 33.39 14.38
C SER D 116 34.87 34.19 15.62
N LEU D 117 34.50 33.47 16.69
CA LEU D 117 34.16 34.14 17.93
C LEU D 117 35.40 34.57 18.69
N LEU D 118 35.48 35.86 18.99
CA LEU D 118 36.54 36.41 19.84
C LEU D 118 36.01 36.75 21.23
N ILE D 119 35.51 35.73 21.92
CA ILE D 119 35.13 35.92 23.30
C ILE D 119 36.38 36.27 24.09
N VAL D 120 36.47 37.54 24.52
CA VAL D 120 37.70 38.04 25.09
C VAL D 120 37.35 38.96 26.25
N ASN D 121 38.25 39.07 27.21
CA ASN D 121 38.08 39.93 28.37
C ASN D 121 39.18 40.98 28.40
N ASN D 122 38.84 42.20 27.99
CA ASN D 122 39.81 43.29 27.89
C ASN D 122 39.97 44.05 29.20
N ALA D 123 39.57 43.46 30.32
CA ALA D 123 39.68 43.96 31.70
C ALA D 123 38.71 45.09 32.00
N THR D 124 38.00 45.63 31.00
CA THR D 124 36.94 46.58 31.27
C THR D 124 35.58 45.93 31.35
N ASN D 125 35.38 44.82 30.65
CA ASN D 125 34.19 43.99 30.72
C ASN D 125 34.48 42.74 29.90
N VAL D 126 33.52 41.81 29.91
CA VAL D 126 33.60 40.63 29.07
C VAL D 126 32.89 40.94 27.77
N VAL D 127 33.66 41.26 26.74
CA VAL D 127 33.12 41.68 25.45
C VAL D 127 33.25 40.52 24.49
N ILE D 128 32.15 40.19 23.80
CA ILE D 128 32.09 39.06 22.88
C ILE D 128 31.85 39.60 21.49
N LYS D 129 32.89 39.66 20.69
CA LYS D 129 32.82 40.17 19.32
C LYS D 129 32.81 38.99 18.36
N VAL D 130 31.73 38.88 17.58
CA VAL D 130 31.60 37.83 16.59
C VAL D 130 32.25 38.22 15.26
N CYS D 131 32.79 39.43 15.18
CA CYS D 131 33.28 39.98 13.92
C CYS D 131 34.49 39.20 13.40
N GLU D 132 34.50 38.97 12.09
CA GLU D 132 35.73 38.56 11.43
C GLU D 132 36.76 39.69 11.58
N PHE D 133 38.01 39.31 11.81
CA PHE D 133 39.04 40.29 12.14
C PHE D 133 40.24 40.10 11.24
N GLN D 134 41.27 40.92 11.47
CA GLN D 134 42.54 40.72 10.78
C GLN D 134 43.25 39.52 11.41
N PHE D 135 43.10 38.35 10.80
CA PHE D 135 43.54 37.10 11.41
C PHE D 135 45.03 36.91 11.19
N CYS D 136 45.76 36.84 12.31
CA CYS D 136 47.22 36.75 12.31
C CYS D 136 47.66 35.74 13.37
N ASN D 137 48.93 35.37 13.33
CA ASN D 137 49.42 34.28 14.16
C ASN D 137 49.83 34.76 15.55
N ASP D 138 49.69 33.86 16.53
CA ASP D 138 50.19 34.06 17.89
C ASP D 138 49.75 35.39 18.52
N PRO D 139 48.47 35.54 18.84
CA PRO D 139 48.02 36.76 19.51
C PRO D 139 48.02 36.62 21.03
N PHE D 140 48.31 37.73 21.70
CA PHE D 140 48.34 37.77 23.16
C PHE D 140 47.80 39.11 23.63
N LEU D 141 47.51 39.19 24.93
CA LEU D 141 47.11 40.44 25.57
C LEU D 141 48.19 40.86 26.56
N GLY D 142 48.48 42.16 26.58
CA GLY D 142 49.62 42.64 27.36
C GLY D 142 49.30 43.65 28.44
N VAL D 143 50.01 43.56 29.56
CA VAL D 143 49.94 44.52 30.66
C VAL D 143 51.36 44.98 30.97
N TYR D 144 51.54 46.29 31.12
CA TYR D 144 52.83 46.87 31.43
C TYR D 144 52.85 47.28 32.90
N TYR D 145 53.90 46.85 33.62
CA TYR D 145 53.96 47.03 35.06
C TYR D 145 54.55 48.41 35.41
N SER D 151 51.66 50.88 36.54
CA SER D 151 50.58 50.99 37.52
C SER D 151 49.57 49.86 37.29
N TRP D 152 50.07 48.72 36.81
CA TRP D 152 49.25 47.53 36.54
C TRP D 152 48.15 47.84 35.51
N MET D 153 48.53 48.49 34.41
CA MET D 153 47.60 48.93 33.39
C MET D 153 47.79 48.13 32.11
N GLU D 154 46.68 47.73 31.50
CA GLU D 154 46.74 47.07 30.20
C GLU D 154 47.20 48.05 29.14
N SER D 155 48.11 47.61 28.26
CA SER D 155 48.75 48.50 27.30
C SER D 155 48.66 48.04 25.86
N GLU D 156 48.75 46.74 25.57
CA GLU D 156 48.76 46.25 24.20
C GLU D 156 47.67 45.21 24.02
N PHE D 157 46.84 45.39 22.99
CA PHE D 157 45.74 44.47 22.75
C PHE D 157 46.21 43.23 22.00
N ARG D 158 46.74 43.39 20.79
CA ARG D 158 47.35 42.37 19.95
C ARG D 158 46.42 41.19 19.65
N VAL D 159 45.17 41.21 20.14
CA VAL D 159 44.19 40.21 19.77
C VAL D 159 42.95 40.86 19.15
N TYR D 160 42.65 42.10 19.49
CA TYR D 160 41.55 42.86 18.89
C TYR D 160 42.09 43.57 17.65
N SER D 161 42.56 42.74 16.71
CA SER D 161 43.41 43.24 15.63
C SER D 161 42.69 44.26 14.76
N SER D 162 41.43 43.99 14.41
CA SER D 162 40.70 44.88 13.53
C SER D 162 39.21 44.71 13.77
N ALA D 163 38.44 45.54 13.09
CA ALA D 163 36.98 45.46 13.08
C ALA D 163 36.52 45.25 11.65
N ASN D 164 35.82 44.15 11.41
CA ASN D 164 35.42 43.76 10.05
C ASN D 164 34.09 43.01 10.12
N ASN D 165 33.82 42.21 9.08
CA ASN D 165 32.51 41.58 8.88
C ASN D 165 31.99 41.01 10.20
N CYS D 166 30.86 41.52 10.68
CA CYS D 166 30.55 41.29 12.09
C CYS D 166 29.39 40.33 12.40
N THR D 167 28.17 40.67 11.98
CA THR D 167 26.97 40.06 12.54
C THR D 167 27.08 39.93 14.07
N PHE D 168 27.56 40.99 14.71
CA PHE D 168 28.11 40.90 16.05
C PHE D 168 27.02 40.88 17.13
N GLU D 169 27.41 40.40 18.32
CA GLU D 169 26.55 40.37 19.50
C GLU D 169 27.38 40.84 20.72
N TYR D 170 28.06 41.97 20.58
CA TYR D 170 28.84 42.51 21.69
C TYR D 170 27.94 42.79 22.89
N VAL D 171 28.38 42.32 24.07
CA VAL D 171 27.58 42.37 25.29
C VAL D 171 28.47 42.69 26.50
N SER D 172 27.80 42.90 27.63
CA SER D 172 28.43 42.97 28.94
C SER D 172 28.47 41.57 29.54
N GLN D 173 28.71 41.50 30.88
CA GLN D 173 29.19 40.38 31.69
C GLN D 173 30.35 40.87 32.55
N PRO D 174 31.00 40.00 33.44
CA PRO D 174 31.89 40.54 34.50
C PRO D 174 32.73 41.75 34.16
N PHE D 175 32.76 42.70 35.10
CA PHE D 175 33.22 44.06 34.90
C PHE D 175 34.48 44.34 35.71
N LEU D 176 35.41 45.07 35.09
CA LEU D 176 36.60 45.60 35.76
C LEU D 176 37.45 44.48 36.36
N MET D 177 38.03 43.66 35.50
CA MET D 177 38.97 42.64 35.94
C MET D 177 40.37 43.24 36.07
N ASP D 178 41.08 42.84 37.13
CA ASP D 178 42.41 43.36 37.42
C ASP D 178 43.47 42.38 36.95
N LEU D 179 44.51 42.88 36.29
CA LEU D 179 45.62 42.05 35.81
C LEU D 179 46.72 42.02 36.87
N GLU D 180 46.32 41.70 38.09
CA GLU D 180 47.20 41.75 39.25
C GLU D 180 47.88 40.40 39.40
N GLY D 181 49.17 40.34 39.08
CA GLY D 181 49.91 39.10 39.22
C GLY D 181 50.07 38.70 40.69
N LYS D 182 50.12 37.40 40.91
CA LYS D 182 50.22 36.85 42.26
C LYS D 182 51.24 35.72 42.28
N GLN D 183 51.87 35.54 43.43
CA GLN D 183 52.86 34.48 43.65
C GLN D 183 52.32 33.50 44.68
N GLY D 184 52.28 32.23 44.33
CA GLY D 184 51.80 31.20 45.22
C GLY D 184 50.93 30.21 44.47
N ASN D 185 50.24 29.37 45.25
CA ASN D 185 49.34 28.39 44.70
C ASN D 185 48.15 29.07 44.01
N PHE D 186 47.67 28.45 42.93
CA PHE D 186 46.50 29.00 42.25
C PHE D 186 45.27 28.76 43.11
N LYS D 187 44.32 29.70 43.03
CA LYS D 187 43.11 29.63 43.84
C LYS D 187 41.83 29.69 43.02
N ASN D 188 41.90 29.51 41.71
CA ASN D 188 40.74 29.68 40.83
C ASN D 188 40.72 28.59 39.78
N LEU D 189 39.52 28.09 39.47
CA LEU D 189 39.30 27.16 38.37
C LEU D 189 38.07 27.61 37.59
N ARG D 190 38.19 27.61 36.26
CA ARG D 190 37.11 28.03 35.37
C ARG D 190 36.88 26.96 34.31
N GLU D 191 35.79 26.23 34.43
CA GLU D 191 35.43 25.17 33.50
C GLU D 191 34.40 25.71 32.52
N PHE D 192 34.79 25.84 31.24
CA PHE D 192 33.96 26.47 30.22
C PHE D 192 33.74 25.49 29.08
N VAL D 193 32.66 24.70 29.18
CA VAL D 193 32.34 23.74 28.12
C VAL D 193 31.78 24.48 26.91
N PHE D 194 32.34 24.19 25.74
CA PHE D 194 31.90 24.79 24.48
C PHE D 194 31.31 23.70 23.61
N LYS D 195 30.07 23.89 23.16
CA LYS D 195 29.37 22.90 22.36
C LYS D 195 28.56 23.61 21.29
N ASN D 196 28.50 23.00 20.10
CA ASN D 196 27.80 23.57 18.95
C ASN D 196 26.66 22.64 18.55
N ILE D 197 25.42 23.03 18.88
CA ILE D 197 24.23 22.34 18.42
C ILE D 197 23.20 23.38 17.99
N ASP D 198 22.58 23.14 16.83
CA ASP D 198 21.51 23.99 16.32
C ASP D 198 21.98 25.44 16.14
N GLY D 199 23.21 25.60 15.68
CA GLY D 199 23.75 26.95 15.48
C GLY D 199 23.83 27.75 16.76
N TYR D 200 24.14 27.09 17.87
CA TYR D 200 24.25 27.76 19.16
C TYR D 200 25.55 27.33 19.84
N PHE D 201 26.08 28.22 20.66
CA PHE D 201 27.20 27.88 21.54
C PHE D 201 26.70 27.97 22.98
N LYS D 202 26.45 26.82 23.59
CA LYS D 202 25.98 26.74 24.96
C LYS D 202 27.21 26.78 25.86
N ILE D 203 27.47 27.95 26.46
CA ILE D 203 28.67 28.14 27.27
C ILE D 203 28.39 27.70 28.69
N TYR D 204 28.50 26.41 28.96
CA TYR D 204 28.36 25.93 30.33
C TYR D 204 29.58 26.33 31.14
N SER D 205 29.34 26.91 32.32
CA SER D 205 30.43 27.53 33.05
C SER D 205 30.29 27.26 34.55
N LYS D 206 31.40 27.43 35.26
CA LYS D 206 31.45 27.32 36.71
C LYS D 206 32.77 27.92 37.20
N HIS D 207 32.67 28.79 38.19
CA HIS D 207 33.82 29.54 38.69
C HIS D 207 34.28 29.03 40.06
N THR D 208 34.23 27.73 40.27
CA THR D 208 34.57 27.17 41.58
C THR D 208 36.07 27.36 41.87
N PRO D 209 36.43 27.93 43.01
CA PRO D 209 37.85 28.10 43.35
C PRO D 209 38.45 26.87 44.02
N ILE D 210 39.65 26.48 43.60
CA ILE D 210 40.39 25.37 44.19
C ILE D 210 41.85 25.80 44.37
N ASN D 211 42.43 25.46 45.52
CA ASN D 211 43.80 25.84 45.85
C ASN D 211 44.72 24.62 45.68
N LEU D 212 45.72 24.76 44.81
CA LEU D 212 46.73 23.74 44.60
C LEU D 212 47.87 24.36 43.82
N VAL D 213 48.84 23.52 43.42
CA VAL D 213 50.00 24.02 42.70
C VAL D 213 49.87 23.74 41.21
N ARG D 214 49.26 22.61 40.84
CA ARG D 214 49.10 22.26 39.44
C ARG D 214 48.06 21.14 39.33
N ASP D 215 47.91 20.63 38.11
CA ASP D 215 47.09 19.45 37.82
C ASP D 215 45.60 19.77 38.00
N LEU D 216 44.74 18.79 37.74
CA LEU D 216 43.30 18.93 37.89
C LEU D 216 42.84 18.20 39.14
N PRO D 217 42.12 18.87 40.04
CA PRO D 217 41.73 18.23 41.30
C PRO D 217 40.68 17.15 41.10
N GLN D 218 40.61 16.25 42.09
CA GLN D 218 39.63 15.16 42.09
C GLN D 218 38.34 15.67 42.73
N GLY D 219 37.40 16.10 41.91
CA GLY D 219 36.12 16.56 42.38
C GLY D 219 35.17 16.73 41.21
N PHE D 220 33.88 16.83 41.53
CA PHE D 220 32.83 16.98 40.52
C PHE D 220 32.09 18.28 40.76
N SER D 221 31.68 18.94 39.68
CA SER D 221 30.86 20.13 39.77
C SER D 221 30.12 20.31 38.44
N ALA D 222 28.82 20.56 38.52
CA ALA D 222 28.03 20.80 37.33
C ALA D 222 28.39 22.14 36.72
N LEU D 223 28.08 22.30 35.43
CA LEU D 223 28.41 23.50 34.68
C LEU D 223 27.11 24.07 34.12
N GLU D 224 26.59 25.09 34.78
CA GLU D 224 25.28 25.64 34.43
C GLU D 224 25.34 26.34 33.07
N PRO D 225 24.27 26.31 32.29
CA PRO D 225 24.28 26.94 30.97
C PRO D 225 24.36 28.46 31.07
N LEU D 226 24.92 29.07 30.02
CA LEU D 226 24.96 30.52 29.90
C LEU D 226 24.39 30.94 28.56
N VAL D 227 24.61 32.21 28.17
CA VAL D 227 24.04 32.73 26.94
C VAL D 227 24.41 31.84 25.76
N ASP D 228 23.49 31.74 24.80
CA ASP D 228 23.69 30.97 23.58
C ASP D 228 23.80 31.93 22.40
N LEU D 229 24.69 31.59 21.45
CA LEU D 229 24.98 32.49 20.34
C LEU D 229 24.37 31.95 19.06
N PRO D 230 23.38 32.64 18.48
CA PRO D 230 22.69 32.13 17.28
C PRO D 230 23.40 32.53 15.98
N ILE D 231 24.65 32.11 15.84
CA ILE D 231 25.44 32.36 14.64
C ILE D 231 25.81 31.02 14.02
N GLY D 232 25.47 30.85 12.74
CA GLY D 232 25.78 29.62 12.04
C GLY D 232 27.19 29.60 11.51
N ILE D 233 28.17 29.41 12.40
CA ILE D 233 29.58 29.43 12.06
C ILE D 233 30.10 27.99 12.08
N ASN D 234 30.72 27.58 10.98
CA ASN D 234 31.35 26.27 10.92
C ASN D 234 32.61 26.27 11.78
N ILE D 235 32.69 25.34 12.72
CA ILE D 235 33.76 25.32 13.71
C ILE D 235 34.45 23.97 13.67
N THR D 236 35.75 23.98 13.39
CA THR D 236 36.60 22.82 13.49
C THR D 236 37.92 23.10 14.20
N ARG D 237 38.26 24.36 14.41
CA ARG D 237 39.51 24.74 15.08
C ARG D 237 39.23 25.88 16.05
N PHE D 238 40.03 25.94 17.11
CA PHE D 238 39.91 26.99 18.11
C PHE D 238 41.29 27.25 18.72
N GLN D 239 41.49 28.50 19.14
CA GLN D 239 42.75 28.92 19.76
C GLN D 239 42.45 29.71 21.02
N THR D 240 43.10 29.32 22.12
CA THR D 240 42.95 30.04 23.37
C THR D 240 43.82 31.30 23.38
N LEU D 241 43.60 32.15 24.37
CA LEU D 241 44.32 33.40 24.51
C LEU D 241 44.76 33.58 25.96
N LEU D 242 45.97 34.10 26.14
CA LEU D 242 46.53 34.34 27.46
C LEU D 242 46.90 35.81 27.60
N ALA D 243 47.20 36.20 28.83
CA ALA D 243 47.59 37.58 29.15
C ALA D 243 49.10 37.62 29.38
N LEU D 244 49.76 38.57 28.75
CA LEU D 244 51.21 38.67 28.85
C LEU D 244 51.61 39.87 29.70
N HIS D 245 52.71 39.74 30.43
CA HIS D 245 53.08 40.70 31.46
C HIS D 245 54.34 41.45 31.05
N ARG D 246 54.17 42.57 30.36
CA ARG D 246 55.26 43.53 30.23
C ARG D 246 55.62 44.08 31.60
N SER D 247 56.92 44.16 31.88
CA SER D 247 57.37 44.53 33.22
C SER D 247 58.59 45.42 33.10
N TYR D 248 59.27 45.64 34.22
CA TYR D 248 60.46 46.46 34.24
C TYR D 248 61.56 45.86 33.37
N LEU D 249 61.66 44.54 33.34
CA LEU D 249 62.66 43.83 32.53
C LEU D 249 61.91 43.07 31.44
N THR D 250 61.76 43.70 30.28
CA THR D 250 61.11 43.10 29.11
C THR D 250 62.02 43.28 27.90
N PRO D 251 63.06 42.46 27.78
CA PRO D 251 64.02 42.64 26.69
C PRO D 251 63.40 42.38 25.33
N GLY D 252 63.93 43.07 24.33
CA GLY D 252 63.49 42.86 22.96
C GLY D 252 62.22 43.58 22.56
N ASP D 253 61.63 44.37 23.46
CA ASP D 253 60.43 45.17 23.18
C ASP D 253 59.31 44.19 22.83
N SER D 254 58.69 44.29 21.64
CA SER D 254 57.51 43.49 21.34
C SER D 254 57.80 41.99 21.39
N SER D 255 58.93 41.57 20.83
CA SER D 255 59.33 40.17 20.86
C SER D 255 60.29 39.94 22.01
N SER D 256 60.13 38.83 22.70
CA SER D 256 60.94 38.35 23.82
C SER D 256 60.71 39.16 25.10
N GLY D 257 59.88 40.22 25.06
CA GLY D 257 59.56 40.92 26.30
C GLY D 257 58.86 40.01 27.29
N TRP D 258 57.80 39.33 26.83
CA TRP D 258 57.19 38.19 27.49
C TRP D 258 57.04 38.35 29.00
N THR D 259 57.75 37.52 29.77
CA THR D 259 57.64 37.46 31.23
C THR D 259 56.19 37.21 31.66
N ALA D 260 55.57 36.20 31.04
CA ALA D 260 54.20 35.85 31.38
C ALA D 260 54.12 35.26 32.79
N GLY D 261 53.02 35.57 33.47
CA GLY D 261 52.77 34.98 34.76
C GLY D 261 52.42 33.50 34.65
N ALA D 262 52.58 32.79 35.76
CA ALA D 262 52.31 31.36 35.77
C ALA D 262 50.82 31.10 35.56
N ALA D 263 50.52 30.14 34.68
CA ALA D 263 49.15 29.76 34.38
C ALA D 263 49.15 28.37 33.75
N ALA D 264 48.00 27.71 33.86
CA ALA D 264 47.80 26.37 33.30
C ALA D 264 46.36 26.23 32.85
N TYR D 265 46.16 25.67 31.67
CA TYR D 265 44.81 25.39 31.17
C TYR D 265 44.80 24.03 30.48
N TYR D 266 43.61 23.45 30.39
CA TYR D 266 43.42 22.08 29.94
C TYR D 266 42.31 22.04 28.91
N VAL D 267 42.49 21.21 27.87
CA VAL D 267 41.54 21.07 26.79
C VAL D 267 41.32 19.60 26.49
N GLY D 268 40.06 19.16 26.57
CA GLY D 268 39.70 17.82 26.15
C GLY D 268 38.56 17.89 25.15
N TYR D 269 38.28 16.75 24.52
CA TYR D 269 37.34 16.71 23.40
C TYR D 269 36.05 16.00 23.80
N LEU D 270 34.93 16.55 23.37
CA LEU D 270 33.62 16.00 23.70
C LEU D 270 33.24 14.90 22.71
N GLN D 271 32.64 13.84 23.22
CA GLN D 271 32.23 12.71 22.41
C GLN D 271 30.78 12.36 22.73
N PRO D 272 30.05 11.80 21.77
CA PRO D 272 28.71 11.28 22.07
C PRO D 272 28.80 10.20 23.14
N ARG D 273 27.86 10.24 24.09
CA ARG D 273 27.97 9.38 25.25
C ARG D 273 26.61 9.35 25.95
N THR D 274 26.44 8.36 26.83
CA THR D 274 25.24 8.24 27.65
C THR D 274 25.60 8.36 29.12
N PHE D 275 25.02 9.34 29.80
CA PHE D 275 25.18 9.45 31.25
C PHE D 275 23.86 9.30 31.99
N LEU D 276 23.95 8.69 33.16
CA LEU D 276 22.92 8.74 34.19
C LEU D 276 23.32 9.79 35.21
N LEU D 277 22.46 10.77 35.43
CA LEU D 277 22.74 11.89 36.31
C LEU D 277 21.80 11.88 37.51
N LYS D 278 22.36 12.15 38.69
CA LYS D 278 21.60 12.23 39.92
C LYS D 278 21.24 13.68 40.19
N TYR D 279 19.95 13.98 40.22
CA TYR D 279 19.45 15.30 40.59
C TYR D 279 19.09 15.28 42.07
N ASN D 280 19.69 16.18 42.84
CA ASN D 280 19.43 16.26 44.27
C ASN D 280 18.10 16.99 44.50
N GLU D 281 17.83 17.34 45.75
CA GLU D 281 16.57 17.99 46.08
C GLU D 281 16.44 19.33 45.37
N ASN D 282 17.52 20.10 45.30
CA ASN D 282 17.49 21.44 44.72
C ASN D 282 17.69 21.43 43.22
N GLY D 283 17.83 20.27 42.61
CA GLY D 283 18.10 20.19 41.18
C GLY D 283 19.55 20.30 40.80
N THR D 284 20.46 20.38 41.77
CA THR D 284 21.88 20.43 41.46
C THR D 284 22.39 19.04 41.11
N ILE D 285 23.02 18.92 39.95
CA ILE D 285 23.54 17.63 39.51
C ILE D 285 24.77 17.29 40.35
N THR D 286 24.60 16.36 41.28
CA THR D 286 25.66 16.04 42.23
C THR D 286 26.60 14.97 41.70
N ASP D 287 26.05 13.85 41.26
CA ASP D 287 26.88 12.77 40.72
C ASP D 287 26.43 12.42 39.30
N ALA D 288 27.30 11.70 38.60
CA ALA D 288 27.00 11.21 37.26
C ALA D 288 27.66 9.85 37.07
N VAL D 289 27.02 9.00 36.28
CA VAL D 289 27.51 7.66 35.98
C VAL D 289 27.68 7.54 34.48
N ASP D 290 28.86 7.09 34.05
CA ASP D 290 29.18 6.92 32.65
C ASP D 290 28.72 5.53 32.21
N CYS D 291 27.64 5.48 31.43
CA CYS D 291 27.04 4.19 31.07
C CYS D 291 28.01 3.32 30.28
N ALA D 292 28.64 3.89 29.25
CA ALA D 292 29.54 3.13 28.39
C ALA D 292 30.98 3.40 28.80
N LEU D 293 31.41 2.70 29.84
CA LEU D 293 32.77 2.78 30.34
C LEU D 293 33.12 1.51 31.11
N ASP D 294 33.08 1.60 32.44
CA ASP D 294 33.26 0.41 33.26
C ASP D 294 32.03 -0.49 33.15
N PRO D 295 32.22 -1.80 33.08
CA PRO D 295 31.06 -2.70 33.09
C PRO D 295 30.20 -2.54 34.32
N LEU D 296 30.82 -2.25 35.47
CA LEU D 296 30.04 -1.92 36.66
C LEU D 296 29.22 -0.66 36.44
N SER D 297 29.80 0.33 35.77
CA SER D 297 29.06 1.55 35.44
C SER D 297 27.89 1.24 34.50
N GLU D 298 28.11 0.36 33.53
CA GLU D 298 27.01 -0.05 32.66
C GLU D 298 25.91 -0.76 33.44
N THR D 299 26.29 -1.59 34.41
CA THR D 299 25.30 -2.22 35.28
C THR D 299 24.52 -1.18 36.06
N LYS D 300 25.20 -0.16 36.58
CA LYS D 300 24.50 0.93 37.25
C LYS D 300 23.53 1.62 36.31
N CYS D 301 23.95 1.83 35.07
CA CYS D 301 23.13 2.57 34.11
C CYS D 301 21.88 1.78 33.73
N THR D 302 22.03 0.49 33.44
CA THR D 302 20.89 -0.32 33.06
C THR D 302 19.92 -0.49 34.23
N LEU D 303 20.44 -0.79 35.41
CA LEU D 303 19.59 -0.85 36.60
C LEU D 303 19.08 0.53 37.00
N LYS D 304 19.70 1.60 36.49
CA LYS D 304 19.31 2.98 36.79
C LYS D 304 19.37 3.28 38.28
N SER D 305 20.29 2.61 38.98
CA SER D 305 20.56 2.87 40.39
C SER D 305 22.06 2.98 40.57
N PHE D 306 22.50 3.99 41.32
CA PHE D 306 23.93 4.22 41.48
C PHE D 306 24.59 3.05 42.21
N THR D 307 23.98 2.55 43.27
CA THR D 307 24.49 1.36 43.93
C THR D 307 23.83 0.11 43.36
N VAL D 308 24.58 -0.99 43.38
CA VAL D 308 24.08 -2.28 42.93
C VAL D 308 24.36 -3.31 44.01
N GLU D 309 23.63 -4.42 43.94
CA GLU D 309 23.72 -5.46 44.95
C GLU D 309 24.36 -6.71 44.35
N LYS D 310 24.75 -7.62 45.24
CA LYS D 310 25.35 -8.88 44.82
C LYS D 310 24.42 -9.63 43.86
N GLY D 311 24.96 -10.04 42.72
CA GLY D 311 24.18 -10.79 41.78
C GLY D 311 24.78 -10.75 40.38
N ILE D 312 23.94 -11.08 39.42
CA ILE D 312 24.31 -11.14 38.01
C ILE D 312 23.22 -10.43 37.21
N TYR D 313 23.63 -9.57 36.28
CA TYR D 313 22.71 -8.69 35.56
C TYR D 313 23.06 -8.71 34.08
N GLN D 314 22.06 -8.92 33.23
CA GLN D 314 22.30 -8.96 31.78
C GLN D 314 22.29 -7.53 31.26
N THR D 315 23.49 -6.93 31.19
CA THR D 315 23.59 -5.53 30.82
C THR D 315 23.28 -5.30 29.35
N SER D 316 23.86 -6.10 28.45
CA SER D 316 23.71 -5.87 27.02
C SER D 316 23.92 -7.18 26.29
N ASN D 317 24.11 -7.09 24.97
CA ASN D 317 24.21 -8.25 24.10
C ASN D 317 25.45 -8.15 23.22
N PHE D 318 26.15 -9.27 23.07
CA PHE D 318 27.36 -9.36 22.25
C PHE D 318 27.02 -10.09 20.95
N ARG D 319 27.55 -9.58 19.83
CA ARG D 319 27.31 -10.17 18.52
C ARG D 319 28.56 -10.02 17.68
N VAL D 320 29.08 -11.14 17.16
CA VAL D 320 30.33 -11.13 16.42
C VAL D 320 30.14 -10.42 15.09
N GLN D 321 31.13 -9.62 14.71
CA GLN D 321 31.08 -8.87 13.45
C GLN D 321 31.56 -9.75 12.30
N PRO D 322 30.83 -9.80 11.19
CA PRO D 322 31.35 -10.50 10.00
C PRO D 322 32.62 -9.84 9.48
N THR D 323 33.49 -10.64 8.88
CA THR D 323 34.82 -10.19 8.48
C THR D 323 35.10 -10.71 7.07
N GLU D 324 35.33 -9.78 6.13
CA GLU D 324 35.33 -10.02 4.69
C GLU D 324 34.03 -10.64 4.19
N SER D 325 34.02 -11.03 2.91
CA SER D 325 32.89 -11.67 2.26
C SER D 325 33.40 -12.58 1.16
N ILE D 326 32.64 -13.64 0.87
CA ILE D 326 33.06 -14.67 -0.07
C ILE D 326 31.91 -14.99 -1.01
N VAL D 327 32.24 -15.26 -2.28
CA VAL D 327 31.29 -15.70 -3.29
C VAL D 327 31.91 -16.89 -4.02
N ARG D 328 31.15 -17.98 -4.13
CA ARG D 328 31.60 -19.18 -4.83
C ARG D 328 30.56 -19.57 -5.87
N PHE D 329 31.01 -19.85 -7.08
CA PHE D 329 30.18 -20.23 -8.21
C PHE D 329 30.81 -21.43 -8.89
N PRO D 330 30.08 -22.15 -9.73
CA PRO D 330 30.66 -23.32 -10.39
C PRO D 330 31.93 -22.96 -11.14
N ASN D 331 32.93 -23.83 -11.03
CA ASN D 331 34.27 -23.49 -11.49
C ASN D 331 34.28 -23.26 -13.00
N ILE D 332 35.37 -22.62 -13.45
CA ILE D 332 35.63 -22.21 -14.84
C ILE D 332 34.33 -21.70 -15.46
N THR D 333 34.08 -22.10 -16.70
CA THR D 333 32.86 -21.70 -17.39
C THR D 333 32.50 -22.74 -18.44
N ASN D 334 31.34 -22.56 -19.04
CA ASN D 334 30.98 -23.28 -20.25
C ASN D 334 31.47 -22.55 -21.49
N LEU D 335 32.61 -21.86 -21.37
CA LEU D 335 33.09 -20.85 -22.31
C LEU D 335 32.79 -21.20 -23.76
N CYS D 336 32.18 -20.27 -24.45
CA CYS D 336 31.65 -20.46 -25.79
C CYS D 336 32.77 -20.56 -26.81
N PRO D 337 32.53 -21.24 -27.93
CA PRO D 337 33.38 -21.06 -29.11
C PRO D 337 33.08 -19.75 -29.82
N PHE D 338 32.98 -18.67 -29.03
CA PHE D 338 32.78 -17.35 -29.61
C PHE D 338 34.02 -16.89 -30.37
N GLY D 339 35.20 -17.22 -29.84
CA GLY D 339 36.44 -16.69 -30.40
C GLY D 339 36.65 -17.08 -31.86
N GLU D 340 36.22 -18.29 -32.23
CA GLU D 340 36.40 -18.74 -33.61
C GLU D 340 35.62 -17.85 -34.58
N VAL D 341 34.57 -17.19 -34.10
CA VAL D 341 33.85 -16.23 -34.94
C VAL D 341 34.72 -15.01 -35.23
N PHE D 342 35.36 -14.47 -34.18
CA PHE D 342 36.19 -13.29 -34.38
C PHE D 342 37.47 -13.60 -35.16
N ASN D 343 37.92 -14.86 -35.14
CA ASN D 343 39.16 -15.23 -35.80
C ASN D 343 38.96 -16.24 -36.92
N ALA D 344 37.79 -16.26 -37.55
CA ALA D 344 37.48 -17.27 -38.56
C ALA D 344 38.38 -17.09 -39.79
N THR D 345 38.70 -18.22 -40.43
CA THR D 345 39.51 -18.17 -41.65
C THR D 345 38.64 -18.00 -42.89
N ARG D 346 37.73 -18.95 -43.13
CA ARG D 346 36.77 -18.86 -44.23
C ARG D 346 35.59 -18.04 -43.76
N PHE D 347 35.38 -16.89 -44.39
CA PHE D 347 34.56 -15.84 -43.83
C PHE D 347 33.53 -15.39 -44.86
N ALA D 348 32.31 -15.10 -44.40
CA ALA D 348 31.20 -14.82 -45.29
C ALA D 348 31.25 -13.40 -45.83
N SER D 349 30.61 -13.20 -46.99
CA SER D 349 30.53 -11.88 -47.60
C SER D 349 29.52 -11.01 -46.86
N VAL D 350 29.50 -9.73 -47.22
CA VAL D 350 28.64 -8.78 -46.51
C VAL D 350 27.17 -9.03 -46.81
N TYR D 351 26.82 -9.26 -48.08
CA TYR D 351 25.42 -9.43 -48.43
C TYR D 351 24.89 -10.77 -47.92
N ALA D 352 25.69 -11.83 -48.03
CA ALA D 352 25.34 -13.13 -47.46
C ALA D 352 25.96 -13.24 -46.07
N TRP D 353 25.58 -12.29 -45.22
CA TRP D 353 26.16 -12.18 -43.89
C TRP D 353 25.77 -13.38 -43.03
N ASN D 354 26.78 -14.00 -42.43
CA ASN D 354 26.62 -15.23 -41.69
C ASN D 354 26.14 -14.93 -40.27
N ARG D 355 25.15 -15.69 -39.81
CA ARG D 355 24.58 -15.53 -38.48
C ARG D 355 24.90 -16.76 -37.64
N LYS D 356 25.28 -16.53 -36.39
CA LYS D 356 25.57 -17.61 -35.45
C LYS D 356 24.84 -17.33 -34.15
N ARG D 357 24.19 -18.37 -33.62
CA ARG D 357 23.52 -18.29 -32.33
C ARG D 357 24.43 -18.89 -31.27
N ILE D 358 24.93 -18.04 -30.37
CA ILE D 358 25.82 -18.50 -29.31
C ILE D 358 25.08 -18.63 -27.99
N SER D 359 23.75 -18.69 -28.02
CA SER D 359 22.96 -18.83 -26.81
C SER D 359 23.15 -20.22 -26.20
N ASN D 360 22.52 -20.42 -25.05
CA ASN D 360 22.62 -21.61 -24.20
C ASN D 360 24.05 -21.82 -23.73
N CYS D 361 24.90 -20.80 -23.80
CA CYS D 361 26.32 -20.92 -23.54
C CYS D 361 26.85 -19.63 -22.92
N VAL D 362 27.67 -19.77 -21.87
CA VAL D 362 28.27 -18.62 -21.23
C VAL D 362 29.49 -18.18 -22.01
N ALA D 363 29.50 -16.92 -22.43
CA ALA D 363 30.61 -16.33 -23.18
C ALA D 363 31.22 -15.21 -22.34
N ASP D 364 32.55 -15.09 -22.40
CA ASP D 364 33.26 -14.07 -21.64
C ASP D 364 33.51 -12.87 -22.55
N TYR D 365 33.00 -11.71 -22.14
CA TYR D 365 33.09 -10.50 -22.95
C TYR D 365 34.32 -9.67 -22.66
N SER D 366 34.98 -9.91 -21.52
CA SER D 366 36.13 -9.08 -21.13
C SER D 366 37.30 -9.26 -22.10
N VAL D 367 37.52 -10.49 -22.57
CA VAL D 367 38.68 -10.76 -23.43
C VAL D 367 38.60 -9.96 -24.72
N LEU D 368 37.38 -9.70 -25.21
CA LEU D 368 37.23 -8.93 -26.44
C LEU D 368 37.66 -7.48 -26.23
N TYR D 369 37.41 -6.92 -25.04
CA TYR D 369 37.82 -5.56 -24.75
C TYR D 369 39.33 -5.44 -24.64
N ASN D 370 39.98 -6.43 -24.03
CA ASN D 370 41.42 -6.34 -23.81
C ASN D 370 42.20 -6.50 -25.11
N SER D 371 41.53 -6.93 -26.18
CA SER D 371 42.20 -7.10 -27.46
C SER D 371 42.46 -5.75 -28.11
N ALA D 372 43.74 -5.47 -28.39
CA ALA D 372 44.09 -4.20 -29.03
C ALA D 372 43.78 -4.23 -30.52
N SER D 373 43.80 -5.42 -31.13
CA SER D 373 43.51 -5.52 -32.56
C SER D 373 42.09 -5.08 -32.87
N PHE D 374 41.13 -5.45 -32.03
CA PHE D 374 39.74 -5.04 -32.19
C PHE D 374 39.56 -3.60 -31.69
N SER D 375 40.37 -2.71 -32.29
CA SER D 375 40.47 -1.35 -31.78
C SER D 375 39.26 -0.50 -32.16
N THR D 376 38.73 -0.69 -33.37
CA THR D 376 37.65 0.15 -33.87
C THR D 376 36.34 -0.25 -33.18
N PHE D 377 36.33 -0.11 -31.86
CA PHE D 377 35.20 -0.57 -31.06
C PHE D 377 34.22 0.57 -30.84
N LYS D 378 33.14 0.56 -31.62
CA LYS D 378 32.07 1.56 -31.52
C LYS D 378 30.75 0.82 -31.39
N CYS D 379 30.22 0.73 -30.16
CA CYS D 379 28.91 0.11 -30.05
C CYS D 379 28.03 0.85 -29.05
N TYR D 380 26.76 0.44 -28.98
CA TYR D 380 25.69 1.26 -28.46
C TYR D 380 24.83 0.46 -27.48
N GLY D 381 24.14 1.17 -26.61
CA GLY D 381 23.19 0.51 -25.73
C GLY D 381 23.82 0.11 -24.41
N VAL D 382 24.06 -1.19 -24.24
CA VAL D 382 24.61 -1.70 -23.00
C VAL D 382 26.00 -1.12 -22.79
N SER D 383 26.30 -0.76 -21.55
CA SER D 383 27.60 -0.19 -21.22
C SER D 383 28.71 -1.20 -21.49
N PRO D 384 29.90 -0.72 -21.90
CA PRO D 384 31.00 -1.66 -22.19
C PRO D 384 31.38 -2.51 -21.00
N THR D 385 31.33 -1.97 -19.78
CA THR D 385 31.67 -2.75 -18.60
C THR D 385 30.50 -3.66 -18.21
N LYS D 386 29.30 -3.36 -18.69
CA LYS D 386 28.10 -4.04 -18.22
C LYS D 386 27.79 -5.31 -18.98
N LEU D 387 28.62 -5.72 -19.94
CA LEU D 387 28.36 -6.96 -20.67
C LEU D 387 28.38 -8.17 -19.73
N ASN D 388 29.43 -8.30 -18.92
CA ASN D 388 29.49 -9.39 -17.96
C ASN D 388 28.45 -9.22 -16.85
N ASP D 389 27.97 -7.99 -16.65
CA ASP D 389 27.06 -7.72 -15.54
C ASP D 389 25.66 -8.22 -15.84
N LEU D 390 25.25 -8.20 -17.11
CA LEU D 390 23.87 -8.51 -17.45
C LEU D 390 23.74 -9.93 -18.00
N CYS D 391 22.50 -10.40 -18.06
CA CYS D 391 22.16 -11.69 -18.64
C CYS D 391 21.21 -11.46 -19.81
N PHE D 392 21.28 -12.34 -20.81
CA PHE D 392 20.48 -12.18 -22.02
C PHE D 392 19.89 -13.52 -22.43
N THR D 393 18.78 -13.47 -23.17
CA THR D 393 18.16 -14.69 -23.65
C THR D 393 18.94 -15.31 -24.80
N ASN D 394 19.39 -14.48 -25.74
CA ASN D 394 20.06 -14.96 -26.95
C ASN D 394 21.39 -14.24 -27.12
N VAL D 395 22.27 -14.85 -27.90
CA VAL D 395 23.54 -14.25 -28.27
C VAL D 395 23.73 -14.45 -29.78
N TYR D 396 23.42 -13.42 -30.56
CA TYR D 396 23.45 -13.53 -32.01
C TYR D 396 24.67 -12.79 -32.57
N ALA D 397 25.45 -13.48 -33.39
CA ALA D 397 26.66 -12.93 -33.99
C ALA D 397 26.49 -12.83 -35.50
N ASP D 398 26.75 -11.64 -36.03
CA ASP D 398 26.75 -11.39 -37.47
C ASP D 398 28.17 -11.01 -37.89
N SER D 399 28.55 -11.36 -39.11
CA SER D 399 29.92 -11.20 -39.56
C SER D 399 29.96 -10.71 -41.00
N PHE D 400 30.87 -9.79 -41.29
CA PHE D 400 31.03 -9.28 -42.66
C PHE D 400 32.30 -8.46 -42.78
N VAL D 401 32.99 -8.60 -43.92
CA VAL D 401 34.14 -7.78 -44.26
C VAL D 401 33.66 -6.58 -45.06
N ILE D 402 34.25 -5.40 -44.77
CA ILE D 402 33.91 -4.19 -45.50
C ILE D 402 35.10 -3.23 -45.46
N ARG D 403 35.00 -2.16 -46.25
CA ARG D 403 36.06 -1.16 -46.36
C ARG D 403 36.03 -0.19 -45.19
N GLY D 404 37.12 0.57 -45.07
CA GLY D 404 37.29 1.45 -43.92
C GLY D 404 36.23 2.53 -43.81
N ASP D 405 35.87 3.14 -44.93
CA ASP D 405 34.94 4.27 -44.90
C ASP D 405 33.55 3.82 -44.48
N GLU D 406 33.30 2.51 -44.46
CA GLU D 406 31.97 2.01 -44.15
C GLU D 406 31.77 1.76 -42.66
N VAL D 407 32.75 2.10 -41.83
CA VAL D 407 32.59 1.92 -40.39
C VAL D 407 31.44 2.77 -39.88
N ARG D 408 31.43 4.06 -40.22
CA ARG D 408 30.35 4.95 -39.79
C ARG D 408 29.06 4.63 -40.52
N GLN D 409 29.16 4.13 -41.75
CA GLN D 409 27.96 3.89 -42.56
C GLN D 409 27.05 2.85 -41.92
N ILE D 410 27.63 1.81 -41.34
CA ILE D 410 26.83 0.74 -40.73
C ILE D 410 26.69 1.01 -39.24
N ALA D 411 25.48 1.42 -38.83
CA ALA D 411 25.18 1.74 -37.45
C ALA D 411 23.68 1.87 -37.31
N PRO D 412 23.14 1.75 -36.09
CA PRO D 412 21.70 1.99 -35.91
C PRO D 412 21.28 3.38 -36.33
N GLY D 413 22.12 4.39 -36.08
CA GLY D 413 21.74 5.76 -36.42
C GLY D 413 22.00 6.10 -37.87
N GLN D 414 23.22 5.84 -38.35
CA GLN D 414 23.63 6.18 -39.70
C GLN D 414 23.43 4.97 -40.62
N THR D 415 22.82 5.21 -41.78
CA THR D 415 22.57 4.17 -42.75
C THR D 415 22.99 4.65 -44.14
N GLY D 416 23.90 3.91 -44.77
CA GLY D 416 24.28 4.17 -46.14
C GLY D 416 23.63 3.17 -47.07
N LYS D 417 23.89 3.33 -48.37
CA LYS D 417 23.27 2.44 -49.35
C LYS D 417 23.68 1.00 -49.13
N ILE D 418 24.97 0.75 -48.90
CA ILE D 418 25.43 -0.61 -48.58
C ILE D 418 24.92 -1.02 -47.20
N ALA D 419 24.82 -0.06 -46.27
CA ALA D 419 24.35 -0.37 -44.93
C ALA D 419 22.85 -0.62 -44.91
N ASP D 420 22.09 0.17 -45.66
CA ASP D 420 20.63 0.04 -45.65
C ASP D 420 20.20 -1.30 -46.24
N TYR D 421 20.90 -1.76 -47.29
CA TYR D 421 20.44 -2.94 -48.01
C TYR D 421 21.07 -4.22 -47.45
N ASN D 422 22.40 -4.31 -47.48
CA ASN D 422 23.07 -5.58 -47.19
C ASN D 422 22.76 -6.07 -45.78
N TYR D 423 22.86 -5.18 -44.79
CA TYR D 423 22.62 -5.58 -43.41
C TYR D 423 22.29 -4.34 -42.60
N LYS D 424 21.01 -4.21 -42.21
CA LYS D 424 20.50 -3.04 -41.54
C LYS D 424 20.34 -3.32 -40.06
N LEU D 425 21.08 -2.59 -39.23
CA LEU D 425 20.95 -2.72 -37.80
C LEU D 425 19.62 -2.11 -37.33
N PRO D 426 19.02 -2.68 -36.29
CA PRO D 426 17.79 -2.10 -35.75
C PRO D 426 18.02 -0.69 -35.24
N ASP D 427 17.03 0.17 -35.41
CA ASP D 427 17.14 1.54 -34.92
C ASP D 427 17.31 1.58 -33.41
N ASP D 428 16.53 0.77 -32.70
CA ASP D 428 16.70 0.58 -31.26
C ASP D 428 17.56 -0.65 -31.06
N PHE D 429 18.87 -0.47 -31.17
CA PHE D 429 19.83 -1.57 -31.21
C PHE D 429 20.29 -1.91 -29.80
N THR D 430 19.79 -3.02 -29.26
CA THR D 430 20.18 -3.44 -27.93
C THR D 430 21.56 -4.07 -27.92
N GLY D 431 21.85 -4.94 -28.89
CA GLY D 431 23.19 -5.43 -29.06
C GLY D 431 24.09 -4.35 -29.64
N CYS D 432 25.39 -4.61 -29.65
CA CYS D 432 26.32 -3.61 -30.15
C CYS D 432 27.44 -4.22 -30.98
N VAL D 433 28.09 -3.37 -31.77
CA VAL D 433 28.94 -3.77 -32.90
C VAL D 433 30.40 -3.75 -32.46
N ILE D 434 31.19 -4.66 -33.02
CA ILE D 434 32.65 -4.66 -32.85
C ILE D 434 33.28 -4.64 -34.24
N ALA D 435 34.26 -3.76 -34.43
CA ALA D 435 34.96 -3.62 -35.71
C ALA D 435 36.45 -3.80 -35.49
N TRP D 436 37.09 -4.60 -36.34
CA TRP D 436 38.50 -4.96 -36.23
C TRP D 436 39.18 -4.81 -37.57
N ASN D 437 40.33 -4.15 -37.58
CA ASN D 437 41.09 -3.91 -38.80
C ASN D 437 41.95 -5.14 -39.10
N SER D 438 41.74 -5.72 -40.28
CA SER D 438 42.45 -6.93 -40.71
C SER D 438 42.93 -6.77 -42.15
N ASN D 439 43.58 -5.63 -42.42
CA ASN D 439 43.97 -5.28 -43.78
C ASN D 439 44.95 -6.30 -44.36
N ASN D 440 45.94 -6.72 -43.58
CA ASN D 440 47.02 -7.54 -44.11
C ASN D 440 46.53 -8.94 -44.48
N LEU D 441 45.72 -9.55 -43.61
CA LEU D 441 45.26 -10.91 -43.86
C LEU D 441 44.26 -10.95 -45.01
N ASP D 442 43.31 -10.01 -45.03
CA ASP D 442 42.26 -10.05 -46.04
C ASP D 442 42.79 -9.70 -47.42
N SER D 443 43.63 -8.68 -47.51
CA SER D 443 44.04 -8.10 -48.79
C SER D 443 45.33 -8.74 -49.27
N LYS D 444 45.30 -9.25 -50.50
CA LYS D 444 46.50 -9.73 -51.16
C LYS D 444 47.27 -8.57 -51.77
N VAL D 445 48.41 -8.89 -52.40
CA VAL D 445 49.21 -7.86 -53.05
C VAL D 445 48.45 -7.27 -54.22
N GLY D 446 48.45 -5.94 -54.32
CA GLY D 446 47.72 -5.26 -55.36
C GLY D 446 46.22 -5.47 -55.33
N GLY D 447 45.67 -5.89 -54.19
CA GLY D 447 44.26 -6.20 -54.09
C GLY D 447 43.96 -7.67 -54.32
N ASN D 448 42.73 -8.04 -53.98
CA ASN D 448 42.25 -9.41 -54.15
C ASN D 448 40.76 -9.35 -54.46
N TYR D 449 40.26 -10.43 -55.07
CA TYR D 449 38.86 -10.50 -55.50
C TYR D 449 38.25 -11.82 -55.01
N ASN D 450 37.70 -11.78 -53.80
CA ASN D 450 37.01 -12.92 -53.22
C ASN D 450 35.69 -12.55 -52.55
N TYR D 451 35.49 -11.28 -52.21
CA TYR D 451 34.29 -10.84 -51.51
C TYR D 451 33.46 -9.95 -52.42
N LEU D 452 32.16 -9.93 -52.17
CA LEU D 452 31.19 -9.28 -53.03
C LEU D 452 30.22 -8.48 -52.18
N TYR D 453 29.88 -7.27 -52.62
CA TYR D 453 28.91 -6.44 -51.93
C TYR D 453 27.73 -6.17 -52.86
N ARG D 454 26.54 -6.14 -52.29
CA ARG D 454 25.30 -5.97 -53.03
C ARG D 454 24.71 -4.60 -52.71
N LEU D 455 24.39 -3.82 -53.75
CA LEU D 455 23.92 -2.45 -53.55
C LEU D 455 22.73 -2.05 -54.41
N PHE D 456 22.34 -2.85 -55.40
CA PHE D 456 21.23 -2.53 -56.28
C PHE D 456 20.00 -3.32 -55.88
N ARG D 457 18.91 -2.62 -55.55
CA ARG D 457 17.61 -3.23 -55.33
C ARG D 457 16.57 -2.14 -55.18
N LYS D 458 15.32 -2.49 -55.51
CA LYS D 458 14.22 -1.54 -55.40
C LYS D 458 13.98 -1.15 -53.94
N SER D 459 13.98 -2.12 -53.03
CA SER D 459 13.61 -1.90 -51.64
C SER D 459 14.80 -2.18 -50.74
N ASN D 460 15.14 -1.21 -49.89
CA ASN D 460 16.14 -1.45 -48.85
C ASN D 460 15.60 -2.45 -47.84
N LEU D 461 16.44 -3.39 -47.43
CA LEU D 461 16.00 -4.48 -46.58
C LEU D 461 15.60 -3.97 -45.20
N LYS D 462 14.60 -4.63 -44.63
CA LYS D 462 14.19 -4.37 -43.26
C LYS D 462 15.31 -4.78 -42.30
N PRO D 463 15.31 -4.25 -41.07
CA PRO D 463 16.38 -4.60 -40.12
C PRO D 463 16.50 -6.11 -39.95
N PHE D 464 17.74 -6.59 -39.95
CA PHE D 464 18.06 -8.01 -39.81
C PHE D 464 17.39 -8.84 -40.91
N GLU D 465 17.64 -8.48 -42.17
CA GLU D 465 17.14 -9.21 -43.32
C GLU D 465 18.30 -9.65 -44.19
N ARG D 466 18.31 -10.92 -44.58
CA ARG D 466 19.33 -11.49 -45.45
C ARG D 466 18.72 -11.79 -46.81
N ASP D 467 19.34 -11.27 -47.86
CA ASP D 467 18.91 -11.53 -49.24
C ASP D 467 20.09 -12.10 -50.02
N ILE D 468 19.89 -13.29 -50.59
CA ILE D 468 20.92 -13.98 -51.35
C ILE D 468 20.59 -13.99 -52.84
N SER D 469 19.37 -13.58 -53.20
CA SER D 469 18.91 -13.70 -54.57
C SER D 469 19.83 -12.98 -55.55
N THR D 470 20.19 -13.66 -56.63
CA THR D 470 21.00 -13.10 -57.69
C THR D 470 20.17 -12.55 -58.84
N GLU D 471 18.84 -12.50 -58.67
CA GLU D 471 17.97 -11.95 -59.71
C GLU D 471 18.35 -10.50 -59.99
N ILE D 472 18.68 -10.22 -61.24
CA ILE D 472 19.26 -8.95 -61.66
C ILE D 472 18.15 -7.91 -61.78
N TYR D 473 18.37 -6.76 -61.15
CA TYR D 473 17.37 -5.69 -61.13
C TYR D 473 17.20 -5.09 -62.52
N GLN D 474 15.95 -4.86 -62.90
CA GLN D 474 15.59 -4.41 -64.24
C GLN D 474 15.49 -2.89 -64.34
N ALA D 475 15.83 -2.16 -63.28
CA ALA D 475 15.80 -0.70 -63.27
C ALA D 475 14.41 -0.16 -63.60
N GLY D 476 13.39 -0.78 -62.99
CA GLY D 476 12.06 -0.22 -63.08
C GLY D 476 11.25 -0.80 -64.22
N SER D 477 10.70 0.10 -65.05
CA SER D 477 9.73 -0.30 -66.05
C SER D 477 10.34 -1.22 -67.11
N THR D 478 11.57 -0.92 -67.53
CA THR D 478 12.17 -1.67 -68.63
C THR D 478 12.41 -3.11 -68.21
N PRO D 479 11.72 -4.08 -68.82
CA PRO D 479 11.90 -5.48 -68.42
C PRO D 479 13.05 -6.15 -69.15
N CYS D 480 14.08 -6.56 -68.39
CA CYS D 480 15.17 -7.31 -68.99
C CYS D 480 14.87 -8.80 -69.05
N ASN D 481 14.06 -9.29 -68.12
CA ASN D 481 13.68 -10.71 -68.06
C ASN D 481 14.91 -11.60 -67.90
N GLY D 482 15.88 -11.14 -67.12
CA GLY D 482 17.02 -11.94 -66.75
C GLY D 482 18.24 -11.84 -67.63
N VAL D 483 18.39 -10.75 -68.38
CA VAL D 483 19.58 -10.52 -69.21
C VAL D 483 20.22 -9.20 -68.80
N GLU D 484 21.55 -9.21 -68.69
CA GLU D 484 22.27 -7.99 -68.33
C GLU D 484 22.25 -6.99 -69.46
N GLY D 485 21.85 -5.75 -69.16
CA GLY D 485 21.80 -4.70 -70.15
C GLY D 485 22.09 -3.36 -69.52
N PHE D 486 21.90 -2.30 -70.30
CA PHE D 486 22.19 -0.96 -69.80
C PHE D 486 21.31 -0.64 -68.60
N ASN D 487 20.04 -1.01 -68.65
CA ASN D 487 19.17 -0.82 -67.50
C ASN D 487 19.28 -1.97 -66.51
N CYS D 488 19.32 -3.21 -67.01
CA CYS D 488 19.34 -4.39 -66.15
C CYS D 488 20.78 -4.78 -65.86
N TYR D 489 21.18 -4.65 -64.59
CA TYR D 489 22.55 -4.89 -64.17
C TYR D 489 22.59 -5.81 -62.96
N PHE D 490 23.72 -6.48 -62.78
CA PHE D 490 23.81 -7.52 -61.76
C PHE D 490 23.75 -6.87 -60.38
N PRO D 491 22.98 -7.44 -59.45
CA PRO D 491 22.71 -6.74 -58.18
C PRO D 491 23.94 -6.41 -57.36
N LEU D 492 24.95 -7.27 -57.38
CA LEU D 492 26.14 -7.09 -56.57
C LEU D 492 27.37 -6.93 -57.46
N GLN D 493 28.27 -6.03 -57.07
CA GLN D 493 29.44 -5.70 -57.85
C GLN D 493 30.71 -6.15 -57.13
N SER D 494 31.72 -6.53 -57.91
CA SER D 494 32.94 -7.10 -57.36
C SER D 494 33.66 -6.09 -56.48
N TYR D 495 34.22 -6.58 -55.38
CA TYR D 495 34.81 -5.73 -54.36
C TYR D 495 36.33 -5.86 -54.39
N GLY D 496 37.00 -4.80 -54.84
CA GLY D 496 38.45 -4.75 -54.85
C GLY D 496 38.98 -3.97 -53.66
N PHE D 497 39.89 -4.59 -52.91
CA PHE D 497 40.30 -4.06 -51.62
C PHE D 497 41.82 -4.13 -51.47
N GLN D 498 42.41 -3.05 -50.96
CA GLN D 498 43.84 -2.99 -50.67
C GLN D 498 44.08 -1.84 -49.71
N PRO D 499 45.00 -2.00 -48.76
CA PRO D 499 45.31 -0.87 -47.85
C PRO D 499 45.86 0.35 -48.57
N THR D 500 46.58 0.16 -49.68
CA THR D 500 47.18 1.28 -50.39
C THR D 500 46.11 2.16 -51.05
N ASN D 501 44.88 1.69 -51.10
CA ASN D 501 43.81 2.44 -51.75
C ASN D 501 43.47 3.70 -50.96
N GLY D 502 42.45 4.42 -51.43
CA GLY D 502 42.15 5.75 -50.95
C GLY D 502 41.46 5.84 -49.60
N VAL D 503 40.51 6.76 -49.48
CA VAL D 503 39.93 7.11 -48.20
C VAL D 503 39.03 5.97 -47.72
N GLY D 504 39.50 5.22 -46.74
CA GLY D 504 38.69 4.18 -46.12
C GLY D 504 38.34 3.03 -47.04
N TYR D 505 39.23 2.66 -47.94
CA TYR D 505 39.03 1.46 -48.75
C TYR D 505 39.72 0.24 -48.18
N GLN D 506 40.36 0.36 -47.02
CA GLN D 506 41.08 -0.76 -46.43
C GLN D 506 40.09 -1.84 -46.00
N PRO D 507 40.29 -3.10 -46.42
CA PRO D 507 39.36 -4.17 -46.03
C PRO D 507 39.58 -4.56 -44.57
N TYR D 508 38.50 -4.87 -43.87
CA TYR D 508 38.60 -5.37 -42.51
C TYR D 508 37.31 -6.08 -42.12
N ARG D 509 37.42 -6.93 -41.11
CA ARG D 509 36.32 -7.77 -40.66
C ARG D 509 35.51 -7.03 -39.59
N VAL D 510 34.21 -7.31 -39.53
CA VAL D 510 33.31 -6.72 -38.56
C VAL D 510 32.44 -7.84 -37.99
N VAL D 511 32.33 -7.87 -36.67
CA VAL D 511 31.45 -8.80 -35.96
C VAL D 511 30.49 -7.98 -35.12
N VAL D 512 29.20 -8.31 -35.20
CA VAL D 512 28.14 -7.57 -34.54
C VAL D 512 27.42 -8.52 -33.60
N LEU D 513 27.35 -8.15 -32.32
CA LEU D 513 26.71 -8.96 -31.31
C LEU D 513 25.34 -8.38 -30.99
N SER D 514 24.31 -9.21 -31.12
CA SER D 514 22.93 -8.83 -30.83
C SER D 514 22.40 -9.73 -29.72
N PHE D 515 21.78 -9.13 -28.70
CA PHE D 515 21.38 -9.90 -27.54
C PHE D 515 19.94 -10.38 -27.66
N GLU D 516 18.98 -9.45 -27.76
CA GLU D 516 17.56 -9.78 -27.89
C GLU D 516 17.09 -10.65 -26.73
N LEU D 517 17.13 -10.09 -25.53
CA LEU D 517 16.79 -10.80 -24.30
C LEU D 517 15.32 -10.69 -23.92
N LEU D 518 14.50 -10.07 -24.76
CA LEU D 518 13.14 -9.73 -24.34
C LEU D 518 12.22 -10.94 -24.32
N HIS D 519 12.38 -11.85 -25.28
CA HIS D 519 11.35 -12.86 -25.53
C HIS D 519 11.25 -13.87 -24.39
N ALA D 520 12.38 -14.43 -23.97
CA ALA D 520 12.33 -15.59 -23.08
C ALA D 520 13.27 -15.42 -21.90
N PRO D 521 13.24 -16.32 -20.92
CA PRO D 521 14.20 -16.25 -19.81
C PRO D 521 15.64 -16.19 -20.30
N ALA D 522 16.45 -15.36 -19.64
CA ALA D 522 17.84 -15.17 -20.03
C ALA D 522 18.64 -16.40 -19.65
N THR D 523 18.92 -17.25 -20.64
CA THR D 523 19.62 -18.51 -20.38
C THR D 523 21.12 -18.29 -20.16
N VAL D 524 21.68 -17.23 -20.76
CA VAL D 524 23.12 -17.01 -20.70
C VAL D 524 23.39 -15.80 -19.81
N CYS D 525 24.60 -15.78 -19.24
CA CYS D 525 25.07 -14.68 -18.40
C CYS D 525 26.56 -14.49 -18.60
N GLY D 526 27.03 -13.29 -18.32
CA GLY D 526 28.44 -13.00 -18.35
C GLY D 526 29.15 -13.53 -17.12
N PRO D 527 30.42 -13.90 -17.26
CA PRO D 527 31.18 -14.37 -16.10
C PRO D 527 31.24 -13.29 -15.02
N LYS D 528 31.12 -13.72 -13.76
CA LYS D 528 30.99 -12.77 -12.67
C LYS D 528 31.27 -13.45 -11.33
N LYS D 529 31.54 -12.61 -10.33
CA LYS D 529 31.54 -12.97 -8.91
C LYS D 529 32.27 -14.29 -8.63
N SER D 530 33.59 -14.28 -8.85
CA SER D 530 34.46 -15.37 -8.45
C SER D 530 35.35 -14.88 -7.31
N THR D 531 35.31 -15.59 -6.18
CA THR D 531 36.03 -15.20 -4.97
C THR D 531 36.59 -16.43 -4.29
N ASN D 532 37.68 -16.24 -3.55
CA ASN D 532 38.34 -17.34 -2.85
C ASN D 532 37.51 -17.79 -1.65
N LEU D 533 37.90 -18.92 -1.06
CA LEU D 533 37.14 -19.52 0.04
C LEU D 533 37.90 -19.42 1.36
N VAL D 534 37.14 -19.16 2.43
CA VAL D 534 37.65 -19.16 3.80
C VAL D 534 36.67 -19.91 4.68
N LYS D 535 37.19 -20.73 5.60
CA LYS D 535 36.38 -21.70 6.32
C LYS D 535 36.06 -21.19 7.71
N ASN D 536 37.05 -20.98 8.58
CA ASN D 536 36.78 -20.81 10.00
C ASN D 536 36.82 -19.33 10.39
N LYS D 537 35.75 -18.62 10.05
CA LYS D 537 35.59 -17.22 10.39
C LYS D 537 34.18 -16.77 10.06
N CYS D 538 33.58 -16.01 10.98
CA CYS D 538 32.29 -15.40 10.69
C CYS D 538 32.42 -14.47 9.49
N VAL D 539 31.64 -14.77 8.44
CA VAL D 539 31.80 -14.10 7.16
C VAL D 539 30.45 -14.02 6.48
N ASN D 540 30.24 -12.97 5.70
CA ASN D 540 29.06 -12.84 4.86
C ASN D 540 29.31 -13.58 3.55
N PHE D 541 28.52 -14.62 3.30
CA PHE D 541 28.77 -15.53 2.19
C PHE D 541 27.70 -15.34 1.12
N ASN D 542 28.04 -15.63 -0.13
CA ASN D 542 27.08 -15.75 -1.21
C ASN D 542 27.50 -16.95 -2.07
N PHE D 543 27.00 -18.13 -1.70
CA PHE D 543 27.33 -19.37 -2.41
C PHE D 543 26.23 -19.65 -3.42
N ASN D 544 26.45 -19.23 -4.66
CA ASN D 544 25.51 -19.49 -5.76
C ASN D 544 24.12 -18.96 -5.42
N GLY D 545 24.05 -17.69 -5.02
CA GLY D 545 22.79 -17.04 -4.73
C GLY D 545 22.30 -17.17 -3.31
N LEU D 546 22.96 -17.97 -2.48
CA LEU D 546 22.57 -18.17 -1.10
C LEU D 546 23.19 -17.08 -0.23
N THR D 547 22.35 -16.21 0.32
CA THR D 547 22.81 -15.00 1.02
C THR D 547 22.66 -15.20 2.52
N GLY D 548 23.67 -14.80 3.28
CA GLY D 548 23.62 -14.86 4.72
C GLY D 548 24.99 -14.63 5.32
N THR D 549 25.06 -14.81 6.64
CA THR D 549 26.31 -14.71 7.38
C THR D 549 26.46 -15.94 8.27
N GLY D 550 27.70 -16.40 8.44
CA GLY D 550 27.94 -17.54 9.32
C GLY D 550 29.36 -18.04 9.19
N VAL D 551 29.63 -19.10 9.93
CA VAL D 551 30.91 -19.81 9.88
C VAL D 551 30.73 -21.02 8.98
N LEU D 552 31.53 -21.09 7.93
CA LEU D 552 31.40 -22.14 6.91
C LEU D 552 32.46 -23.21 7.17
N THR D 553 32.07 -24.28 7.84
CA THR D 553 33.01 -25.32 8.25
C THR D 553 32.90 -26.51 7.31
N GLU D 554 33.93 -27.34 7.32
CA GLU D 554 33.88 -28.60 6.59
C GLU D 554 32.90 -29.55 7.26
N SER D 555 32.16 -30.30 6.44
CA SER D 555 31.06 -31.13 6.91
C SER D 555 31.30 -32.57 6.51
N ASN D 556 30.93 -33.50 7.40
CA ASN D 556 31.05 -34.92 7.07
C ASN D 556 29.81 -35.42 6.32
N LYS D 557 28.63 -34.93 6.69
CA LYS D 557 27.41 -35.34 6.00
C LYS D 557 27.38 -34.75 4.60
N LYS D 558 26.82 -35.53 3.67
CA LYS D 558 26.93 -35.25 2.24
C LYS D 558 25.55 -35.18 1.61
N PHE D 559 25.40 -34.28 0.64
CA PHE D 559 24.20 -34.24 -0.17
C PHE D 559 24.22 -35.34 -1.22
N LEU D 560 23.10 -35.51 -1.90
CA LEU D 560 23.07 -36.30 -3.11
C LEU D 560 23.77 -35.54 -4.24
N PRO D 561 24.27 -36.25 -5.26
CA PRO D 561 24.77 -35.54 -6.44
C PRO D 561 23.71 -34.67 -7.08
N PHE D 562 22.45 -35.03 -6.95
CA PHE D 562 21.35 -34.17 -7.37
C PHE D 562 21.33 -32.87 -6.58
N GLN D 563 21.33 -32.96 -5.26
CA GLN D 563 20.97 -31.83 -4.39
C GLN D 563 22.16 -30.90 -4.20
N GLN D 564 21.90 -29.60 -4.22
CA GLN D 564 22.98 -28.62 -4.14
C GLN D 564 22.96 -27.87 -2.82
N PHE D 565 21.77 -27.52 -2.32
CA PHE D 565 21.62 -26.83 -1.06
C PHE D 565 21.13 -27.80 0.01
N GLY D 566 21.07 -27.31 1.25
CA GLY D 566 20.58 -28.10 2.35
C GLY D 566 20.02 -27.23 3.45
N ARG D 567 18.87 -27.65 3.98
CA ARG D 567 18.21 -26.95 5.06
C ARG D 567 18.21 -27.81 6.30
N ASP D 568 18.09 -27.15 7.45
CA ASP D 568 17.91 -27.79 8.74
C ASP D 568 16.42 -27.86 9.04
N ILE D 569 16.08 -28.58 10.12
CA ILE D 569 14.69 -28.61 10.56
C ILE D 569 14.25 -27.20 10.91
N ALA D 570 12.96 -26.93 10.72
CA ALA D 570 12.33 -25.61 10.81
C ALA D 570 12.74 -24.71 9.65
N ASP D 571 13.27 -25.29 8.56
CA ASP D 571 13.54 -24.57 7.33
C ASP D 571 14.59 -23.47 7.50
N THR D 572 15.75 -23.85 8.02
CA THR D 572 16.91 -22.97 8.11
C THR D 572 18.08 -23.62 7.40
N THR D 573 18.86 -22.81 6.68
CA THR D 573 20.00 -23.34 5.92
C THR D 573 20.98 -24.04 6.85
N ASP D 574 21.40 -25.25 6.48
CA ASP D 574 22.24 -26.07 7.33
C ASP D 574 23.58 -26.41 6.68
N ALA D 575 23.58 -26.74 5.39
CA ALA D 575 24.82 -26.95 4.65
C ALA D 575 24.58 -26.61 3.20
N VAL D 576 25.67 -26.29 2.49
CA VAL D 576 25.60 -25.95 1.08
C VAL D 576 26.81 -26.58 0.39
N ARG D 577 26.58 -27.15 -0.79
CA ARG D 577 27.68 -27.71 -1.56
C ARG D 577 28.45 -26.60 -2.27
N ASP D 578 29.77 -26.66 -2.18
CA ASP D 578 30.61 -25.61 -2.76
C ASP D 578 30.56 -25.70 -4.28
N PRO D 579 30.12 -24.63 -4.98
CA PRO D 579 29.99 -24.74 -6.44
C PRO D 579 31.30 -24.88 -7.18
N GLN D 580 32.39 -24.25 -6.71
CA GLN D 580 33.68 -24.37 -7.37
C GLN D 580 34.17 -25.81 -7.36
N THR D 581 34.44 -26.34 -6.18
CA THR D 581 34.81 -27.73 -5.99
C THR D 581 33.68 -28.43 -5.25
N LEU D 582 33.21 -29.55 -5.80
CA LEU D 582 31.98 -30.17 -5.32
C LEU D 582 32.22 -30.87 -3.99
N GLU D 583 32.11 -30.12 -2.90
CA GLU D 583 32.02 -30.69 -1.57
C GLU D 583 31.04 -29.86 -0.76
N ILE D 584 30.50 -30.46 0.30
CA ILE D 584 29.43 -29.87 1.09
C ILE D 584 30.04 -29.29 2.36
N LEU D 585 29.85 -27.98 2.55
CA LEU D 585 30.32 -27.27 3.73
C LEU D 585 29.11 -26.94 4.59
N ASP D 586 29.19 -27.29 5.87
CA ASP D 586 28.12 -26.96 6.81
C ASP D 586 28.23 -25.51 7.24
N ILE D 587 27.11 -24.96 7.70
CA ILE D 587 27.04 -23.58 8.16
C ILE D 587 26.67 -23.58 9.65
N THR D 588 27.38 -22.76 10.43
CA THR D 588 27.04 -22.48 11.80
C THR D 588 27.23 -20.99 12.05
N PRO D 589 26.16 -20.23 12.19
CA PRO D 589 26.31 -18.77 12.37
C PRO D 589 27.11 -18.45 13.62
N CYS D 590 27.94 -17.42 13.49
CA CYS D 590 28.87 -17.07 14.56
C CYS D 590 28.12 -16.56 15.79
N SER D 591 28.81 -16.58 16.93
CA SER D 591 28.17 -16.41 18.22
C SER D 591 27.50 -15.04 18.32
N PHE D 592 26.33 -15.01 18.97
CA PHE D 592 25.63 -13.77 19.25
C PHE D 592 25.03 -13.79 20.66
N GLY D 593 25.58 -14.61 21.56
CA GLY D 593 25.05 -14.68 22.91
C GLY D 593 25.26 -13.36 23.65
N GLY D 594 24.34 -13.07 24.56
CA GLY D 594 24.41 -11.83 25.31
C GLY D 594 25.51 -11.85 26.35
N VAL D 595 25.79 -10.67 26.88
CA VAL D 595 26.84 -10.48 27.88
C VAL D 595 26.20 -10.03 29.18
N SER D 596 26.68 -10.58 30.30
CA SER D 596 26.16 -10.26 31.61
C SER D 596 27.31 -9.91 32.54
N VAL D 597 26.97 -9.30 33.69
CA VAL D 597 27.93 -8.78 34.64
C VAL D 597 27.66 -9.40 36.00
N ILE D 598 28.71 -9.89 36.64
CA ILE D 598 28.63 -10.49 37.97
C ILE D 598 29.30 -9.53 38.94
N THR D 599 28.57 -9.11 39.97
CA THR D 599 29.17 -8.18 40.92
C THR D 599 28.78 -8.53 42.35
N PRO D 600 29.73 -8.44 43.28
CA PRO D 600 29.40 -8.65 44.71
C PRO D 600 28.64 -7.48 45.33
N GLY D 601 28.52 -6.35 44.64
CA GLY D 601 27.85 -5.19 45.21
C GLY D 601 28.79 -4.04 45.49
N THR D 602 28.35 -2.81 45.22
CA THR D 602 29.20 -1.65 45.43
C THR D 602 29.60 -1.51 46.90
N ASN D 603 28.81 -2.09 47.80
CA ASN D 603 29.16 -2.07 49.22
C ASN D 603 30.47 -2.78 49.48
N THR D 604 30.70 -3.92 48.81
CA THR D 604 31.91 -4.69 49.06
C THR D 604 33.07 -4.19 48.22
N SER D 605 32.89 -4.12 46.90
CA SER D 605 33.98 -3.71 46.00
C SER D 605 33.37 -3.27 44.68
N ASN D 606 34.24 -2.90 43.75
CA ASN D 606 33.84 -2.48 42.42
C ASN D 606 34.37 -3.39 41.33
N GLN D 607 34.96 -4.53 41.69
CA GLN D 607 35.51 -5.45 40.69
C GLN D 607 34.39 -6.12 39.92
N VAL D 608 34.63 -6.36 38.64
CA VAL D 608 33.60 -6.82 37.71
C VAL D 608 34.06 -8.13 37.07
N ALA D 609 33.13 -9.07 36.93
CA ALA D 609 33.32 -10.28 36.17
C ALA D 609 32.21 -10.38 35.14
N VAL D 610 32.59 -10.59 33.87
CA VAL D 610 31.64 -10.55 32.76
C VAL D 610 31.55 -11.94 32.16
N LEU D 611 30.32 -12.37 31.86
CA LEU D 611 30.04 -13.65 31.24
C LEU D 611 29.49 -13.42 29.85
N TYR D 612 30.19 -13.92 28.83
CA TYR D 612 29.73 -13.92 27.46
C TYR D 612 29.11 -15.28 27.19
N GLN D 613 27.79 -15.34 27.10
CA GLN D 613 27.08 -16.61 27.11
C GLN D 613 27.32 -17.38 25.81
N ASP D 614 27.70 -18.65 25.95
CA ASP D 614 27.82 -19.57 24.82
C ASP D 614 28.79 -19.06 23.76
N VAL D 615 29.88 -18.44 24.21
CA VAL D 615 30.91 -17.93 23.31
C VAL D 615 32.26 -18.47 23.79
N ASN D 616 33.05 -18.97 22.85
CA ASN D 616 34.41 -19.39 23.17
C ASN D 616 35.25 -18.18 23.56
N CYS D 617 36.17 -18.39 24.51
CA CYS D 617 37.02 -17.31 24.97
C CYS D 617 37.96 -16.84 23.86
N THR D 618 38.20 -17.68 22.85
CA THR D 618 39.01 -17.26 21.71
C THR D 618 38.35 -16.12 20.96
N GLU D 619 37.04 -16.18 20.78
CA GLU D 619 36.29 -15.14 20.06
C GLU D 619 35.96 -14.00 21.02
N VAL D 620 37.02 -13.37 21.53
CA VAL D 620 36.98 -12.25 22.49
C VAL D 620 35.76 -12.28 23.41
N ASN D 641 42.62 -13.15 32.66
CA ASN D 641 42.27 -14.56 32.77
C ASN D 641 40.86 -14.86 32.24
N VAL D 642 40.79 -15.77 31.28
CA VAL D 642 39.52 -16.19 30.68
C VAL D 642 39.27 -17.64 31.05
N PHE D 643 38.05 -17.92 31.52
CA PHE D 643 37.66 -19.26 31.95
C PHE D 643 36.48 -19.72 31.10
N GLN D 644 36.64 -20.84 30.41
CA GLN D 644 35.60 -21.37 29.54
C GLN D 644 34.62 -22.21 30.35
N THR D 645 33.34 -21.98 30.15
CA THR D 645 32.29 -22.65 30.89
C THR D 645 31.15 -23.00 29.94
N ARG D 646 30.38 -24.03 30.29
CA ARG D 646 29.21 -24.38 29.50
C ARG D 646 28.24 -23.21 29.37
N ALA D 647 28.14 -22.38 30.42
CA ALA D 647 27.34 -21.17 30.30
C ALA D 647 27.96 -20.18 29.32
N GLY D 648 29.28 -20.04 29.33
CA GLY D 648 29.95 -19.14 28.42
C GLY D 648 31.37 -18.88 28.89
N CYS D 649 31.95 -17.81 28.33
CA CYS D 649 33.30 -17.39 28.67
C CYS D 649 33.23 -16.35 29.78
N LEU D 650 33.95 -16.61 30.89
CA LEU D 650 33.93 -15.74 32.05
C LEU D 650 35.27 -15.02 32.16
N ILE D 651 35.22 -13.70 32.24
CA ILE D 651 36.41 -12.85 32.27
C ILE D 651 36.40 -12.02 33.53
N GLY D 652 37.52 -12.00 34.24
CA GLY D 652 37.64 -11.29 35.49
C GLY D 652 37.48 -12.15 36.72
N ALA D 653 36.97 -13.37 36.58
CA ALA D 653 36.85 -14.32 37.67
C ALA D 653 37.81 -15.47 37.45
N GLU D 654 38.42 -15.94 38.52
CA GLU D 654 39.47 -16.96 38.46
C GLU D 654 38.90 -18.29 38.95
N HIS D 655 39.04 -19.32 38.13
CA HIS D 655 38.56 -20.65 38.51
C HIS D 655 39.37 -21.19 39.68
N VAL D 656 38.71 -21.95 40.54
CA VAL D 656 39.35 -22.54 41.72
C VAL D 656 38.85 -23.97 41.87
N ASN D 657 39.75 -24.86 42.29
CA ASN D 657 39.37 -26.26 42.51
C ASN D 657 38.51 -26.45 43.75
N ASN D 658 38.50 -25.47 44.65
CA ASN D 658 37.67 -25.57 45.85
C ASN D 658 36.20 -25.50 45.48
N SER D 659 35.36 -26.00 46.38
CA SER D 659 33.91 -26.01 46.20
C SER D 659 33.25 -25.25 47.33
N TYR D 660 32.34 -24.35 46.98
CA TYR D 660 31.62 -23.55 47.96
C TYR D 660 30.15 -23.54 47.61
N GLU D 661 29.32 -23.22 48.60
CA GLU D 661 27.90 -23.02 48.34
C GLU D 661 27.71 -21.87 47.36
N CYS D 662 26.73 -22.01 46.47
CA CYS D 662 26.51 -21.02 45.42
C CYS D 662 26.22 -19.65 46.03
N ASP D 663 26.90 -18.63 45.51
CA ASP D 663 26.71 -17.25 45.95
C ASP D 663 26.08 -16.40 44.86
N ILE D 664 26.70 -16.36 43.68
CA ILE D 664 26.15 -15.72 42.50
C ILE D 664 26.01 -16.76 41.40
N PRO D 665 24.80 -17.27 41.17
CA PRO D 665 24.63 -18.35 40.19
C PRO D 665 24.99 -17.91 38.77
N ILE D 666 25.94 -18.63 38.17
CA ILE D 666 26.30 -18.41 36.78
C ILE D 666 25.65 -19.44 35.87
N GLY D 667 25.72 -20.71 36.25
CA GLY D 667 25.02 -21.74 35.49
C GLY D 667 25.84 -22.99 35.25
N ALA D 668 25.15 -24.08 34.90
CA ALA D 668 25.77 -25.37 34.64
C ALA D 668 26.61 -25.84 35.81
N GLY D 669 26.22 -25.45 37.03
CA GLY D 669 26.95 -25.82 38.22
C GLY D 669 27.99 -24.82 38.67
N ILE D 670 28.25 -23.78 37.90
CA ILE D 670 29.30 -22.81 38.20
C ILE D 670 28.67 -21.61 38.89
N CYS D 671 29.27 -21.23 40.03
CA CYS D 671 28.87 -20.06 40.79
C CYS D 671 30.10 -19.27 41.17
N ALA D 672 29.93 -17.96 41.37
CA ALA D 672 31.01 -17.04 41.65
C ALA D 672 30.79 -16.34 42.98
N SER D 673 31.88 -15.87 43.57
CA SER D 673 31.84 -15.19 44.85
C SER D 673 33.04 -14.25 44.96
N TYR D 674 32.98 -13.35 45.93
CA TYR D 674 34.04 -12.38 46.17
C TYR D 674 34.94 -12.88 47.29
N GLN D 675 36.17 -13.26 46.93
CA GLN D 675 37.15 -13.70 47.90
C GLN D 675 38.54 -13.17 47.54
N GLN D 690 38.95 -9.50 47.67
CA GLN D 690 40.18 -9.41 46.90
C GLN D 690 39.89 -9.49 45.40
N SER D 691 39.37 -10.63 44.97
CA SER D 691 39.00 -10.83 43.56
C SER D 691 37.71 -11.64 43.53
N ILE D 692 37.35 -12.13 42.35
CA ILE D 692 36.16 -12.95 42.16
C ILE D 692 36.61 -14.35 41.77
N ILE D 693 36.08 -15.35 42.47
CA ILE D 693 36.43 -16.74 42.24
C ILE D 693 35.18 -17.48 41.77
N ALA D 694 35.37 -18.34 40.77
CA ALA D 694 34.30 -19.14 40.21
C ALA D 694 34.62 -20.62 40.44
N TYR D 695 33.56 -21.41 40.65
CA TYR D 695 33.77 -22.80 41.05
C TYR D 695 32.51 -23.59 40.75
N THR D 696 32.59 -24.90 41.01
CA THR D 696 31.41 -25.76 40.99
C THR D 696 30.79 -25.76 42.38
N MET D 697 29.47 -25.50 42.45
CA MET D 697 28.81 -25.42 43.74
C MET D 697 28.91 -26.75 44.47
N SER D 698 29.12 -26.68 45.78
CA SER D 698 29.10 -27.88 46.60
C SER D 698 27.67 -28.14 47.05
N LEU D 699 27.17 -29.34 46.75
CA LEU D 699 25.79 -29.68 47.08
C LEU D 699 25.60 -29.89 48.58
N GLY D 700 26.68 -30.08 49.31
CA GLY D 700 26.60 -30.34 50.74
C GLY D 700 27.80 -31.14 51.17
N ALA D 701 27.80 -31.50 52.46
CA ALA D 701 28.87 -32.30 53.04
C ALA D 701 28.54 -33.78 52.86
N GLU D 702 29.36 -34.48 52.09
CA GLU D 702 29.11 -35.89 51.83
C GLU D 702 29.18 -36.68 53.13
N ASN D 703 28.04 -37.23 53.54
CA ASN D 703 27.89 -37.88 54.84
C ASN D 703 27.38 -39.30 54.63
N SER D 704 28.29 -40.26 54.64
CA SER D 704 27.91 -41.67 54.54
C SER D 704 27.40 -42.13 55.90
N VAL D 705 26.09 -42.37 55.99
CA VAL D 705 25.50 -42.79 57.26
C VAL D 705 26.06 -44.15 57.65
N ALA D 706 26.36 -44.31 58.93
CA ALA D 706 26.91 -45.56 59.44
C ALA D 706 25.83 -46.63 59.54
N TYR D 707 25.31 -47.06 58.39
CA TYR D 707 24.22 -48.02 58.38
C TYR D 707 24.74 -49.43 58.67
N SER D 708 23.98 -50.15 59.48
CA SER D 708 24.21 -51.57 59.72
C SER D 708 22.87 -52.21 60.01
N ASN D 709 22.79 -53.52 59.78
CA ASN D 709 21.51 -54.20 59.94
C ASN D 709 21.19 -54.53 61.40
N ASN D 710 22.02 -54.09 62.34
CA ASN D 710 21.70 -54.22 63.76
C ASN D 710 22.11 -52.99 64.56
N SER D 711 22.19 -51.83 63.91
CA SER D 711 22.64 -50.60 64.55
C SER D 711 21.57 -49.53 64.39
N ILE D 712 21.16 -48.93 65.51
CA ILE D 712 20.19 -47.83 65.46
C ILE D 712 20.80 -46.63 66.15
N ALA D 713 20.35 -45.45 65.75
CA ALA D 713 20.76 -44.18 66.36
C ALA D 713 19.54 -43.57 67.04
N ILE D 714 19.58 -43.46 68.35
CA ILE D 714 18.50 -42.86 69.13
C ILE D 714 18.97 -41.51 69.65
N PRO D 715 18.19 -40.44 69.49
CA PRO D 715 18.55 -39.18 70.12
C PRO D 715 18.39 -39.26 71.63
N THR D 716 19.24 -38.50 72.33
CA THR D 716 19.17 -38.40 73.78
C THR D 716 18.83 -37.00 74.25
N ASN D 717 18.42 -36.13 73.33
CA ASN D 717 18.11 -34.74 73.67
C ASN D 717 17.26 -34.17 72.54
N PHE D 718 17.11 -32.84 72.53
CA PHE D 718 16.30 -32.13 71.55
C PHE D 718 16.74 -30.68 71.52
N THR D 719 16.10 -29.89 70.66
CA THR D 719 16.50 -28.51 70.46
C THR D 719 15.37 -27.52 70.67
N ILE D 720 14.16 -27.84 70.21
CA ILE D 720 13.04 -26.91 70.19
C ILE D 720 13.44 -25.70 69.35
N SER D 721 13.15 -25.75 68.06
CA SER D 721 13.62 -24.74 67.12
C SER D 721 12.44 -23.88 66.67
N VAL D 722 12.61 -22.57 66.74
CA VAL D 722 11.62 -21.62 66.25
C VAL D 722 12.14 -21.04 64.95
N THR D 723 11.45 -21.32 63.85
CA THR D 723 11.79 -20.79 62.54
C THR D 723 10.70 -19.82 62.09
N THR D 724 11.02 -19.04 61.07
CA THR D 724 10.12 -18.04 60.54
C THR D 724 9.79 -18.37 59.09
N GLU D 725 8.51 -18.30 58.75
CA GLU D 725 8.04 -18.55 57.40
C GLU D 725 7.20 -17.36 56.95
N ILE D 726 7.70 -16.62 55.97
CA ILE D 726 7.06 -15.40 55.50
C ILE D 726 6.25 -15.73 54.26
N LEU D 727 4.98 -15.31 54.24
CA LEU D 727 4.13 -15.59 53.09
C LEU D 727 3.28 -14.37 52.74
N PRO D 728 3.35 -13.89 51.50
CA PRO D 728 2.45 -12.84 51.06
C PRO D 728 1.00 -13.33 51.06
N VAL D 729 0.10 -12.44 51.46
CA VAL D 729 -1.33 -12.75 51.42
C VAL D 729 -2.12 -11.76 50.57
N SER D 730 -1.57 -10.60 50.23
CA SER D 730 -2.29 -9.61 49.46
C SER D 730 -1.29 -8.64 48.84
N MET D 731 -1.78 -7.83 47.91
CA MET D 731 -0.99 -6.78 47.30
C MET D 731 -1.75 -5.47 47.39
N THR D 732 -1.08 -4.40 46.97
CA THR D 732 -1.73 -3.09 46.89
C THR D 732 -2.95 -3.15 45.98
N LYS D 733 -4.07 -2.62 46.47
CA LYS D 733 -5.31 -2.60 45.69
C LYS D 733 -5.28 -1.42 44.73
N THR D 734 -4.45 -1.53 43.71
CA THR D 734 -4.40 -0.47 42.72
C THR D 734 -5.67 -0.48 41.87
N SER D 735 -5.99 0.69 41.31
CA SER D 735 -7.13 0.79 40.39
C SER D 735 -6.91 2.01 39.52
N VAL D 736 -6.80 1.79 38.22
CA VAL D 736 -6.60 2.88 37.27
C VAL D 736 -7.89 3.09 36.50
N ASP D 737 -8.09 4.31 36.02
CA ASP D 737 -9.20 4.64 35.16
C ASP D 737 -8.66 4.88 33.76
N CYS D 738 -9.17 4.14 32.79
CA CYS D 738 -8.61 4.17 31.45
C CYS D 738 -8.77 5.54 30.79
N THR D 739 -9.86 6.25 31.09
CA THR D 739 -10.11 7.53 30.45
C THR D 739 -9.04 8.55 30.80
N MET D 740 -8.76 8.72 32.11
CA MET D 740 -7.74 9.68 32.51
C MET D 740 -6.35 9.25 32.05
N TYR D 741 -6.05 7.95 32.15
CA TYR D 741 -4.73 7.47 31.74
C TYR D 741 -4.50 7.71 30.26
N ILE D 742 -5.51 7.47 29.43
CA ILE D 742 -5.36 7.58 27.99
C ILE D 742 -5.63 8.99 27.49
N CYS D 743 -6.62 9.66 28.07
CA CYS D 743 -7.01 10.99 27.62
C CYS D 743 -6.83 12.08 28.67
N GLY D 744 -7.18 11.80 29.93
CA GLY D 744 -7.08 12.80 30.97
C GLY D 744 -8.28 13.73 31.02
N ASP D 745 -8.33 14.69 30.09
CA ASP D 745 -9.45 15.61 30.03
C ASP D 745 -9.93 15.94 28.62
N SER D 746 -9.17 15.59 27.58
CA SER D 746 -9.56 15.97 26.22
C SER D 746 -10.89 15.34 25.84
N THR D 747 -11.78 16.16 25.27
CA THR D 747 -13.05 15.64 24.77
C THR D 747 -12.87 14.93 23.45
N GLU D 748 -11.91 15.36 22.63
CA GLU D 748 -11.62 14.67 21.38
C GLU D 748 -11.13 13.26 21.65
N CYS D 749 -10.22 13.10 22.60
CA CYS D 749 -9.74 11.77 22.95
C CYS D 749 -10.84 10.96 23.65
N SER D 750 -11.71 11.63 24.42
CA SER D 750 -12.79 10.92 25.10
C SER D 750 -13.83 10.39 24.13
N ASN D 751 -14.09 11.13 23.04
CA ASN D 751 -14.95 10.60 21.99
C ASN D 751 -14.33 9.37 21.36
N LEU D 752 -13.03 9.41 21.07
CA LEU D 752 -12.29 8.20 20.78
C LEU D 752 -12.20 7.34 22.03
N LEU D 753 -11.70 6.12 21.86
CA LEU D 753 -11.59 5.10 22.90
C LEU D 753 -12.98 4.58 23.26
N LEU D 754 -14.00 5.24 22.72
CA LEU D 754 -15.30 4.62 22.46
C LEU D 754 -15.35 4.06 21.06
N GLN D 755 -14.35 4.39 20.23
CA GLN D 755 -14.16 3.74 18.95
C GLN D 755 -13.76 2.28 19.14
N TYR D 756 -13.18 1.95 20.30
CA TYR D 756 -12.62 0.64 20.60
C TYR D 756 -13.56 -0.23 21.41
N GLY D 757 -14.82 0.17 21.57
CA GLY D 757 -15.74 -0.67 22.30
C GLY D 757 -15.55 -0.59 23.81
N SER D 758 -15.70 -1.75 24.46
CA SER D 758 -15.76 -1.86 25.91
C SER D 758 -14.44 -2.30 26.53
N PHE D 759 -13.32 -1.86 25.96
CA PHE D 759 -12.01 -2.20 26.54
C PHE D 759 -11.87 -1.64 27.95
N CYS D 760 -12.27 -0.38 28.13
CA CYS D 760 -12.10 0.28 29.42
C CYS D 760 -12.91 -0.41 30.51
N THR D 761 -14.16 -0.79 30.20
CA THR D 761 -14.97 -1.49 31.18
C THR D 761 -14.36 -2.82 31.55
N GLN D 762 -13.82 -3.54 30.57
CA GLN D 762 -13.17 -4.82 30.84
C GLN D 762 -11.98 -4.64 31.78
N LEU D 763 -11.13 -3.65 31.49
CA LEU D 763 -9.94 -3.46 32.31
C LEU D 763 -10.31 -3.02 33.72
N ASN D 764 -11.27 -2.10 33.84
CA ASN D 764 -11.69 -1.65 35.17
C ASN D 764 -12.32 -2.79 35.95
N ARG D 765 -13.12 -3.62 35.28
CA ARG D 765 -13.71 -4.77 35.95
C ARG D 765 -12.65 -5.74 36.44
N ALA D 766 -11.62 -5.99 35.62
CA ALA D 766 -10.55 -6.88 36.03
C ALA D 766 -9.82 -6.33 37.25
N LEU D 767 -9.50 -5.03 37.24
CA LEU D 767 -8.79 -4.43 38.38
C LEU D 767 -9.65 -4.44 39.64
N THR D 768 -10.95 -4.14 39.51
CA THR D 768 -11.83 -4.17 40.67
C THR D 768 -11.94 -5.58 41.23
N GLY D 769 -12.03 -6.58 40.35
CA GLY D 769 -12.01 -7.96 40.81
C GLY D 769 -10.72 -8.30 41.54
N ILE D 770 -9.60 -7.80 41.04
CA ILE D 770 -8.31 -8.04 41.70
C ILE D 770 -8.31 -7.46 43.11
N ALA D 771 -8.79 -6.22 43.25
CA ALA D 771 -8.80 -5.59 44.57
C ALA D 771 -9.73 -6.31 45.53
N VAL D 772 -10.93 -6.67 45.06
CA VAL D 772 -11.87 -7.43 45.88
C VAL D 772 -11.26 -8.75 46.29
N GLU D 773 -10.52 -9.38 45.38
CA GLU D 773 -9.85 -10.63 45.70
C GLU D 773 -8.75 -10.43 46.73
N GLN D 774 -8.08 -9.29 46.71
CA GLN D 774 -7.09 -9.00 47.76
C GLN D 774 -7.75 -8.93 49.12
N ASP D 775 -8.88 -8.21 49.20
CA ASP D 775 -9.61 -8.15 50.47
C ASP D 775 -10.10 -9.54 50.89
N LYS D 776 -10.59 -10.33 49.94
CA LYS D 776 -11.03 -11.69 50.24
C LYS D 776 -9.89 -12.56 50.73
N ASN D 777 -8.70 -12.39 50.15
CA ASN D 777 -7.52 -13.11 50.59
C ASN D 777 -7.19 -12.77 52.04
N THR D 778 -7.18 -11.47 52.37
CA THR D 778 -6.89 -11.08 53.74
C THR D 778 -7.93 -11.65 54.70
N GLN D 779 -9.20 -11.64 54.30
CA GLN D 779 -10.26 -12.21 55.13
C GLN D 779 -10.05 -13.70 55.33
N GLU D 780 -9.69 -14.42 54.27
CA GLU D 780 -9.53 -15.87 54.38
C GLU D 780 -8.32 -16.24 55.21
N VAL D 781 -7.28 -15.41 55.19
CA VAL D 781 -6.08 -15.73 55.97
C VAL D 781 -6.30 -15.39 57.45
N PHE D 782 -6.74 -14.18 57.74
CA PHE D 782 -6.77 -13.75 59.14
C PHE D 782 -8.12 -13.95 59.81
N ALA D 783 -9.23 -13.70 59.11
CA ALA D 783 -10.56 -13.81 59.72
C ALA D 783 -10.98 -15.28 59.81
N GLN D 784 -10.18 -16.04 60.56
CA GLN D 784 -10.44 -17.45 60.81
C GLN D 784 -10.84 -17.73 62.25
N VAL D 785 -11.15 -16.69 63.03
CA VAL D 785 -11.41 -16.84 64.45
C VAL D 785 -12.72 -16.12 64.78
N LYS D 786 -13.54 -16.77 65.60
CA LYS D 786 -14.75 -16.18 66.16
C LYS D 786 -14.47 -15.77 67.59
N GLN D 787 -15.19 -14.76 68.08
CA GLN D 787 -15.05 -14.34 69.47
C GLN D 787 -13.62 -13.92 69.81
N ILE D 788 -13.20 -12.76 69.33
CA ILE D 788 -11.82 -12.29 69.46
C ILE D 788 -11.37 -12.48 70.91
N TYR D 789 -10.33 -13.30 71.09
CA TYR D 789 -9.89 -13.73 72.40
C TYR D 789 -8.88 -12.74 72.98
N LYS D 790 -8.77 -12.75 74.30
CA LYS D 790 -7.77 -11.96 75.00
C LYS D 790 -7.14 -12.80 76.10
N THR D 791 -5.85 -12.61 76.30
CA THR D 791 -5.14 -13.32 77.35
C THR D 791 -5.42 -12.68 78.71
N PRO D 792 -5.36 -13.46 79.78
CA PRO D 792 -5.49 -12.86 81.11
C PRO D 792 -4.31 -11.95 81.39
N PRO D 793 -4.52 -10.90 82.19
CA PRO D 793 -3.39 -10.00 82.51
C PRO D 793 -2.24 -10.69 83.22
N ILE D 794 -2.53 -11.70 84.05
CA ILE D 794 -1.48 -12.48 84.70
C ILE D 794 -1.10 -13.63 83.78
N LYS D 795 0.11 -13.57 83.23
CA LYS D 795 0.55 -14.50 82.20
C LYS D 795 1.44 -15.57 82.83
N ASP D 796 0.79 -16.61 83.36
CA ASP D 796 1.49 -17.76 83.92
C ASP D 796 1.36 -18.91 82.93
N PHE D 797 2.30 -18.95 81.99
CA PHE D 797 2.29 -19.93 80.90
C PHE D 797 3.33 -21.03 81.10
N GLY D 798 3.55 -21.45 82.34
CA GLY D 798 4.44 -22.55 82.59
C GLY D 798 5.92 -22.23 82.47
N GLY D 799 6.27 -20.95 82.36
CA GLY D 799 7.64 -20.54 82.13
C GLY D 799 7.91 -20.06 80.71
N PHE D 800 7.03 -20.40 79.76
CA PHE D 800 7.15 -19.86 78.42
C PHE D 800 6.89 -18.36 78.44
N ASN D 801 7.65 -17.62 77.65
CA ASN D 801 7.59 -16.16 77.65
C ASN D 801 7.16 -15.71 76.27
N PHE D 802 5.93 -15.21 76.17
CA PHE D 802 5.36 -14.72 74.91
C PHE D 802 5.32 -13.20 74.85
N SER D 803 6.11 -12.52 75.66
CA SER D 803 6.04 -11.06 75.75
C SER D 803 6.34 -10.40 74.41
N GLN D 804 7.20 -11.02 73.59
CA GLN D 804 7.58 -10.42 72.32
C GLN D 804 6.55 -10.65 71.22
N ILE D 805 5.51 -11.45 71.46
CA ILE D 805 4.50 -11.71 70.45
C ILE D 805 3.09 -11.31 70.87
N LEU D 806 2.82 -11.16 72.17
CA LEU D 806 1.57 -10.56 72.61
C LEU D 806 1.62 -9.05 72.40
N PRO D 807 0.47 -8.39 72.31
CA PRO D 807 0.47 -6.94 72.10
C PRO D 807 1.03 -6.19 73.30
N ASP D 808 1.29 -4.90 73.08
CA ASP D 808 1.95 -4.05 74.06
C ASP D 808 1.18 -2.77 74.28
N PRO D 809 1.34 -2.14 75.44
CA PRO D 809 0.65 -0.86 75.71
C PRO D 809 1.36 0.36 75.12
N SER D 810 2.59 0.21 74.63
CA SER D 810 3.26 1.35 73.98
C SER D 810 2.45 1.85 72.80
N LYS D 811 1.82 0.93 72.08
CA LYS D 811 0.77 1.18 71.11
C LYS D 811 1.17 2.02 69.90
N PRO D 812 2.12 1.58 69.07
CA PRO D 812 1.94 1.77 67.63
C PRO D 812 1.02 0.67 67.13
N SER D 813 -0.27 0.97 66.96
CA SER D 813 -1.30 -0.06 66.85
C SER D 813 -1.23 -1.01 68.04
N LYS D 814 -2.01 -2.09 68.02
CA LYS D 814 -1.83 -3.16 69.00
C LYS D 814 -0.92 -4.25 68.43
N ARG D 815 0.25 -3.82 67.97
CA ARG D 815 1.22 -4.70 67.34
C ARG D 815 2.29 -5.10 68.35
N SER D 816 2.64 -6.38 68.35
CA SER D 816 3.67 -6.89 69.23
C SER D 816 5.04 -6.35 68.83
N PHE D 817 6.03 -6.65 69.67
CA PHE D 817 7.39 -6.22 69.38
C PHE D 817 7.92 -6.83 68.09
N ILE D 818 7.68 -8.14 67.90
CA ILE D 818 8.06 -8.79 66.65
C ILE D 818 7.30 -8.17 65.48
N GLU D 819 6.00 -7.93 65.66
CA GLU D 819 5.22 -7.27 64.62
C GLU D 819 5.74 -5.87 64.34
N ASP D 820 6.15 -5.15 65.38
CA ASP D 820 6.74 -3.83 65.19
C ASP D 820 8.02 -3.92 64.37
N LEU D 821 8.88 -4.89 64.68
CA LEU D 821 10.11 -5.07 63.90
C LEU D 821 9.79 -5.38 62.45
N LEU D 822 8.81 -6.25 62.21
CA LEU D 822 8.44 -6.59 60.84
C LEU D 822 7.94 -5.37 60.09
N PHE D 823 7.11 -4.54 60.73
CA PHE D 823 6.55 -3.40 60.04
C PHE D 823 7.59 -2.32 59.79
N ASN D 824 8.50 -2.11 60.74
CA ASN D 824 9.57 -1.14 60.53
C ASN D 824 10.55 -1.62 59.47
N LYS D 825 10.78 -2.93 59.38
CA LYS D 825 11.86 -3.45 58.56
C LYS D 825 11.59 -3.26 57.07
N VAL D 826 10.41 -3.64 56.60
CA VAL D 826 10.08 -3.60 55.18
C VAL D 826 9.24 -2.36 54.91
N THR D 827 9.62 -1.60 53.89
CA THR D 827 8.91 -0.38 53.51
C THR D 827 8.54 -0.42 52.04
N LYS D 854 2.00 11.73 41.49
CA LYS D 854 1.38 11.36 40.22
C LYS D 854 -0.09 11.02 40.40
N PHE D 855 -0.91 11.38 39.41
CA PHE D 855 -2.32 11.04 39.44
C PHE D 855 -2.70 10.06 38.33
N ASN D 856 -2.47 10.44 37.07
CA ASN D 856 -2.58 9.56 35.89
C ASN D 856 -3.79 8.64 35.93
N GLY D 857 -4.88 9.08 36.55
CA GLY D 857 -6.06 8.26 36.68
C GLY D 857 -5.90 7.03 37.53
N LEU D 858 -4.82 6.91 38.29
CA LEU D 858 -4.54 5.74 39.11
C LEU D 858 -4.65 6.09 40.57
N THR D 859 -5.35 5.23 41.34
CA THR D 859 -5.53 5.42 42.76
C THR D 859 -5.28 4.11 43.49
N VAL D 860 -5.13 4.20 44.80
CA VAL D 860 -4.92 3.04 45.66
C VAL D 860 -6.11 2.91 46.59
N LEU D 861 -6.87 1.84 46.45
CA LEU D 861 -7.98 1.57 47.36
C LEU D 861 -7.42 1.11 48.70
N PRO D 862 -7.78 1.76 49.80
CA PRO D 862 -7.31 1.29 51.10
C PRO D 862 -7.89 -0.07 51.41
N PRO D 863 -7.13 -0.94 52.07
CA PRO D 863 -7.66 -2.26 52.41
C PRO D 863 -8.85 -2.14 53.36
N LEU D 864 -9.77 -3.08 53.25
CA LEU D 864 -10.95 -3.07 54.10
C LEU D 864 -10.56 -3.24 55.56
N LEU D 865 -9.63 -4.14 55.84
CA LEU D 865 -9.13 -4.36 57.20
C LEU D 865 -7.91 -3.48 57.42
N THR D 866 -7.98 -2.62 58.43
CA THR D 866 -6.84 -1.80 58.77
C THR D 866 -5.75 -2.65 59.44
N ASP D 867 -4.54 -2.09 59.51
CA ASP D 867 -3.46 -2.79 60.19
C ASP D 867 -3.81 -3.07 61.65
N GLU D 868 -4.58 -2.19 62.28
CA GLU D 868 -5.00 -2.41 63.66
C GLU D 868 -5.88 -3.66 63.77
N MET D 869 -6.83 -3.81 62.86
CA MET D 869 -7.72 -4.97 62.94
C MET D 869 -7.03 -6.26 62.48
N ILE D 870 -6.09 -6.17 61.55
CA ILE D 870 -5.31 -7.34 61.18
C ILE D 870 -4.47 -7.79 62.37
N ALA D 871 -3.86 -6.83 63.08
CA ALA D 871 -3.16 -7.15 64.31
C ALA D 871 -4.10 -7.70 65.37
N GLN D 872 -5.37 -7.26 65.36
CA GLN D 872 -6.32 -7.78 66.33
C GLN D 872 -6.67 -9.23 66.04
N TYR D 873 -6.90 -9.57 64.77
CA TYR D 873 -7.00 -10.98 64.38
C TYR D 873 -5.77 -11.78 64.80
N THR D 874 -4.58 -11.23 64.56
CA THR D 874 -3.36 -11.93 64.94
C THR D 874 -3.32 -12.19 66.44
N SER D 875 -3.64 -11.17 67.24
CA SER D 875 -3.62 -11.31 68.69
C SER D 875 -4.69 -12.27 69.16
N ALA D 876 -5.86 -12.27 68.52
CA ALA D 876 -6.93 -13.19 68.91
C ALA D 876 -6.53 -14.63 68.62
N LEU D 877 -5.96 -14.89 67.44
CA LEU D 877 -5.50 -16.23 67.13
C LEU D 877 -4.40 -16.68 68.07
N LEU D 878 -3.48 -15.77 68.39
CA LEU D 878 -2.39 -16.10 69.30
C LEU D 878 -2.93 -16.41 70.71
N ALA D 879 -3.87 -15.59 71.20
CA ALA D 879 -4.44 -15.85 72.51
C ALA D 879 -5.19 -17.16 72.53
N GLY D 880 -5.92 -17.47 71.47
CA GLY D 880 -6.64 -18.73 71.40
C GLY D 880 -5.70 -19.92 71.42
N THR D 881 -4.64 -19.88 70.61
CA THR D 881 -3.74 -21.01 70.54
C THR D 881 -2.88 -21.12 71.79
N ILE D 882 -2.72 -20.04 72.54
CA ILE D 882 -1.94 -20.12 73.78
C ILE D 882 -2.80 -20.62 74.93
N THR D 883 -4.05 -20.15 75.03
CA THR D 883 -4.89 -20.51 76.17
C THR D 883 -5.61 -21.84 75.95
N SER D 884 -6.29 -21.97 74.82
CA SER D 884 -7.19 -23.10 74.58
C SER D 884 -6.53 -24.27 73.85
N GLY D 885 -5.44 -24.02 73.12
CA GLY D 885 -4.82 -25.08 72.34
C GLY D 885 -5.37 -25.15 70.93
N TRP D 886 -5.65 -26.35 70.44
CA TRP D 886 -6.29 -26.52 69.15
C TRP D 886 -7.80 -26.60 69.25
N THR D 887 -8.36 -26.46 70.45
CA THR D 887 -9.79 -26.65 70.63
C THR D 887 -10.59 -25.50 70.07
N PHE D 888 -10.03 -24.29 70.05
CA PHE D 888 -10.78 -23.13 69.58
C PHE D 888 -11.00 -23.16 68.07
N GLY D 889 -10.32 -24.05 67.35
CA GLY D 889 -10.58 -24.18 65.92
C GLY D 889 -11.76 -25.06 65.60
N ALA D 890 -12.09 -26.00 66.48
CA ALA D 890 -13.24 -26.88 66.27
C ALA D 890 -14.54 -26.20 66.70
N GLY D 891 -14.65 -25.87 67.98
CA GLY D 891 -15.84 -25.22 68.50
C GLY D 891 -15.52 -24.12 69.49
N ALA D 892 -16.16 -24.18 70.65
CA ALA D 892 -15.90 -23.20 71.69
C ALA D 892 -14.51 -23.44 72.28
N ALA D 893 -13.76 -22.35 72.50
CA ALA D 893 -12.42 -22.45 73.06
C ALA D 893 -12.48 -23.07 74.44
N LEU D 894 -11.65 -24.09 74.66
CA LEU D 894 -11.58 -24.77 75.94
C LEU D 894 -10.23 -24.49 76.57
N GLN D 895 -10.23 -23.75 77.69
CA GLN D 895 -8.97 -23.41 78.34
C GLN D 895 -8.26 -24.67 78.81
N ILE D 896 -6.94 -24.68 78.68
CA ILE D 896 -6.10 -25.78 79.16
C ILE D 896 -4.80 -25.17 79.65
N PRO D 897 -4.28 -25.60 80.80
CA PRO D 897 -3.04 -25.00 81.31
C PRO D 897 -1.90 -25.22 80.33
N PHE D 898 -1.29 -24.12 79.90
CA PHE D 898 -0.18 -24.22 78.96
C PHE D 898 0.95 -25.02 79.61
N ALA D 899 1.72 -25.72 78.78
CA ALA D 899 2.65 -26.79 79.15
C ALA D 899 1.92 -28.09 79.46
N MET D 900 0.60 -28.13 79.32
CA MET D 900 -0.14 -29.35 79.08
C MET D 900 -0.54 -29.48 77.62
N GLN D 901 -0.90 -28.35 77.01
CA GLN D 901 -0.99 -28.27 75.56
C GLN D 901 0.31 -28.71 74.90
N MET D 902 1.45 -28.28 75.46
CA MET D 902 2.73 -28.73 74.95
C MET D 902 2.94 -30.22 75.16
N ALA D 903 2.44 -30.76 76.26
CA ALA D 903 2.53 -32.20 76.47
C ALA D 903 1.74 -32.96 75.42
N TYR D 904 0.55 -32.47 75.08
CA TYR D 904 -0.26 -33.17 74.09
C TYR D 904 0.29 -32.97 72.68
N ARG D 905 0.97 -31.85 72.43
CA ARG D 905 1.66 -31.69 71.16
C ARG D 905 2.88 -32.61 71.08
N PHE D 906 3.55 -32.85 72.21
CA PHE D 906 4.59 -33.87 72.25
C PHE D 906 4.01 -35.24 71.93
N ASN D 907 2.86 -35.56 72.50
CA ASN D 907 2.19 -36.80 72.13
C ASN D 907 1.88 -36.82 70.63
N GLY D 908 1.52 -35.67 70.08
CA GLY D 908 1.29 -35.58 68.64
C GLY D 908 2.51 -35.92 67.82
N ILE D 909 3.69 -35.43 68.23
CA ILE D 909 4.91 -35.69 67.47
C ILE D 909 5.44 -37.08 67.80
N GLY D 910 4.74 -37.81 68.65
CA GLY D 910 5.13 -39.16 68.99
C GLY D 910 6.09 -39.29 70.15
N VAL D 911 6.27 -38.23 70.95
CA VAL D 911 7.11 -38.26 72.13
C VAL D 911 6.20 -38.24 73.35
N THR D 912 6.45 -39.14 74.29
CA THR D 912 5.62 -39.21 75.49
C THR D 912 5.65 -37.89 76.23
N GLN D 913 4.49 -37.49 76.76
CA GLN D 913 4.37 -36.22 77.46
C GLN D 913 5.29 -36.14 78.67
N ASN D 914 5.68 -37.29 79.22
CA ASN D 914 6.71 -37.36 80.25
C ASN D 914 7.88 -36.42 79.96
N VAL D 915 8.45 -36.54 78.76
CA VAL D 915 9.64 -35.80 78.40
C VAL D 915 9.46 -34.30 78.63
N LEU D 916 8.24 -33.80 78.46
CA LEU D 916 8.00 -32.38 78.71
C LEU D 916 8.04 -32.07 80.20
N TYR D 917 7.28 -32.81 81.00
CA TYR D 917 7.13 -32.46 82.40
C TYR D 917 8.44 -32.62 83.16
N GLU D 918 9.20 -33.66 82.85
CA GLU D 918 10.51 -33.84 83.47
C GLU D 918 11.54 -32.83 82.98
N ASN D 919 11.22 -32.07 81.93
CA ASN D 919 12.16 -31.08 81.39
C ASN D 919 11.46 -29.77 81.06
N GLN D 920 10.42 -29.42 81.81
CA GLN D 920 9.63 -28.24 81.47
C GLN D 920 10.47 -26.97 81.55
N LYS D 921 11.36 -26.88 82.54
CA LYS D 921 12.22 -25.70 82.64
C LYS D 921 13.20 -25.62 81.47
N LEU D 922 13.65 -26.77 80.96
CA LEU D 922 14.52 -26.75 79.79
C LEU D 922 13.75 -26.28 78.56
N ILE D 923 12.57 -26.87 78.30
CA ILE D 923 11.74 -26.31 77.25
C ILE D 923 10.85 -25.28 77.92
N ALA D 924 11.48 -24.22 78.40
CA ALA D 924 11.00 -22.85 78.35
C ALA D 924 12.12 -21.88 78.07
N ASN D 925 13.34 -22.18 78.53
CA ASN D 925 14.52 -21.41 78.20
C ASN D 925 14.93 -21.63 76.76
N GLN D 926 14.79 -22.86 76.26
CA GLN D 926 15.08 -23.08 74.84
C GLN D 926 14.14 -22.26 73.97
N PHE D 927 12.85 -22.25 74.29
CA PHE D 927 11.89 -21.50 73.48
C PHE D 927 12.13 -19.99 73.61
N ASN D 928 12.40 -19.51 74.82
CA ASN D 928 12.66 -18.09 75.01
C ASN D 928 13.91 -17.64 74.27
N SER D 929 14.99 -18.43 74.33
CA SER D 929 16.19 -18.10 73.60
C SER D 929 15.96 -18.14 72.10
N ALA D 930 15.14 -19.08 71.63
CA ALA D 930 14.81 -19.13 70.20
C ALA D 930 14.06 -17.89 69.77
N ILE D 931 13.09 -17.45 70.58
CA ILE D 931 12.35 -16.23 70.26
C ILE D 931 13.27 -15.02 70.27
N GLY D 932 14.20 -14.98 71.23
CA GLY D 932 15.18 -13.90 71.24
C GLY D 932 16.06 -13.88 70.01
N LYS D 933 16.45 -15.07 69.54
CA LYS D 933 17.24 -15.15 68.31
C LYS D 933 16.42 -14.68 67.12
N ILE D 934 15.13 -15.01 67.08
CA ILE D 934 14.26 -14.48 66.03
C ILE D 934 14.25 -12.96 66.07
N GLN D 935 14.11 -12.39 67.27
CA GLN D 935 14.11 -10.93 67.41
C GLN D 935 15.43 -10.33 66.90
N ASP D 936 16.55 -10.94 67.29
CA ASP D 936 17.85 -10.44 66.86
C ASP D 936 18.03 -10.52 65.35
N SER D 937 17.64 -11.65 64.76
CA SER D 937 17.77 -11.82 63.32
C SER D 937 16.91 -10.82 62.57
N LEU D 938 15.67 -10.60 63.02
CA LEU D 938 14.81 -9.63 62.37
C LEU D 938 15.31 -8.21 62.55
N SER D 939 15.95 -7.92 63.68
CA SER D 939 16.45 -6.55 63.90
C SER D 939 17.73 -6.29 63.09
N SER D 940 18.57 -7.31 62.92
CA SER D 940 19.86 -7.10 62.27
C SER D 940 19.75 -7.13 60.75
N THR D 941 19.31 -8.26 60.19
CA THR D 941 19.34 -8.44 58.74
C THR D 941 18.06 -7.91 58.11
N ALA D 942 18.22 -7.03 57.12
CA ALA D 942 17.06 -6.39 56.48
C ALA D 942 16.36 -7.31 55.50
N SER D 943 17.11 -8.10 54.74
CA SER D 943 16.56 -8.88 53.63
C SER D 943 15.68 -10.05 54.07
N ALA D 944 15.44 -10.25 55.36
CA ALA D 944 14.67 -11.41 55.80
C ALA D 944 13.27 -11.44 55.18
N LEU D 945 12.62 -10.28 55.09
CA LEU D 945 11.30 -10.17 54.50
C LEU D 945 11.35 -9.97 52.98
N GLY D 946 12.45 -10.37 52.34
CA GLY D 946 12.63 -10.06 50.93
C GLY D 946 11.44 -10.45 50.06
N LYS D 947 10.88 -11.64 50.33
CA LYS D 947 9.71 -12.08 49.57
C LYS D 947 8.64 -10.99 49.54
N LEU D 948 8.22 -10.53 50.72
CA LEU D 948 7.24 -9.46 50.78
C LEU D 948 7.73 -8.24 50.01
N GLN D 949 8.98 -7.85 50.26
CA GLN D 949 9.55 -6.72 49.54
C GLN D 949 9.45 -6.94 48.04
N ASP D 950 9.77 -8.16 47.59
CA ASP D 950 9.68 -8.46 46.16
C ASP D 950 8.30 -8.10 45.62
N VAL D 951 7.25 -8.56 46.30
CA VAL D 951 5.90 -8.28 45.85
C VAL D 951 5.70 -6.79 45.73
N VAL D 952 6.08 -6.04 46.77
CA VAL D 952 5.92 -4.59 46.73
C VAL D 952 6.65 -4.02 45.54
N ASN D 953 7.91 -4.41 45.35
CA ASN D 953 8.66 -3.94 44.21
C ASN D 953 7.95 -4.33 42.92
N GLN D 954 7.54 -5.59 42.81
CA GLN D 954 6.90 -6.06 41.59
C GLN D 954 5.64 -5.25 41.29
N ASN D 955 5.01 -4.69 42.33
CA ASN D 955 3.92 -3.75 42.08
C ASN D 955 4.47 -2.39 41.68
N ALA D 956 5.30 -1.80 42.54
CA ALA D 956 5.69 -0.40 42.36
C ALA D 956 6.37 -0.19 41.02
N GLN D 957 7.37 -1.01 40.72
CA GLN D 957 8.04 -0.95 39.42
C GLN D 957 7.04 -0.97 38.30
N ALA D 958 6.11 -1.94 38.33
CA ALA D 958 5.09 -2.03 37.30
C ALA D 958 4.36 -0.71 37.16
N LEU D 959 3.87 -0.17 38.27
CA LEU D 959 3.17 1.11 38.22
C LEU D 959 4.05 2.17 37.59
N ASN D 960 5.31 2.24 38.03
CA ASN D 960 6.22 3.22 37.45
C ASN D 960 6.34 3.01 35.94
N THR D 961 6.50 1.76 35.53
CA THR D 961 6.57 1.48 34.10
C THR D 961 5.34 2.04 33.40
N LEU D 962 4.16 1.80 33.98
CA LEU D 962 2.94 2.31 33.39
C LEU D 962 3.00 3.81 33.22
N VAL D 963 3.40 4.54 34.27
CA VAL D 963 3.43 5.99 34.13
C VAL D 963 4.52 6.39 33.15
N LYS D 964 5.62 5.63 33.10
CA LYS D 964 6.65 5.95 32.12
C LYS D 964 6.18 5.72 30.70
N GLN D 965 5.16 4.88 30.52
CA GLN D 965 4.59 4.72 29.19
C GLN D 965 3.78 5.93 28.75
N LEU D 966 3.50 6.86 29.66
CA LEU D 966 2.79 8.09 29.31
C LEU D 966 3.70 9.13 28.67
N SER D 967 5.01 8.91 28.66
CA SER D 967 5.97 9.84 28.09
C SER D 967 6.56 9.27 26.81
N SER D 968 5.83 8.39 26.13
CA SER D 968 6.29 7.74 24.92
C SER D 968 5.50 8.25 23.74
N ASN D 969 6.22 8.62 22.67
CA ASN D 969 5.55 9.16 21.48
C ASN D 969 4.69 8.12 20.79
N PHE D 970 5.16 6.86 20.74
CA PHE D 970 4.50 5.81 19.98
C PHE D 970 4.36 6.22 18.51
N GLY D 971 5.34 6.96 18.01
CA GLY D 971 5.29 7.46 16.65
C GLY D 971 4.52 8.74 16.46
N ALA D 972 3.89 9.25 17.51
CA ALA D 972 3.16 10.51 17.44
C ALA D 972 4.13 11.68 17.60
N ILE D 973 3.63 12.88 17.28
CA ILE D 973 4.47 14.07 17.31
C ILE D 973 4.95 14.40 18.70
N SER D 974 4.22 13.98 19.75
CA SER D 974 4.61 14.28 21.11
C SER D 974 3.91 13.28 22.04
N SER D 975 4.11 13.48 23.35
CA SER D 975 3.44 12.67 24.36
C SER D 975 2.47 13.49 25.20
N VAL D 976 2.09 14.68 24.73
CA VAL D 976 1.16 15.55 25.44
C VAL D 976 -0.05 15.77 24.53
N LEU D 977 -1.23 15.36 25.00
CA LEU D 977 -2.44 15.52 24.20
C LEU D 977 -2.78 17.00 24.02
N ASN D 978 -2.59 17.80 25.07
CA ASN D 978 -2.97 19.21 25.01
C ASN D 978 -2.16 19.96 23.96
N ASP D 979 -0.85 19.69 23.89
CA ASP D 979 -0.03 20.34 22.88
C ASP D 979 -0.46 19.94 21.48
N ILE D 980 -0.75 18.65 21.27
CA ILE D 980 -1.18 18.19 19.95
C ILE D 980 -2.48 18.88 19.55
N LEU D 981 -3.42 18.97 20.48
CA LEU D 981 -4.68 19.65 20.20
C LEU D 981 -4.51 21.15 20.04
N SER D 982 -3.45 21.71 20.61
CA SER D 982 -3.21 23.15 20.52
C SER D 982 -2.42 23.56 19.29
N ARG D 983 -1.74 22.63 18.62
CA ARG D 983 -1.03 22.94 17.39
C ARG D 983 -1.80 22.48 16.15
N LEU D 984 -2.24 21.23 16.14
CA LEU D 984 -2.86 20.66 14.94
C LEU D 984 -4.37 20.88 14.93
N ASP D 985 -4.93 20.80 13.73
CA ASP D 985 -6.38 20.81 13.58
C ASP D 985 -6.95 19.45 13.95
N PRO D 986 -8.15 19.41 14.51
CA PRO D 986 -8.72 18.14 15.01
C PRO D 986 -8.79 17.07 13.93
N PRO D 987 -9.14 17.39 12.67
CA PRO D 987 -9.07 16.33 11.64
C PRO D 987 -7.69 15.69 11.51
N GLU D 988 -6.63 16.49 11.62
CA GLU D 988 -5.28 15.94 11.54
C GLU D 988 -4.73 15.53 12.89
N ALA D 989 -5.18 16.16 13.97
CA ALA D 989 -4.82 15.72 15.30
C ALA D 989 -5.42 14.36 15.64
N GLU D 990 -6.46 13.94 14.91
CA GLU D 990 -7.08 12.64 15.17
C GLU D 990 -6.09 11.50 14.97
N VAL D 991 -5.25 11.60 13.93
CA VAL D 991 -4.29 10.54 13.65
C VAL D 991 -3.29 10.42 14.79
N GLN D 992 -2.77 11.55 15.26
CA GLN D 992 -1.80 11.52 16.36
C GLN D 992 -2.45 11.02 17.64
N ILE D 993 -3.71 11.41 17.88
CA ILE D 993 -4.42 10.91 19.06
C ILE D 993 -4.61 9.40 18.96
N ASP D 994 -4.89 8.89 17.76
CA ASP D 994 -4.97 7.46 17.56
C ASP D 994 -3.63 6.78 17.84
N ARG D 995 -2.55 7.40 17.39
CA ARG D 995 -1.22 6.85 17.66
C ARG D 995 -0.97 6.75 19.15
N LEU D 996 -1.31 7.79 19.90
CA LEU D 996 -1.14 7.75 21.36
C LEU D 996 -2.05 6.71 22.00
N ILE D 997 -3.31 6.67 21.55
CA ILE D 997 -4.32 5.80 22.18
C ILE D 997 -3.95 4.34 21.99
N THR D 998 -3.53 3.95 20.79
CA THR D 998 -3.19 2.56 20.55
C THR D 998 -2.08 2.09 21.49
N GLY D 999 -0.99 2.86 21.57
CA GLY D 999 0.11 2.49 22.44
C GLY D 999 -0.28 2.49 23.91
N ARG D 1000 -1.00 3.52 24.35
CA ARG D 1000 -1.38 3.59 25.76
C ARG D 1000 -2.33 2.45 26.13
N LEU D 1001 -3.27 2.13 25.24
CA LEU D 1001 -4.20 1.04 25.49
C LEU D 1001 -3.48 -0.30 25.53
N GLN D 1002 -2.52 -0.51 24.63
CA GLN D 1002 -1.73 -1.74 24.68
C GLN D 1002 -0.95 -1.83 25.97
N SER D 1003 -0.34 -0.72 26.40
CA SER D 1003 0.39 -0.71 27.67
C SER D 1003 -0.53 -1.02 28.83
N LEU D 1004 -1.74 -0.44 28.83
CA LEU D 1004 -2.69 -0.66 29.91
C LEU D 1004 -3.15 -2.11 29.94
N GLN D 1005 -3.42 -2.69 28.77
CA GLN D 1005 -3.83 -4.09 28.72
C GLN D 1005 -2.72 -5.01 29.19
N THR D 1006 -1.46 -4.71 28.81
CA THR D 1006 -0.34 -5.50 29.31
C THR D 1006 -0.23 -5.39 30.81
N TYR D 1007 -0.38 -4.17 31.35
CA TYR D 1007 -0.31 -3.97 32.79
C TYR D 1007 -1.38 -4.77 33.50
N VAL D 1008 -2.61 -4.74 32.97
CA VAL D 1008 -3.70 -5.48 33.60
C VAL D 1008 -3.46 -6.98 33.50
N THR D 1009 -2.90 -7.45 32.38
CA THR D 1009 -2.62 -8.87 32.24
C THR D 1009 -1.58 -9.34 33.25
N GLN D 1010 -0.48 -8.61 33.37
N GLN D 1010 -0.47 -8.61 33.37
CA GLN D 1010 0.52 -9.01 34.37
CA GLN D 1010 0.53 -8.97 34.36
C GLN D 1010 0.00 -8.83 35.78
C GLN D 1010 -0.02 -8.84 35.78
N GLN D 1011 -0.90 -7.86 36.01
CA GLN D 1011 -1.54 -7.74 37.31
C GLN D 1011 -2.41 -8.94 37.61
N LEU D 1012 -3.12 -9.45 36.61
CA LEU D 1012 -3.93 -10.65 36.79
C LEU D 1012 -3.06 -11.87 37.10
N ILE D 1013 -1.94 -12.00 36.41
CA ILE D 1013 -1.04 -13.13 36.68
C ILE D 1013 -0.46 -13.03 38.09
N ARG D 1014 -0.03 -11.82 38.49
CA ARG D 1014 0.48 -11.61 39.83
C ARG D 1014 -0.61 -11.88 40.87
N ALA D 1015 -1.85 -11.46 40.58
CA ALA D 1015 -2.96 -11.74 41.48
C ALA D 1015 -3.20 -13.23 41.60
N ALA D 1016 -3.04 -13.98 40.51
CA ALA D 1016 -3.17 -15.43 40.59
C ALA D 1016 -2.11 -16.04 41.50
N GLU D 1017 -0.86 -15.61 41.35
CA GLU D 1017 0.20 -16.17 42.18
C GLU D 1017 0.02 -15.77 43.65
N ILE D 1018 -0.39 -14.51 43.89
CA ILE D 1018 -0.63 -14.04 45.25
C ILE D 1018 -1.84 -14.75 45.86
N ARG D 1019 -2.83 -15.07 45.05
CA ARG D 1019 -3.97 -15.83 45.54
C ARG D 1019 -3.57 -17.25 45.91
N ALA D 1020 -2.68 -17.86 45.12
CA ALA D 1020 -2.14 -19.16 45.51
C ALA D 1020 -1.39 -19.06 46.82
N SER D 1021 -0.60 -17.99 47.00
CA SER D 1021 0.13 -17.80 48.25
C SER D 1021 -0.82 -17.57 49.42
N ALA D 1022 -1.92 -16.86 49.17
CA ALA D 1022 -2.90 -16.59 50.23
C ALA D 1022 -3.64 -17.87 50.62
N ASN D 1023 -3.96 -18.71 49.65
CA ASN D 1023 -4.54 -20.01 49.97
C ASN D 1023 -3.57 -20.86 50.77
N LEU D 1024 -2.29 -20.82 50.41
CA LEU D 1024 -1.27 -21.52 51.18
C LEU D 1024 -1.20 -20.99 52.61
N ALA D 1025 -1.26 -19.67 52.77
CA ALA D 1025 -1.21 -19.06 54.09
C ALA D 1025 -2.44 -19.42 54.91
N ALA D 1026 -3.62 -19.44 54.28
CA ALA D 1026 -4.82 -19.84 54.99
C ALA D 1026 -4.75 -21.30 55.42
N THR D 1027 -4.23 -22.17 54.55
CA THR D 1027 -4.05 -23.57 54.93
C THR D 1027 -3.07 -23.69 56.09
N LYS D 1028 -1.99 -22.92 56.06
CA LYS D 1028 -1.01 -22.98 57.15
C LYS D 1028 -1.56 -22.41 58.44
N MET D 1029 -2.45 -21.43 58.36
CA MET D 1029 -3.10 -20.93 59.58
C MET D 1029 -4.09 -21.95 60.12
N SER D 1030 -4.78 -22.66 59.23
CA SER D 1030 -5.75 -23.66 59.66
C SER D 1030 -5.06 -24.87 60.28
N GLU D 1031 -3.90 -25.26 59.75
CA GLU D 1031 -3.25 -26.50 60.17
C GLU D 1031 -2.09 -26.28 61.14
N CYS D 1032 -1.14 -25.41 60.77
CA CYS D 1032 -0.02 -25.13 61.66
C CYS D 1032 -0.47 -24.45 62.95
N VAL D 1033 -1.34 -23.45 62.84
CA VAL D 1033 -1.71 -22.62 63.97
C VAL D 1033 -2.87 -23.23 64.74
N LEU D 1034 -3.99 -23.46 64.07
CA LEU D 1034 -5.19 -23.95 64.73
C LEU D 1034 -5.09 -25.40 65.15
N GLY D 1035 -4.02 -26.09 64.80
CA GLY D 1035 -3.85 -27.47 65.19
C GLY D 1035 -2.40 -27.88 65.09
N GLN D 1036 -2.17 -29.18 65.21
CA GLN D 1036 -0.85 -29.76 65.03
C GLN D 1036 -0.85 -30.58 63.76
N SER D 1037 0.14 -30.33 62.89
CA SER D 1037 0.18 -30.93 61.56
C SER D 1037 1.17 -32.08 61.53
N LYS D 1038 0.74 -33.20 60.97
CA LYS D 1038 1.61 -34.35 60.75
C LYS D 1038 2.24 -34.35 59.37
N ARG D 1039 1.98 -33.33 58.57
CA ARG D 1039 2.61 -33.19 57.26
C ARG D 1039 4.07 -32.77 57.46
N VAL D 1040 4.98 -33.49 56.83
CA VAL D 1040 6.41 -33.26 57.03
C VAL D 1040 6.83 -32.00 56.30
N ASP D 1041 7.58 -31.15 56.99
CA ASP D 1041 8.14 -29.91 56.46
C ASP D 1041 7.09 -28.95 55.93
N PHE D 1042 5.81 -29.18 56.27
CA PHE D 1042 4.78 -28.18 55.99
C PHE D 1042 4.87 -27.04 56.99
N CYS D 1043 4.86 -27.37 58.28
CA CYS D 1043 4.94 -26.38 59.34
C CYS D 1043 6.39 -26.29 59.84
N GLY D 1044 7.28 -25.87 58.94
CA GLY D 1044 8.68 -25.74 59.27
C GLY D 1044 9.41 -27.08 59.29
N LYS D 1045 10.71 -26.99 59.54
CA LYS D 1045 11.57 -28.17 59.56
C LYS D 1045 11.56 -28.81 60.95
N GLY D 1046 11.44 -30.13 60.99
CA GLY D 1046 11.37 -30.88 62.22
C GLY D 1046 9.95 -31.26 62.57
N TYR D 1047 9.82 -31.99 63.68
CA TYR D 1047 8.51 -32.38 64.17
C TYR D 1047 7.80 -31.14 64.70
N HIS D 1048 6.80 -30.67 63.96
CA HIS D 1048 6.12 -29.43 64.29
C HIS D 1048 5.37 -29.56 65.61
N LEU D 1049 5.54 -28.56 66.47
CA LEU D 1049 4.80 -28.49 67.73
C LEU D 1049 3.65 -27.49 67.64
N MET D 1050 3.93 -26.23 67.33
CA MET D 1050 2.86 -25.27 67.16
C MET D 1050 3.38 -24.02 66.46
N SER D 1051 2.48 -23.30 65.82
CA SER D 1051 2.84 -22.11 65.07
C SER D 1051 2.11 -20.89 65.61
N PHE D 1052 2.79 -19.75 65.56
CA PHE D 1052 2.27 -18.48 66.01
C PHE D 1052 2.16 -17.53 64.83
N PRO D 1053 0.97 -16.98 64.55
CA PRO D 1053 0.87 -16.01 63.46
C PRO D 1053 1.31 -14.63 63.89
N GLN D 1054 1.87 -13.89 62.93
CA GLN D 1054 2.21 -12.49 63.12
C GLN D 1054 1.88 -11.74 61.84
N SER D 1055 1.35 -10.54 62.00
CA SER D 1055 0.99 -9.71 60.85
C SER D 1055 2.24 -9.09 60.24
N ALA D 1056 2.17 -8.80 58.94
CA ALA D 1056 3.20 -8.07 58.23
C ALA D 1056 2.52 -7.20 57.19
N PRO D 1057 3.14 -6.07 56.80
CA PRO D 1057 2.45 -5.06 55.98
C PRO D 1057 1.55 -5.60 54.88
N HIS D 1058 2.02 -6.60 54.14
CA HIS D 1058 1.22 -7.23 53.11
C HIS D 1058 1.36 -8.74 53.16
N GLY D 1059 1.34 -9.32 54.35
CA GLY D 1059 1.49 -10.75 54.46
C GLY D 1059 1.47 -11.22 55.89
N VAL D 1060 1.86 -12.47 56.08
CA VAL D 1060 1.87 -13.10 57.39
C VAL D 1060 3.23 -13.74 57.61
N VAL D 1061 3.61 -13.85 58.89
CA VAL D 1061 4.83 -14.52 59.29
C VAL D 1061 4.45 -15.57 60.33
N PHE D 1062 4.73 -16.83 60.02
CA PHE D 1062 4.47 -17.92 60.94
C PHE D 1062 5.74 -18.24 61.70
N LEU D 1063 5.65 -18.19 63.03
CA LEU D 1063 6.73 -18.64 63.91
C LEU D 1063 6.44 -20.10 64.23
N HIS D 1064 7.15 -20.99 63.54
CA HIS D 1064 6.95 -22.43 63.69
C HIS D 1064 7.89 -22.92 64.79
N VAL D 1065 7.32 -23.36 65.90
CA VAL D 1065 8.06 -24.04 66.96
C VAL D 1065 7.95 -25.53 66.67
N THR D 1066 9.08 -26.14 66.32
CA THR D 1066 9.16 -27.53 65.93
C THR D 1066 10.18 -28.24 66.80
N TYR D 1067 10.04 -29.57 66.88
CA TYR D 1067 10.87 -30.39 67.76
C TYR D 1067 11.98 -31.01 66.91
N VAL D 1068 13.23 -30.64 67.21
CA VAL D 1068 14.40 -31.20 66.53
C VAL D 1068 15.22 -31.94 67.58
N PRO D 1069 15.32 -33.26 67.53
CA PRO D 1069 16.14 -34.00 68.48
C PRO D 1069 17.58 -34.11 67.99
N ALA D 1070 18.52 -33.66 68.81
CA ALA D 1070 19.91 -33.83 68.43
C ALA D 1070 20.88 -33.98 69.59
N GLN D 1071 21.08 -35.23 70.04
CA GLN D 1071 22.30 -35.80 70.66
C GLN D 1071 22.17 -37.31 70.45
N GLU D 1072 22.85 -37.80 69.42
CA GLU D 1072 22.65 -39.16 68.97
C GLU D 1072 23.54 -40.13 69.73
N LYS D 1073 23.02 -41.32 69.97
CA LYS D 1073 23.81 -42.44 70.48
C LYS D 1073 23.39 -43.70 69.72
N ASN D 1074 24.38 -44.51 69.35
CA ASN D 1074 24.11 -45.74 68.63
C ASN D 1074 23.98 -46.89 69.60
N PHE D 1075 23.13 -47.84 69.26
CA PHE D 1075 22.88 -49.03 70.06
C PHE D 1075 22.73 -50.23 69.14
N THR D 1076 22.99 -51.41 69.69
CA THR D 1076 22.78 -52.64 68.93
C THR D 1076 21.32 -53.07 69.07
N THR D 1077 20.71 -53.41 67.93
CA THR D 1077 19.27 -53.35 67.80
C THR D 1077 18.70 -54.71 67.42
N ALA D 1078 17.48 -54.98 67.89
CA ALA D 1078 16.82 -56.22 67.54
C ALA D 1078 15.44 -55.95 66.96
N PRO D 1079 15.09 -56.60 65.85
CA PRO D 1079 13.68 -56.57 65.41
C PRO D 1079 12.72 -57.16 66.41
N ALA D 1080 13.15 -58.17 67.15
CA ALA D 1080 12.29 -58.88 68.09
C ALA D 1080 13.16 -59.55 69.14
N ILE D 1081 12.51 -59.97 70.22
CA ILE D 1081 13.19 -60.62 71.35
C ILE D 1081 12.58 -62.00 71.54
N CYS D 1082 13.43 -63.01 71.61
CA CYS D 1082 12.99 -64.38 71.82
C CYS D 1082 12.94 -64.69 73.31
N HIS D 1083 11.81 -65.21 73.77
CA HIS D 1083 11.68 -65.67 75.15
C HIS D 1083 10.59 -66.73 75.16
N ASP D 1084 10.97 -67.97 75.46
CA ASP D 1084 10.05 -69.11 75.45
C ASP D 1084 9.42 -69.30 74.07
N GLY D 1085 10.14 -68.91 73.02
CA GLY D 1085 9.64 -69.06 71.66
C GLY D 1085 8.37 -68.28 71.38
N LYS D 1086 8.40 -66.97 71.65
CA LYS D 1086 7.22 -66.14 71.51
C LYS D 1086 7.43 -64.91 70.62
N ALA D 1087 8.67 -64.49 70.41
CA ALA D 1087 9.15 -63.44 69.51
C ALA D 1087 8.86 -62.03 70.00
N HIS D 1088 7.98 -61.84 70.99
CA HIS D 1088 7.95 -60.65 71.85
C HIS D 1088 8.24 -59.32 71.15
N PHE D 1089 7.42 -58.93 70.19
CA PHE D 1089 7.65 -57.67 69.50
C PHE D 1089 7.33 -56.47 70.40
N PRO D 1090 7.98 -55.33 70.18
CA PRO D 1090 7.80 -54.18 71.08
C PRO D 1090 6.46 -53.50 70.83
N ARG D 1091 5.77 -53.15 71.92
CA ARG D 1091 4.43 -52.57 71.80
C ARG D 1091 4.48 -51.19 71.17
N GLU D 1092 5.40 -50.33 71.62
CA GLU D 1092 5.43 -48.95 71.17
C GLU D 1092 6.82 -48.41 70.83
N GLY D 1093 7.89 -49.11 71.19
CA GLY D 1093 9.21 -48.56 70.99
C GLY D 1093 10.14 -49.42 70.15
N VAL D 1094 11.45 -49.24 70.35
CA VAL D 1094 12.47 -49.96 69.62
C VAL D 1094 13.32 -50.73 70.61
N PHE D 1095 13.87 -51.86 70.13
CA PHE D 1095 14.67 -52.78 70.93
C PHE D 1095 16.14 -52.38 70.78
N VAL D 1096 16.60 -51.51 71.67
CA VAL D 1096 17.97 -51.04 71.65
C VAL D 1096 18.78 -51.84 72.66
N SER D 1097 20.10 -51.74 72.59
CA SER D 1097 20.95 -52.42 73.54
C SER D 1097 22.27 -51.69 73.71
N ASN D 1098 22.73 -51.66 74.97
CA ASN D 1098 23.99 -51.09 75.43
C ASN D 1098 25.16 -52.02 75.16
N GLY D 1099 25.22 -52.64 73.98
CA GLY D 1099 26.20 -53.68 73.81
C GLY D 1099 25.86 -54.97 74.55
N THR D 1100 25.46 -54.87 75.83
CA THR D 1100 25.29 -56.04 76.69
C THR D 1100 23.83 -56.32 77.03
N HIS D 1101 23.12 -55.37 77.62
CA HIS D 1101 21.71 -55.56 77.98
C HIS D 1101 20.80 -54.89 76.96
N TRP D 1102 19.52 -55.24 77.02
CA TRP D 1102 18.54 -54.77 76.04
C TRP D 1102 17.48 -53.92 76.73
N PHE D 1103 16.87 -53.03 75.96
CA PHE D 1103 15.89 -52.07 76.46
C PHE D 1103 14.86 -51.78 75.38
N VAL D 1104 13.67 -51.37 75.83
CA VAL D 1104 12.59 -50.96 74.94
C VAL D 1104 12.37 -49.46 75.07
N THR D 1105 13.03 -48.67 74.23
CA THR D 1105 12.90 -47.22 74.38
C THR D 1105 11.90 -46.66 73.39
N GLN D 1106 11.50 -45.42 73.61
CA GLN D 1106 10.68 -44.76 72.61
C GLN D 1106 11.55 -44.29 71.46
N ARG D 1107 10.92 -44.08 70.31
CA ARG D 1107 11.66 -43.93 69.06
C ARG D 1107 12.29 -42.55 68.89
N ASN D 1108 12.06 -41.61 69.79
CA ASN D 1108 12.57 -40.25 69.62
C ASN D 1108 13.22 -39.68 70.86
N PHE D 1109 13.43 -40.48 71.90
CA PHE D 1109 14.10 -40.00 73.11
C PHE D 1109 14.57 -41.21 73.90
N TYR D 1110 15.86 -41.26 74.21
CA TYR D 1110 16.44 -42.46 74.81
C TYR D 1110 15.96 -42.57 76.25
N GLU D 1111 14.91 -43.38 76.46
CA GLU D 1111 14.40 -43.71 77.78
C GLU D 1111 14.29 -45.23 77.84
N PRO D 1112 15.33 -45.92 78.32
CA PRO D 1112 15.47 -47.36 78.07
C PRO D 1112 14.32 -48.23 78.55
N GLN D 1113 14.05 -48.27 79.85
CA GLN D 1113 13.05 -49.17 80.45
C GLN D 1113 13.33 -50.65 80.20
N ILE D 1114 13.04 -51.48 81.19
CA ILE D 1114 13.24 -52.92 81.04
C ILE D 1114 12.18 -53.50 80.11
N ILE D 1115 12.45 -54.69 79.60
CA ILE D 1115 11.53 -55.37 78.70
C ILE D 1115 10.56 -56.18 79.56
N THR D 1116 9.30 -55.76 79.59
CA THR D 1116 8.27 -56.46 80.34
C THR D 1116 7.12 -56.82 79.43
N THR D 1117 6.27 -57.73 79.91
CA THR D 1117 5.12 -58.16 79.12
C THR D 1117 4.12 -57.04 78.87
N ASP D 1118 4.15 -55.99 79.68
CA ASP D 1118 3.21 -54.89 79.50
C ASP D 1118 3.59 -53.97 78.35
N ASN D 1119 4.89 -53.87 78.03
CA ASN D 1119 5.35 -53.07 76.91
C ASN D 1119 5.75 -53.95 75.72
N THR D 1120 5.29 -55.20 75.69
CA THR D 1120 5.72 -56.16 74.68
C THR D 1120 4.59 -57.14 74.41
N PHE D 1121 4.37 -57.47 73.15
CA PHE D 1121 3.31 -58.36 72.74
C PHE D 1121 3.85 -59.50 71.89
N VAL D 1122 3.17 -60.64 71.95
CA VAL D 1122 3.66 -61.92 71.44
C VAL D 1122 2.93 -62.30 70.17
N SER D 1123 3.69 -62.77 69.17
CA SER D 1123 3.11 -63.25 67.91
C SER D 1123 4.01 -64.36 67.36
N GLY D 1124 3.58 -65.61 67.56
CA GLY D 1124 4.26 -66.74 66.95
C GLY D 1124 5.45 -67.25 67.73
N ASN D 1125 6.37 -67.92 67.04
CA ASN D 1125 7.60 -68.45 67.63
C ASN D 1125 8.81 -67.81 66.95
N CYS D 1126 9.99 -68.18 67.43
CA CYS D 1126 11.24 -67.52 67.04
C CYS D 1126 11.86 -68.10 65.78
N ASP D 1127 11.09 -68.81 64.95
CA ASP D 1127 11.63 -69.47 63.78
C ASP D 1127 11.31 -68.77 62.47
N VAL D 1128 10.68 -67.60 62.51
CA VAL D 1128 10.25 -66.93 61.29
C VAL D 1128 10.93 -65.56 61.15
N VAL D 1129 11.32 -64.97 62.28
CA VAL D 1129 11.89 -63.62 62.28
C VAL D 1129 13.38 -63.72 61.96
N ILE D 1130 13.83 -62.90 61.01
CA ILE D 1130 15.21 -62.99 60.54
C ILE D 1130 16.18 -62.53 61.62
N GLY D 1131 15.90 -61.38 62.24
CA GLY D 1131 16.84 -60.79 63.19
C GLY D 1131 16.49 -61.03 64.64
N ILE D 1132 15.88 -62.17 64.94
CA ILE D 1132 15.48 -62.47 66.31
C ILE D 1132 16.71 -62.53 67.20
N VAL D 1133 16.57 -61.96 68.41
CA VAL D 1133 17.64 -61.94 69.41
C VAL D 1133 17.08 -62.50 70.70
N ASN D 1134 17.85 -63.38 71.35
CA ASN D 1134 17.37 -64.14 72.49
C ASN D 1134 17.70 -63.40 73.78
N ASN D 1135 16.67 -63.10 74.58
CA ASN D 1135 16.83 -62.44 75.87
C ASN D 1135 15.71 -62.93 76.78
N THR D 1136 15.49 -62.24 77.88
CA THR D 1136 14.43 -62.55 78.83
C THR D 1136 13.52 -61.36 79.00
N VAL D 1137 12.22 -61.57 78.85
CA VAL D 1137 11.22 -60.54 79.11
C VAL D 1137 10.66 -60.77 80.51
N TYR D 1138 10.54 -59.69 81.27
CA TYR D 1138 10.20 -59.80 82.69
C TYR D 1138 8.70 -59.73 82.89
N ASP D 1139 8.19 -60.62 83.72
CA ASP D 1139 6.78 -60.61 84.09
C ASP D 1139 6.61 -59.98 85.46
N PRO D 1140 5.77 -58.97 85.61
CA PRO D 1140 5.60 -58.35 86.93
C PRO D 1140 4.73 -59.15 87.87
N LEU D 1141 3.73 -59.84 87.30
CA LEU D 1141 2.68 -60.47 88.11
C LEU D 1141 3.25 -61.55 89.01
N GLN D 1142 4.13 -62.40 88.49
CA GLN D 1142 4.65 -63.49 89.29
C GLN D 1142 5.42 -63.01 90.51
N PRO D 1143 6.40 -62.10 90.41
CA PRO D 1143 6.98 -61.52 91.63
C PRO D 1143 5.97 -60.75 92.47
N GLU D 1144 4.94 -60.17 91.84
CA GLU D 1144 3.94 -59.42 92.59
C GLU D 1144 3.15 -60.29 93.55
N LEU D 1145 3.21 -61.61 93.39
CA LEU D 1145 2.53 -62.52 94.30
C LEU D 1145 3.08 -62.41 95.72
N ILE E 22 16.49 10.22 -76.42
CA ILE E 22 17.08 11.40 -75.82
C ILE E 22 18.32 11.81 -76.59
N VAL E 23 18.53 13.12 -76.71
CA VAL E 23 19.71 13.67 -77.36
C VAL E 23 20.63 14.22 -76.28
N LEU E 24 21.82 13.63 -76.16
CA LEU E 24 22.83 14.08 -75.21
C LEU E 24 23.94 14.80 -75.96
N THR E 25 24.14 16.06 -75.64
CA THR E 25 25.24 16.85 -76.18
C THR E 25 26.26 17.08 -75.08
N GLN E 26 27.53 16.88 -75.40
CA GLN E 26 28.58 16.89 -74.40
C GLN E 26 29.53 18.07 -74.62
N SER E 27 29.70 18.87 -73.57
CA SER E 27 30.51 20.08 -73.51
C SER E 27 31.94 19.70 -73.15
N PRO E 28 32.88 20.68 -73.09
CA PRO E 28 34.00 20.70 -74.04
C PRO E 28 34.39 19.36 -74.63
N ALA E 29 34.43 19.34 -75.96
CA ALA E 29 34.63 18.15 -76.76
C ALA E 29 36.10 17.83 -77.01
N SER E 30 37.02 18.64 -76.48
CA SER E 30 38.44 18.37 -76.63
C SER E 30 39.19 19.08 -75.51
N LEU E 31 39.65 18.30 -74.54
CA LEU E 31 40.45 18.82 -73.44
C LEU E 31 41.85 18.23 -73.52
N ALA E 32 42.85 19.04 -73.19
CA ALA E 32 44.24 18.60 -73.12
C ALA E 32 44.57 18.30 -71.67
N VAL E 33 45.23 17.16 -71.45
CA VAL E 33 45.52 16.69 -70.10
C VAL E 33 47.00 16.32 -70.01
N SER E 34 47.67 16.83 -68.98
CA SER E 34 49.02 16.39 -68.67
C SER E 34 48.97 15.21 -67.71
N LEU E 35 50.11 14.57 -67.50
CA LEU E 35 50.19 13.42 -66.61
C LEU E 35 49.82 13.84 -65.19
N GLY E 36 48.89 13.10 -64.59
CA GLY E 36 48.46 13.38 -63.24
C GLY E 36 47.55 14.57 -63.07
N GLN E 37 47.04 15.14 -64.16
CA GLN E 37 46.21 16.34 -64.09
C GLN E 37 44.75 15.98 -64.30
N ARG E 38 43.89 16.55 -63.45
CA ARG E 38 42.45 16.29 -63.53
C ARG E 38 41.78 17.26 -64.50
N ALA E 39 40.71 16.78 -65.13
CA ALA E 39 39.94 17.58 -66.08
C ALA E 39 38.49 17.11 -66.07
N THR E 40 37.60 17.97 -66.53
CA THR E 40 36.17 17.68 -66.53
C THR E 40 35.60 17.90 -67.94
N ILE E 41 35.05 16.85 -68.52
CA ILE E 41 34.33 16.91 -69.79
C ILE E 41 32.89 16.54 -69.50
N SER E 42 31.95 17.37 -69.92
CA SER E 42 30.61 17.30 -69.35
C SER E 42 29.60 16.81 -70.37
N CYS E 43 28.47 16.34 -69.86
CA CYS E 43 27.39 15.82 -70.71
C CYS E 43 26.06 16.39 -70.23
N ARG E 44 25.33 17.04 -71.13
CA ARG E 44 24.00 17.55 -70.85
C ARG E 44 23.01 16.81 -71.74
N ALA E 45 21.95 16.27 -71.13
CA ALA E 45 20.95 15.52 -71.86
C ALA E 45 19.80 16.44 -72.24
N SER E 46 18.78 15.89 -72.91
CA SER E 46 17.60 16.66 -73.25
C SER E 46 16.71 16.94 -72.04
N GLU E 47 16.54 15.96 -71.16
CA GLU E 47 15.72 16.11 -69.97
C GLU E 47 16.42 15.38 -68.83
N SER E 48 15.71 15.22 -67.72
CA SER E 48 16.25 14.53 -66.56
C SER E 48 16.25 13.02 -66.77
N VAL E 49 17.39 12.39 -66.50
CA VAL E 49 17.52 10.94 -66.60
C VAL E 49 17.18 10.26 -65.27
N GLU E 50 16.56 10.99 -64.35
CA GLU E 50 16.30 10.52 -62.99
C GLU E 50 15.07 9.62 -62.90
N TYR E 51 14.63 9.02 -64.00
CA TYR E 51 13.49 8.12 -63.97
C TYR E 51 13.77 6.95 -63.04
N TYR E 52 12.70 6.45 -62.41
CA TYR E 52 12.75 5.38 -61.41
C TYR E 52 13.54 5.77 -60.17
N GLY E 53 13.83 7.06 -59.98
CA GLY E 53 14.60 7.50 -58.85
C GLY E 53 16.09 7.31 -58.96
N THR E 54 16.61 7.04 -60.16
CA THR E 54 18.03 6.83 -60.35
C THR E 54 18.39 7.19 -61.79
N SER E 55 19.54 7.84 -61.96
CA SER E 55 19.99 8.20 -63.30
C SER E 55 20.52 6.96 -64.03
N LEU E 56 20.44 7.01 -65.36
CA LEU E 56 20.77 5.86 -66.21
C LEU E 56 21.71 6.26 -67.33
N MET E 57 22.71 7.09 -67.04
CA MET E 57 23.69 7.44 -68.05
C MET E 57 24.84 6.42 -68.06
N GLN E 58 25.48 6.30 -69.22
CA GLN E 58 26.55 5.32 -69.42
C GLN E 58 27.75 6.01 -70.04
N TRP E 59 28.94 5.64 -69.57
CA TRP E 59 30.19 6.32 -69.93
C TRP E 59 31.17 5.31 -70.48
N TYR E 60 31.69 5.57 -71.68
CA TYR E 60 32.50 4.62 -72.43
C TYR E 60 33.80 5.29 -72.86
N GLN E 61 34.89 4.51 -72.85
CA GLN E 61 36.16 4.95 -73.39
C GLN E 61 36.56 4.06 -74.56
N GLN E 62 37.14 4.66 -75.59
CA GLN E 62 37.55 3.94 -76.80
C GLN E 62 38.92 4.44 -77.22
N LYS E 63 39.93 3.59 -77.10
CA LYS E 63 41.21 3.88 -77.70
C LYS E 63 41.11 3.74 -79.22
N PRO E 64 41.95 4.46 -79.97
CA PRO E 64 41.82 4.42 -81.44
C PRO E 64 42.05 3.03 -82.00
N GLY E 65 40.98 2.41 -82.52
CA GLY E 65 41.07 1.05 -83.01
C GLY E 65 40.96 -0.02 -81.96
N GLN E 66 40.18 0.21 -80.90
CA GLN E 66 40.02 -0.76 -79.83
C GLN E 66 38.55 -0.89 -79.47
N PRO E 67 38.14 -2.07 -78.98
CA PRO E 67 36.77 -2.23 -78.48
C PRO E 67 36.53 -1.35 -77.27
N PRO E 68 35.58 -0.42 -77.35
CA PRO E 68 35.37 0.53 -76.24
C PRO E 68 34.78 -0.09 -74.99
N LYS E 69 35.57 -0.15 -73.91
CA LYS E 69 35.08 -0.65 -72.64
C LYS E 69 34.20 0.38 -71.95
N VAL E 70 33.47 -0.05 -70.92
CA VAL E 70 32.60 0.81 -70.14
C VAL E 70 33.33 1.25 -68.88
N LEU E 71 32.97 2.42 -68.36
CA LEU E 71 33.56 2.94 -67.15
C LEU E 71 32.62 2.96 -65.95
N ILE E 72 31.31 2.92 -66.17
CA ILE E 72 30.34 3.06 -65.09
C ILE E 72 29.23 2.02 -65.26
N TYR E 73 28.82 1.41 -64.15
CA TYR E 73 27.57 0.66 -64.15
C TYR E 73 26.40 1.58 -64.44
N ALA E 74 26.31 2.67 -63.70
CA ALA E 74 25.22 3.64 -63.77
C ALA E 74 25.80 5.00 -63.41
N ALA E 75 24.93 5.94 -63.06
CA ALA E 75 25.29 7.31 -62.71
C ALA E 75 26.56 7.44 -61.89
N SER E 76 26.81 6.52 -60.97
CA SER E 76 27.91 6.68 -60.03
C SER E 76 28.87 5.49 -60.00
N ASN E 77 28.34 4.26 -60.12
CA ASN E 77 29.17 3.08 -59.93
C ASN E 77 30.16 2.93 -61.08
N VAL E 78 31.05 1.95 -60.95
CA VAL E 78 32.13 1.70 -61.90
C VAL E 78 32.24 0.20 -62.15
N GLU E 79 32.52 -0.18 -63.40
CA GLU E 79 32.67 -1.59 -63.75
C GLU E 79 33.88 -2.19 -63.04
N SER E 80 33.79 -3.49 -62.76
CA SER E 80 34.92 -4.22 -62.24
C SER E 80 36.04 -4.31 -63.28
N GLY E 81 37.28 -4.32 -62.82
CA GLY E 81 38.42 -4.28 -63.70
C GLY E 81 38.80 -2.90 -64.18
N VAL E 82 38.03 -1.88 -63.82
CA VAL E 82 38.32 -0.50 -64.18
C VAL E 82 39.01 0.17 -63.01
N PRO E 83 40.22 0.71 -63.18
CA PRO E 83 40.91 1.33 -62.05
C PRO E 83 40.11 2.48 -61.45
N ALA E 84 40.23 2.64 -60.14
CA ALA E 84 39.43 3.62 -59.40
C ALA E 84 39.82 5.06 -59.69
N ARG E 85 40.92 5.29 -60.41
CA ARG E 85 41.34 6.66 -60.72
C ARG E 85 40.29 7.41 -61.53
N PHE E 86 39.46 6.68 -62.27
CA PHE E 86 38.35 7.29 -63.01
C PHE E 86 37.13 7.41 -62.11
N SER E 87 36.41 8.52 -62.25
CA SER E 87 35.19 8.71 -61.48
C SER E 87 34.34 9.75 -62.19
N GLY E 88 33.16 10.00 -61.63
CA GLY E 88 32.29 11.03 -62.16
C GLY E 88 30.89 10.78 -61.67
N SER E 89 30.06 11.80 -61.85
CA SER E 89 28.68 11.74 -61.35
C SER E 89 27.89 12.90 -61.92
N GLY E 90 26.65 13.03 -61.46
CA GLY E 90 25.79 14.10 -61.92
C GLY E 90 24.36 13.84 -61.46
N SER E 91 23.47 14.70 -61.94
CA SER E 91 22.05 14.58 -61.64
C SER E 91 21.25 15.20 -62.78
N GLY E 92 20.03 14.68 -62.96
CA GLY E 92 19.12 15.21 -63.95
C GLY E 92 19.67 15.17 -65.36
N THR E 93 19.97 16.35 -65.90
CA THR E 93 20.54 16.49 -67.23
C THR E 93 21.95 17.03 -67.21
N ASP E 94 22.71 16.79 -66.13
CA ASP E 94 24.03 17.37 -65.94
C ASP E 94 24.95 16.29 -65.36
N PHE E 95 25.92 15.83 -66.13
CA PHE E 95 26.85 14.81 -65.65
C PHE E 95 28.26 15.18 -66.06
N SER E 96 29.25 14.66 -65.33
CA SER E 96 30.63 15.04 -65.58
C SER E 96 31.57 13.96 -65.05
N LEU E 97 32.82 14.05 -65.51
CA LEU E 97 33.90 13.12 -65.22
C LEU E 97 34.98 13.78 -64.36
N ASN E 98 35.80 12.93 -63.73
CA ASN E 98 36.88 13.37 -62.86
C ASN E 98 37.93 12.27 -62.81
N ILE E 99 39.14 12.55 -63.29
CA ILE E 99 40.26 11.62 -63.22
C ILE E 99 41.47 12.40 -62.73
N HIS E 100 41.73 12.35 -61.43
CA HIS E 100 42.93 13.01 -60.91
C HIS E 100 44.20 12.37 -61.47
N PRO E 101 44.39 11.04 -61.42
CA PRO E 101 45.61 10.44 -62.02
C PRO E 101 45.46 10.09 -63.50
N VAL E 102 45.53 11.11 -64.36
CA VAL E 102 45.48 10.90 -65.80
C VAL E 102 46.85 10.42 -66.25
N GLU E 103 46.91 9.22 -66.81
CA GLU E 103 48.15 8.63 -67.29
C GLU E 103 48.16 8.60 -68.82
N GLU E 104 49.18 7.97 -69.39
CA GLU E 104 49.26 7.86 -70.85
C GLU E 104 48.10 7.07 -71.42
N ASP E 105 47.68 6.00 -70.73
CA ASP E 105 46.56 5.20 -71.19
C ASP E 105 45.26 5.98 -71.21
N ASP E 106 45.15 7.05 -70.42
CA ASP E 106 43.92 7.83 -70.35
C ASP E 106 43.86 8.84 -71.49
N ILE E 107 44.04 8.37 -72.72
CA ILE E 107 43.94 9.19 -73.93
C ILE E 107 43.09 8.38 -74.90
N ALA E 108 41.83 8.79 -75.07
CA ALA E 108 40.87 8.01 -75.86
C ALA E 108 39.68 8.91 -76.15
N MET E 109 38.62 8.32 -76.72
CA MET E 109 37.37 9.01 -76.99
C MET E 109 36.34 8.53 -75.97
N TYR E 110 35.68 9.48 -75.29
CA TYR E 110 34.82 9.15 -74.16
C TYR E 110 33.40 9.61 -74.48
N PHE E 111 32.48 8.66 -74.52
CA PHE E 111 31.10 8.92 -74.90
C PHE E 111 30.18 8.72 -73.70
N CYS E 112 29.03 9.39 -73.74
CA CYS E 112 28.02 9.26 -72.70
C CYS E 112 26.67 8.92 -73.33
N GLN E 113 25.97 7.97 -72.71
CA GLN E 113 24.76 7.37 -73.24
C GLN E 113 23.60 7.60 -72.26
N GLN E 114 22.40 7.17 -72.67
CA GLN E 114 21.21 7.25 -71.84
C GLN E 114 20.45 5.93 -71.92
N SER E 115 19.65 5.65 -70.88
CA SER E 115 18.90 4.40 -70.83
C SER E 115 17.49 4.54 -70.28
N ARG E 116 16.89 5.73 -70.33
CA ARG E 116 15.51 5.88 -69.89
C ARG E 116 14.54 5.77 -71.06
N LYS E 117 14.71 6.62 -72.08
CA LYS E 117 13.85 6.62 -73.25
C LYS E 117 14.43 5.69 -74.31
N VAL E 118 13.55 5.16 -75.15
CA VAL E 118 13.87 4.07 -76.08
C VAL E 118 15.08 4.41 -76.96
N PRO E 119 15.17 5.60 -77.59
CA PRO E 119 16.36 5.88 -78.41
C PRO E 119 17.63 6.07 -77.59
N TRP E 120 18.23 4.97 -77.14
CA TRP E 120 19.50 5.02 -76.43
C TRP E 120 20.59 5.53 -77.37
N THR E 121 21.12 6.72 -77.11
CA THR E 121 22.07 7.35 -78.01
C THR E 121 23.29 7.84 -77.22
N PHE E 122 24.46 7.70 -77.83
CA PHE E 122 25.71 8.17 -77.25
C PHE E 122 25.87 9.67 -77.55
N GLY E 123 27.08 10.19 -77.32
CA GLY E 123 27.41 11.57 -77.62
C GLY E 123 28.34 11.71 -78.80
N GLY E 124 28.98 12.87 -78.89
CA GLY E 124 29.92 13.14 -79.96
C GLY E 124 31.34 12.76 -79.62
N GLY E 125 32.25 13.72 -79.61
CA GLY E 125 33.64 13.44 -79.30
C GLY E 125 34.08 14.20 -78.07
N THR E 126 35.00 13.58 -77.32
CA THR E 126 35.59 14.17 -76.12
C THR E 126 37.08 13.91 -76.09
N LYS E 127 37.76 14.21 -77.20
CA LYS E 127 39.18 13.89 -77.35
C LYS E 127 40.02 14.45 -76.21
N LEU E 128 40.82 13.57 -75.61
CA LEU E 128 41.86 13.97 -74.67
C LEU E 128 43.22 13.84 -75.35
N GLU E 129 44.07 14.85 -75.14
CA GLU E 129 45.39 14.88 -75.74
C GLU E 129 46.42 15.23 -74.67
N ILE E 130 47.63 14.71 -74.85
CA ILE E 130 48.69 14.92 -73.86
C ILE E 130 49.14 16.37 -73.90
N LYS E 131 49.19 17.01 -72.74
CA LYS E 131 49.53 18.42 -72.66
C LYS E 131 51.02 18.63 -72.89
N ARG E 132 51.36 19.71 -73.59
CA ARG E 132 52.73 20.15 -73.75
C ARG E 132 52.74 21.61 -74.14
N THR E 160 53.94 22.16 -74.31
CA THR E 160 54.07 23.53 -74.80
C THR E 160 53.60 23.63 -76.24
N VAL E 161 53.06 24.80 -76.60
CA VAL E 161 52.56 25.04 -77.95
C VAL E 161 53.74 25.01 -78.92
N ALA E 162 53.59 24.26 -80.01
CA ALA E 162 54.60 24.18 -81.05
C ALA E 162 54.02 24.72 -82.36
N ALA E 163 54.78 25.58 -83.02
CA ALA E 163 54.35 26.10 -84.31
C ALA E 163 54.40 24.99 -85.36
N PRO E 164 53.43 24.98 -86.28
CA PRO E 164 53.44 23.95 -87.33
C PRO E 164 54.31 24.32 -88.52
N SER E 165 55.36 23.53 -88.76
CA SER E 165 56.15 23.69 -89.96
C SER E 165 55.32 23.28 -91.17
N VAL E 166 55.38 24.09 -92.22
CA VAL E 166 54.51 23.94 -93.38
C VAL E 166 55.36 23.52 -94.57
N PHE E 167 54.88 22.52 -95.32
CA PHE E 167 55.56 22.04 -96.51
C PHE E 167 54.54 21.86 -97.62
N ILE E 168 55.01 22.00 -98.86
CA ILE E 168 54.15 21.92 -100.03
C ILE E 168 54.77 20.97 -101.06
N PHE E 169 53.94 20.09 -101.61
CA PHE E 169 54.31 19.15 -102.65
C PHE E 169 53.52 19.47 -103.91
N PRO E 170 54.17 19.87 -105.00
CA PRO E 170 53.46 20.03 -106.27
C PRO E 170 53.38 18.70 -106.99
N PRO E 171 52.29 18.46 -107.73
CA PRO E 171 52.20 17.22 -108.51
C PRO E 171 53.28 17.16 -109.58
N SER E 172 53.79 15.96 -109.82
CA SER E 172 54.88 15.76 -110.76
C SER E 172 54.35 15.68 -112.19
N ASP E 173 55.27 15.79 -113.14
CA ASP E 173 54.92 15.67 -114.55
C ASP E 173 54.41 14.27 -114.88
N GLU E 174 55.00 13.25 -114.24
CA GLU E 174 54.51 11.89 -114.44
C GLU E 174 53.07 11.75 -113.97
N GLN E 175 52.75 12.33 -112.82
CA GLN E 175 51.36 12.36 -112.36
C GLN E 175 50.50 13.20 -113.29
N LEU E 176 51.04 14.31 -113.79
CA LEU E 176 50.28 15.19 -114.67
C LEU E 176 49.93 14.49 -115.98
N LYS E 177 50.76 13.54 -116.42
CA LYS E 177 50.44 12.78 -117.63
C LYS E 177 49.19 11.93 -117.45
N SER E 178 48.99 11.38 -116.25
CA SER E 178 47.91 10.43 -116.02
C SER E 178 46.54 11.06 -116.24
N GLY E 179 46.34 12.29 -115.77
CA GLY E 179 45.04 12.91 -115.85
C GLY E 179 44.56 13.45 -114.52
N THR E 180 45.49 13.63 -113.58
CA THR E 180 45.17 14.21 -112.28
C THR E 180 46.40 14.91 -111.75
N ALA E 181 46.17 15.80 -110.78
CA ALA E 181 47.25 16.59 -110.17
C ALA E 181 46.84 16.96 -108.77
N SER E 182 47.66 16.57 -107.79
CA SER E 182 47.37 16.79 -106.38
C SER E 182 48.47 17.62 -105.75
N VAL E 183 48.10 18.74 -105.16
CA VAL E 183 48.99 19.56 -104.36
C VAL E 183 48.82 19.17 -102.90
N VAL E 184 49.91 18.87 -102.23
CA VAL E 184 49.87 18.35 -100.86
C VAL E 184 50.48 19.39 -99.93
N CYS E 185 49.64 19.99 -99.07
CA CYS E 185 50.12 20.94 -98.07
C CYS E 185 50.08 20.24 -96.72
N LEU E 186 51.26 20.05 -96.12
CA LEU E 186 51.41 19.19 -94.97
C LEU E 186 52.08 19.94 -93.84
N LEU E 187 51.77 19.54 -92.60
CA LEU E 187 52.28 20.21 -91.40
C LEU E 187 53.21 19.26 -90.67
N ASN E 188 54.40 19.75 -90.33
CA ASN E 188 55.43 18.93 -89.68
C ASN E 188 55.41 19.17 -88.16
N ASN E 189 54.47 18.48 -87.51
CA ASN E 189 54.40 18.38 -86.05
C ASN E 189 53.95 19.68 -85.40
N PHE E 190 52.87 19.61 -84.61
CA PHE E 190 52.32 20.76 -83.91
C PHE E 190 51.32 20.26 -82.89
N TYR E 191 51.34 20.86 -81.70
CA TYR E 191 50.54 20.38 -80.59
C TYR E 191 49.07 20.81 -80.65
N PRO E 192 48.75 22.11 -80.78
CA PRO E 192 47.32 22.50 -80.76
C PRO E 192 46.63 22.09 -82.06
N ARG E 193 45.37 21.64 -81.92
CA ARG E 193 44.69 21.02 -83.05
C ARG E 193 44.18 22.05 -84.06
N GLU E 194 43.75 23.22 -83.59
CA GLU E 194 43.03 24.16 -84.45
C GLU E 194 43.98 24.81 -85.45
N ALA E 195 43.85 24.44 -86.72
CA ALA E 195 44.65 25.01 -87.79
C ALA E 195 43.80 25.06 -89.06
N LYS E 196 44.11 26.04 -89.91
CA LYS E 196 43.35 26.27 -91.14
C LYS E 196 44.31 26.32 -92.32
N VAL E 197 43.96 25.61 -93.40
CA VAL E 197 44.76 25.59 -94.62
C VAL E 197 43.89 26.12 -95.75
N GLN E 198 44.36 27.16 -96.43
CA GLN E 198 43.62 27.82 -97.50
C GLN E 198 44.45 27.89 -98.77
N TRP E 199 43.83 27.55 -99.90
CA TRP E 199 44.52 27.51 -101.17
C TRP E 199 44.46 28.86 -101.87
N LYS E 200 45.50 29.15 -102.65
CA LYS E 200 45.53 30.30 -103.55
C LYS E 200 46.14 29.85 -104.86
N VAL E 201 45.35 29.88 -105.92
CA VAL E 201 45.75 29.43 -107.25
C VAL E 201 45.81 30.66 -108.12
N ASP E 202 47.02 31.20 -108.33
CA ASP E 202 47.19 32.57 -108.81
C ASP E 202 46.39 33.54 -107.96
N ASN E 203 46.44 33.33 -106.64
CA ASN E 203 45.68 34.10 -105.65
C ASN E 203 44.17 34.00 -105.92
N ALA E 204 43.66 32.77 -105.87
CA ALA E 204 42.25 32.50 -106.03
C ALA E 204 41.79 31.54 -104.95
N LEU E 205 40.67 31.87 -104.29
CA LEU E 205 40.13 31.03 -103.23
C LEU E 205 39.59 29.73 -103.83
N GLN E 206 39.87 28.61 -103.14
CA GLN E 206 39.44 27.30 -103.58
C GLN E 206 38.62 26.62 -102.49
N SER E 207 37.55 25.95 -102.91
CA SER E 207 36.68 25.22 -101.99
C SER E 207 35.87 24.21 -102.78
N GLY E 208 35.54 23.10 -102.12
CA GLY E 208 34.74 22.06 -102.73
C GLY E 208 35.50 21.07 -103.58
N ASN E 209 36.83 21.13 -103.58
CA ASN E 209 37.64 20.21 -104.38
C ASN E 209 38.88 19.74 -103.64
N SER E 210 38.82 19.67 -102.32
CA SER E 210 39.97 19.33 -101.49
C SER E 210 39.60 18.23 -100.51
N GLN E 211 40.61 17.54 -100.00
CA GLN E 211 40.44 16.50 -98.99
C GLN E 211 41.55 16.61 -97.95
N GLU E 212 41.18 16.61 -96.68
CA GLU E 212 42.12 16.74 -95.58
C GLU E 212 42.27 15.41 -94.85
N SER E 213 43.44 15.19 -94.27
CA SER E 213 43.75 14.00 -93.49
C SER E 213 44.37 14.41 -92.16
N VAL E 214 43.87 13.78 -91.09
CA VAL E 214 44.25 14.11 -89.73
C VAL E 214 44.85 12.87 -89.07
N THR E 215 45.95 13.05 -88.35
CA THR E 215 46.57 11.97 -87.60
C THR E 215 46.58 12.30 -86.11
N GLU E 216 46.49 11.26 -85.29
CA GLU E 216 46.50 11.43 -83.84
C GLU E 216 47.90 11.78 -83.36
N GLN E 217 47.95 12.51 -82.24
CA GLN E 217 49.23 12.89 -81.66
C GLN E 217 49.97 11.66 -81.13
N ASP E 218 51.28 11.62 -81.37
CA ASP E 218 52.10 10.55 -80.85
C ASP E 218 52.37 10.75 -79.37
N SER E 219 52.49 9.65 -78.64
CA SER E 219 52.60 9.70 -77.19
C SER E 219 53.88 10.36 -76.70
N LYS E 220 54.88 10.56 -77.57
CA LYS E 220 56.16 11.12 -77.15
C LYS E 220 56.31 12.58 -77.54
N ASP E 221 56.17 12.91 -78.83
CA ASP E 221 56.26 14.30 -79.24
C ASP E 221 55.00 15.09 -78.92
N SER E 222 53.86 14.41 -78.79
CA SER E 222 52.57 15.05 -78.47
C SER E 222 52.26 16.18 -79.45
N THR E 223 52.55 15.96 -80.73
CA THR E 223 52.34 16.97 -81.76
C THR E 223 51.59 16.34 -82.93
N TYR E 224 50.52 17.00 -83.35
CA TYR E 224 49.70 16.50 -84.45
C TYR E 224 50.46 16.60 -85.78
N SER E 225 50.13 15.69 -86.69
CA SER E 225 50.59 15.74 -88.06
C SER E 225 49.36 15.79 -88.97
N LEU E 226 49.26 16.84 -89.77
CA LEU E 226 48.09 17.10 -90.61
C LEU E 226 48.52 17.21 -92.06
N SER E 227 47.60 16.87 -92.97
CA SER E 227 47.86 17.01 -94.38
C SER E 227 46.58 17.43 -95.08
N SER E 228 46.74 18.07 -96.24
CA SER E 228 45.61 18.44 -97.07
C SER E 228 46.01 18.29 -98.53
N THR E 229 45.03 18.00 -99.38
CA THR E 229 45.28 17.66 -100.77
C THR E 229 44.28 18.37 -101.66
N LEU E 230 44.80 19.11 -102.64
CA LEU E 230 44.02 19.76 -103.68
C LEU E 230 44.13 18.93 -104.95
N THR E 231 43.01 18.37 -105.39
CA THR E 231 42.97 17.47 -106.55
C THR E 231 42.29 18.19 -107.70
N LEU E 232 42.97 18.25 -108.84
CA LEU E 232 42.43 18.84 -110.05
C LEU E 232 42.76 17.93 -111.22
N SER E 233 42.12 18.18 -112.37
CA SER E 233 42.51 17.48 -113.58
C SER E 233 43.81 18.07 -114.13
N LYS E 234 44.44 17.35 -115.05
CA LYS E 234 45.70 17.82 -115.61
C LYS E 234 45.53 19.16 -116.31
N ALA E 235 44.49 19.29 -117.13
CA ALA E 235 44.23 20.56 -117.81
C ALA E 235 43.92 21.66 -116.80
N ASP E 236 43.08 21.35 -115.80
CA ASP E 236 42.71 22.36 -114.80
C ASP E 236 43.93 22.82 -114.01
N TYR E 237 44.82 21.90 -113.64
CA TYR E 237 46.00 22.29 -112.87
C TYR E 237 46.99 23.06 -113.73
N GLU E 238 47.27 22.56 -114.94
CA GLU E 238 48.25 23.22 -115.79
C GLU E 238 47.74 24.52 -116.41
N LYS E 239 46.44 24.81 -116.33
CA LYS E 239 45.95 26.10 -116.78
C LYS E 239 46.56 27.24 -115.97
N HIS E 240 46.67 27.05 -114.66
CA HIS E 240 47.21 28.06 -113.76
C HIS E 240 48.62 27.67 -113.31
N LYS E 241 49.35 28.65 -112.81
CA LYS E 241 50.78 28.48 -112.51
C LYS E 241 51.07 28.60 -111.02
N VAL E 242 50.67 29.70 -110.38
CA VAL E 242 51.02 29.96 -108.99
C VAL E 242 50.06 29.17 -108.10
N TYR E 243 50.59 28.18 -107.38
CA TYR E 243 49.81 27.39 -106.44
C TYR E 243 50.46 27.50 -105.07
N ALA E 244 49.70 27.97 -104.08
CA ALA E 244 50.24 28.12 -102.75
C ALA E 244 49.20 27.75 -101.70
N CYS E 245 49.70 27.34 -100.54
CA CYS E 245 48.86 27.03 -99.40
C CYS E 245 49.25 27.91 -98.21
N GLU E 246 48.23 28.44 -97.54
CA GLU E 246 48.37 29.31 -96.39
C GLU E 246 47.93 28.54 -95.15
N VAL E 247 48.76 28.55 -94.12
CA VAL E 247 48.47 27.85 -92.86
C VAL E 247 48.35 28.89 -91.76
N THR E 248 47.20 28.86 -91.08
CA THR E 248 46.93 29.73 -89.94
C THR E 248 46.77 28.87 -88.70
N HIS E 249 47.56 29.17 -87.67
CA HIS E 249 47.54 28.40 -86.44
C HIS E 249 47.81 29.34 -85.27
N GLN E 250 47.38 28.93 -84.08
CA GLN E 250 47.55 29.74 -82.89
C GLN E 250 49.01 29.87 -82.47
N GLY E 251 49.87 28.95 -82.87
CA GLY E 251 51.28 29.03 -82.55
C GLY E 251 52.04 29.95 -83.49
N LEU E 252 51.37 30.37 -84.57
CA LEU E 252 51.94 31.32 -85.52
C LEU E 252 51.22 32.65 -85.38
N SER E 253 51.99 33.71 -85.15
CA SER E 253 51.40 35.05 -85.05
C SER E 253 50.82 35.49 -86.38
N SER E 254 51.39 35.04 -87.48
CA SER E 254 50.91 35.34 -88.82
C SER E 254 50.84 34.06 -89.64
N PRO E 255 49.92 33.98 -90.59
CA PRO E 255 49.83 32.78 -91.43
C PRO E 255 51.08 32.62 -92.31
N VAL E 256 51.41 31.37 -92.62
CA VAL E 256 52.61 31.03 -93.36
C VAL E 256 52.21 30.54 -94.75
N THR E 257 52.89 31.03 -95.78
CA THR E 257 52.59 30.71 -97.16
C THR E 257 53.69 29.84 -97.77
N LYS E 258 53.29 28.70 -98.33
CA LYS E 258 54.19 27.87 -99.13
C LYS E 258 53.70 27.88 -100.58
N SER E 259 54.57 28.30 -101.50
CA SER E 259 54.17 28.56 -102.88
C SER E 259 55.05 27.80 -103.85
N PHE E 260 54.49 27.55 -105.04
CA PHE E 260 55.22 26.95 -106.14
C PHE E 260 54.64 27.46 -107.46
N ASN E 261 55.46 27.37 -108.51
CA ASN E 261 55.08 27.70 -109.87
C ASN E 261 55.40 26.53 -110.79
N ARG E 262 54.71 26.47 -111.92
CA ARG E 262 54.96 25.40 -112.89
C ARG E 262 56.32 25.58 -113.54
N GLY E 263 57.29 24.79 -113.13
CA GLY E 263 58.64 24.87 -113.67
C GLY E 263 59.69 25.14 -112.60
N VAL F 21 36.80 -14.99 -71.32
CA VAL F 21 35.83 -15.02 -72.40
C VAL F 21 36.39 -14.32 -73.64
N GLN F 22 36.13 -14.90 -74.81
CA GLN F 22 36.58 -14.35 -76.08
C GLN F 22 35.39 -14.22 -77.01
N LEU F 23 35.36 -13.11 -77.76
CA LEU F 23 34.32 -12.84 -78.73
C LEU F 23 34.92 -12.95 -80.13
N GLN F 24 34.23 -13.69 -81.01
CA GLN F 24 34.63 -13.76 -82.40
C GLN F 24 33.54 -13.09 -83.25
N GLN F 25 33.95 -12.38 -84.30
CA GLN F 25 32.98 -11.63 -85.08
C GLN F 25 33.38 -11.68 -86.55
N SER F 26 32.39 -11.86 -87.42
CA SER F 26 32.66 -11.98 -88.84
C SER F 26 31.51 -11.37 -89.64
N GLY F 27 31.85 -10.59 -90.66
CA GLY F 27 33.23 -10.32 -91.01
C GLY F 27 33.34 -9.16 -91.99
N PRO F 28 34.42 -9.11 -92.76
CA PRO F 28 34.54 -8.08 -93.80
C PRO F 28 33.44 -8.22 -94.85
N GLU F 29 32.72 -7.13 -95.08
CA GLU F 29 31.57 -7.13 -95.97
C GLU F 29 31.80 -6.16 -97.12
N LEU F 30 31.30 -6.54 -98.30
CA LEU F 30 31.28 -5.69 -99.48
C LEU F 30 29.86 -5.56 -100.02
N VAL F 31 28.88 -5.43 -99.13
CA VAL F 31 27.48 -5.42 -99.54
C VAL F 31 27.17 -4.17 -100.36
N LYS F 32 26.34 -4.33 -101.37
CA LYS F 32 25.86 -3.23 -102.19
C LYS F 32 24.53 -2.72 -101.67
N PRO F 33 24.17 -1.47 -102.00
CA PRO F 33 22.91 -0.91 -101.51
C PRO F 33 21.72 -1.75 -101.94
N GLY F 34 20.74 -1.85 -101.04
CA GLY F 34 19.54 -2.63 -101.27
C GLY F 34 19.57 -4.04 -100.74
N ALA F 35 20.76 -4.55 -100.39
CA ALA F 35 20.89 -5.91 -99.88
C ALA F 35 21.14 -5.88 -98.37
N SER F 36 21.28 -7.06 -97.77
CA SER F 36 21.59 -7.19 -96.36
C SER F 36 22.14 -8.57 -96.06
N VAL F 37 23.36 -8.63 -95.51
CA VAL F 37 24.03 -9.90 -95.21
C VAL F 37 24.17 -10.02 -93.70
N LYS F 38 23.75 -11.15 -93.15
CA LYS F 38 23.72 -11.35 -91.71
C LYS F 38 25.13 -11.47 -91.15
N ILE F 39 25.42 -10.64 -90.16
CA ILE F 39 26.72 -10.60 -89.49
C ILE F 39 26.70 -11.52 -88.28
N SER F 40 27.77 -12.30 -88.10
CA SER F 40 27.83 -13.32 -87.06
C SER F 40 28.74 -12.87 -85.92
N CYS F 41 28.33 -13.17 -84.69
CA CYS F 41 29.15 -12.95 -83.49
C CYS F 41 29.18 -14.25 -82.68
N LYS F 42 30.21 -15.05 -82.89
CA LYS F 42 30.41 -16.27 -82.12
C LYS F 42 30.78 -15.92 -80.67
N ALA F 43 30.10 -16.57 -79.73
CA ALA F 43 30.13 -16.17 -78.33
C ALA F 43 31.30 -16.79 -77.58
N SER F 44 31.57 -18.07 -77.81
CA SER F 44 32.61 -18.83 -77.11
C SER F 44 32.26 -18.88 -75.63
N GLY F 45 33.09 -18.37 -74.73
CA GLY F 45 32.87 -18.53 -73.29
C GLY F 45 31.70 -17.77 -72.70
N TYR F 46 30.85 -17.20 -73.54
CA TYR F 46 29.70 -16.48 -73.04
C TYR F 46 28.70 -17.44 -72.39
N SER F 47 28.06 -16.97 -71.32
CA SER F 47 27.00 -17.74 -70.69
C SER F 47 25.73 -17.79 -71.51
N PHE F 48 25.61 -16.89 -72.50
CA PHE F 48 24.53 -16.83 -73.48
C PHE F 48 23.14 -17.00 -72.88
N THR F 49 22.98 -16.65 -71.60
CA THR F 49 21.68 -16.73 -70.96
C THR F 49 21.32 -15.53 -70.10
N GLY F 50 22.25 -14.65 -69.78
CA GLY F 50 21.95 -13.53 -68.90
C GLY F 50 22.63 -12.24 -69.27
N TYR F 51 23.24 -12.18 -70.45
CA TYR F 51 23.94 -10.99 -70.93
C TYR F 51 23.32 -10.59 -72.26
N SER F 52 22.55 -9.50 -72.26
CA SER F 52 21.96 -9.00 -73.50
C SER F 52 23.06 -8.67 -74.50
N MET F 53 23.08 -9.42 -75.61
CA MET F 53 24.14 -9.30 -76.60
C MET F 53 23.85 -8.08 -77.46
N ASN F 54 24.14 -6.91 -76.89
CA ASN F 54 23.73 -5.65 -77.51
C ASN F 54 24.58 -5.32 -78.72
N TRP F 55 24.03 -4.47 -79.59
CA TRP F 55 24.61 -4.10 -80.87
C TRP F 55 24.65 -2.59 -80.99
N MET F 56 25.79 -2.07 -81.45
CA MET F 56 26.03 -0.63 -81.52
C MET F 56 26.80 -0.31 -82.79
N LYS F 57 26.87 0.98 -83.14
CA LYS F 57 27.41 1.41 -84.43
C LYS F 57 28.53 2.42 -84.23
N GLN F 58 29.70 2.12 -84.80
CA GLN F 58 30.83 3.04 -84.84
C GLN F 58 31.17 3.35 -86.29
N SER F 59 31.18 4.63 -86.63
CA SER F 59 31.41 5.09 -87.98
C SER F 59 32.86 5.52 -88.17
N PRO F 60 33.27 5.93 -89.39
CA PRO F 60 34.61 6.55 -89.52
C PRO F 60 34.62 7.99 -89.02
N GLU F 61 33.96 8.19 -87.89
CA GLU F 61 34.03 9.40 -87.07
C GLU F 61 33.60 8.96 -85.67
N LYS F 62 33.33 9.92 -84.78
CA LYS F 62 33.01 9.52 -83.42
C LYS F 62 31.62 8.90 -83.35
N SER F 63 30.58 9.71 -83.54
CA SER F 63 29.23 9.30 -83.95
C SER F 63 28.78 7.93 -83.44
N LEU F 64 28.86 7.69 -82.12
CA LEU F 64 28.36 6.42 -81.59
C LEU F 64 26.87 6.52 -81.28
N GLU F 65 26.18 5.40 -81.52
CA GLU F 65 24.79 5.24 -81.09
C GLU F 65 24.53 3.75 -80.92
N TRP F 66 23.48 3.43 -80.18
CA TRP F 66 23.16 2.05 -79.84
C TRP F 66 22.20 1.49 -80.89
N ILE F 67 22.61 0.41 -81.56
CA ILE F 67 21.79 -0.15 -82.63
C ILE F 67 20.58 -0.86 -82.07
N GLY F 68 20.79 -1.82 -81.18
CA GLY F 68 19.68 -2.64 -80.70
C GLY F 68 20.07 -3.48 -79.52
N GLU F 69 19.04 -4.00 -78.84
CA GLU F 69 19.20 -4.83 -77.67
C GLU F 69 18.41 -6.13 -77.85
N ILE F 70 18.98 -7.24 -77.40
CA ILE F 70 18.37 -8.55 -77.54
C ILE F 70 18.45 -9.28 -76.21
N ASN F 71 17.53 -10.23 -76.03
CA ASN F 71 17.52 -11.06 -74.82
C ASN F 71 17.86 -12.49 -75.21
N PRO F 72 19.08 -12.96 -74.91
CA PRO F 72 19.43 -14.35 -75.27
C PRO F 72 18.51 -15.39 -74.66
N SER F 73 18.05 -15.19 -73.43
CA SER F 73 17.19 -16.16 -72.78
C SER F 73 15.74 -16.02 -73.24
N THR F 74 15.23 -14.79 -73.25
CA THR F 74 13.83 -14.56 -73.59
C THR F 74 13.60 -14.63 -75.10
N GLY F 75 14.26 -13.76 -75.85
CA GLY F 75 14.09 -13.68 -77.29
C GLY F 75 13.53 -12.36 -77.79
N GLY F 76 12.83 -11.61 -76.97
CA GLY F 76 12.36 -10.30 -77.41
C GLY F 76 13.51 -9.33 -77.57
N THR F 77 13.33 -8.36 -78.45
CA THR F 77 14.38 -7.37 -78.76
C THR F 77 13.80 -5.98 -78.61
N THR F 78 14.59 -5.07 -78.04
CA THR F 78 14.26 -3.65 -77.98
C THR F 78 15.19 -2.90 -78.91
N ASP F 79 14.61 -2.05 -79.76
CA ASP F 79 15.36 -1.36 -80.81
C ASP F 79 15.07 0.13 -80.76
N ASN F 80 16.05 0.91 -81.22
CA ASN F 80 15.88 2.35 -81.28
C ASN F 80 14.75 2.71 -82.23
N GLN F 81 13.87 3.60 -81.77
CA GLN F 81 12.70 3.96 -82.57
C GLN F 81 13.07 4.85 -83.75
N LYS F 82 14.21 5.54 -83.67
CA LYS F 82 14.60 6.44 -84.74
C LYS F 82 14.84 5.68 -86.04
N PHE F 83 15.50 4.53 -85.96
CA PHE F 83 15.81 3.72 -87.14
C PHE F 83 15.41 2.27 -86.92
N LYS F 84 14.19 2.05 -86.45
CA LYS F 84 13.65 0.70 -86.34
C LYS F 84 13.79 -0.04 -87.66
N ALA F 85 13.40 0.61 -88.75
CA ALA F 85 13.58 0.13 -90.12
C ALA F 85 13.19 -1.34 -90.27
N LYS F 86 14.13 -2.16 -90.71
CA LYS F 86 13.91 -3.60 -90.86
C LYS F 86 15.12 -4.38 -90.35
N ALA F 87 15.72 -3.90 -89.27
CA ALA F 87 16.83 -4.63 -88.66
C ALA F 87 16.29 -5.88 -87.95
N THR F 88 16.88 -7.02 -88.25
CA THR F 88 16.41 -8.32 -87.75
C THR F 88 17.39 -8.79 -86.67
N LEU F 89 16.96 -8.69 -85.42
CA LEU F 89 17.79 -9.05 -84.28
C LEU F 89 17.29 -10.37 -83.71
N THR F 90 18.04 -11.45 -83.96
CA THR F 90 17.63 -12.79 -83.58
C THR F 90 18.64 -13.40 -82.60
N VAL F 91 18.13 -14.01 -81.54
CA VAL F 91 18.98 -14.71 -80.57
C VAL F 91 19.08 -16.16 -81.03
N ASP F 92 20.01 -16.40 -81.94
CA ASP F 92 20.26 -17.76 -82.44
C ASP F 92 21.16 -18.47 -81.43
N LYS F 93 20.54 -18.88 -80.31
CA LYS F 93 21.29 -19.46 -79.21
C LYS F 93 21.79 -20.87 -79.50
N SER F 94 21.28 -21.52 -80.55
CA SER F 94 21.84 -22.81 -80.94
C SER F 94 23.31 -22.69 -81.30
N SER F 95 23.66 -21.65 -82.06
CA SER F 95 25.05 -21.30 -82.29
C SER F 95 25.57 -20.30 -81.26
N SER F 96 24.71 -19.83 -80.36
CA SER F 96 25.03 -18.80 -79.37
C SER F 96 25.47 -17.50 -80.01
N THR F 97 24.99 -17.21 -81.22
CA THR F 97 25.38 -16.01 -81.95
C THR F 97 24.16 -15.14 -82.23
N ALA F 98 24.40 -13.83 -82.25
CA ALA F 98 23.44 -12.86 -82.76
C ALA F 98 23.67 -12.69 -84.26
N TYR F 99 22.74 -11.99 -84.91
CA TYR F 99 22.84 -11.81 -86.35
C TYR F 99 22.23 -10.46 -86.73
N MET F 100 23.06 -9.58 -87.27
CA MET F 100 22.58 -8.35 -87.90
C MET F 100 22.15 -8.63 -89.33
N GLN F 101 20.84 -8.55 -89.55
CA GLN F 101 20.20 -8.46 -90.86
C GLN F 101 19.47 -7.12 -90.88
N LEU F 102 20.21 -6.06 -91.22
CA LEU F 102 19.58 -4.75 -91.25
C LEU F 102 19.03 -4.53 -92.65
N LYS F 103 17.81 -4.99 -92.90
CA LYS F 103 17.24 -4.96 -94.23
C LYS F 103 17.00 -3.52 -94.68
N SER F 104 17.17 -3.29 -95.98
CA SER F 104 17.13 -1.97 -96.61
C SER F 104 18.36 -1.17 -96.18
N LEU F 105 19.16 -0.74 -97.15
CA LEU F 105 20.40 -0.04 -96.87
C LEU F 105 20.60 1.09 -97.87
N THR F 106 21.63 1.89 -97.62
CA THR F 106 22.00 3.00 -98.48
C THR F 106 23.49 3.27 -98.29
N SER F 107 24.06 4.03 -99.23
CA SER F 107 25.47 4.37 -99.14
C SER F 107 25.81 5.12 -97.86
N GLU F 108 24.84 5.84 -97.30
CA GLU F 108 25.06 6.51 -96.02
C GLU F 108 25.31 5.50 -94.90
N ASP F 109 24.55 4.40 -94.89
CA ASP F 109 24.67 3.39 -93.84
C ASP F 109 25.86 2.47 -94.11
N SER F 110 27.06 3.05 -93.98
CA SER F 110 28.32 2.34 -94.19
C SER F 110 29.22 2.61 -92.99
N ALA F 111 29.12 1.74 -91.98
CA ALA F 111 29.91 1.92 -90.76
C ALA F 111 30.10 0.57 -90.09
N VAL F 112 31.10 0.51 -89.21
CA VAL F 112 31.39 -0.71 -88.47
C VAL F 112 30.30 -0.94 -87.44
N TYR F 113 29.88 -2.20 -87.29
CA TYR F 113 28.88 -2.59 -86.31
C TYR F 113 29.53 -3.49 -85.28
N TYR F 114 29.35 -3.14 -84.00
CA TYR F 114 29.99 -3.82 -82.89
C TYR F 114 28.95 -4.59 -82.09
N CYS F 115 29.30 -5.79 -81.66
CA CYS F 115 28.47 -6.59 -80.77
C CYS F 115 29.19 -6.75 -79.43
N ALA F 116 28.48 -6.50 -78.34
CA ALA F 116 29.10 -6.47 -77.03
C ALA F 116 28.13 -7.01 -75.99
N ARG F 117 28.69 -7.69 -74.99
CA ARG F 117 27.87 -8.20 -73.90
C ARG F 117 27.35 -7.07 -73.05
N SER F 118 26.13 -7.26 -72.52
CA SER F 118 25.53 -6.37 -71.54
C SER F 118 25.64 -4.89 -71.94
N ARG F 119 26.31 -4.11 -71.10
CA ARG F 119 26.60 -2.72 -71.41
C ARG F 119 27.71 -2.56 -72.43
N GLY F 120 28.60 -3.53 -72.54
CA GLY F 120 29.76 -3.40 -73.38
C GLY F 120 31.07 -3.45 -72.62
N ASP F 121 31.10 -4.23 -71.53
CA ASP F 121 32.36 -4.40 -70.82
C ASP F 121 33.37 -5.17 -71.67
N TYR F 122 32.89 -5.98 -72.62
CA TYR F 122 33.75 -6.71 -73.55
C TYR F 122 33.06 -6.73 -74.90
N TRP F 123 33.64 -6.05 -75.88
CA TRP F 123 33.01 -5.87 -77.19
C TRP F 123 33.50 -6.93 -78.17
N GLY F 124 33.15 -6.76 -79.43
CA GLY F 124 33.63 -7.61 -80.50
C GLY F 124 34.61 -6.88 -81.39
N GLN F 125 35.35 -7.63 -82.22
CA GLN F 125 36.35 -7.01 -83.08
C GLN F 125 35.72 -6.11 -84.13
N GLY F 126 34.50 -6.41 -84.56
CA GLY F 126 33.77 -5.53 -85.45
C GLY F 126 33.88 -5.88 -86.92
N THR F 127 32.85 -5.55 -87.69
CA THR F 127 32.78 -5.88 -89.10
C THR F 127 32.64 -4.60 -89.94
N SER F 128 33.40 -4.54 -91.02
CA SER F 128 33.41 -3.38 -91.91
C SER F 128 32.25 -3.50 -92.89
N VAL F 129 31.18 -2.76 -92.63
CA VAL F 129 30.02 -2.71 -93.51
C VAL F 129 30.27 -1.58 -94.51
N THR F 130 30.54 -1.94 -95.75
CA THR F 130 30.87 -0.98 -96.81
C THR F 130 29.77 -1.04 -97.85
N VAL F 131 28.72 -0.25 -97.64
CA VAL F 131 27.60 -0.18 -98.58
C VAL F 131 27.94 0.88 -99.62
N SER F 132 28.38 0.44 -100.80
CA SER F 132 28.75 1.35 -101.88
C SER F 132 28.22 0.81 -103.19
N LYS F 163 27.71 1.71 -104.04
CA LYS F 163 27.26 1.28 -105.37
C LYS F 163 28.43 0.91 -106.26
N ALA F 164 29.64 1.37 -105.93
CA ALA F 164 30.82 1.07 -106.73
C ALA F 164 31.31 -0.34 -106.42
N SER F 165 32.47 -0.71 -106.96
CA SER F 165 33.01 -2.05 -106.80
C SER F 165 34.52 -1.96 -106.62
N THR F 166 35.17 -3.12 -106.68
CA THR F 166 36.61 -3.21 -106.47
C THR F 166 37.35 -2.49 -107.60
N LYS F 167 38.37 -1.72 -107.23
CA LYS F 167 39.20 -1.02 -108.19
C LYS F 167 40.65 -1.05 -107.71
N GLY F 168 41.57 -1.31 -108.64
CA GLY F 168 42.98 -1.36 -108.31
C GLY F 168 43.57 0.01 -108.05
N PRO F 169 44.54 0.08 -107.14
CA PRO F 169 45.15 1.37 -106.78
C PRO F 169 46.05 1.89 -107.89
N SER F 170 46.28 3.20 -107.85
CA SER F 170 47.19 3.88 -108.75
C SER F 170 48.24 4.61 -107.93
N VAL F 171 49.50 4.52 -108.34
CA VAL F 171 50.63 5.07 -107.59
C VAL F 171 51.16 6.26 -108.37
N PHE F 172 51.28 7.40 -107.71
CA PHE F 172 51.76 8.63 -108.32
C PHE F 172 53.02 9.10 -107.59
N PRO F 173 54.01 9.62 -108.31
CA PRO F 173 55.19 10.17 -107.65
C PRO F 173 55.02 11.65 -107.32
N LEU F 174 55.24 11.98 -106.05
CA LEU F 174 55.32 13.36 -105.59
C LEU F 174 56.80 13.70 -105.49
N ALA F 175 57.29 14.49 -106.44
CA ALA F 175 58.71 14.74 -106.60
C ALA F 175 59.23 15.56 -105.41
N PRO F 176 60.53 15.47 -105.12
CA PRO F 176 61.10 16.26 -104.03
C PRO F 176 60.99 17.75 -104.32
N SER F 177 60.99 18.54 -103.25
CA SER F 177 60.94 19.99 -103.39
C SER F 177 62.15 20.51 -104.15
N SER F 178 61.94 21.57 -104.92
CA SER F 178 63.02 22.11 -105.74
C SER F 178 64.17 22.63 -104.90
N LYS F 179 63.92 22.94 -103.64
CA LYS F 179 64.97 23.42 -102.75
C LYS F 179 65.23 22.42 -101.62
N GLY F 184 68.69 22.41 -95.25
CA GLY F 184 67.40 22.33 -95.92
C GLY F 184 66.91 20.91 -96.09
N THR F 185 65.68 20.64 -95.63
CA THR F 185 65.08 19.32 -95.70
C THR F 185 63.99 19.34 -96.76
N ALA F 186 64.23 18.63 -97.87
CA ALA F 186 63.25 18.49 -98.93
C ALA F 186 62.47 17.20 -98.73
N ALA F 187 61.21 17.20 -99.16
CA ALA F 187 60.33 16.08 -98.93
C ALA F 187 59.76 15.56 -100.24
N LEU F 188 59.69 14.24 -100.37
CA LEU F 188 59.18 13.55 -101.54
C LEU F 188 58.15 12.53 -101.08
N GLY F 189 57.60 11.76 -102.03
CA GLY F 189 56.76 10.65 -101.61
C GLY F 189 55.94 10.07 -102.75
N CYS F 190 54.90 9.34 -102.36
CA CYS F 190 54.00 8.65 -103.27
C CYS F 190 52.56 8.93 -102.88
N LEU F 191 51.68 8.87 -103.86
CA LEU F 191 50.25 9.11 -103.68
C LEU F 191 49.48 7.91 -104.21
N VAL F 192 48.74 7.25 -103.32
CA VAL F 192 47.90 6.12 -103.71
C VAL F 192 46.50 6.64 -103.93
N LYS F 193 45.95 6.40 -105.11
CA LYS F 193 44.69 6.99 -105.53
C LYS F 193 43.78 5.93 -106.14
N ASP F 194 42.48 6.09 -105.91
CA ASP F 194 41.44 5.35 -106.64
C ASP F 194 41.59 3.85 -106.45
N TYR F 195 41.43 3.41 -105.20
CA TYR F 195 41.41 1.99 -104.89
C TYR F 195 40.19 1.67 -104.05
N PHE F 196 39.71 0.44 -104.16
CA PHE F 196 38.56 0.00 -103.41
C PHE F 196 38.68 -1.50 -103.20
N PRO F 197 38.47 -2.01 -101.98
CA PRO F 197 38.19 -1.20 -100.80
C PRO F 197 39.43 -0.85 -99.97
N GLU F 198 39.23 0.00 -98.96
CA GLU F 198 40.26 0.29 -97.99
C GLU F 198 40.63 -0.98 -97.23
N PRO F 199 41.90 -1.14 -96.81
CA PRO F 199 43.08 -0.28 -96.94
C PRO F 199 44.13 -0.74 -97.94
N VAL F 200 45.21 0.03 -98.02
CA VAL F 200 46.37 -0.29 -98.84
C VAL F 200 47.61 -0.23 -97.95
N THR F 201 48.46 -1.24 -98.05
CA THR F 201 49.69 -1.29 -97.27
C THR F 201 50.83 -0.67 -98.09
N VAL F 202 51.50 0.33 -97.51
CA VAL F 202 52.54 1.08 -98.19
C VAL F 202 53.82 1.01 -97.37
N SER F 203 54.94 0.76 -98.04
CA SER F 203 56.25 0.70 -97.42
C SER F 203 57.24 1.50 -98.25
N TRP F 204 58.37 1.85 -97.64
CA TRP F 204 59.41 2.63 -98.28
C TRP F 204 60.69 1.81 -98.35
N ASN F 205 61.23 1.67 -99.57
CA ASN F 205 62.39 0.81 -99.81
C ASN F 205 62.14 -0.61 -99.28
N SER F 206 60.92 -1.10 -99.50
CA SER F 206 60.47 -2.38 -98.93
C SER F 206 60.63 -2.38 -97.42
N GLY F 207 60.31 -1.24 -96.80
CA GLY F 207 60.42 -1.09 -95.36
C GLY F 207 61.76 -0.64 -94.86
N ALA F 208 62.76 -0.51 -95.72
CA ALA F 208 64.09 -0.11 -95.28
C ALA F 208 64.17 1.35 -94.87
N LEU F 209 63.23 2.19 -95.29
CA LEU F 209 63.20 3.60 -94.92
C LEU F 209 62.08 3.79 -93.91
N THR F 210 62.45 4.12 -92.67
CA THR F 210 61.49 4.26 -91.58
C THR F 210 61.47 5.65 -90.97
N SER F 211 62.63 6.25 -90.74
CA SER F 211 62.68 7.56 -90.10
C SER F 211 62.15 8.64 -91.05
N GLY F 212 61.33 9.54 -90.52
CA GLY F 212 60.80 10.63 -91.30
C GLY F 212 59.69 10.26 -92.27
N VAL F 213 59.13 9.05 -92.15
CA VAL F 213 58.09 8.58 -93.05
C VAL F 213 56.74 8.81 -92.41
N HIS F 214 55.83 9.44 -93.15
CA HIS F 214 54.47 9.69 -92.69
C HIS F 214 53.50 9.03 -93.68
N THR F 215 52.63 8.17 -93.18
CA THR F 215 51.61 7.51 -93.98
C THR F 215 50.24 7.95 -93.46
N PHE F 216 49.65 8.94 -94.13
CA PHE F 216 48.40 9.51 -93.67
C PHE F 216 47.23 8.58 -93.97
N PRO F 217 46.19 8.63 -93.15
CA PRO F 217 45.04 7.73 -93.35
C PRO F 217 44.31 8.03 -94.66
N ALA F 218 43.51 7.05 -95.09
CA ALA F 218 42.80 7.16 -96.35
C ALA F 218 41.68 8.20 -96.27
N VAL F 219 41.29 8.69 -97.44
CA VAL F 219 40.23 9.68 -97.56
C VAL F 219 39.28 9.26 -98.68
N LEU F 220 38.00 9.50 -98.49
CA LEU F 220 36.96 9.12 -99.44
C LEU F 220 36.62 10.31 -100.33
N GLN F 221 36.59 10.08 -101.64
CA GLN F 221 36.24 11.10 -102.62
C GLN F 221 34.93 10.72 -103.32
N SER F 222 34.47 11.62 -104.18
CA SER F 222 33.18 11.44 -104.86
C SER F 222 33.22 10.33 -105.90
N SER F 223 34.40 9.81 -106.26
CA SER F 223 34.48 8.72 -107.22
C SER F 223 34.08 7.38 -106.64
N GLY F 224 33.82 7.30 -105.34
CA GLY F 224 33.52 6.04 -104.70
C GLY F 224 34.73 5.21 -104.34
N LEU F 225 35.92 5.81 -104.38
CA LEU F 225 37.17 5.11 -104.11
C LEU F 225 37.91 5.80 -102.97
N TYR F 226 39.11 5.30 -102.68
CA TYR F 226 39.90 5.78 -101.55
C TYR F 226 41.28 6.23 -102.01
N SER F 227 41.94 7.02 -101.17
CA SER F 227 43.26 7.53 -101.50
C SER F 227 43.97 7.94 -100.22
N LEU F 228 45.30 7.87 -100.28
CA LEU F 228 46.15 8.33 -99.18
C LEU F 228 47.51 8.73 -99.75
N SER F 229 48.39 9.19 -98.87
CA SER F 229 49.73 9.63 -99.24
C SER F 229 50.76 9.01 -98.32
N SER F 230 51.95 8.75 -98.85
CA SER F 230 53.09 8.29 -98.06
C SER F 230 54.29 9.16 -98.41
N VAL F 231 54.71 10.01 -97.48
CA VAL F 231 55.73 11.01 -97.76
C VAL F 231 56.90 10.81 -96.81
N VAL F 232 58.05 11.37 -97.20
CA VAL F 232 59.26 11.34 -96.39
C VAL F 232 59.99 12.66 -96.54
N THR F 233 60.59 13.12 -95.44
CA THR F 233 61.38 14.35 -95.40
C THR F 233 62.84 13.99 -95.15
N VAL F 234 63.72 14.43 -96.04
CA VAL F 234 65.15 14.10 -95.95
C VAL F 234 65.97 15.31 -96.34
N PRO F 235 67.16 15.44 -95.76
CA PRO F 235 68.09 16.47 -96.23
C PRO F 235 68.40 16.31 -97.72
N SER F 236 68.59 17.45 -98.38
CA SER F 236 68.72 17.46 -99.83
C SER F 236 69.93 16.67 -100.32
N SER F 237 70.92 16.41 -99.44
CA SER F 237 72.09 15.63 -99.85
C SER F 237 71.69 14.24 -100.33
N SER F 238 70.58 13.70 -99.81
CA SER F 238 70.10 12.41 -100.29
C SER F 238 69.60 12.49 -101.73
N LEU F 239 68.99 13.62 -102.11
CA LEU F 239 68.37 13.74 -103.43
C LEU F 239 69.35 13.43 -104.55
N GLY F 240 70.64 13.68 -104.33
CA GLY F 240 71.62 13.37 -105.36
C GLY F 240 71.77 11.89 -105.61
N THR F 241 71.83 11.08 -104.55
CA THR F 241 72.21 9.67 -104.70
C THR F 241 71.22 8.70 -104.07
N GLN F 242 70.59 9.06 -102.95
CA GLN F 242 69.85 8.09 -102.15
C GLN F 242 68.66 7.53 -102.92
N THR F 243 68.37 6.25 -102.67
CA THR F 243 67.32 5.53 -103.38
C THR F 243 66.04 5.51 -102.55
N TYR F 244 64.94 5.89 -103.18
CA TYR F 244 63.62 5.84 -102.55
C TYR F 244 62.63 5.18 -103.50
N ILE F 245 62.06 4.06 -103.06
CA ILE F 245 61.04 3.34 -103.80
C ILE F 245 59.91 3.00 -102.84
N CYS F 246 58.68 3.27 -103.25
CA CYS F 246 57.51 2.98 -102.45
C CYS F 246 56.81 1.74 -102.97
N ASN F 247 56.50 0.82 -102.07
CA ASN F 247 55.77 -0.41 -102.39
C ASN F 247 54.34 -0.28 -101.91
N VAL F 248 53.39 -0.54 -102.81
CA VAL F 248 51.97 -0.36 -102.57
C VAL F 248 51.29 -1.69 -102.84
N ASN F 249 50.58 -2.21 -101.84
CA ASN F 249 49.90 -3.49 -101.94
C ASN F 249 48.42 -3.31 -101.59
N HIS F 250 47.56 -3.77 -102.49
CA HIS F 250 46.11 -3.82 -102.29
C HIS F 250 45.68 -5.25 -102.61
N LYS F 251 45.68 -6.10 -101.58
CA LYS F 251 45.26 -7.49 -101.75
C LYS F 251 43.84 -7.64 -102.28
N PRO F 252 42.84 -6.85 -101.88
CA PRO F 252 41.51 -7.00 -102.48
C PRO F 252 41.51 -6.89 -103.99
N SER F 253 42.39 -6.06 -104.56
CA SER F 253 42.61 -6.04 -106.00
C SER F 253 43.86 -6.80 -106.42
N ASN F 254 44.60 -7.35 -105.45
CA ASN F 254 45.82 -8.12 -105.72
C ASN F 254 46.80 -7.32 -106.56
N THR F 255 46.98 -6.05 -106.20
CA THR F 255 47.82 -5.13 -106.95
C THR F 255 49.03 -4.76 -106.11
N LYS F 256 50.24 -4.99 -106.65
CA LYS F 256 51.49 -4.61 -106.01
C LYS F 256 52.29 -3.76 -106.98
N VAL F 257 52.57 -2.51 -106.59
CA VAL F 257 53.27 -1.55 -107.44
C VAL F 257 54.45 -0.98 -106.67
N ASP F 258 55.63 -1.01 -107.29
CA ASP F 258 56.83 -0.40 -106.72
C ASP F 258 57.23 0.79 -107.59
N LYS F 259 57.34 1.96 -106.98
CA LYS F 259 57.58 3.20 -107.70
C LYS F 259 58.85 3.88 -107.20
N LYS F 260 59.75 4.19 -108.12
CA LYS F 260 60.92 5.02 -107.84
C LYS F 260 60.52 6.49 -107.75
N VAL F 261 60.98 7.17 -106.70
CA VAL F 261 60.75 8.60 -106.54
C VAL F 261 62.10 9.30 -106.70
N GLU F 262 62.21 10.14 -107.73
CA GLU F 262 63.46 10.82 -108.04
C GLU F 262 63.13 12.15 -108.68
N PRO F 263 63.93 13.20 -108.43
CA PRO F 263 63.68 14.48 -109.10
C PRO F 263 64.14 14.47 -110.56
N CYS G 15 -56.55 36.45 9.35
CA CYS G 15 -55.49 36.64 10.34
C CYS G 15 -55.71 37.91 11.17
N VAL G 16 -56.19 37.74 12.40
CA VAL G 16 -56.50 38.84 13.28
C VAL G 16 -55.66 38.73 14.56
N ASN G 17 -55.68 39.83 15.32
CA ASN G 17 -55.03 39.89 16.61
C ASN G 17 -56.03 39.79 17.75
N LEU G 18 -55.67 39.01 18.77
CA LEU G 18 -56.49 38.77 19.95
C LEU G 18 -55.83 39.50 21.13
N THR G 19 -56.55 40.44 21.73
CA THR G 19 -55.91 41.43 22.60
C THR G 19 -56.66 41.65 23.90
N THR G 20 -57.09 40.58 24.58
CA THR G 20 -57.60 40.69 25.94
C THR G 20 -57.11 39.51 26.78
N ARG G 21 -55.81 39.22 26.68
CA ARG G 21 -55.22 38.21 27.55
C ARG G 21 -55.26 38.67 29.00
N THR G 22 -54.84 37.80 29.91
CA THR G 22 -54.84 38.12 31.33
C THR G 22 -53.49 37.83 31.98
N GLN G 23 -52.41 37.99 31.21
CA GLN G 23 -51.05 37.83 31.71
C GLN G 23 -50.86 36.48 32.38
N LEU G 24 -50.67 36.48 33.71
CA LEU G 24 -50.51 35.26 34.49
C LEU G 24 -49.34 34.44 33.97
N PRO G 25 -48.11 34.86 34.26
CA PRO G 25 -46.93 34.19 33.68
C PRO G 25 -46.95 32.71 33.94
N PRO G 26 -46.46 31.90 33.01
CA PRO G 26 -46.68 30.45 33.07
C PRO G 26 -46.06 29.81 34.30
N ALA G 27 -46.71 28.74 34.77
CA ALA G 27 -46.20 27.94 35.87
C ALA G 27 -45.16 26.96 35.32
N TYR G 28 -44.74 26.02 36.16
CA TYR G 28 -43.71 25.05 35.76
C TYR G 28 -43.98 23.76 36.52
N THR G 29 -44.35 22.71 35.78
CA THR G 29 -44.75 21.46 36.39
C THR G 29 -43.68 20.39 36.18
N ASN G 30 -43.97 19.17 36.64
CA ASN G 30 -43.00 18.08 36.70
C ASN G 30 -43.39 17.01 35.69
N SER G 31 -42.45 16.65 34.83
CA SER G 31 -42.60 15.52 33.91
C SER G 31 -41.90 14.32 34.53
N PHE G 32 -42.68 13.32 34.95
CA PHE G 32 -42.15 12.25 35.79
C PHE G 32 -41.49 11.14 34.97
N THR G 33 -42.28 10.42 34.17
CA THR G 33 -41.80 9.24 33.45
C THR G 33 -42.38 9.22 32.03
N ARG G 34 -42.38 10.36 31.36
CA ARG G 34 -42.94 10.45 30.02
C ARG G 34 -41.90 10.98 29.05
N GLY G 35 -42.25 10.92 27.76
CA GLY G 35 -41.33 11.30 26.71
C GLY G 35 -40.45 10.18 26.20
N VAL G 36 -40.68 8.95 26.62
CA VAL G 36 -39.89 7.80 26.15
C VAL G 36 -40.47 7.34 24.82
N TYR G 37 -39.61 7.27 23.80
CA TYR G 37 -40.00 6.82 22.48
C TYR G 37 -39.04 5.74 22.01
N TYR G 38 -39.55 4.87 21.14
CA TYR G 38 -38.75 3.77 20.60
C TYR G 38 -37.57 4.34 19.82
N PRO G 39 -36.34 4.24 20.33
CA PRO G 39 -35.21 4.87 19.62
C PRO G 39 -34.95 4.29 18.25
N ASP G 40 -35.20 2.99 18.07
CA ASP G 40 -34.94 2.34 16.79
C ASP G 40 -36.16 1.57 16.32
N LYS G 41 -36.01 0.83 15.22
CA LYS G 41 -37.07 -0.02 14.71
C LYS G 41 -36.86 -1.48 15.08
N VAL G 42 -35.92 -1.75 15.98
CA VAL G 42 -35.50 -3.11 16.28
C VAL G 42 -36.45 -3.77 17.26
N PHE G 43 -36.72 -5.06 17.05
CA PHE G 43 -37.50 -5.86 17.98
C PHE G 43 -36.58 -6.46 19.05
N ARG G 44 -37.13 -6.65 20.24
CA ARG G 44 -36.42 -7.26 21.34
C ARG G 44 -37.43 -8.04 22.17
N SER G 45 -36.94 -8.78 23.16
CA SER G 45 -37.82 -9.59 24.00
C SER G 45 -37.12 -9.90 25.31
N SER G 46 -37.68 -9.39 26.41
CA SER G 46 -37.20 -9.69 27.76
C SER G 46 -35.72 -9.35 27.92
N VAL G 47 -35.31 -8.23 27.33
CA VAL G 47 -33.94 -7.74 27.44
C VAL G 47 -33.99 -6.29 27.89
N LEU G 48 -32.87 -5.85 28.48
CA LEU G 48 -32.73 -4.49 28.99
C LEU G 48 -31.68 -3.79 28.15
N HIS G 49 -32.13 -3.17 27.06
CA HIS G 49 -31.22 -2.48 26.15
C HIS G 49 -31.06 -1.03 26.55
N SER G 50 -29.81 -0.61 26.74
CA SER G 50 -29.48 0.78 27.05
C SER G 50 -29.11 1.51 25.77
N THR G 51 -29.41 2.81 25.75
CA THR G 51 -29.16 3.60 24.55
C THR G 51 -28.99 5.07 24.90
N GLN G 52 -28.20 5.76 24.09
CA GLN G 52 -27.93 7.18 24.22
C GLN G 52 -28.56 7.91 23.05
N ASP G 53 -29.43 8.88 23.35
CA ASP G 53 -30.07 9.70 22.33
C ASP G 53 -30.71 10.89 23.02
N LEU G 54 -31.48 11.67 22.27
CA LEU G 54 -32.15 12.85 22.81
C LEU G 54 -33.43 12.40 23.51
N PHE G 55 -33.45 12.54 24.83
CA PHE G 55 -34.57 12.14 25.66
C PHE G 55 -34.96 13.29 26.58
N LEU G 56 -36.21 13.25 27.03
CA LEU G 56 -36.66 14.16 28.08
C LEU G 56 -36.32 13.54 29.43
N PRO G 57 -35.48 14.18 30.24
CA PRO G 57 -35.05 13.56 31.49
C PRO G 57 -36.21 13.31 32.44
N PHE G 58 -36.10 12.23 33.21
CA PHE G 58 -37.12 11.93 34.20
C PHE G 58 -37.20 13.04 35.24
N PHE G 59 -38.43 13.34 35.66
CA PHE G 59 -38.69 14.38 36.65
C PHE G 59 -38.09 15.72 36.22
N SER G 60 -38.42 16.13 35.00
CA SER G 60 -37.91 17.37 34.43
C SER G 60 -38.90 18.51 34.61
N ASN G 61 -38.42 19.72 34.36
CA ASN G 61 -39.21 20.94 34.49
C ASN G 61 -39.86 21.25 33.15
N VAL G 62 -41.20 21.24 33.12
CA VAL G 62 -41.94 21.44 31.88
C VAL G 62 -42.82 22.67 32.00
N THR G 63 -43.03 23.34 30.87
CA THR G 63 -43.84 24.56 30.82
C THR G 63 -45.29 24.17 30.59
N TRP G 64 -46.14 24.47 31.58
CA TRP G 64 -47.58 24.30 31.42
C TRP G 64 -48.15 25.47 30.63
N PHE G 65 -49.25 25.21 29.91
CA PHE G 65 -49.96 26.24 29.18
C PHE G 65 -51.44 25.87 29.16
N HIS G 66 -52.29 26.89 29.28
CA HIS G 66 -53.72 26.69 29.47
C HIS G 66 -54.50 27.32 28.31
N ALA G 67 -55.81 27.08 28.33
CA ALA G 67 -56.76 27.74 27.43
C ALA G 67 -57.97 28.24 28.21
N ILE G 68 -57.80 28.46 29.52
CA ILE G 68 -58.93 28.76 30.39
C ILE G 68 -59.46 30.16 30.08
N HIS G 69 -60.79 30.28 30.01
CA HIS G 69 -61.46 31.54 29.73
C HIS G 69 -62.22 32.08 30.93
N VAL G 70 -62.91 31.21 31.67
CA VAL G 70 -63.78 31.61 32.77
C VAL G 70 -64.86 32.59 32.29
N GLY G 75 -62.96 36.06 35.18
CA GLY G 75 -61.80 35.46 35.82
C GLY G 75 -60.56 35.49 34.95
N THR G 76 -59.86 34.37 34.88
CA THR G 76 -58.63 34.26 34.09
C THR G 76 -59.01 33.97 32.63
N LYS G 77 -58.72 34.93 31.75
CA LYS G 77 -59.07 34.84 30.34
C LYS G 77 -57.78 35.01 29.53
N ARG G 78 -57.07 33.90 29.32
CA ARG G 78 -55.77 33.93 28.68
C ARG G 78 -55.73 32.98 27.50
N PHE G 79 -54.94 33.36 26.49
CA PHE G 79 -54.73 32.57 25.29
C PHE G 79 -53.25 32.22 25.20
N ASP G 80 -52.94 30.93 25.08
CA ASP G 80 -51.56 30.46 25.06
C ASP G 80 -51.19 30.02 23.66
N ASN G 81 -50.28 30.77 23.04
CA ASN G 81 -49.68 30.38 21.77
C ASN G 81 -48.32 31.04 21.58
N PRO G 82 -47.36 30.79 22.46
CA PRO G 82 -46.04 31.39 22.29
C PRO G 82 -45.19 30.62 21.29
N VAL G 83 -44.14 31.28 20.81
CA VAL G 83 -43.20 30.68 19.87
C VAL G 83 -41.99 30.22 20.68
N LEU G 84 -41.95 28.93 20.98
CA LEU G 84 -40.88 28.39 21.82
C LEU G 84 -39.71 27.93 20.96
N PRO G 85 -38.48 28.18 21.40
CA PRO G 85 -37.32 27.63 20.70
C PRO G 85 -37.33 26.11 20.73
N PHE G 86 -36.87 25.51 19.63
CA PHE G 86 -36.92 24.06 19.50
C PHE G 86 -35.90 23.37 20.40
N ASN G 87 -34.66 23.86 20.39
CA ASN G 87 -33.57 23.29 21.19
C ASN G 87 -33.44 21.78 20.99
N ASP G 88 -33.54 21.35 19.73
CA ASP G 88 -33.30 19.97 19.32
C ASP G 88 -34.24 18.99 20.03
N GLY G 89 -35.51 19.15 19.75
CA GLY G 89 -36.51 18.18 20.20
C GLY G 89 -37.44 18.76 21.25
N VAL G 90 -38.73 18.42 21.13
CA VAL G 90 -39.75 18.90 22.04
C VAL G 90 -40.73 17.76 22.32
N TYR G 91 -41.10 17.60 23.58
CA TYR G 91 -42.12 16.62 23.99
C TYR G 91 -43.40 17.38 24.29
N PHE G 92 -44.23 17.57 23.27
CA PHE G 92 -45.53 18.19 23.44
C PHE G 92 -46.51 17.17 24.03
N ALA G 93 -47.37 17.63 24.93
CA ALA G 93 -48.37 16.74 25.50
C ALA G 93 -49.64 17.54 25.78
N SER G 94 -50.73 17.18 25.11
CA SER G 94 -51.98 17.92 25.21
C SER G 94 -53.01 17.10 25.97
N THR G 95 -53.48 17.65 27.10
CA THR G 95 -54.60 17.10 27.84
C THR G 95 -55.81 17.97 27.53
N GLU G 96 -56.81 17.38 26.89
CA GLU G 96 -57.97 18.13 26.44
C GLU G 96 -59.21 17.24 26.46
N LYS G 97 -60.29 17.78 27.04
CA LYS G 97 -61.59 17.15 26.91
C LYS G 97 -62.26 17.53 25.59
N SER G 98 -61.92 18.69 25.04
CA SER G 98 -62.39 19.12 23.74
C SER G 98 -61.19 19.24 22.81
N ASN G 99 -61.40 18.89 21.54
CA ASN G 99 -60.33 18.85 20.56
C ASN G 99 -59.95 20.27 20.17
N ILE G 100 -59.16 20.90 21.05
CA ILE G 100 -58.76 22.29 20.88
C ILE G 100 -57.33 22.40 20.37
N ILE G 101 -56.40 21.65 20.97
CA ILE G 101 -55.04 21.58 20.43
C ILE G 101 -55.11 20.85 19.09
N ARG G 102 -54.88 21.58 18.01
CA ARG G 102 -55.11 21.06 16.66
C ARG G 102 -53.81 20.64 15.99
N GLY G 103 -52.88 21.57 15.84
CA GLY G 103 -51.65 21.28 15.12
C GLY G 103 -50.45 22.06 15.61
N TRP G 104 -49.43 22.18 14.76
CA TRP G 104 -48.20 22.86 15.15
C TRP G 104 -47.62 23.56 13.93
N ILE G 105 -46.77 24.55 14.21
CA ILE G 105 -46.05 25.31 13.20
C ILE G 105 -44.58 25.30 13.59
N PHE G 106 -43.70 25.03 12.62
CA PHE G 106 -42.28 24.99 12.89
C PHE G 106 -41.56 25.98 11.99
N GLY G 107 -40.26 26.14 12.23
CA GLY G 107 -39.42 26.89 11.32
C GLY G 107 -38.26 27.51 12.06
N THR G 108 -37.58 28.42 11.36
CA THR G 108 -36.46 29.16 11.93
C THR G 108 -36.78 30.65 12.05
N THR G 109 -37.15 31.30 10.94
CA THR G 109 -37.56 32.69 10.96
C THR G 109 -39.08 32.85 10.99
N LEU G 110 -39.82 31.76 10.85
CA LEU G 110 -41.28 31.77 10.92
C LEU G 110 -41.88 32.71 9.88
N SER G 116 -40.35 24.60 8.52
CA SER G 116 -41.60 25.31 8.30
C SER G 116 -42.76 24.34 8.13
N LEU G 117 -43.09 23.63 9.20
CA LEU G 117 -44.12 22.59 9.15
C LEU G 117 -45.50 23.19 9.35
N LEU G 118 -46.52 22.36 9.17
CA LEU G 118 -47.90 22.76 9.42
C LEU G 118 -48.71 21.48 9.60
N ILE G 119 -49.18 21.23 10.82
CA ILE G 119 -49.83 19.97 11.14
C ILE G 119 -51.25 20.22 11.63
N VAL G 120 -51.90 21.26 11.09
CA VAL G 120 -53.24 21.61 11.55
C VAL G 120 -54.22 20.47 11.31
N ASN G 121 -55.33 20.50 12.05
CA ASN G 121 -56.40 19.52 11.94
C ASN G 121 -57.71 20.29 12.04
N ASN G 122 -58.40 20.45 10.91
CA ASN G 122 -59.70 21.11 10.85
C ASN G 122 -60.86 20.13 10.80
N ALA G 123 -60.75 19.02 11.53
CA ALA G 123 -61.84 18.05 11.71
C ALA G 123 -62.16 17.29 10.44
N THR G 124 -61.32 17.41 9.42
CA THR G 124 -61.50 16.66 8.18
C THR G 124 -60.26 15.89 7.75
N ASN G 125 -59.09 16.20 8.30
CA ASN G 125 -57.82 15.76 7.73
C ASN G 125 -56.67 16.22 8.62
N VAL G 126 -55.50 15.65 8.36
CA VAL G 126 -54.31 15.88 9.18
C VAL G 126 -53.20 16.43 8.30
N VAL G 127 -53.58 17.27 7.32
CA VAL G 127 -52.69 17.80 6.29
C VAL G 127 -51.36 18.25 6.88
N ILE G 128 -50.28 17.91 6.19
CA ILE G 128 -48.92 18.27 6.62
C ILE G 128 -48.29 19.04 5.47
N LYS G 129 -48.39 20.36 5.52
CA LYS G 129 -47.74 21.23 4.55
C LYS G 129 -46.40 21.68 5.11
N VAL G 130 -45.35 21.54 4.30
CA VAL G 130 -44.04 22.08 4.65
C VAL G 130 -43.72 23.14 3.60
N CYS G 131 -44.14 24.38 3.91
CA CYS G 131 -43.94 25.52 3.03
C CYS G 131 -43.44 26.69 3.86
N GLU G 132 -42.57 27.51 3.28
CA GLU G 132 -41.86 28.55 4.02
C GLU G 132 -42.61 29.88 3.88
N PHE G 133 -43.68 30.02 4.67
CA PHE G 133 -44.50 31.22 4.66
C PHE G 133 -44.45 31.92 6.01
N GLN G 134 -44.48 33.25 5.95
CA GLN G 134 -44.57 34.06 7.16
C GLN G 134 -45.94 33.89 7.78
N PHE G 135 -45.99 33.17 8.89
CA PHE G 135 -47.24 32.77 9.52
C PHE G 135 -47.94 33.99 10.11
N CYS G 136 -49.27 34.01 10.00
CA CYS G 136 -50.05 35.09 10.59
C CYS G 136 -49.84 35.11 12.09
N ASN G 137 -49.53 36.28 12.63
CA ASN G 137 -49.24 36.40 14.05
C ASN G 137 -50.48 36.06 14.87
N ASP G 138 -50.27 35.44 16.03
CA ASP G 138 -51.34 34.98 16.90
C ASP G 138 -52.27 34.05 16.13
N PRO G 139 -51.78 32.91 15.63
CA PRO G 139 -52.62 32.06 14.77
C PRO G 139 -53.54 31.15 15.58
N PHE G 140 -54.72 30.88 15.05
CA PHE G 140 -55.70 30.05 15.71
C PHE G 140 -56.68 29.51 14.69
N LEU G 141 -57.49 28.55 15.11
CA LEU G 141 -58.54 27.96 14.29
C LEU G 141 -59.89 28.30 14.92
N GLY G 142 -60.82 28.81 14.11
CA GLY G 142 -62.09 29.28 14.62
C GLY G 142 -63.19 28.25 14.65
N VAL G 143 -63.52 27.77 15.85
CA VAL G 143 -64.62 26.83 16.04
C VAL G 143 -65.86 27.67 16.29
N TYR G 144 -66.51 28.11 15.22
CA TYR G 144 -67.71 28.91 15.32
C TYR G 144 -68.92 28.03 15.62
N TYR G 145 -69.82 28.53 16.46
CA TYR G 145 -71.00 27.77 16.88
C TYR G 145 -72.22 28.22 16.08
N SER G 151 -73.60 25.24 14.35
CA SER G 151 -73.85 23.96 15.03
C SER G 151 -72.51 23.29 15.31
N TRP G 152 -71.54 24.08 15.76
CA TRP G 152 -70.16 23.65 15.96
C TRP G 152 -69.53 23.14 14.66
N MET G 153 -69.41 24.06 13.70
CA MET G 153 -68.65 23.82 12.48
C MET G 153 -67.47 24.78 12.42
N GLU G 154 -66.33 24.28 11.93
CA GLU G 154 -65.14 25.11 11.78
C GLU G 154 -65.35 26.13 10.65
N SER G 155 -64.96 27.37 10.90
CA SER G 155 -65.14 28.41 9.90
C SER G 155 -63.86 29.16 9.57
N GLU G 156 -63.03 29.45 10.55
CA GLU G 156 -61.84 30.28 10.36
C GLU G 156 -60.58 29.42 10.31
N PHE G 157 -59.57 29.96 9.63
CA PHE G 157 -58.26 29.32 9.52
C PHE G 157 -57.15 30.18 10.12
N ARG G 158 -57.12 31.47 9.79
CA ARG G 158 -56.23 32.46 10.41
C ARG G 158 -54.75 32.08 10.31
N VAL G 159 -54.39 31.22 9.36
CA VAL G 159 -53.03 30.78 9.14
C VAL G 159 -52.80 30.81 7.63
N TYR G 160 -51.55 30.55 7.21
CA TYR G 160 -51.18 30.46 5.80
C TYR G 160 -51.43 31.80 5.08
N SER G 161 -50.66 32.81 5.51
CA SER G 161 -50.78 34.14 4.93
C SER G 161 -50.47 34.14 3.44
N SER G 162 -49.56 33.27 3.01
CA SER G 162 -49.12 33.22 1.62
C SER G 162 -48.78 31.79 1.23
N ALA G 163 -48.68 31.56 -0.07
CA ALA G 163 -48.24 30.29 -0.63
C ALA G 163 -46.75 30.36 -0.92
N ASN G 164 -46.14 29.21 -1.16
CA ASN G 164 -44.69 29.15 -1.16
C ASN G 164 -44.17 28.17 -2.20
N ASN G 165 -42.89 27.85 -2.04
CA ASN G 165 -42.21 26.90 -2.90
C ASN G 165 -42.70 25.49 -2.58
N CYS G 166 -42.92 25.21 -1.28
CA CYS G 166 -43.50 24.01 -0.70
C CYS G 166 -42.70 22.73 -0.86
N THR G 167 -43.07 21.87 -1.83
CA THR G 167 -42.60 20.49 -1.89
C THR G 167 -43.07 19.70 -0.67
N PHE G 168 -44.37 19.82 -0.38
CA PHE G 168 -44.96 19.21 0.80
C PHE G 168 -45.18 17.72 0.58
N GLU G 169 -45.41 17.01 1.70
CA GLU G 169 -45.59 15.56 1.72
C GLU G 169 -46.79 15.19 2.59
N TYR G 170 -47.91 15.89 2.40
CA TYR G 170 -49.06 15.75 3.28
C TYR G 170 -49.68 14.36 3.13
N VAL G 171 -49.99 13.74 4.27
CA VAL G 171 -50.78 12.51 4.31
C VAL G 171 -52.19 12.94 4.69
N SER G 172 -53.02 13.21 3.69
CA SER G 172 -54.37 13.73 3.92
C SER G 172 -55.34 12.55 4.04
N GLN G 173 -55.80 12.29 5.27
CA GLN G 173 -56.78 11.24 5.51
C GLN G 173 -58.12 11.87 5.85
N PRO G 174 -59.19 11.58 5.12
CA PRO G 174 -60.48 12.21 5.39
C PRO G 174 -61.19 11.54 6.57
N PHE G 175 -61.66 12.35 7.51
CA PHE G 175 -62.48 11.88 8.62
C PHE G 175 -63.43 13.00 9.03
N LEU G 176 -64.31 12.69 9.98
CA LEU G 176 -65.34 13.61 10.44
C LEU G 176 -65.38 13.64 11.97
N MET G 177 -64.20 13.78 12.58
CA MET G 177 -64.09 13.81 14.03
C MET G 177 -64.84 15.02 14.59
N ASP G 178 -65.33 14.85 15.81
CA ASP G 178 -66.34 15.75 16.37
C ASP G 178 -65.69 16.91 17.13
N LEU G 179 -66.32 18.08 17.05
CA LEU G 179 -65.81 19.30 17.67
C LEU G 179 -66.66 19.75 18.87
N GLU G 180 -67.39 18.83 19.50
CA GLU G 180 -68.24 19.21 20.63
C GLU G 180 -67.39 19.67 21.80
N GLY G 181 -67.91 20.65 22.53
CA GLY G 181 -67.22 21.18 23.70
C GLY G 181 -67.60 20.49 24.99
N LYS G 182 -66.76 19.56 25.45
CA LYS G 182 -67.05 18.78 26.64
C LYS G 182 -66.96 19.66 27.89
N GLN G 183 -67.30 19.06 29.03
CA GLN G 183 -67.18 19.73 30.32
C GLN G 183 -66.55 18.78 31.33
N GLY G 184 -66.51 19.19 32.60
CA GLY G 184 -65.94 18.33 33.62
C GLY G 184 -64.45 18.13 33.45
N ASN G 185 -63.99 16.93 33.81
CA ASN G 185 -62.57 16.61 33.76
C ASN G 185 -62.07 16.60 32.32
N PHE G 186 -60.75 16.52 32.19
CA PHE G 186 -60.13 16.44 30.88
C PHE G 186 -60.28 15.03 30.30
N LYS G 187 -59.97 14.88 29.03
CA LYS G 187 -60.14 13.62 28.32
C LYS G 187 -58.83 13.28 27.62
N ASN G 188 -58.90 12.33 26.68
CA ASN G 188 -57.77 11.63 26.09
C ASN G 188 -56.55 12.52 25.90
N LEU G 189 -55.42 12.04 26.40
CA LEU G 189 -54.15 12.76 26.32
C LEU G 189 -53.37 12.35 25.09
N ARG G 190 -52.76 13.34 24.42
CA ARG G 190 -52.00 13.15 23.20
C ARG G 190 -50.55 13.48 23.50
N GLU G 191 -49.64 12.55 23.23
CA GLU G 191 -48.22 12.77 23.44
C GLU G 191 -47.47 12.71 22.12
N PHE G 192 -46.60 13.69 21.89
CA PHE G 192 -45.91 13.82 20.61
C PHE G 192 -44.48 14.31 20.84
N VAL G 193 -43.51 13.50 20.44
CA VAL G 193 -42.12 13.93 20.39
C VAL G 193 -41.78 14.39 18.99
N PHE G 194 -41.18 15.57 18.89
CA PHE G 194 -40.71 16.14 17.63
C PHE G 194 -39.20 16.31 17.70
N LYS G 195 -38.51 15.83 16.67
CA LYS G 195 -37.06 15.92 16.61
C LYS G 195 -36.61 16.05 15.17
N ASN G 196 -35.39 16.55 14.99
CA ASN G 196 -34.83 16.83 13.67
C ASN G 196 -33.40 16.28 13.63
N ILE G 197 -33.20 15.16 12.92
CA ILE G 197 -31.91 14.52 12.80
C ILE G 197 -31.61 14.33 11.32
N ASP G 198 -30.48 14.86 10.87
CA ASP G 198 -29.98 14.68 9.50
C ASP G 198 -31.04 15.07 8.47
N GLY G 199 -31.75 16.15 8.76
CA GLY G 199 -32.79 16.62 7.85
C GLY G 199 -33.98 15.70 7.72
N TYR G 200 -34.20 14.84 8.72
CA TYR G 200 -35.32 13.89 8.71
C TYR G 200 -36.23 14.24 9.90
N PHE G 201 -37.33 14.92 9.62
CA PHE G 201 -38.25 15.34 10.67
C PHE G 201 -38.99 14.13 11.24
N LYS G 202 -38.70 13.79 12.49
CA LYS G 202 -39.27 12.59 13.11
C LYS G 202 -40.36 12.99 14.11
N ILE G 203 -41.44 12.22 14.10
CA ILE G 203 -42.56 12.41 15.02
C ILE G 203 -42.87 11.07 15.67
N TYR G 204 -43.05 11.08 16.99
CA TYR G 204 -43.45 9.89 17.73
C TYR G 204 -44.69 10.22 18.53
N SER G 205 -45.69 9.33 18.48
CA SER G 205 -47.02 9.67 18.95
C SER G 205 -47.54 8.64 19.94
N LYS G 206 -48.53 9.07 20.74
CA LYS G 206 -49.25 8.18 21.63
C LYS G 206 -50.59 8.80 21.98
N HIS G 207 -51.61 7.95 22.07
CA HIS G 207 -52.95 8.32 22.52
C HIS G 207 -53.25 7.54 23.79
N THR G 208 -53.71 8.24 24.83
CA THR G 208 -54.02 7.50 26.05
C THR G 208 -55.32 7.99 26.67
N PRO G 209 -56.09 7.10 27.29
CA PRO G 209 -57.34 7.51 27.97
C PRO G 209 -57.04 8.04 29.36
N ILE G 210 -57.34 9.32 29.59
CA ILE G 210 -57.16 9.95 30.89
C ILE G 210 -58.42 10.72 31.24
N ASN G 211 -58.73 10.77 32.53
CA ASN G 211 -59.96 11.39 33.01
C ASN G 211 -59.67 12.24 34.25
N LEU G 212 -58.61 13.04 34.18
CA LEU G 212 -58.22 13.90 35.29
C LEU G 212 -58.64 15.33 35.00
N VAL G 213 -58.72 16.14 36.07
CA VAL G 213 -59.20 17.51 35.94
C VAL G 213 -58.06 18.49 35.66
N ARG G 214 -56.85 18.21 36.13
CA ARG G 214 -55.72 19.11 35.94
C ARG G 214 -54.43 18.32 36.10
N ASP G 215 -53.32 18.94 35.69
CA ASP G 215 -51.97 18.41 35.85
C ASP G 215 -51.72 17.19 34.96
N LEU G 216 -50.47 17.02 34.54
CA LEU G 216 -50.10 15.86 33.73
C LEU G 216 -49.93 14.65 34.63
N PRO G 217 -50.72 13.59 34.44
CA PRO G 217 -50.68 12.46 35.39
C PRO G 217 -49.37 11.70 35.30
N GLN G 218 -48.98 11.11 36.42
CA GLN G 218 -47.85 10.19 36.44
C GLN G 218 -48.19 8.92 35.69
N GLY G 219 -47.20 8.36 35.02
CA GLY G 219 -47.38 7.14 34.26
C GLY G 219 -46.33 7.01 33.19
N PHE G 220 -46.14 5.76 32.75
CA PHE G 220 -45.14 5.42 31.75
C PHE G 220 -45.81 5.03 30.44
N SER G 221 -45.30 5.56 29.34
CA SER G 221 -45.79 5.23 28.01
C SER G 221 -44.63 5.26 27.02
N ALA G 222 -44.73 4.45 25.98
CA ALA G 222 -43.71 4.36 24.94
C ALA G 222 -44.34 4.85 23.64
N LEU G 223 -43.67 5.78 22.98
CA LEU G 223 -44.26 6.50 21.85
C LEU G 223 -43.85 5.82 20.55
N GLU G 224 -44.82 5.24 19.84
CA GLU G 224 -44.53 4.63 18.56
C GLU G 224 -44.14 5.70 17.54
N PRO G 225 -43.29 5.35 16.56
CA PRO G 225 -42.98 6.30 15.50
C PRO G 225 -44.14 6.42 14.51
N LEU G 226 -44.85 7.55 14.56
CA LEU G 226 -46.00 7.71 13.69
C LEU G 226 -45.58 7.94 12.24
N VAL G 227 -44.56 8.78 12.03
CA VAL G 227 -44.09 9.07 10.68
C VAL G 227 -42.69 9.66 10.74
N ASP G 228 -41.83 9.24 9.80
CA ASP G 228 -40.55 9.88 9.59
C ASP G 228 -40.65 10.72 8.32
N LEU G 229 -40.51 12.04 8.46
CA LEU G 229 -40.74 12.95 7.36
C LEU G 229 -39.41 13.52 6.86
N PRO G 230 -39.00 13.21 5.63
CA PRO G 230 -37.78 13.82 5.09
C PRO G 230 -38.03 15.20 4.53
N ILE G 231 -37.51 16.24 5.19
CA ILE G 231 -37.70 17.61 4.73
C ILE G 231 -36.36 18.29 4.50
N GLY G 232 -35.53 18.36 5.53
CA GLY G 232 -34.25 19.04 5.47
C GLY G 232 -34.24 20.45 5.99
N ILE G 233 -35.42 21.01 6.31
CA ILE G 233 -35.49 22.38 6.79
C ILE G 233 -34.98 22.45 8.22
N ASN G 234 -34.10 23.41 8.49
CA ASN G 234 -33.61 23.63 9.84
C ASN G 234 -34.75 24.10 10.74
N ILE G 235 -34.70 23.69 12.01
CA ILE G 235 -35.75 23.98 12.97
C ILE G 235 -35.12 24.61 14.21
N THR G 236 -35.57 25.80 14.57
CA THR G 236 -35.09 26.46 15.78
C THR G 236 -36.27 26.89 16.66
N ARG G 237 -37.41 27.21 16.04
CA ARG G 237 -38.56 27.72 16.75
C ARG G 237 -39.82 27.00 16.27
N PHE G 238 -40.82 26.95 17.15
CA PHE G 238 -42.10 26.35 16.79
C PHE G 238 -43.19 26.96 17.68
N GLN G 239 -44.38 27.10 17.10
CA GLN G 239 -45.55 27.62 17.78
C GLN G 239 -46.66 26.59 17.69
N THR G 240 -47.18 26.16 18.84
CA THR G 240 -48.36 25.32 18.85
C THR G 240 -49.59 26.14 18.49
N LEU G 241 -50.63 25.45 18.03
CA LEU G 241 -51.86 26.10 17.58
C LEU G 241 -53.03 25.67 18.44
N LEU G 242 -53.97 26.58 18.64
CA LEU G 242 -55.13 26.33 19.47
C LEU G 242 -56.40 26.66 18.68
N ALA G 243 -57.48 25.96 18.99
CA ALA G 243 -58.75 26.11 18.27
C ALA G 243 -59.65 27.03 19.08
N LEU G 244 -59.81 28.27 18.62
CA LEU G 244 -60.64 29.24 19.32
C LEU G 244 -62.09 28.79 19.29
N HIS G 245 -62.75 28.89 20.44
CA HIS G 245 -64.11 28.37 20.61
C HIS G 245 -65.12 29.51 20.52
N ARG G 246 -65.37 29.96 19.30
CA ARG G 246 -66.35 31.02 19.07
C ARG G 246 -67.76 30.51 19.28
N SER G 247 -68.66 31.43 19.65
CA SER G 247 -70.07 31.15 19.84
C SER G 247 -70.89 32.35 19.42
N TYR G 248 -72.21 32.21 19.47
CA TYR G 248 -73.09 33.32 19.10
C TYR G 248 -73.08 34.43 20.14
N LEU G 249 -72.66 34.14 21.37
CA LEU G 249 -72.61 35.13 22.43
C LEU G 249 -71.25 35.80 22.54
N THR G 250 -70.36 35.58 21.59
CA THR G 250 -69.03 36.18 21.63
C THR G 250 -69.13 37.68 21.43
N PRO G 251 -68.60 38.49 22.35
CA PRO G 251 -68.69 39.96 22.24
C PRO G 251 -67.60 40.59 21.37
N GLY G 252 -67.86 40.60 20.06
CA GLY G 252 -66.94 41.25 19.15
C GLY G 252 -66.62 40.46 17.89
N ASP G 253 -66.92 39.16 17.90
CA ASP G 253 -66.76 38.31 16.73
C ASP G 253 -65.31 38.25 16.25
N SER G 254 -64.96 39.09 15.28
CA SER G 254 -63.64 39.05 14.67
C SER G 254 -62.53 39.17 15.72
N SER G 255 -62.68 40.12 16.64
CA SER G 255 -61.79 40.23 17.78
C SER G 255 -62.64 40.40 19.04
N SER G 256 -62.02 40.17 20.19
CA SER G 256 -62.64 40.29 21.50
C SER G 256 -63.73 39.26 21.73
N GLY G 257 -63.91 38.32 20.80
CA GLY G 257 -64.89 37.27 20.96
C GLY G 257 -64.50 36.14 21.90
N TRP G 258 -63.49 35.36 21.50
CA TRP G 258 -63.03 34.18 22.21
C TRP G 258 -64.15 33.28 22.73
N THR G 259 -64.41 33.35 24.04
CA THR G 259 -65.12 32.31 24.77
C THR G 259 -64.42 30.97 24.57
N ALA G 260 -63.09 31.00 24.69
CA ALA G 260 -62.26 29.83 24.37
C ALA G 260 -62.58 28.67 25.30
N GLY G 261 -62.63 27.47 24.72
CA GLY G 261 -62.87 26.28 25.50
C GLY G 261 -61.66 25.86 26.31
N ALA G 262 -61.93 25.13 27.38
CA ALA G 262 -60.86 24.71 28.28
C ALA G 262 -60.01 23.62 27.63
N ALA G 263 -58.69 23.80 27.70
CA ALA G 263 -57.74 22.83 27.17
C ALA G 263 -56.38 23.14 27.77
N ALA G 264 -55.58 22.10 27.98
CA ALA G 264 -54.27 22.26 28.59
C ALA G 264 -53.23 21.53 27.77
N TYR G 265 -51.99 22.03 27.82
CA TYR G 265 -50.89 21.32 27.20
C TYR G 265 -49.60 21.66 27.93
N TYR G 266 -48.57 20.86 27.65
CA TYR G 266 -47.30 20.92 28.35
C TYR G 266 -46.20 20.78 27.32
N VAL G 267 -45.14 21.58 27.49
CA VAL G 267 -43.99 21.53 26.61
C VAL G 267 -42.76 21.20 27.45
N GLY G 268 -42.09 20.09 27.10
CA GLY G 268 -40.82 19.75 27.69
C GLY G 268 -39.72 19.85 26.66
N TYR G 269 -38.52 19.39 27.00
CA TYR G 269 -37.41 19.44 26.07
C TYR G 269 -36.64 18.13 26.13
N LEU G 270 -36.04 17.76 25.01
CA LEU G 270 -35.22 16.57 24.92
C LEU G 270 -33.76 16.94 25.14
N GLN G 271 -33.06 16.12 25.89
CA GLN G 271 -31.68 16.38 26.24
C GLN G 271 -30.83 15.13 25.97
N PRO G 272 -29.57 15.29 25.55
CA PRO G 272 -28.70 14.12 25.40
C PRO G 272 -28.66 13.28 26.66
N ARG G 273 -29.10 12.03 26.56
CA ARG G 273 -29.33 11.22 27.74
C ARG G 273 -29.17 9.75 27.40
N THR G 274 -28.83 8.97 28.42
CA THR G 274 -28.73 7.52 28.32
C THR G 274 -29.85 6.90 29.15
N PHE G 275 -30.59 6.00 28.55
CA PHE G 275 -31.67 5.29 29.22
C PHE G 275 -31.41 3.79 29.18
N LEU G 276 -32.03 3.09 30.13
CA LEU G 276 -32.01 1.63 30.20
C LEU G 276 -33.45 1.16 29.99
N LEU G 277 -33.79 0.86 28.74
CA LEU G 277 -35.13 0.43 28.39
C LEU G 277 -35.36 -1.02 28.81
N LYS G 278 -36.62 -1.40 28.91
CA LYS G 278 -37.01 -2.78 29.25
C LYS G 278 -38.11 -3.21 28.28
N TYR G 279 -37.79 -4.17 27.42
CA TYR G 279 -38.78 -4.76 26.54
C TYR G 279 -39.37 -6.00 27.20
N ASN G 280 -40.68 -6.20 27.01
CA ASN G 280 -41.35 -7.37 27.54
C ASN G 280 -41.30 -8.50 26.51
N GLU G 281 -42.09 -9.56 26.74
CA GLU G 281 -42.09 -10.70 25.83
C GLU G 281 -42.53 -10.31 24.43
N ASN G 282 -43.29 -9.23 24.29
CA ASN G 282 -43.78 -8.77 23.01
C ASN G 282 -42.97 -7.61 22.44
N GLY G 283 -41.84 -7.27 23.07
CA GLY G 283 -41.04 -6.15 22.61
C GLY G 283 -41.70 -4.80 22.79
N THR G 284 -42.41 -4.60 23.89
CA THR G 284 -43.05 -3.33 24.20
C THR G 284 -42.39 -2.75 25.44
N ILE G 285 -42.01 -1.47 25.36
CA ILE G 285 -41.29 -0.83 26.45
C ILE G 285 -42.20 -0.70 27.65
N THR G 286 -41.92 -1.48 28.70
CA THR G 286 -42.70 -1.48 29.92
C THR G 286 -42.15 -0.54 30.98
N ASP G 287 -40.83 -0.42 31.08
CA ASP G 287 -40.20 0.42 32.08
C ASP G 287 -38.92 1.02 31.52
N ALA G 288 -38.44 2.08 32.16
CA ALA G 288 -37.22 2.74 31.76
C ALA G 288 -36.55 3.34 32.99
N VAL G 289 -35.25 3.57 32.89
CA VAL G 289 -34.46 4.14 33.97
C VAL G 289 -33.61 5.28 33.42
N ASP G 290 -33.71 6.45 34.04
CA ASP G 290 -32.87 7.58 33.68
C ASP G 290 -31.50 7.40 34.34
N CYS G 291 -30.52 6.95 33.54
CA CYS G 291 -29.22 6.61 34.08
C CYS G 291 -28.58 7.79 34.81
N ALA G 292 -28.55 8.95 34.17
CA ALA G 292 -27.92 10.14 34.76
C ALA G 292 -28.96 11.00 35.47
N LEU G 293 -29.66 10.39 36.43
CA LEU G 293 -30.63 11.10 37.25
C LEU G 293 -30.26 11.09 38.73
N ASP G 294 -30.10 9.92 39.32
CA ASP G 294 -29.76 9.79 40.73
C ASP G 294 -28.88 8.56 40.90
N PRO G 295 -28.11 8.48 42.00
CA PRO G 295 -27.12 7.40 42.13
C PRO G 295 -27.69 5.99 42.01
N LEU G 296 -28.90 5.74 42.52
CA LEU G 296 -29.48 4.40 42.40
C LEU G 296 -29.69 4.03 40.93
N SER G 297 -30.15 4.98 40.12
CA SER G 297 -30.28 4.72 38.70
C SER G 297 -28.92 4.48 38.05
N GLU G 298 -27.91 5.24 38.48
CA GLU G 298 -26.56 5.02 37.96
C GLU G 298 -26.07 3.61 38.27
N THR G 299 -26.41 3.08 39.44
CA THR G 299 -26.07 1.69 39.74
C THR G 299 -26.85 0.73 38.86
N LYS G 300 -28.17 0.90 38.79
CA LYS G 300 -28.98 -0.04 38.02
C LYS G 300 -28.79 0.12 36.52
N CYS G 301 -28.28 1.27 36.06
CA CYS G 301 -27.96 1.42 34.64
C CYS G 301 -26.66 0.72 34.28
N THR G 302 -25.68 0.70 35.19
CA THR G 302 -24.43 0.00 34.95
C THR G 302 -24.50 -1.47 35.32
N LEU G 303 -25.49 -1.89 36.10
CA LEU G 303 -25.73 -3.29 36.36
C LEU G 303 -26.65 -3.93 35.33
N LYS G 304 -27.20 -3.13 34.41
CA LYS G 304 -28.11 -3.62 33.36
C LYS G 304 -29.25 -4.42 33.97
N SER G 305 -29.80 -3.91 35.07
CA SER G 305 -30.85 -4.61 35.79
C SER G 305 -31.66 -3.60 36.58
N PHE G 306 -32.83 -4.06 37.05
CA PHE G 306 -33.68 -3.25 37.92
C PHE G 306 -33.65 -3.70 39.37
N THR G 307 -33.10 -4.88 39.65
CA THR G 307 -32.84 -5.32 41.01
C THR G 307 -31.34 -5.22 41.26
N VAL G 308 -30.97 -4.54 42.34
CA VAL G 308 -29.59 -4.16 42.56
C VAL G 308 -28.93 -4.93 43.71
N GLU G 309 -29.69 -5.26 44.76
CA GLU G 309 -29.17 -5.96 45.94
C GLU G 309 -28.16 -5.09 46.67
N LYS G 310 -27.42 -5.68 47.60
CA LYS G 310 -26.44 -4.96 48.40
C LYS G 310 -25.12 -4.82 47.65
N GLY G 311 -24.28 -3.92 48.14
CA GLY G 311 -22.91 -3.80 47.66
C GLY G 311 -22.58 -2.37 47.27
N ILE G 312 -21.51 -2.23 46.50
CA ILE G 312 -20.97 -0.94 46.08
C ILE G 312 -20.68 -1.03 44.59
N TYR G 313 -20.92 0.07 43.87
CA TYR G 313 -20.77 0.09 42.42
C TYR G 313 -20.17 1.42 42.00
N GLN G 314 -19.30 1.36 40.99
CA GLN G 314 -18.42 2.47 40.64
C GLN G 314 -18.96 3.25 39.44
N THR G 315 -18.21 4.27 39.03
CA THR G 315 -18.58 5.25 38.01
C THR G 315 -17.32 5.67 37.27
N SER G 316 -17.38 6.84 36.63
CA SER G 316 -16.32 7.32 35.76
C SER G 316 -15.78 8.67 36.21
N ASN G 317 -15.00 9.33 35.33
CA ASN G 317 -14.21 10.52 35.67
C ASN G 317 -14.94 11.48 36.59
N PHE G 318 -14.24 11.91 37.64
CA PHE G 318 -14.69 12.97 38.53
C PHE G 318 -14.04 14.29 38.13
N ARG G 319 -14.50 14.85 37.00
CA ARG G 319 -13.98 16.14 36.56
C ARG G 319 -14.51 17.26 37.44
N VAL G 320 -13.75 17.64 38.47
CA VAL G 320 -14.05 18.83 39.23
C VAL G 320 -13.77 20.03 38.33
N GLN G 321 -14.83 20.70 37.88
CA GLN G 321 -14.68 21.76 36.90
C GLN G 321 -13.85 22.91 37.46
N PRO G 322 -12.72 23.24 36.83
CA PRO G 322 -11.88 24.32 37.33
C PRO G 322 -12.58 25.67 37.20
N THR G 323 -12.50 26.48 38.24
CA THR G 323 -13.09 27.82 38.21
C THR G 323 -12.31 28.69 37.23
N GLU G 324 -13.03 29.32 36.31
CA GLU G 324 -12.51 30.24 35.30
C GLU G 324 -11.34 29.66 34.54
N SER G 325 -10.59 30.51 33.84
CA SER G 325 -9.40 30.09 33.10
C SER G 325 -8.35 31.17 33.22
N ILE G 326 -7.12 30.77 33.58
CA ILE G 326 -6.02 31.70 33.82
C ILE G 326 -5.03 31.60 32.68
N VAL G 327 -4.58 32.75 32.19
CA VAL G 327 -3.52 32.85 31.19
C VAL G 327 -2.46 33.78 31.75
N ARG G 328 -1.20 33.35 31.73
CA ARG G 328 -0.11 34.09 32.34
C ARG G 328 1.02 34.34 31.36
N PHE G 329 0.68 34.81 30.15
CA PHE G 329 1.71 35.14 29.19
C PHE G 329 2.52 36.34 29.68
N PRO G 330 3.84 36.34 29.48
CA PRO G 330 4.63 37.52 29.85
C PRO G 330 4.26 38.73 29.01
N ASN G 331 4.27 39.90 29.62
CA ASN G 331 4.00 41.15 28.91
C ASN G 331 5.30 41.89 28.67
N ILE G 332 5.77 41.86 27.42
CA ILE G 332 6.88 42.68 26.99
C ILE G 332 6.46 44.13 26.76
N THR G 333 5.16 44.37 26.59
CA THR G 333 4.61 45.70 26.33
C THR G 333 5.24 46.33 25.08
N ASN G 334 5.50 45.45 24.10
CA ASN G 334 6.09 45.88 22.85
C ASN G 334 5.57 45.03 21.70
N LEU G 335 4.61 45.58 20.94
CA LEU G 335 4.13 44.89 19.75
C LEU G 335 5.30 44.64 18.80
N CYS G 336 5.40 43.42 18.31
CA CYS G 336 6.57 43.01 17.53
C CYS G 336 6.43 43.56 16.12
N PRO G 337 7.32 44.43 15.67
CA PRO G 337 7.25 44.88 14.27
C PRO G 337 7.58 43.75 13.32
N PHE G 338 6.56 43.11 12.74
CA PHE G 338 6.77 41.93 11.92
C PHE G 338 6.90 42.26 10.44
N GLY G 339 6.55 43.48 10.03
CA GLY G 339 6.80 43.90 8.66
C GLY G 339 8.26 44.05 8.32
N GLU G 340 9.15 43.90 9.31
CA GLU G 340 10.58 43.90 9.06
C GLU G 340 10.94 42.83 8.03
N VAL G 341 10.21 41.72 8.01
CA VAL G 341 10.56 40.60 7.14
C VAL G 341 9.70 40.55 5.88
N PHE G 342 8.38 40.58 6.01
CA PHE G 342 7.52 40.29 4.86
C PHE G 342 7.50 41.43 3.84
N ASN G 343 7.01 42.59 4.23
CA ASN G 343 6.97 43.74 3.33
C ASN G 343 7.99 44.77 3.82
N ALA G 344 9.17 44.70 3.23
CA ALA G 344 10.31 45.52 3.59
C ALA G 344 11.13 45.76 2.34
N THR G 345 12.39 46.12 2.52
CA THR G 345 13.27 46.39 1.39
C THR G 345 13.57 45.09 0.63
N ARG G 346 14.42 45.20 -0.39
CA ARG G 346 14.70 44.09 -1.28
C ARG G 346 15.26 42.90 -0.50
N PHE G 347 14.83 41.70 -0.90
CA PHE G 347 15.24 40.47 -0.24
C PHE G 347 16.61 40.02 -0.74
N ALA G 348 17.09 38.91 -0.17
CA ALA G 348 18.34 38.31 -0.59
C ALA G 348 18.08 37.34 -1.75
N SER G 349 19.10 36.57 -2.10
CA SER G 349 19.00 35.57 -3.14
C SER G 349 18.93 34.17 -2.52
N VAL G 350 18.44 33.21 -3.30
CA VAL G 350 18.28 31.85 -2.79
C VAL G 350 19.65 31.21 -2.55
N TYR G 351 20.64 31.52 -3.38
CA TYR G 351 21.96 30.95 -3.19
C TYR G 351 22.59 31.38 -1.87
N ALA G 352 22.29 32.60 -1.41
CA ALA G 352 22.71 33.09 -0.11
C ALA G 352 21.48 33.60 0.61
N TRP G 353 20.75 32.67 1.24
CA TRP G 353 19.56 33.02 2.00
C TRP G 353 19.95 33.52 3.38
N ASN G 354 19.22 34.52 3.87
CA ASN G 354 19.53 35.18 5.12
C ASN G 354 18.46 34.90 6.16
N ARG G 355 18.89 34.73 7.40
CA ARG G 355 18.03 34.44 8.53
C ARG G 355 17.81 35.72 9.33
N LYS G 356 16.55 36.05 9.60
CA LYS G 356 16.20 37.16 10.46
C LYS G 356 15.62 36.64 11.77
N ARG G 357 15.72 37.47 12.80
CA ARG G 357 15.29 37.11 14.14
C ARG G 357 14.33 38.17 14.67
N ILE G 358 13.20 37.73 15.18
CA ILE G 358 12.30 38.57 15.98
C ILE G 358 12.12 37.89 17.33
N SER G 359 12.36 38.64 18.40
CA SER G 359 12.34 38.07 19.75
C SER G 359 12.07 39.18 20.74
N ASN G 360 11.71 38.77 21.97
CA ASN G 360 11.37 39.70 23.04
C ASN G 360 10.29 40.66 22.60
N CYS G 361 9.22 40.13 22.00
CA CYS G 361 8.15 40.93 21.45
C CYS G 361 6.89 40.08 21.35
N VAL G 362 5.76 40.75 21.12
CA VAL G 362 4.47 40.09 21.03
C VAL G 362 3.93 40.17 19.60
N ALA G 363 4.14 39.11 18.82
CA ALA G 363 3.77 39.08 17.41
C ALA G 363 2.48 38.30 17.20
N ASP G 364 1.69 38.75 16.22
CA ASP G 364 0.38 38.18 15.95
C ASP G 364 0.36 37.62 14.53
N TYR G 365 0.08 36.33 14.41
CA TYR G 365 0.00 35.68 13.09
C TYR G 365 -1.38 35.81 12.46
N SER G 366 -2.38 36.22 13.23
CA SER G 366 -3.75 36.30 12.71
C SER G 366 -3.84 37.34 11.60
N VAL G 367 -3.18 38.48 11.77
CA VAL G 367 -3.18 39.50 10.71
C VAL G 367 -2.53 38.96 9.45
N LEU G 368 -1.49 38.12 9.61
CA LEU G 368 -0.83 37.52 8.46
C LEU G 368 -1.75 36.58 7.72
N TYR G 369 -2.40 35.66 8.45
CA TYR G 369 -3.28 34.70 7.78
C TYR G 369 -4.48 35.39 7.16
N ASN G 370 -5.07 36.38 7.86
CA ASN G 370 -6.27 37.03 7.36
C ASN G 370 -6.00 37.79 6.06
N SER G 371 -4.75 38.18 5.82
CA SER G 371 -4.43 38.89 4.59
C SER G 371 -4.55 37.96 3.39
N ALA G 372 -5.28 38.40 2.38
CA ALA G 372 -5.51 37.59 1.19
C ALA G 372 -4.33 37.61 0.21
N SER G 373 -3.42 38.58 0.36
CA SER G 373 -2.24 38.59 -0.49
C SER G 373 -1.33 37.41 -0.18
N PHE G 374 -1.22 37.04 1.10
CA PHE G 374 -0.32 35.98 1.54
C PHE G 374 -0.94 34.63 1.19
N SER G 375 -0.79 34.21 -0.06
CA SER G 375 -1.30 32.94 -0.51
C SER G 375 -0.24 31.85 -0.26
N THR G 376 -0.56 30.62 -0.68
CA THR G 376 0.37 29.50 -0.65
C THR G 376 0.90 29.25 0.77
N PHE G 377 -0.03 28.85 1.64
CA PHE G 377 0.32 28.42 2.99
C PHE G 377 0.31 26.89 3.08
N LYS G 378 1.27 26.37 3.81
CA LYS G 378 1.28 24.95 4.17
C LYS G 378 1.32 24.74 5.67
N CYS G 379 2.17 25.49 6.39
CA CYS G 379 2.25 25.44 7.85
C CYS G 379 2.40 24.00 8.35
N TYR G 380 3.54 23.41 8.01
CA TYR G 380 3.84 22.04 8.39
C TYR G 380 3.99 21.93 9.90
N GLY G 381 3.28 20.99 10.51
CA GLY G 381 3.41 20.69 11.92
C GLY G 381 2.47 21.45 12.84
N VAL G 382 1.88 22.55 12.36
CA VAL G 382 0.94 23.35 13.13
C VAL G 382 -0.22 23.74 12.22
N SER G 383 -1.14 24.54 12.76
CA SER G 383 -2.26 25.04 11.96
C SER G 383 -2.35 26.55 12.09
N PRO G 384 -2.74 27.25 11.01
CA PRO G 384 -2.81 28.72 11.09
C PRO G 384 -3.76 29.24 12.15
N THR G 385 -4.89 28.56 12.36
CA THR G 385 -5.86 29.03 13.34
C THR G 385 -5.35 28.88 14.77
N LYS G 386 -4.47 27.91 15.01
CA LYS G 386 -3.94 27.64 16.34
C LYS G 386 -2.58 28.28 16.58
N LEU G 387 -2.05 29.01 15.60
CA LEU G 387 -0.76 29.68 15.81
C LEU G 387 -0.86 30.77 16.87
N ASN G 388 -2.04 31.38 17.00
CA ASN G 388 -2.17 32.58 17.82
C ASN G 388 -1.87 32.30 19.29
N ASP G 389 -2.42 31.20 19.83
CA ASP G 389 -2.27 30.96 21.26
C ASP G 389 -0.90 30.40 21.62
N LEU G 390 -0.12 29.97 20.63
CA LEU G 390 1.19 29.41 20.90
C LEU G 390 2.21 30.50 21.17
N CYS G 391 3.12 30.22 22.10
CA CYS G 391 4.20 31.13 22.45
C CYS G 391 5.53 30.50 22.09
N PHE G 392 6.38 31.25 21.39
CA PHE G 392 7.65 30.75 20.87
C PHE G 392 8.80 31.64 21.31
N THR G 393 10.01 31.14 21.09
CA THR G 393 11.24 31.85 21.40
C THR G 393 12.18 31.99 20.21
N ASN G 394 12.32 30.93 19.40
CA ASN G 394 13.27 30.90 18.29
C ASN G 394 12.46 30.96 16.99
N VAL G 395 12.20 32.18 16.53
CA VAL G 395 11.46 32.41 15.29
C VAL G 395 12.51 32.74 14.23
N TYR G 396 12.98 31.71 13.52
CA TYR G 396 13.93 31.90 12.44
C TYR G 396 13.17 32.25 11.17
N ALA G 397 13.35 33.46 10.66
CA ALA G 397 12.72 33.87 9.41
C ALA G 397 13.77 33.79 8.32
N ASP G 398 13.86 32.62 7.68
CA ASP G 398 14.81 32.45 6.59
C ASP G 398 14.14 32.94 5.31
N SER G 399 14.67 34.01 4.74
CA SER G 399 13.98 34.72 3.67
C SER G 399 14.84 34.73 2.41
N PHE G 400 14.16 34.67 1.26
CA PHE G 400 14.82 34.67 -0.04
C PHE G 400 13.75 34.90 -1.10
N VAL G 401 14.15 34.75 -2.37
CA VAL G 401 13.26 34.87 -3.51
C VAL G 401 13.44 33.64 -4.39
N ILE G 402 12.45 33.35 -5.23
CA ILE G 402 12.47 32.14 -6.03
C ILE G 402 11.71 32.40 -7.33
N ARG G 403 12.01 31.58 -8.34
CA ARG G 403 11.26 31.60 -9.58
C ARG G 403 9.86 31.04 -9.35
N GLY G 404 8.89 31.57 -10.09
CA GLY G 404 7.47 31.32 -9.86
C GLY G 404 7.03 29.89 -9.58
N ASP G 405 7.18 29.00 -10.57
CA ASP G 405 6.68 27.64 -10.42
C ASP G 405 7.50 26.81 -9.45
N GLU G 406 8.68 27.29 -9.04
CA GLU G 406 9.54 26.55 -8.13
C GLU G 406 9.14 26.73 -6.66
N VAL G 407 8.13 27.54 -6.37
CA VAL G 407 7.74 27.79 -4.98
C VAL G 407 7.34 26.50 -4.29
N ARG G 408 6.65 25.61 -5.01
CA ARG G 408 6.23 24.35 -4.41
C ARG G 408 7.41 23.44 -4.08
N GLN G 409 8.60 23.76 -4.58
CA GLN G 409 9.77 22.93 -4.32
C GLN G 409 10.22 23.02 -2.86
N ILE G 410 9.82 24.06 -2.14
CA ILE G 410 10.23 24.23 -0.75
C ILE G 410 9.28 23.44 0.16
N ALA G 411 9.64 22.20 0.45
CA ALA G 411 8.85 21.35 1.33
C ALA G 411 9.75 20.26 1.88
N PRO G 412 9.40 19.66 3.02
CA PRO G 412 10.23 18.58 3.57
C PRO G 412 10.28 17.39 2.65
N GLY G 413 11.46 16.76 2.59
CA GLY G 413 11.64 15.59 1.76
C GLY G 413 11.43 15.84 0.28
N GLN G 414 11.96 16.93 -0.24
CA GLN G 414 11.81 17.29 -1.64
C GLN G 414 13.17 17.35 -2.31
N THR G 415 13.19 16.98 -3.59
CA THR G 415 14.41 16.96 -4.39
C THR G 415 14.28 17.95 -5.55
N GLY G 416 15.42 18.28 -6.14
CA GLY G 416 15.47 19.22 -7.24
C GLY G 416 16.66 20.15 -7.16
N LYS G 417 16.80 21.04 -8.14
CA LYS G 417 17.94 21.96 -8.16
C LYS G 417 17.95 22.85 -6.93
N ILE G 418 16.83 23.50 -6.64
CA ILE G 418 16.76 24.32 -5.44
C ILE G 418 16.75 23.46 -4.19
N ALA G 419 16.00 22.37 -4.21
CA ALA G 419 15.82 21.51 -3.05
C ALA G 419 17.04 20.64 -2.75
N ASP G 420 18.08 20.69 -3.58
CA ASP G 420 19.31 19.96 -3.30
C ASP G 420 20.57 20.78 -3.46
N TYR G 421 20.55 21.88 -4.21
CA TYR G 421 21.76 22.65 -4.47
C TYR G 421 21.61 24.13 -4.13
N ASN G 422 20.45 24.58 -3.69
CA ASN G 422 20.26 25.94 -3.21
C ASN G 422 19.84 26.00 -1.75
N TYR G 423 18.78 25.27 -1.38
CA TYR G 423 18.28 25.27 -0.02
C TYR G 423 17.31 24.11 0.12
N LYS G 424 17.53 23.27 1.14
CA LYS G 424 16.65 22.15 1.43
C LYS G 424 16.00 22.35 2.79
N LEU G 425 14.72 22.02 2.86
CA LEU G 425 13.95 22.08 4.09
C LEU G 425 14.04 20.74 4.81
N PRO G 426 14.30 20.73 6.12
CA PRO G 426 14.47 19.46 6.84
C PRO G 426 13.22 18.58 6.73
N ASP G 427 13.43 17.27 6.69
CA ASP G 427 12.32 16.34 6.56
C ASP G 427 11.40 16.42 7.77
N ASP G 428 11.97 16.54 8.97
CA ASP G 428 11.18 16.70 10.19
C ASP G 428 11.16 18.18 10.55
N PHE G 429 10.34 18.93 9.80
CA PHE G 429 10.28 20.38 9.93
C PHE G 429 8.94 20.81 10.52
N THR G 430 8.98 21.86 11.34
CA THR G 430 7.78 22.49 11.88
C THR G 430 7.87 23.98 11.68
N GLY G 431 6.82 24.57 11.14
CA GLY G 431 6.79 25.99 10.84
C GLY G 431 5.81 26.26 9.72
N CYS G 432 6.04 27.36 9.02
CA CYS G 432 5.21 27.73 7.88
C CYS G 432 6.06 28.26 6.73
N VAL G 433 5.46 28.29 5.54
CA VAL G 433 6.14 28.69 4.32
C VAL G 433 5.22 29.69 3.61
N ILE G 434 5.57 30.97 3.67
CA ILE G 434 4.75 32.03 3.08
C ILE G 434 5.28 32.36 1.69
N ALA G 435 4.38 32.38 0.70
CA ALA G 435 4.78 32.63 -0.68
C ALA G 435 3.71 33.47 -1.36
N TRP G 436 4.08 34.70 -1.74
CA TRP G 436 3.17 35.59 -2.44
C TRP G 436 3.89 36.26 -3.60
N ASN G 437 3.12 36.64 -4.62
CA ASN G 437 3.70 37.20 -5.83
C ASN G 437 4.19 38.62 -5.59
N SER G 438 5.26 38.99 -6.30
CA SER G 438 5.84 40.33 -6.25
C SER G 438 6.24 40.76 -7.65
N ASN G 439 5.46 40.34 -8.65
CA ASN G 439 5.78 40.67 -10.04
C ASN G 439 5.83 42.17 -10.26
N ASN G 440 4.92 42.92 -9.62
CA ASN G 440 4.92 44.37 -9.81
C ASN G 440 6.21 45.00 -9.30
N LEU G 441 6.67 44.59 -8.12
CA LEU G 441 7.86 45.23 -7.54
C LEU G 441 9.12 44.80 -8.28
N ASP G 442 9.29 43.51 -8.54
CA ASP G 442 10.48 43.00 -9.19
C ASP G 442 10.27 42.94 -10.70
N SER G 443 11.18 42.25 -11.40
CA SER G 443 11.12 42.08 -12.85
C SER G 443 11.14 43.44 -13.56
N LYS G 444 12.28 44.12 -13.43
CA LYS G 444 12.46 45.41 -14.06
C LYS G 444 12.33 45.30 -15.58
N VAL G 445 12.28 46.45 -16.24
CA VAL G 445 12.11 46.49 -17.69
C VAL G 445 13.26 45.75 -18.36
N GLY G 446 12.91 44.88 -19.30
CA GLY G 446 13.87 44.02 -19.96
C GLY G 446 14.18 42.74 -19.19
N GLY G 447 14.32 42.86 -17.87
CA GLY G 447 14.60 41.71 -17.02
C GLY G 447 15.42 42.05 -15.81
N ASN G 448 15.06 41.47 -14.66
CA ASN G 448 15.81 41.69 -13.43
C ASN G 448 16.78 40.54 -13.21
N TYR G 449 18.04 40.86 -12.96
CA TYR G 449 19.08 39.87 -12.77
C TYR G 449 19.83 40.03 -11.46
N ASN G 450 19.49 41.03 -10.65
CA ASN G 450 20.14 41.19 -9.35
C ASN G 450 19.89 39.99 -8.46
N TYR G 451 18.67 39.46 -8.47
CA TYR G 451 18.36 38.24 -7.73
C TYR G 451 19.09 37.07 -8.41
N LEU G 452 19.81 36.28 -7.63
CA LEU G 452 20.73 35.28 -8.14
C LEU G 452 20.37 33.90 -7.62
N TYR G 453 20.88 32.87 -8.30
CA TYR G 453 20.60 31.51 -7.90
C TYR G 453 21.69 30.58 -8.40
N ARG G 454 21.99 29.56 -7.59
CA ARG G 454 23.01 28.57 -7.87
C ARG G 454 22.43 27.45 -8.72
N LEU G 455 23.18 27.02 -9.74
CA LEU G 455 22.76 25.87 -10.53
C LEU G 455 22.97 24.57 -9.78
N PHE G 456 24.22 24.27 -9.43
CA PHE G 456 24.56 22.99 -8.82
C PHE G 456 25.81 23.15 -7.98
N ARG G 457 25.80 22.55 -6.80
CA ARG G 457 26.92 22.63 -5.87
C ARG G 457 27.75 21.34 -5.96
N LYS G 458 28.83 21.30 -5.16
CA LYS G 458 29.73 20.15 -5.13
C LYS G 458 28.97 18.87 -4.80
N SER G 459 28.12 18.92 -3.78
CA SER G 459 27.33 17.78 -3.36
C SER G 459 26.01 18.29 -2.79
N ASN G 460 25.16 17.35 -2.38
CA ASN G 460 23.89 17.73 -1.77
C ASN G 460 24.14 18.46 -0.46
N LEU G 461 23.32 19.49 -0.20
CA LEU G 461 23.52 20.35 0.95
C LEU G 461 22.68 19.91 2.13
N LYS G 462 23.12 20.31 3.33
CA LYS G 462 22.37 20.07 4.54
C LYS G 462 21.31 21.18 4.72
N PRO G 463 20.21 20.87 5.40
CA PRO G 463 19.19 21.90 5.63
C PRO G 463 19.73 23.04 6.47
N PHE G 464 19.27 24.25 6.14
CA PHE G 464 19.57 25.47 6.91
C PHE G 464 21.07 25.73 7.02
N GLU G 465 21.70 25.98 5.87
CA GLU G 465 23.10 26.37 5.86
C GLU G 465 23.40 27.15 4.59
N ARG G 466 24.36 28.07 4.69
CA ARG G 466 24.76 28.92 3.56
C ARG G 466 26.08 28.36 3.00
N ASP G 467 25.95 27.53 1.97
CA ASP G 467 27.12 26.99 1.27
C ASP G 467 27.39 27.81 0.01
N ILE G 468 27.82 29.05 0.23
CA ILE G 468 28.15 29.94 -0.87
C ILE G 468 29.58 29.69 -1.32
N SER G 469 29.76 28.74 -2.24
CA SER G 469 31.07 28.38 -2.75
C SER G 469 31.30 29.13 -4.06
N THR G 470 31.76 30.37 -3.94
CA THR G 470 32.01 31.21 -5.11
C THR G 470 33.26 30.76 -5.84
N GLU G 471 33.20 29.59 -6.45
CA GLU G 471 34.31 29.05 -7.21
C GLU G 471 33.75 28.30 -8.42
N ILE G 472 34.60 28.15 -9.44
CA ILE G 472 34.19 27.48 -10.67
C ILE G 472 34.33 25.98 -10.45
N TYR G 473 33.19 25.31 -10.27
CA TYR G 473 33.20 23.87 -10.01
C TYR G 473 33.75 23.13 -11.21
N GLN G 474 34.53 22.07 -10.95
CA GLN G 474 35.27 21.40 -12.02
C GLN G 474 34.32 20.62 -12.92
N ALA G 475 33.61 19.64 -12.37
CA ALA G 475 32.65 18.82 -13.12
C ALA G 475 33.29 18.20 -14.36
N GLY G 476 34.52 17.74 -14.21
CA GLY G 476 35.22 17.14 -15.32
C GLY G 476 36.62 16.73 -14.94
N SER G 477 37.30 16.11 -15.89
CA SER G 477 38.66 15.63 -15.66
C SER G 477 39.63 16.79 -15.45
N THR G 478 39.47 17.86 -16.20
CA THR G 478 40.43 18.96 -16.18
C THR G 478 40.35 19.73 -14.86
N PRO G 479 41.43 19.82 -14.09
CA PRO G 479 41.44 20.64 -12.85
C PRO G 479 41.68 22.12 -13.18
N CYS G 480 40.58 22.83 -13.45
CA CYS G 480 40.68 24.25 -13.80
C CYS G 480 41.37 25.04 -12.70
N ASN G 481 41.03 24.77 -11.44
CA ASN G 481 41.70 25.36 -10.29
C ASN G 481 41.63 26.89 -10.31
N GLY G 482 40.39 27.40 -10.22
CA GLY G 482 40.16 28.82 -10.17
C GLY G 482 39.81 29.46 -11.49
N VAL G 483 39.80 28.70 -12.58
CA VAL G 483 39.40 29.23 -13.88
C VAL G 483 38.23 28.40 -14.39
N GLU G 484 37.74 28.72 -15.60
CA GLU G 484 36.61 28.02 -16.18
C GLU G 484 36.96 27.62 -17.61
N GLY G 485 36.46 26.45 -18.01
CA GLY G 485 36.66 25.97 -19.37
C GLY G 485 35.38 25.44 -19.98
N PHE G 486 35.42 24.21 -20.49
CA PHE G 486 34.22 23.56 -20.99
C PHE G 486 33.51 22.79 -19.89
N ASN G 487 34.26 21.98 -19.14
CA ASN G 487 33.70 21.27 -17.99
C ASN G 487 33.39 22.20 -16.83
N CYS G 488 34.11 23.31 -16.71
CA CYS G 488 34.05 24.17 -15.54
C CYS G 488 33.05 25.30 -15.80
N TYR G 489 32.04 25.41 -14.94
CA TYR G 489 31.00 26.42 -15.05
C TYR G 489 30.94 27.24 -13.77
N PHE G 490 30.44 28.47 -13.90
CA PHE G 490 30.19 29.32 -12.75
C PHE G 490 28.69 29.36 -12.48
N PRO G 491 28.19 28.64 -11.48
CA PRO G 491 26.73 28.54 -11.26
C PRO G 491 26.19 29.64 -10.35
N LEU G 492 26.14 30.86 -10.87
CA LEU G 492 25.59 32.00 -10.12
C LEU G 492 24.66 32.80 -11.03
N GLN G 493 23.73 32.10 -11.68
CA GLN G 493 22.95 32.73 -12.74
C GLN G 493 21.77 33.52 -12.18
N SER G 494 20.97 34.06 -13.09
CA SER G 494 19.73 34.73 -12.74
C SER G 494 18.56 33.98 -13.35
N TYR G 495 17.40 34.09 -12.71
CA TYR G 495 16.23 33.36 -13.15
C TYR G 495 15.64 33.90 -14.44
N GLY G 496 16.08 35.08 -14.89
CA GLY G 496 15.54 35.66 -16.10
C GLY G 496 14.21 36.34 -15.83
N PHE G 497 14.25 37.41 -15.04
CA PHE G 497 13.04 38.02 -14.50
C PHE G 497 12.41 38.96 -15.52
N GLN G 498 11.96 38.38 -16.63
CA GLN G 498 11.31 39.19 -17.65
C GLN G 498 10.03 39.81 -17.10
N PRO G 499 9.71 41.05 -17.46
CA PRO G 499 8.49 41.69 -16.93
C PRO G 499 7.21 40.98 -17.36
N THR G 500 7.23 40.24 -18.47
CA THR G 500 6.05 39.54 -18.96
C THR G 500 6.22 38.03 -18.90
N ASN G 501 7.00 37.55 -17.95
CA ASN G 501 7.15 36.10 -17.77
C ASN G 501 5.84 35.47 -17.33
N GLY G 502 5.71 34.19 -17.62
CA GLY G 502 4.59 33.44 -17.09
C GLY G 502 4.62 33.37 -15.58
N VAL G 503 3.45 33.16 -14.99
CA VAL G 503 3.34 33.15 -13.53
C VAL G 503 4.25 32.08 -12.92
N GLY G 504 4.57 31.05 -13.69
CA GLY G 504 5.55 30.08 -13.24
C GLY G 504 6.98 30.58 -13.23
N TYR G 505 7.24 31.78 -13.74
CA TYR G 505 8.57 32.36 -13.77
C TYR G 505 8.65 33.68 -13.02
N GLN G 506 7.53 34.20 -12.54
CA GLN G 506 7.45 35.52 -11.94
C GLN G 506 7.93 35.49 -10.50
N PRO G 507 8.44 36.60 -9.99
CA PRO G 507 8.99 36.62 -8.63
C PRO G 507 7.93 36.36 -7.58
N TYR G 508 8.12 35.30 -6.80
CA TYR G 508 7.42 35.11 -5.54
C TYR G 508 8.31 35.60 -4.41
N ARG G 509 7.85 35.44 -3.17
CA ARG G 509 8.59 35.88 -1.99
C ARG G 509 8.61 34.79 -0.94
N VAL G 510 8.99 33.59 -1.35
CA VAL G 510 8.97 32.42 -0.47
C VAL G 510 9.91 32.64 0.71
N VAL G 511 9.33 32.73 1.90
CA VAL G 511 10.06 32.91 3.15
C VAL G 511 9.55 31.88 4.14
N VAL G 512 10.46 31.23 4.86
CA VAL G 512 10.10 30.16 5.78
C VAL G 512 10.25 30.67 7.20
N LEU G 513 9.25 30.38 8.03
CA LEU G 513 9.25 30.71 9.45
C LEU G 513 9.37 29.41 10.20
N SER G 514 10.51 29.21 10.87
CA SER G 514 10.80 27.99 11.60
C SER G 514 10.84 28.28 13.09
N PHE G 515 10.29 27.36 13.88
CA PHE G 515 10.17 27.56 15.32
C PHE G 515 9.87 26.23 15.99
N GLU G 516 10.71 25.85 16.96
CA GLU G 516 10.49 24.63 17.72
C GLU G 516 11.28 24.74 19.02
N LEU G 517 10.59 25.05 20.12
CA LEU G 517 11.23 25.12 21.42
C LEU G 517 10.90 23.88 22.24
N LEU G 518 11.74 23.61 23.24
CA LEU G 518 11.51 22.54 24.19
C LEU G 518 11.26 23.07 25.60
N HIS G 519 12.16 23.89 26.12
CA HIS G 519 11.95 24.50 27.44
C HIS G 519 12.55 25.90 27.53
N ALA G 520 12.91 26.52 26.40
CA ALA G 520 13.52 27.82 26.42
C ALA G 520 12.52 28.88 26.92
N PRO G 521 12.99 29.93 27.59
CA PRO G 521 12.08 30.99 28.02
C PRO G 521 11.37 31.63 26.83
N ALA G 522 10.09 31.95 27.03
CA ALA G 522 9.29 32.50 25.94
C ALA G 522 9.66 33.95 25.68
N THR G 523 9.68 34.32 24.40
CA THR G 523 9.92 35.69 23.98
C THR G 523 8.95 36.18 22.91
N VAL G 524 8.15 35.29 22.32
CA VAL G 524 7.17 35.66 21.29
C VAL G 524 5.84 35.05 21.67
N CYS G 525 4.77 35.85 21.62
CA CYS G 525 3.43 35.38 21.94
C CYS G 525 2.42 36.10 21.06
N GLY G 526 1.23 35.51 20.94
CA GLY G 526 0.23 35.99 20.01
C GLY G 526 -0.66 37.09 20.57
N PRO G 527 -1.99 36.92 20.44
CA PRO G 527 -2.90 37.96 20.94
C PRO G 527 -2.74 38.24 22.42
N LYS G 528 -2.46 37.22 23.23
CA LYS G 528 -1.99 37.43 24.60
C LYS G 528 -3.01 38.21 25.43
N LYS G 529 -4.10 37.55 25.81
CA LYS G 529 -5.09 38.12 26.72
C LYS G 529 -4.83 37.66 28.15
N SER G 530 -3.55 37.57 28.52
CA SER G 530 -3.14 37.05 29.81
C SER G 530 -3.81 37.77 30.96
N THR G 531 -4.35 37.00 31.91
CA THR G 531 -5.12 37.49 33.03
C THR G 531 -4.29 37.47 34.31
N ASN G 532 -4.94 37.75 35.44
CA ASN G 532 -4.29 37.82 36.74
C ASN G 532 -4.09 36.42 37.32
N LEU G 533 -3.10 36.31 38.21
CA LEU G 533 -2.82 35.04 38.87
C LEU G 533 -3.92 34.67 39.85
N VAL G 534 -4.15 33.36 40.00
CA VAL G 534 -5.22 32.82 40.81
C VAL G 534 -4.59 31.88 41.85
N LYS G 535 -5.39 31.43 42.80
CA LYS G 535 -4.92 30.83 44.04
C LYS G 535 -5.32 29.35 44.10
N ASN G 536 -5.17 28.76 45.29
CA ASN G 536 -5.11 27.32 45.50
C ASN G 536 -6.33 26.54 45.03
N LYS G 537 -7.33 27.21 44.47
CA LYS G 537 -8.48 26.52 43.92
C LYS G 537 -8.14 25.93 42.54
N CYS G 538 -8.92 24.92 42.14
CA CYS G 538 -8.71 24.26 40.86
C CYS G 538 -9.00 25.22 39.72
N VAL G 539 -7.98 25.52 38.90
CA VAL G 539 -8.09 26.46 37.79
C VAL G 539 -7.43 25.85 36.56
N ASN G 540 -7.91 26.27 35.39
CA ASN G 540 -7.33 25.87 34.11
C ASN G 540 -6.21 26.83 33.75
N PHE G 541 -4.97 26.33 33.73
CA PHE G 541 -3.80 27.19 33.56
C PHE G 541 -3.31 27.19 32.11
N ASN G 542 -2.84 28.36 31.67
CA ASN G 542 -2.17 28.50 30.40
C ASN G 542 -0.72 28.94 30.53
N PHE G 543 -0.35 29.55 31.67
CA PHE G 543 0.98 30.10 31.96
C PHE G 543 1.81 30.43 30.73
N ASN G 544 2.88 29.66 30.51
CA ASN G 544 3.79 29.90 29.40
C ASN G 544 3.27 29.35 28.07
N GLY G 545 2.14 28.66 28.09
CA GLY G 545 1.64 27.96 26.91
C GLY G 545 1.45 26.49 27.21
N LEU G 546 1.78 26.10 28.44
CA LEU G 546 1.60 24.73 28.90
C LEU G 546 0.21 24.61 29.48
N THR G 547 -0.76 24.28 28.63
CA THR G 547 -2.15 24.23 29.05
C THR G 547 -2.37 23.08 30.04
N GLY G 548 -3.59 23.02 30.58
CA GLY G 548 -3.93 22.02 31.57
C GLY G 548 -4.64 22.61 32.77
N THR G 549 -5.20 21.76 33.63
CA THR G 549 -5.94 22.18 34.80
C THR G 549 -5.29 21.62 36.06
N GLY G 550 -5.36 22.40 37.14
CA GLY G 550 -4.80 21.96 38.40
C GLY G 550 -4.90 23.07 39.42
N VAL G 551 -4.36 22.80 40.60
CA VAL G 551 -4.25 23.81 41.64
C VAL G 551 -2.81 24.32 41.64
N LEU G 552 -2.68 25.65 41.66
CA LEU G 552 -1.38 26.32 41.58
C LEU G 552 -0.99 26.76 42.99
N THR G 553 -0.38 25.85 43.74
CA THR G 553 0.05 26.18 45.08
C THR G 553 1.38 26.91 45.06
N GLU G 554 1.69 27.61 46.15
CA GLU G 554 2.97 28.28 46.26
C GLU G 554 4.06 27.23 46.47
N SER G 555 5.11 27.32 45.65
CA SER G 555 6.11 26.26 45.62
C SER G 555 7.24 26.54 46.62
N ASN G 556 7.89 25.46 47.05
CA ASN G 556 9.02 25.53 47.95
C ASN G 556 10.33 25.07 47.33
N LYS G 557 10.31 24.48 46.14
CA LYS G 557 11.53 24.03 45.49
C LYS G 557 12.30 25.22 44.93
N LYS G 558 13.61 25.06 44.84
CA LYS G 558 14.50 26.12 44.38
C LYS G 558 14.94 25.86 42.95
N PHE G 559 14.89 26.92 42.14
CA PHE G 559 15.10 26.81 40.70
C PHE G 559 16.36 27.55 40.28
N LEU G 560 17.00 27.02 39.24
CA LEU G 560 18.04 27.76 38.55
C LEU G 560 17.44 28.99 37.89
N PRO G 561 18.09 30.16 37.98
CA PRO G 561 17.56 31.36 37.34
C PRO G 561 17.30 31.21 35.84
N PHE G 562 17.72 30.12 35.22
CA PHE G 562 17.42 29.83 33.83
C PHE G 562 16.33 28.78 33.66
N GLN G 563 16.21 27.86 34.63
CA GLN G 563 15.17 26.83 34.57
C GLN G 563 13.80 27.48 34.54
N GLN G 564 12.95 27.04 33.61
CA GLN G 564 11.61 27.61 33.50
C GLN G 564 10.56 26.76 34.21
N PHE G 565 10.42 25.50 33.82
CA PHE G 565 9.42 24.61 34.41
C PHE G 565 10.05 23.28 34.72
N GLY G 566 9.87 22.81 35.95
CA GLY G 566 10.41 21.52 36.37
C GLY G 566 9.35 20.43 36.30
N ARG G 567 9.74 19.31 35.72
CA ARG G 567 8.86 18.16 35.54
C ARG G 567 9.16 17.11 36.60
N ASP G 568 8.52 15.95 36.46
CA ASP G 568 8.73 14.81 37.35
C ASP G 568 8.72 13.56 36.49
N ILE G 569 8.58 12.40 37.14
CA ILE G 569 8.43 11.15 36.42
C ILE G 569 7.24 11.25 35.47
N ALA G 570 7.37 10.64 34.29
CA ALA G 570 6.36 10.70 33.23
C ALA G 570 6.16 12.13 32.74
N ASP G 571 7.22 12.93 32.82
CA ASP G 571 7.35 14.28 32.27
C ASP G 571 6.08 15.11 32.36
N THR G 572 5.36 15.00 33.48
CA THR G 572 4.20 15.84 33.74
C THR G 572 4.68 17.16 34.34
N THR G 573 4.21 18.27 33.78
CA THR G 573 4.59 19.58 34.28
C THR G 573 4.18 19.71 35.74
N ASP G 574 5.17 19.74 36.63
CA ASP G 574 4.92 19.75 38.07
C ASP G 574 5.10 21.12 38.71
N ALA G 575 6.15 21.85 38.35
CA ALA G 575 6.38 23.19 38.86
C ALA G 575 6.64 24.12 37.68
N VAL G 576 6.20 25.36 37.82
CA VAL G 576 6.29 26.34 36.74
C VAL G 576 6.57 27.72 37.34
N ARG G 577 7.34 28.52 36.62
CA ARG G 577 7.57 29.91 37.00
C ARG G 577 6.59 30.80 36.24
N ASP G 578 5.89 31.64 36.97
CA ASP G 578 5.06 32.65 36.33
C ASP G 578 5.97 33.64 35.60
N PRO G 579 5.77 33.87 34.31
CA PRO G 579 6.69 34.74 33.57
C PRO G 579 6.79 36.14 34.14
N GLN G 580 5.71 36.65 34.73
CA GLN G 580 5.72 37.90 35.45
C GLN G 580 5.71 37.64 36.95
N THR G 581 6.31 38.56 37.70
CA THR G 581 6.50 38.40 39.14
C THR G 581 7.15 37.04 39.43
N LEU G 582 8.40 36.94 39.00
CA LEU G 582 9.10 35.66 38.93
C LEU G 582 9.07 34.92 40.26
N GLU G 583 8.39 33.78 40.28
CA GLU G 583 8.30 32.93 41.47
C GLU G 583 8.04 31.51 40.99
N ILE G 584 8.00 30.60 41.95
CA ILE G 584 7.81 29.18 41.65
C ILE G 584 6.43 28.76 42.13
N LEU G 585 5.72 28.00 41.31
CA LEU G 585 4.41 27.46 41.67
C LEU G 585 4.40 25.96 41.41
N ASP G 586 3.68 25.24 42.27
CA ASP G 586 3.49 23.80 42.10
C ASP G 586 2.12 23.55 41.48
N ILE G 587 2.12 22.83 40.37
CA ILE G 587 0.87 22.38 39.74
C ILE G 587 0.53 21.02 40.32
N THR G 588 -0.64 20.94 40.96
CA THR G 588 -1.08 19.68 41.53
C THR G 588 -2.41 19.29 40.90
N PRO G 589 -2.57 18.04 40.44
CA PRO G 589 -3.81 17.66 39.76
C PRO G 589 -5.01 17.83 40.67
N CYS G 590 -6.12 18.27 40.07
CA CYS G 590 -7.33 18.53 40.84
C CYS G 590 -7.95 17.19 41.26
N SER G 591 -8.98 17.26 42.10
CA SER G 591 -9.55 16.08 42.73
C SER G 591 -10.18 15.18 41.67
N PHE G 592 -9.58 14.02 41.45
CA PHE G 592 -10.01 13.08 40.42
C PHE G 592 -10.21 11.69 41.01
N GLY G 593 -10.85 11.62 42.17
CA GLY G 593 -11.03 10.36 42.86
C GLY G 593 -12.00 9.39 42.20
N GLY G 594 -13.27 9.75 42.17
CA GLY G 594 -14.33 8.88 41.72
C GLY G 594 -15.37 8.68 42.80
N VAL G 595 -16.53 8.17 42.39
CA VAL G 595 -17.65 8.02 43.31
C VAL G 595 -18.16 6.59 43.22
N SER G 596 -18.76 6.11 44.32
CA SER G 596 -19.19 4.72 44.44
C SER G 596 -20.46 4.71 45.29
N VAL G 597 -21.53 4.15 44.74
CA VAL G 597 -22.85 4.26 45.35
C VAL G 597 -23.13 3.03 46.20
N ILE G 598 -23.50 3.26 47.45
CA ILE G 598 -23.88 2.21 48.38
C ILE G 598 -25.40 2.08 48.37
N THR G 599 -25.88 0.85 48.46
CA THR G 599 -27.33 0.61 48.44
C THR G 599 -27.70 -0.60 49.28
N PRO G 600 -28.77 -0.50 50.07
CA PRO G 600 -29.25 -1.66 50.84
C PRO G 600 -30.11 -2.63 50.04
N GLY G 601 -30.18 -2.48 48.73
CA GLY G 601 -31.02 -3.33 47.90
C GLY G 601 -32.28 -2.62 47.45
N THR G 602 -32.58 -2.67 46.15
CA THR G 602 -33.79 -2.03 45.66
C THR G 602 -35.04 -2.71 46.22
N ASN G 603 -34.94 -3.99 46.58
CA ASN G 603 -36.08 -4.67 47.17
C ASN G 603 -36.38 -4.13 48.56
N THR G 604 -35.35 -3.65 49.26
CA THR G 604 -35.55 -3.18 50.62
C THR G 604 -35.86 -1.68 50.66
N SER G 605 -35.11 -0.88 49.92
CA SER G 605 -35.29 0.57 49.96
C SER G 605 -34.87 1.15 48.61
N ASN G 606 -35.03 2.46 48.48
CA ASN G 606 -34.63 3.20 47.29
C ASN G 606 -33.66 4.33 47.61
N GLN G 607 -33.28 4.49 48.87
CA GLN G 607 -32.30 5.50 49.26
C GLN G 607 -30.90 4.90 49.21
N VAL G 608 -29.92 5.75 48.92
CA VAL G 608 -28.56 5.29 48.67
C VAL G 608 -27.57 6.19 49.38
N ALA G 609 -26.52 5.57 49.92
CA ALA G 609 -25.34 6.30 50.36
C ALA G 609 -24.39 6.43 49.17
N VAL G 610 -23.65 7.53 49.13
CA VAL G 610 -22.87 7.92 47.95
C VAL G 610 -21.45 8.19 48.42
N LEU G 611 -20.59 7.16 48.32
CA LEU G 611 -19.20 7.31 48.74
C LEU G 611 -18.38 7.99 47.64
N TYR G 612 -17.66 9.03 48.01
CA TYR G 612 -16.79 9.77 47.09
C TYR G 612 -15.36 9.36 47.41
N GLN G 613 -14.74 8.60 46.50
CA GLN G 613 -13.44 8.00 46.79
C GLN G 613 -12.32 9.04 46.77
N ASP G 614 -11.48 8.99 47.80
CA ASP G 614 -10.22 9.74 47.87
C ASP G 614 -10.42 11.24 47.72
N VAL G 615 -11.58 11.76 48.10
CA VAL G 615 -11.86 13.19 48.05
C VAL G 615 -12.41 13.63 49.40
N ASN G 616 -11.91 14.75 49.90
CA ASN G 616 -12.44 15.31 51.13
C ASN G 616 -13.71 16.11 50.84
N CYS G 617 -14.53 16.31 51.86
CA CYS G 617 -15.89 16.81 51.70
C CYS G 617 -15.95 18.31 51.43
N THR G 618 -14.80 18.98 51.31
CA THR G 618 -14.81 20.40 50.98
C THR G 618 -15.11 20.63 49.51
N GLU G 619 -14.99 19.60 48.68
CA GLU G 619 -15.25 19.73 47.25
C GLU G 619 -16.35 18.79 46.81
N VAL G 620 -17.45 18.77 47.58
CA VAL G 620 -18.62 17.90 47.38
C VAL G 620 -18.23 16.49 46.92
N ASN G 641 -26.01 14.63 54.50
CA ASN G 641 -25.33 14.06 55.66
C ASN G 641 -23.93 13.60 55.30
N VAL G 642 -23.02 14.55 55.12
CA VAL G 642 -21.65 14.20 54.72
C VAL G 642 -20.92 13.57 55.90
N PHE G 643 -19.83 12.88 55.57
CA PHE G 643 -19.01 12.18 56.56
C PHE G 643 -17.69 11.82 55.92
N GLN G 644 -16.60 12.03 56.64
CA GLN G 644 -15.26 11.80 56.13
C GLN G 644 -14.65 10.57 56.77
N THR G 645 -14.13 9.66 55.95
CA THR G 645 -13.39 8.50 56.40
C THR G 645 -12.11 8.37 55.57
N ARG G 646 -11.27 7.41 55.94
CA ARG G 646 -10.01 7.23 55.23
C ARG G 646 -10.24 6.82 53.78
N ALA G 647 -11.37 6.20 53.48
CA ALA G 647 -11.67 5.81 52.10
C ALA G 647 -12.09 7.02 51.27
N GLY G 648 -12.79 7.97 51.86
CA GLY G 648 -13.23 9.13 51.14
C GLY G 648 -14.38 9.82 51.86
N CYS G 649 -15.04 10.71 51.12
CA CYS G 649 -16.18 11.47 51.66
C CYS G 649 -17.43 10.63 51.49
N LEU G 650 -17.94 10.11 52.61
CA LEU G 650 -19.15 9.26 52.60
C LEU G 650 -20.37 10.17 52.76
N ILE G 651 -21.08 10.39 51.66
CA ILE G 651 -22.26 11.24 51.64
C ILE G 651 -23.51 10.36 51.58
N GLY G 652 -24.48 10.66 52.43
CA GLY G 652 -25.73 9.93 52.46
C GLY G 652 -25.91 8.99 53.63
N ALA G 653 -24.85 8.75 54.40
CA ALA G 653 -24.92 7.87 55.56
C ALA G 653 -24.48 8.62 56.80
N GLU G 654 -25.02 8.23 57.95
CA GLU G 654 -24.74 8.87 59.22
C GLU G 654 -23.91 7.94 60.09
N HIS G 655 -22.81 8.46 60.62
CA HIS G 655 -21.88 7.64 61.39
C HIS G 655 -22.43 7.36 62.78
N VAL G 656 -22.36 6.10 63.19
CA VAL G 656 -22.76 5.69 64.53
C VAL G 656 -21.52 5.19 65.27
N ASN G 657 -21.57 5.25 66.59
CA ASN G 657 -20.42 4.86 67.40
C ASN G 657 -20.44 3.38 67.78
N ASN G 658 -21.59 2.73 67.64
CA ASN G 658 -21.68 1.30 67.88
C ASN G 658 -21.07 0.53 66.71
N SER G 659 -20.60 -0.68 67.00
CA SER G 659 -19.92 -1.51 66.02
C SER G 659 -20.67 -2.82 65.85
N TYR G 660 -21.03 -3.14 64.62
CA TYR G 660 -21.67 -4.40 64.26
C TYR G 660 -20.84 -5.13 63.21
N GLU G 661 -21.34 -6.27 62.77
CA GLU G 661 -20.69 -7.00 61.69
C GLU G 661 -20.71 -6.18 60.41
N CYS G 662 -19.66 -6.34 59.60
CA CYS G 662 -19.55 -5.61 58.34
C CYS G 662 -20.59 -6.14 57.36
N ASP G 663 -21.68 -5.39 57.20
CA ASP G 663 -22.71 -5.77 56.24
C ASP G 663 -22.30 -5.40 54.83
N ILE G 664 -21.95 -4.14 54.62
CA ILE G 664 -21.48 -3.64 53.33
C ILE G 664 -20.05 -3.11 53.54
N PRO G 665 -19.04 -3.67 52.88
CA PRO G 665 -17.66 -3.24 53.13
C PRO G 665 -17.37 -1.92 52.42
N ILE G 666 -17.24 -0.85 53.20
CA ILE G 666 -16.88 0.46 52.66
C ILE G 666 -15.37 0.58 52.47
N GLY G 667 -14.60 0.18 53.48
CA GLY G 667 -13.16 0.21 53.38
C GLY G 667 -12.49 0.92 54.53
N ALA G 668 -11.21 0.63 54.75
CA ALA G 668 -10.42 1.25 55.80
C ALA G 668 -11.07 1.10 57.17
N GLY G 669 -11.79 -0.01 57.35
CA GLY G 669 -12.41 -0.34 58.62
C GLY G 669 -13.86 0.08 58.75
N ILE G 670 -14.30 1.05 57.95
CA ILE G 670 -15.68 1.51 58.03
C ILE G 670 -16.56 0.62 57.17
N CYS G 671 -17.76 0.32 57.66
CA CYS G 671 -18.73 -0.50 56.94
C CYS G 671 -20.10 0.17 56.98
N ALA G 672 -20.91 -0.17 56.00
CA ALA G 672 -22.27 0.35 55.89
C ALA G 672 -23.27 -0.73 56.27
N SER G 673 -24.51 -0.31 56.48
CA SER G 673 -25.61 -1.20 56.85
C SER G 673 -26.91 -0.42 56.77
N TYR G 674 -28.01 -1.12 56.99
CA TYR G 674 -29.34 -0.54 56.93
C TYR G 674 -30.03 -0.79 58.27
N GLN G 675 -30.22 0.27 59.04
CA GLN G 675 -30.93 0.20 60.32
C GLN G 675 -31.66 1.49 60.62
N GLN G 690 -34.40 2.02 58.37
CA GLN G 690 -34.86 3.38 58.60
C GLN G 690 -33.93 4.39 57.95
N SER G 691 -32.63 4.14 58.03
CA SER G 691 -31.63 5.02 57.44
C SER G 691 -30.33 4.24 57.27
N ILE G 692 -29.48 4.77 56.39
CA ILE G 692 -28.18 4.14 56.12
C ILE G 692 -27.16 4.64 57.14
N ILE G 693 -26.53 3.72 57.84
CA ILE G 693 -25.58 4.05 58.88
C ILE G 693 -24.17 3.73 58.39
N ALA G 694 -23.19 4.16 59.17
CA ALA G 694 -21.79 3.87 58.90
C ALA G 694 -21.08 3.68 60.24
N TYR G 695 -20.16 2.71 60.30
CA TYR G 695 -19.53 2.37 61.56
C TYR G 695 -18.23 1.64 61.27
N THR G 696 -17.36 1.62 62.29
CA THR G 696 -16.18 0.77 62.24
C THR G 696 -16.60 -0.66 62.56
N MET G 697 -16.19 -1.60 61.71
CA MET G 697 -16.68 -2.97 61.83
C MET G 697 -16.22 -3.61 63.14
N SER G 698 -17.07 -4.48 63.67
CA SER G 698 -16.75 -5.25 64.86
C SER G 698 -16.37 -6.66 64.43
N LEU G 699 -15.10 -7.01 64.63
CA LEU G 699 -14.59 -8.30 64.20
C LEU G 699 -15.14 -9.46 65.02
N GLY G 700 -15.80 -9.18 66.12
CA GLY G 700 -16.37 -10.22 66.95
C GLY G 700 -16.56 -9.73 68.37
N ALA G 701 -17.19 -10.59 69.17
CA ALA G 701 -17.43 -10.29 70.57
C ALA G 701 -16.21 -10.72 71.39
N GLU G 702 -15.65 -9.80 72.15
CA GLU G 702 -14.48 -10.10 72.97
C GLU G 702 -14.80 -11.23 73.93
N ASN G 703 -13.87 -12.18 74.07
CA ASN G 703 -14.07 -13.35 74.91
C ASN G 703 -12.74 -13.71 75.54
N SER G 704 -12.52 -13.22 76.76
CA SER G 704 -11.34 -13.59 77.54
C SER G 704 -11.58 -14.98 78.13
N VAL G 705 -10.83 -15.98 77.66
CA VAL G 705 -10.99 -17.34 78.15
C VAL G 705 -10.49 -17.40 79.59
N ALA G 706 -11.23 -18.11 80.44
CA ALA G 706 -10.87 -18.19 81.85
C ALA G 706 -9.65 -19.07 82.05
N TYR G 707 -8.49 -18.56 81.64
CA TYR G 707 -7.26 -19.34 81.71
C TYR G 707 -6.70 -19.36 83.12
N SER G 708 -6.18 -20.52 83.51
CA SER G 708 -5.43 -20.68 84.75
C SER G 708 -4.44 -21.81 84.56
N ASN G 709 -3.43 -21.84 85.43
CA ASN G 709 -2.43 -22.89 85.33
C ASN G 709 -2.94 -24.25 85.83
N ASN G 710 -4.19 -24.31 86.29
CA ASN G 710 -4.76 -25.59 86.70
C ASN G 710 -6.23 -25.74 86.29
N SER G 711 -6.69 -24.99 85.28
CA SER G 711 -8.09 -25.00 84.88
C SER G 711 -8.23 -25.52 83.45
N ILE G 712 -9.15 -26.48 83.26
CA ILE G 712 -9.45 -27.03 81.94
C ILE G 712 -10.95 -26.95 81.71
N ALA G 713 -11.34 -27.11 80.45
CA ALA G 713 -12.74 -27.17 80.06
C ALA G 713 -12.96 -28.41 79.21
N ILE G 714 -13.56 -29.44 79.80
CA ILE G 714 -13.80 -30.72 79.13
C ILE G 714 -15.25 -30.73 78.62
N PRO G 715 -15.48 -30.98 77.35
CA PRO G 715 -16.85 -31.05 76.84
C PRO G 715 -17.62 -32.23 77.40
N THR G 716 -18.95 -32.08 77.45
CA THR G 716 -19.83 -33.12 77.94
C THR G 716 -20.83 -33.62 76.91
N ASN G 717 -20.84 -33.06 75.71
CA ASN G 717 -21.79 -33.46 74.68
C ASN G 717 -21.14 -33.28 73.32
N PHE G 718 -21.95 -33.26 72.27
CA PHE G 718 -21.47 -33.07 70.90
C PHE G 718 -22.63 -32.53 70.07
N THR G 719 -22.33 -32.21 68.81
CA THR G 719 -23.31 -31.61 67.91
C THR G 719 -23.51 -32.41 66.63
N ILE G 720 -22.44 -32.96 66.07
CA ILE G 720 -22.46 -33.64 64.77
C ILE G 720 -23.03 -32.68 63.73
N SER G 721 -22.19 -31.80 63.23
CA SER G 721 -22.59 -30.81 62.23
C SER G 721 -22.36 -31.36 60.83
N VAL G 722 -23.16 -30.86 59.89
CA VAL G 722 -23.05 -31.24 58.48
C VAL G 722 -23.12 -29.95 57.68
N THR G 723 -21.96 -29.43 57.29
CA THR G 723 -21.88 -28.22 56.49
C THR G 723 -21.66 -28.57 55.02
N THR G 724 -21.79 -27.57 54.17
CA THR G 724 -21.64 -27.74 52.73
C THR G 724 -20.45 -26.91 52.24
N GLU G 725 -19.76 -27.44 51.25
CA GLU G 725 -18.64 -26.75 50.62
C GLU G 725 -18.78 -26.93 49.11
N ILE G 726 -18.94 -25.81 48.39
CA ILE G 726 -19.20 -25.83 46.96
C ILE G 726 -17.92 -25.45 46.24
N LEU G 727 -17.44 -26.35 45.38
CA LEU G 727 -16.18 -26.14 44.66
C LEU G 727 -16.43 -26.32 43.17
N PRO G 728 -16.20 -25.29 42.35
CA PRO G 728 -16.26 -25.49 40.90
C PRO G 728 -15.17 -26.44 40.44
N VAL G 729 -15.48 -27.25 39.42
CA VAL G 729 -14.51 -28.21 38.92
C VAL G 729 -14.28 -27.98 37.43
N SER G 730 -15.25 -27.38 36.75
CA SER G 730 -15.15 -27.20 35.31
C SER G 730 -15.94 -25.97 34.89
N MET G 731 -15.60 -25.45 33.73
CA MET G 731 -16.28 -24.32 33.12
C MET G 731 -16.87 -24.75 31.78
N THR G 732 -17.41 -23.79 31.05
CA THR G 732 -18.04 -24.09 29.77
C THR G 732 -16.98 -24.40 28.72
N LYS G 733 -17.15 -25.54 28.05
CA LYS G 733 -16.23 -25.93 26.99
C LYS G 733 -16.55 -25.11 25.75
N THR G 734 -16.04 -23.89 25.70
CA THR G 734 -16.26 -22.99 24.58
C THR G 734 -15.18 -23.19 23.53
N SER G 735 -15.45 -22.66 22.34
CA SER G 735 -14.50 -22.73 21.24
C SER G 735 -14.94 -21.77 20.15
N VAL G 736 -14.00 -21.01 19.62
CA VAL G 736 -14.27 -20.06 18.55
C VAL G 736 -13.34 -20.38 17.39
N ASP G 737 -13.87 -20.26 16.17
CA ASP G 737 -13.05 -20.39 14.96
C ASP G 737 -12.59 -18.99 14.62
N CYS G 738 -11.31 -18.70 14.93
CA CYS G 738 -10.80 -17.34 14.83
C CYS G 738 -10.92 -16.76 13.43
N THR G 739 -10.92 -17.61 12.41
CA THR G 739 -11.14 -17.11 11.05
C THR G 739 -12.54 -16.52 10.90
N MET G 740 -13.55 -17.20 11.44
CA MET G 740 -14.92 -16.74 11.25
C MET G 740 -15.25 -15.53 12.12
N TYR G 741 -14.74 -15.48 13.35
CA TYR G 741 -15.02 -14.32 14.21
C TYR G 741 -14.42 -13.06 13.63
N ILE G 742 -13.15 -13.12 13.23
CA ILE G 742 -12.47 -11.93 12.71
C ILE G 742 -13.01 -11.58 11.33
N CYS G 743 -13.21 -12.57 10.46
CA CYS G 743 -13.54 -12.33 9.06
C CYS G 743 -14.92 -12.84 8.67
N GLY G 744 -15.28 -14.07 9.01
CA GLY G 744 -16.57 -14.59 8.60
C GLY G 744 -16.57 -14.99 7.14
N ASP G 745 -17.63 -14.59 6.42
CA ASP G 745 -17.82 -15.04 5.06
C ASP G 745 -16.88 -14.34 4.08
N SER G 746 -16.35 -13.18 4.45
CA SER G 746 -15.57 -12.35 3.52
C SER G 746 -14.25 -13.04 3.19
N THR G 747 -14.14 -13.50 1.94
CA THR G 747 -12.86 -14.04 1.48
C THR G 747 -11.79 -12.96 1.42
N GLU G 748 -12.18 -11.70 1.23
CA GLU G 748 -11.22 -10.61 1.23
C GLU G 748 -10.52 -10.50 2.57
N CYS G 749 -11.28 -10.63 3.67
CA CYS G 749 -10.67 -10.66 4.99
C CYS G 749 -9.85 -11.93 5.19
N SER G 750 -10.30 -13.05 4.61
CA SER G 750 -9.53 -14.28 4.71
C SER G 750 -8.27 -14.23 3.86
N ASN G 751 -8.27 -13.42 2.80
CA ASN G 751 -7.01 -13.15 2.09
C ASN G 751 -6.03 -12.44 3.00
N LEU G 752 -6.51 -11.48 3.78
CA LEU G 752 -5.74 -10.96 4.90
C LEU G 752 -5.80 -11.95 6.05
N LEU G 753 -5.17 -11.60 7.16
CA LEU G 753 -5.14 -12.43 8.37
C LEU G 753 -4.34 -13.69 8.12
N LEU G 754 -3.92 -13.90 6.87
CA LEU G 754 -2.91 -14.90 6.53
C LEU G 754 -1.53 -14.28 6.49
N GLN G 755 -1.45 -12.96 6.31
CA GLN G 755 -0.20 -12.23 6.47
C GLN G 755 0.16 -12.07 7.95
N TYR G 756 -0.83 -12.15 8.84
CA TYR G 756 -0.58 -12.04 10.27
C TYR G 756 0.03 -13.30 10.87
N GLY G 757 0.16 -14.37 10.09
CA GLY G 757 0.80 -15.58 10.60
C GLY G 757 -0.15 -16.56 11.23
N SER G 758 0.31 -17.24 12.28
CA SER G 758 -0.43 -18.32 12.92
C SER G 758 -1.12 -17.86 14.22
N PHE G 759 -1.59 -16.62 14.26
CA PHE G 759 -2.34 -16.15 15.42
C PHE G 759 -3.60 -16.98 15.63
N CYS G 760 -4.36 -17.19 14.55
CA CYS G 760 -5.60 -17.96 14.66
C CYS G 760 -5.32 -19.40 15.07
N THR G 761 -4.29 -20.02 14.50
CA THR G 761 -3.92 -21.37 14.90
C THR G 761 -3.47 -21.41 16.36
N GLN G 762 -2.74 -20.37 16.80
CA GLN G 762 -2.31 -20.32 18.18
C GLN G 762 -3.50 -20.18 19.13
N LEU G 763 -4.44 -19.30 18.79
CA LEU G 763 -5.60 -19.09 19.66
C LEU G 763 -6.48 -20.33 19.71
N ASN G 764 -6.70 -20.99 18.56
CA ASN G 764 -7.50 -22.21 18.53
C ASN G 764 -6.86 -23.29 19.39
N ARG G 765 -5.54 -23.42 19.31
CA ARG G 765 -4.84 -24.41 20.13
C ARG G 765 -5.03 -24.13 21.61
N ALA G 766 -4.95 -22.85 22.00
CA ALA G 766 -5.15 -22.49 23.40
C ALA G 766 -6.56 -22.82 23.86
N LEU G 767 -7.57 -22.46 23.07
CA LEU G 767 -8.95 -22.74 23.47
C LEU G 767 -9.27 -24.22 23.40
N THR G 768 -8.68 -24.95 22.45
CA THR G 768 -8.84 -26.40 22.43
C THR G 768 -8.23 -27.02 23.67
N GLY G 769 -7.06 -26.54 24.09
CA GLY G 769 -6.46 -27.02 25.32
C GLY G 769 -7.29 -26.72 26.55
N ILE G 770 -7.99 -25.57 26.55
CA ILE G 770 -8.89 -25.27 27.66
C ILE G 770 -10.06 -26.24 27.66
N ALA G 771 -10.69 -26.45 26.50
CA ALA G 771 -11.84 -27.35 26.42
C ALA G 771 -11.45 -28.78 26.78
N VAL G 772 -10.30 -29.24 26.27
CA VAL G 772 -9.84 -30.58 26.62
C VAL G 772 -9.57 -30.68 28.12
N GLU G 773 -9.06 -29.60 28.71
CA GLU G 773 -8.75 -29.61 30.14
C GLU G 773 -10.01 -29.80 30.98
N GLN G 774 -11.13 -29.23 30.55
CA GLN G 774 -12.37 -29.31 31.33
C GLN G 774 -12.81 -30.75 31.52
N ASP G 775 -12.77 -31.56 30.45
CA ASP G 775 -13.14 -32.96 30.57
C ASP G 775 -12.15 -33.74 31.42
N LYS G 776 -10.89 -33.29 31.49
CA LYS G 776 -9.93 -33.93 32.39
C LYS G 776 -10.19 -33.53 33.83
N ASN G 777 -10.66 -32.31 34.05
CA ASN G 777 -10.97 -31.86 35.41
C ASN G 777 -12.07 -32.69 36.04
N THR G 778 -13.12 -33.00 35.27
CA THR G 778 -14.21 -33.81 35.79
C THR G 778 -13.75 -35.24 36.08
N GLN G 779 -12.85 -35.77 35.24
CA GLN G 779 -12.34 -37.11 35.45
C GLN G 779 -11.59 -37.22 36.77
N GLU G 780 -10.80 -36.19 37.11
CA GLU G 780 -10.02 -36.23 38.33
C GLU G 780 -10.90 -36.19 39.57
N VAL G 781 -11.97 -35.39 39.54
CA VAL G 781 -12.79 -35.22 40.73
C VAL G 781 -13.71 -36.42 40.93
N PHE G 782 -14.52 -36.75 39.92
CA PHE G 782 -15.56 -37.76 40.09
C PHE G 782 -15.07 -39.17 39.76
N ALA G 783 -14.25 -39.34 38.73
CA ALA G 783 -13.81 -40.67 38.35
C ALA G 783 -12.64 -41.13 39.21
N GLN G 784 -12.81 -41.07 40.52
CA GLN G 784 -11.85 -41.62 41.48
C GLN G 784 -12.20 -43.04 41.88
N VAL G 785 -13.22 -43.62 41.26
CA VAL G 785 -13.79 -44.89 41.69
C VAL G 785 -13.65 -45.90 40.57
N LYS G 786 -13.29 -47.13 40.95
CA LYS G 786 -13.32 -48.29 40.05
C LYS G 786 -14.49 -49.17 40.44
N GLN G 787 -15.30 -49.54 39.45
CA GLN G 787 -16.56 -50.26 39.63
C GLN G 787 -17.61 -49.33 40.22
N ILE G 788 -18.84 -49.42 39.72
CA ILE G 788 -19.95 -48.63 40.25
C ILE G 788 -20.55 -49.38 41.42
N TYR G 789 -20.41 -48.84 42.62
CA TYR G 789 -20.98 -49.46 43.80
C TYR G 789 -22.43 -49.05 43.97
N LYS G 790 -23.23 -49.94 44.55
CA LYS G 790 -24.67 -49.75 44.67
C LYS G 790 -25.11 -50.13 46.07
N THR G 791 -25.93 -49.28 46.67
CA THR G 791 -26.48 -49.59 47.99
C THR G 791 -27.47 -50.74 47.89
N PRO G 792 -27.56 -51.57 48.92
CA PRO G 792 -28.51 -52.70 48.89
C PRO G 792 -29.94 -52.20 48.98
N PRO G 793 -30.90 -52.98 48.48
CA PRO G 793 -32.30 -52.55 48.58
C PRO G 793 -32.78 -52.36 50.01
N ILE G 794 -32.27 -53.15 50.95
CA ILE G 794 -32.60 -52.99 52.37
C ILE G 794 -31.59 -52.01 52.95
N LYS G 795 -32.01 -50.76 53.12
CA LYS G 795 -31.12 -49.71 53.63
C LYS G 795 -31.29 -49.64 55.15
N ASP G 796 -30.46 -50.42 55.84
CA ASP G 796 -30.45 -50.47 57.31
C ASP G 796 -29.08 -49.98 57.76
N PHE G 797 -28.97 -48.68 58.00
CA PHE G 797 -27.70 -48.02 58.28
C PHE G 797 -27.61 -47.54 59.72
N GLY G 798 -28.13 -48.33 60.65
CA GLY G 798 -28.03 -47.98 62.06
C GLY G 798 -28.80 -46.75 62.46
N GLY G 799 -29.87 -46.41 61.74
CA GLY G 799 -30.65 -45.23 62.01
C GLY G 799 -30.27 -44.03 61.18
N PHE G 800 -29.13 -44.07 60.51
CA PHE G 800 -28.73 -42.97 59.64
C PHE G 800 -29.56 -43.03 58.35
N ASN G 801 -30.12 -41.90 57.96
CA ASN G 801 -31.05 -41.81 56.83
C ASN G 801 -30.38 -41.05 55.70
N PHE G 802 -30.07 -41.75 54.62
CA PHE G 802 -29.41 -41.18 53.45
C PHE G 802 -30.34 -41.00 52.26
N SER G 803 -31.65 -40.99 52.49
CA SER G 803 -32.60 -40.91 51.37
C SER G 803 -32.42 -39.62 50.59
N GLN G 804 -32.15 -38.51 51.29
CA GLN G 804 -32.01 -37.23 50.62
C GLN G 804 -30.76 -37.15 49.75
N ILE G 805 -29.79 -38.04 49.95
CA ILE G 805 -28.55 -38.02 49.18
C ILE G 805 -28.39 -39.24 48.29
N LEU G 806 -29.09 -40.33 48.55
CA LEU G 806 -29.04 -41.47 47.66
C LEU G 806 -29.94 -41.25 46.44
N PRO G 807 -29.61 -41.86 45.30
CA PRO G 807 -30.36 -41.56 44.07
C PRO G 807 -31.81 -42.02 44.15
N ASP G 808 -32.66 -41.30 43.44
CA ASP G 808 -34.08 -41.60 43.35
C ASP G 808 -34.41 -42.02 41.93
N PRO G 809 -34.93 -43.25 41.72
CA PRO G 809 -35.20 -43.71 40.36
C PRO G 809 -36.37 -43.02 39.67
N SER G 810 -36.94 -41.97 40.24
CA SER G 810 -38.05 -41.24 39.61
C SER G 810 -37.57 -40.53 38.35
N LYS G 811 -36.24 -40.46 38.18
CA LYS G 811 -35.57 -39.94 37.01
C LYS G 811 -35.88 -38.46 36.74
N PRO G 812 -35.45 -37.55 37.60
CA PRO G 812 -35.04 -36.21 37.14
C PRO G 812 -33.56 -36.22 36.77
N SER G 813 -33.22 -37.16 35.88
CA SER G 813 -31.94 -37.86 35.86
C SER G 813 -31.87 -38.75 37.10
N LYS G 814 -31.00 -39.76 37.10
CA LYS G 814 -30.91 -40.66 38.24
C LYS G 814 -30.17 -39.94 39.37
N ARG G 815 -30.84 -38.93 39.92
CA ARG G 815 -30.26 -37.99 40.85
C ARG G 815 -31.00 -38.04 42.18
N SER G 816 -30.31 -37.64 43.24
CA SER G 816 -30.89 -37.57 44.57
C SER G 816 -31.69 -36.28 44.73
N PHE G 817 -32.32 -36.14 45.90
CA PHE G 817 -33.07 -34.93 46.19
C PHE G 817 -32.16 -33.71 46.29
N ILE G 818 -31.09 -33.84 47.07
CA ILE G 818 -30.15 -32.72 47.25
C ILE G 818 -29.53 -32.35 45.92
N GLU G 819 -29.19 -33.35 45.10
CA GLU G 819 -28.63 -33.06 43.78
C GLU G 819 -29.67 -32.38 42.90
N ASP G 820 -30.95 -32.67 43.11
CA ASP G 820 -32.00 -32.04 42.32
C ASP G 820 -32.14 -30.56 42.68
N LEU G 821 -32.07 -30.23 43.97
CA LEU G 821 -32.15 -28.83 44.38
C LEU G 821 -30.95 -28.05 43.84
N LEU G 822 -29.77 -28.64 43.87
CA LEU G 822 -28.58 -27.95 43.38
C LEU G 822 -28.68 -27.66 41.89
N PHE G 823 -29.24 -28.59 41.12
CA PHE G 823 -29.32 -28.41 39.68
C PHE G 823 -30.37 -27.37 39.28
N ASN G 824 -31.50 -27.33 39.98
CA ASN G 824 -32.52 -26.34 39.66
C ASN G 824 -32.14 -24.96 40.15
N LYS G 825 -31.18 -24.88 41.08
CA LYS G 825 -30.83 -23.60 41.68
C LYS G 825 -30.19 -22.65 40.68
N VAL G 826 -29.31 -23.17 39.82
CA VAL G 826 -28.50 -22.35 38.93
C VAL G 826 -28.91 -22.62 37.49
N THR G 827 -29.00 -21.55 36.70
CA THR G 827 -29.34 -21.65 35.29
C THR G 827 -28.17 -22.17 34.47
N LYS G 854 -25.40 -19.46 18.26
CA LYS G 854 -24.05 -19.92 17.96
C LYS G 854 -23.48 -19.19 16.74
N PHE G 855 -23.71 -17.88 16.70
CA PHE G 855 -23.20 -17.07 15.61
C PHE G 855 -21.70 -16.82 15.78
N ASN G 856 -21.08 -16.35 14.70
CA ASN G 856 -19.72 -15.82 14.72
C ASN G 856 -18.71 -16.85 15.23
N GLY G 857 -18.86 -18.09 14.77
CA GLY G 857 -17.87 -19.12 15.04
C GLY G 857 -17.92 -19.69 16.44
N LEU G 858 -18.66 -19.06 17.33
CA LEU G 858 -18.73 -19.55 18.71
C LEU G 858 -19.47 -20.88 18.77
N THR G 859 -18.87 -21.85 19.45
CA THR G 859 -19.47 -23.16 19.62
C THR G 859 -19.24 -23.61 21.06
N VAL G 860 -20.21 -24.33 21.60
CA VAL G 860 -20.14 -24.86 22.96
C VAL G 860 -20.17 -26.38 22.85
N LEU G 861 -19.00 -27.00 22.91
CA LEU G 861 -18.92 -28.45 22.83
C LEU G 861 -19.49 -29.06 24.10
N PRO G 862 -20.24 -30.16 23.98
CA PRO G 862 -20.80 -30.78 25.18
C PRO G 862 -19.71 -31.42 26.02
N PRO G 863 -19.90 -31.51 27.33
CA PRO G 863 -18.92 -32.21 28.16
C PRO G 863 -18.87 -33.69 27.82
N LEU G 864 -17.70 -34.29 28.03
CA LEU G 864 -17.54 -35.71 27.73
C LEU G 864 -18.45 -36.56 28.60
N LEU G 865 -18.58 -36.21 29.89
CA LEU G 865 -19.46 -36.91 30.80
C LEU G 865 -20.78 -36.14 30.88
N THR G 866 -21.88 -36.83 30.60
CA THR G 866 -23.19 -36.21 30.79
C THR G 866 -23.53 -36.18 32.27
N ASP G 867 -24.53 -35.37 32.60
CA ASP G 867 -24.92 -35.20 34.01
C ASP G 867 -25.39 -36.50 34.64
N GLU G 868 -25.81 -37.48 33.84
CA GLU G 868 -26.27 -38.74 34.40
C GLU G 868 -25.12 -39.54 35.00
N MET G 869 -24.01 -39.68 34.26
CA MET G 869 -22.88 -40.45 34.77
C MET G 869 -22.14 -39.67 35.85
N ILE G 870 -22.04 -38.35 35.71
CA ILE G 870 -21.44 -37.53 36.75
C ILE G 870 -22.18 -37.74 38.06
N ALA G 871 -23.52 -37.78 38.00
CA ALA G 871 -24.32 -38.15 39.15
C ALA G 871 -24.26 -39.64 39.47
N GLN G 872 -23.67 -40.45 38.59
CA GLN G 872 -23.52 -41.87 38.85
C GLN G 872 -22.18 -42.19 39.52
N TYR G 873 -21.11 -41.51 39.10
CA TYR G 873 -19.89 -41.47 39.92
C TYR G 873 -20.20 -41.05 41.35
N THR G 874 -21.00 -40.00 41.51
CA THR G 874 -21.38 -39.54 42.84
C THR G 874 -22.13 -40.62 43.59
N SER G 875 -23.07 -41.30 42.93
CA SER G 875 -23.77 -42.41 43.56
C SER G 875 -22.81 -43.55 43.88
N ALA G 876 -21.89 -43.85 42.97
CA ALA G 876 -20.91 -44.89 43.22
C ALA G 876 -19.99 -44.53 44.37
N LEU G 877 -19.53 -43.28 44.43
CA LEU G 877 -18.71 -42.83 45.55
C LEU G 877 -19.51 -42.84 46.85
N LEU G 878 -20.76 -42.40 46.80
CA LEU G 878 -21.58 -42.37 48.00
C LEU G 878 -21.93 -43.77 48.48
N ALA G 879 -22.22 -44.68 47.55
CA ALA G 879 -22.54 -46.05 47.94
C ALA G 879 -21.34 -46.73 48.58
N GLY G 880 -20.15 -46.50 48.04
CA GLY G 880 -18.96 -47.09 48.63
C GLY G 880 -18.61 -46.55 50.00
N THR G 881 -18.71 -45.24 50.20
CA THR G 881 -18.33 -44.66 51.48
C THR G 881 -19.33 -44.98 52.58
N ILE G 882 -20.54 -45.39 52.24
CA ILE G 882 -21.53 -45.79 53.24
C ILE G 882 -21.32 -47.23 53.68
N THR G 883 -21.22 -48.15 52.72
CA THR G 883 -21.15 -49.57 53.02
C THR G 883 -19.72 -50.05 53.25
N SER G 884 -18.72 -49.37 52.67
CA SER G 884 -17.34 -49.82 52.79
C SER G 884 -16.45 -48.89 53.60
N GLY G 885 -16.67 -47.59 53.55
CA GLY G 885 -15.90 -46.65 54.36
C GLY G 885 -14.61 -46.26 53.69
N TRP G 886 -13.51 -46.31 54.45
CA TRP G 886 -12.20 -45.99 53.89
C TRP G 886 -11.79 -47.00 52.82
N THR G 887 -12.15 -48.27 53.04
CA THR G 887 -11.49 -49.38 52.37
C THR G 887 -11.65 -49.39 50.86
N PHE G 888 -12.66 -48.71 50.31
CA PHE G 888 -12.85 -48.80 48.87
C PHE G 888 -11.90 -47.89 48.10
N GLY G 889 -11.12 -47.06 48.80
CA GLY G 889 -10.14 -46.21 48.16
C GLY G 889 -8.78 -46.86 48.06
N ALA G 890 -8.47 -47.75 48.99
CA ALA G 890 -7.19 -48.44 48.98
C ALA G 890 -7.23 -49.64 48.02
N GLY G 891 -8.10 -50.60 48.29
CA GLY G 891 -8.25 -51.74 47.43
C GLY G 891 -9.68 -51.95 46.98
N ALA G 892 -10.23 -53.13 47.26
CA ALA G 892 -11.63 -53.41 46.98
C ALA G 892 -12.49 -53.03 48.18
N ALA G 893 -13.74 -52.68 47.91
CA ALA G 893 -14.66 -52.28 48.96
C ALA G 893 -14.84 -53.41 49.97
N LEU G 894 -14.69 -53.08 51.24
CA LEU G 894 -14.91 -54.02 52.33
C LEU G 894 -16.17 -53.61 53.08
N GLN G 895 -17.21 -54.42 53.00
CA GLN G 895 -18.48 -54.08 53.63
C GLN G 895 -18.28 -53.93 55.14
N ILE G 896 -18.87 -52.87 55.69
CA ILE G 896 -18.79 -52.59 57.11
C ILE G 896 -20.09 -51.90 57.50
N PRO G 897 -20.79 -52.39 58.53
CA PRO G 897 -22.06 -51.76 58.92
C PRO G 897 -21.86 -50.29 59.22
N PHE G 898 -22.85 -49.46 58.87
CA PHE G 898 -22.72 -48.03 59.12
C PHE G 898 -23.09 -47.76 60.57
N ALA G 899 -22.55 -48.59 61.47
CA ALA G 899 -22.47 -48.30 62.88
C ALA G 899 -21.11 -48.63 63.47
N MET G 900 -20.34 -49.52 62.83
CA MET G 900 -18.97 -49.76 63.21
C MET G 900 -18.00 -48.89 62.41
N GLN G 901 -18.43 -48.40 61.25
CA GLN G 901 -17.62 -47.45 60.50
C GLN G 901 -17.61 -46.08 61.18
N MET G 902 -18.77 -45.63 61.65
CA MET G 902 -18.83 -44.37 62.39
C MET G 902 -18.11 -44.45 63.73
N ALA G 903 -18.04 -45.63 64.33
CA ALA G 903 -17.27 -45.78 65.56
C ALA G 903 -15.78 -45.75 65.30
N TYR G 904 -15.35 -46.05 64.08
CA TYR G 904 -13.94 -46.03 63.73
C TYR G 904 -13.50 -44.68 63.20
N ARG G 905 -14.45 -43.80 62.89
CA ARG G 905 -14.17 -42.42 62.60
C ARG G 905 -14.20 -41.54 63.84
N PHE G 906 -14.69 -42.07 64.97
CA PHE G 906 -14.48 -41.42 66.25
C PHE G 906 -13.07 -41.67 66.78
N ASN G 907 -12.51 -42.86 66.50
CA ASN G 907 -11.13 -43.09 66.86
C ASN G 907 -10.18 -42.20 66.07
N GLY G 908 -10.61 -41.70 64.92
CA GLY G 908 -9.83 -40.75 64.16
C GLY G 908 -9.86 -39.33 64.69
N ILE G 909 -10.69 -39.06 65.71
CA ILE G 909 -10.78 -37.73 66.30
C ILE G 909 -10.58 -37.74 67.80
N GLY G 910 -10.41 -38.90 68.42
CA GLY G 910 -10.08 -38.95 69.83
C GLY G 910 -11.05 -39.68 70.74
N VAL G 911 -12.36 -39.46 70.55
CA VAL G 911 -13.34 -40.12 71.41
C VAL G 911 -13.33 -41.62 71.15
N THR G 912 -13.31 -42.39 72.22
CA THR G 912 -12.84 -43.78 72.20
C THR G 912 -13.97 -44.78 71.96
N GLN G 913 -14.75 -44.58 70.89
CA GLN G 913 -15.62 -45.62 70.33
C GLN G 913 -16.77 -45.98 71.28
N ASN G 914 -16.75 -45.43 72.49
CA ASN G 914 -17.86 -45.62 73.41
C ASN G 914 -18.97 -44.60 73.16
N VAL G 915 -18.60 -43.42 72.66
CA VAL G 915 -19.55 -42.34 72.47
C VAL G 915 -20.64 -42.74 71.49
N LEU G 916 -20.27 -43.43 70.41
CA LEU G 916 -21.23 -43.70 69.34
C LEU G 916 -22.29 -44.71 69.77
N TYR G 917 -21.88 -45.93 70.10
CA TYR G 917 -22.84 -46.98 70.39
C TYR G 917 -23.74 -46.61 71.56
N GLU G 918 -23.21 -45.88 72.54
CA GLU G 918 -24.01 -45.47 73.67
C GLU G 918 -24.89 -44.27 73.36
N ASN G 919 -24.67 -43.59 72.24
CA ASN G 919 -25.50 -42.44 71.84
C ASN G 919 -25.90 -42.56 70.38
N GLN G 920 -26.08 -43.79 69.90
CA GLN G 920 -26.30 -44.01 68.47
C GLN G 920 -27.55 -43.29 67.98
N LYS G 921 -28.66 -43.42 68.71
CA LYS G 921 -29.91 -42.79 68.29
C LYS G 921 -29.80 -41.28 68.28
N LEU G 922 -29.15 -40.71 69.30
CA LEU G 922 -28.96 -39.26 69.35
C LEU G 922 -28.11 -38.78 68.18
N ILE G 923 -27.02 -39.50 67.89
CA ILE G 923 -26.17 -39.12 66.77
C ILE G 923 -26.90 -39.32 65.45
N ALA G 924 -27.65 -40.41 65.33
CA ALA G 924 -28.41 -40.66 64.11
C ALA G 924 -29.47 -39.58 63.89
N ASN G 925 -30.13 -39.14 64.95
CA ASN G 925 -31.13 -38.09 64.82
C ASN G 925 -30.49 -36.75 64.51
N GLN G 926 -29.37 -36.45 65.16
CA GLN G 926 -28.64 -35.21 64.86
C GLN G 926 -28.17 -35.23 63.41
N PHE G 927 -27.64 -36.35 62.95
CA PHE G 927 -27.19 -36.45 61.56
C PHE G 927 -28.35 -36.24 60.59
N ASN G 928 -29.49 -36.89 60.87
CA ASN G 928 -30.65 -36.73 59.99
C ASN G 928 -31.19 -35.31 60.04
N SER G 929 -31.27 -34.72 61.23
CA SER G 929 -31.76 -33.35 61.35
C SER G 929 -30.83 -32.36 60.67
N ALA G 930 -29.52 -32.62 60.73
CA ALA G 930 -28.56 -31.73 60.06
C ALA G 930 -28.74 -31.75 58.55
N ILE G 931 -29.05 -32.92 57.99
CA ILE G 931 -29.31 -33.00 56.55
C ILE G 931 -30.59 -32.27 56.20
N GLY G 932 -31.61 -32.38 57.06
CA GLY G 932 -32.86 -31.69 56.81
C GLY G 932 -32.70 -30.18 56.70
N LYS G 933 -31.81 -29.61 57.52
CA LYS G 933 -31.54 -28.19 57.42
C LYS G 933 -30.87 -27.84 56.10
N ILE G 934 -30.06 -28.75 55.56
CA ILE G 934 -29.44 -28.51 54.26
C ILE G 934 -30.50 -28.40 53.18
N GLN G 935 -31.51 -29.27 53.23
CA GLN G 935 -32.62 -29.19 52.29
C GLN G 935 -33.27 -27.80 52.33
N ASP G 936 -33.49 -27.28 53.54
CA ASP G 936 -34.07 -25.95 53.67
C ASP G 936 -33.07 -24.87 53.28
N SER G 937 -31.81 -25.02 53.70
CA SER G 937 -30.79 -24.02 53.41
C SER G 937 -30.60 -23.85 51.91
N LEU G 938 -30.60 -24.96 51.16
CA LEU G 938 -30.45 -24.88 49.71
C LEU G 938 -31.70 -24.29 49.06
N SER G 939 -32.87 -24.58 49.60
CA SER G 939 -34.14 -24.16 49.02
C SER G 939 -34.63 -22.81 49.53
N SER G 940 -33.83 -22.11 50.35
CA SER G 940 -34.21 -20.81 50.89
C SER G 940 -33.35 -19.68 50.36
N THR G 941 -32.03 -19.78 50.48
CA THR G 941 -31.16 -18.71 50.05
C THR G 941 -31.12 -18.62 48.53
N ALA G 942 -31.29 -17.40 48.00
CA ALA G 942 -31.27 -17.21 46.56
C ALA G 942 -29.88 -17.49 45.99
N SER G 943 -28.86 -16.88 46.58
CA SER G 943 -27.48 -17.11 46.15
C SER G 943 -26.80 -18.15 47.05
N ALA G 944 -27.36 -19.36 47.02
CA ALA G 944 -26.77 -20.48 47.75
C ALA G 944 -25.65 -21.15 46.97
N LEU G 945 -25.52 -20.87 45.67
CA LEU G 945 -24.49 -21.41 44.81
C LEU G 945 -23.77 -20.28 44.08
N GLY G 946 -23.41 -19.25 44.84
CA GLY G 946 -22.79 -18.08 44.23
C GLY G 946 -21.46 -18.39 43.57
N LYS G 947 -20.69 -19.31 44.15
CA LYS G 947 -19.42 -19.67 43.55
C LYS G 947 -19.62 -20.32 42.19
N LEU G 948 -20.63 -21.18 42.05
CA LEU G 948 -20.92 -21.77 40.76
C LEU G 948 -21.57 -20.77 39.81
N GLN G 949 -22.48 -19.94 40.34
CA GLN G 949 -23.13 -18.93 39.50
C GLN G 949 -22.12 -17.93 38.96
N ASP G 950 -21.11 -17.59 39.76
CA ASP G 950 -20.09 -16.64 39.32
C ASP G 950 -19.33 -17.19 38.12
N VAL G 951 -18.95 -18.47 38.16
CA VAL G 951 -18.23 -19.07 37.04
C VAL G 951 -19.09 -19.04 35.79
N VAL G 952 -20.38 -19.38 35.93
CA VAL G 952 -21.29 -19.32 34.79
C VAL G 952 -21.44 -17.88 34.30
N ASN G 953 -21.64 -16.95 35.24
CA ASN G 953 -21.82 -15.56 34.85
C ASN G 953 -20.56 -14.98 34.20
N GLN G 954 -19.39 -15.26 34.79
CA GLN G 954 -18.15 -14.71 34.26
C GLN G 954 -17.90 -15.18 32.84
N ASN G 955 -18.14 -16.47 32.57
CA ASN G 955 -17.94 -16.99 31.22
C ASN G 955 -19.01 -16.48 30.26
N ALA G 956 -20.26 -16.45 30.70
CA ALA G 956 -21.32 -15.91 29.84
C ALA G 956 -21.10 -14.43 29.55
N GLN G 957 -20.71 -13.66 30.58
CA GLN G 957 -20.47 -12.23 30.39
C GLN G 957 -19.30 -11.99 29.43
N ALA G 958 -18.24 -12.78 29.55
CA ALA G 958 -17.10 -12.62 28.67
C ALA G 958 -17.47 -12.90 27.22
N LEU G 959 -18.25 -13.94 26.98
CA LEU G 959 -18.67 -14.26 25.62
C LEU G 959 -19.56 -13.16 25.04
N ASN G 960 -20.45 -12.60 25.87
CA ASN G 960 -21.29 -11.50 25.40
C ASN G 960 -20.44 -10.30 25.02
N THR G 961 -19.43 -9.99 25.83
CA THR G 961 -18.53 -8.88 25.51
C THR G 961 -17.79 -9.13 24.20
N LEU G 962 -17.36 -10.36 23.97
CA LEU G 962 -16.62 -10.67 22.75
C LEU G 962 -17.46 -10.40 21.51
N VAL G 963 -18.73 -10.80 21.53
CA VAL G 963 -19.61 -10.54 20.40
C VAL G 963 -19.88 -9.05 20.24
N LYS G 964 -20.12 -8.35 21.35
CA LYS G 964 -20.42 -6.93 21.28
C LYS G 964 -19.27 -6.12 20.72
N GLN G 965 -18.04 -6.61 20.86
CA GLN G 965 -16.88 -5.93 20.25
C GLN G 965 -16.89 -6.00 18.73
N LEU G 966 -17.71 -6.89 18.15
CA LEU G 966 -17.80 -6.97 16.70
C LEU G 966 -18.50 -5.76 16.09
N SER G 967 -19.31 -5.04 16.88
CA SER G 967 -19.97 -3.83 16.43
C SER G 967 -19.17 -2.58 16.78
N SER G 968 -17.85 -2.70 16.88
CA SER G 968 -16.97 -1.60 17.18
C SER G 968 -16.15 -1.25 15.94
N ASN G 969 -16.06 0.05 15.66
CA ASN G 969 -15.35 0.49 14.46
C ASN G 969 -13.85 0.25 14.54
N PHE G 970 -13.28 0.37 15.75
CA PHE G 970 -11.85 0.19 15.97
C PHE G 970 -11.01 1.14 15.13
N GLY G 971 -11.62 2.21 14.62
CA GLY G 971 -10.95 3.16 13.76
C GLY G 971 -11.34 3.10 12.31
N ALA G 972 -12.11 2.09 11.90
CA ALA G 972 -12.50 1.93 10.51
C ALA G 972 -13.70 2.82 10.21
N ILE G 973 -14.30 2.64 9.04
CA ILE G 973 -15.45 3.46 8.64
C ILE G 973 -16.75 2.91 9.22
N SER G 974 -16.90 1.59 9.24
CA SER G 974 -18.13 0.97 9.74
C SER G 974 -17.80 -0.38 10.35
N SER G 975 -18.65 -0.83 11.25
CA SER G 975 -18.48 -2.12 11.90
C SER G 975 -18.99 -3.28 11.06
N VAL G 976 -19.65 -3.00 9.94
CA VAL G 976 -20.11 -4.03 9.01
C VAL G 976 -19.04 -4.19 7.94
N LEU G 977 -18.42 -5.38 7.89
CA LEU G 977 -17.29 -5.58 7.00
C LEU G 977 -17.71 -5.45 5.53
N ASN G 978 -18.89 -5.98 5.19
CA ASN G 978 -19.36 -5.86 3.82
C ASN G 978 -19.65 -4.41 3.44
N ASP G 979 -20.20 -3.63 4.39
CA ASP G 979 -20.46 -2.22 4.13
C ASP G 979 -19.18 -1.46 3.81
N ILE G 980 -18.04 -1.92 4.32
CA ILE G 980 -16.76 -1.35 3.92
C ILE G 980 -16.51 -1.61 2.44
N LEU G 981 -16.66 -2.86 2.01
CA LEU G 981 -16.49 -3.19 0.61
C LEU G 981 -17.59 -2.58 -0.25
N SER G 982 -18.75 -2.28 0.36
CA SER G 982 -19.86 -1.71 -0.40
C SER G 982 -19.51 -0.34 -0.95
N ARG G 983 -19.21 0.62 -0.06
CA ARG G 983 -18.98 1.98 -0.50
C ARG G 983 -17.53 2.25 -0.88
N LEU G 984 -16.59 1.52 -0.30
CA LEU G 984 -15.17 1.80 -0.51
C LEU G 984 -14.57 0.86 -1.54
N ASP G 985 -13.68 1.42 -2.36
CA ASP G 985 -12.94 0.63 -3.33
C ASP G 985 -11.89 -0.23 -2.62
N PRO G 986 -11.40 -1.28 -3.28
CA PRO G 986 -10.41 -2.17 -2.65
C PRO G 986 -9.15 -1.45 -2.18
N PRO G 987 -8.63 -0.42 -2.91
CA PRO G 987 -7.39 0.23 -2.44
C PRO G 987 -7.47 0.75 -1.00
N GLU G 988 -8.60 1.32 -0.60
CA GLU G 988 -8.77 1.74 0.79
C GLU G 988 -9.46 0.70 1.64
N ALA G 989 -9.84 -0.45 1.07
CA ALA G 989 -10.54 -1.46 1.83
C ALA G 989 -9.62 -2.18 2.80
N GLU G 990 -8.41 -2.56 2.38
CA GLU G 990 -7.52 -3.30 3.28
C GLU G 990 -7.10 -2.43 4.47
N VAL G 991 -7.02 -1.11 4.26
CA VAL G 991 -6.69 -0.21 5.36
C VAL G 991 -7.81 -0.24 6.40
N GLN G 992 -9.06 -0.20 5.97
CA GLN G 992 -10.17 -0.26 6.91
C GLN G 992 -10.38 -1.66 7.44
N ILE G 993 -10.21 -2.67 6.59
CA ILE G 993 -10.37 -4.06 7.04
C ILE G 993 -9.32 -4.41 8.07
N ASP G 994 -8.07 -4.00 7.84
CA ASP G 994 -7.00 -4.31 8.80
C ASP G 994 -7.26 -3.63 10.14
N ARG G 995 -7.85 -2.43 10.11
CA ARG G 995 -8.26 -1.79 11.36
C ARG G 995 -9.29 -2.64 12.10
N LEU G 996 -10.26 -3.18 11.36
CA LEU G 996 -11.19 -4.13 11.96
C LEU G 996 -10.47 -5.39 12.41
N ILE G 997 -9.56 -5.92 11.57
CA ILE G 997 -8.85 -7.14 11.91
C ILE G 997 -8.03 -6.94 13.16
N THR G 998 -7.26 -5.86 13.23
CA THR G 998 -6.43 -5.60 14.40
C THR G 998 -7.27 -5.44 15.65
N GLY G 999 -8.36 -4.69 15.56
CA GLY G 999 -9.24 -4.51 16.71
C GLY G 999 -9.93 -5.80 17.13
N ARG G 1000 -10.42 -6.56 16.16
CA ARG G 1000 -11.10 -7.81 16.47
C ARG G 1000 -10.11 -8.87 16.96
N LEU G 1001 -8.89 -8.87 16.42
CA LEU G 1001 -7.87 -9.77 16.93
C LEU G 1001 -7.48 -9.41 18.36
N GLN G 1002 -7.43 -8.12 18.67
CA GLN G 1002 -7.20 -7.68 20.05
C GLN G 1002 -8.31 -8.18 20.96
N SER G 1003 -9.56 -8.07 20.52
CA SER G 1003 -10.68 -8.56 21.31
C SER G 1003 -10.60 -10.07 21.51
N LEU G 1004 -10.24 -10.79 20.46
CA LEU G 1004 -10.12 -12.25 20.57
C LEU G 1004 -8.95 -12.63 21.48
N GLN G 1005 -7.80 -12.00 21.29
CA GLN G 1005 -6.65 -12.28 22.14
C GLN G 1005 -6.96 -11.95 23.59
N THR G 1006 -7.61 -10.81 23.83
CA THR G 1006 -8.03 -10.46 25.19
C THR G 1006 -8.96 -11.52 25.76
N TYR G 1007 -9.92 -11.98 24.96
CA TYR G 1007 -10.84 -13.03 25.43
C TYR G 1007 -10.08 -14.31 25.74
N VAL G 1008 -9.15 -14.70 24.87
CA VAL G 1008 -8.39 -15.93 25.09
C VAL G 1008 -7.50 -15.79 26.31
N THR G 1009 -6.85 -14.64 26.48
CA THR G 1009 -5.94 -14.46 27.61
C THR G 1009 -6.67 -14.60 28.94
N GLN G 1010 -7.82 -13.93 29.08
N GLN G 1010 -7.82 -13.92 29.08
CA GLN G 1010 -8.59 -14.07 30.31
CA GLN G 1010 -8.61 -14.06 30.29
C GLN G 1010 -9.22 -15.44 30.45
C GLN G 1010 -9.16 -15.47 30.45
N GLN G 1011 -9.46 -16.14 29.34
CA GLN G 1011 -9.94 -17.51 29.42
C GLN G 1011 -8.88 -18.43 30.02
N LEU G 1012 -7.62 -18.24 29.62
CA LEU G 1012 -6.54 -19.08 30.14
C LEU G 1012 -6.32 -18.86 31.63
N ILE G 1013 -6.37 -17.60 32.09
CA ILE G 1013 -6.21 -17.34 33.51
C ILE G 1013 -7.40 -17.86 34.29
N ARG G 1014 -8.61 -17.69 33.75
CA ARG G 1014 -9.79 -18.24 34.40
C ARG G 1014 -9.76 -19.76 34.43
N ALA G 1015 -9.25 -20.38 33.37
CA ALA G 1015 -9.11 -21.83 33.37
C ALA G 1015 -8.16 -22.28 34.47
N ALA G 1016 -7.09 -21.53 34.70
CA ALA G 1016 -6.12 -21.90 35.73
C ALA G 1016 -6.75 -21.86 37.12
N GLU G 1017 -7.57 -20.86 37.39
CA GLU G 1017 -8.20 -20.77 38.70
C GLU G 1017 -9.24 -21.86 38.91
N ILE G 1018 -9.88 -22.32 37.82
CA ILE G 1018 -10.77 -23.47 37.93
C ILE G 1018 -9.98 -24.74 38.16
N ARG G 1019 -8.83 -24.88 37.49
CA ARG G 1019 -8.00 -26.06 37.67
C ARG G 1019 -7.51 -26.18 39.11
N ALA G 1020 -7.12 -25.07 39.72
CA ALA G 1020 -6.75 -25.10 41.13
C ALA G 1020 -7.93 -25.53 41.99
N SER G 1021 -9.13 -25.02 41.68
CA SER G 1021 -10.33 -25.49 42.36
C SER G 1021 -10.62 -26.95 42.02
N ALA G 1022 -10.42 -27.33 40.75
CA ALA G 1022 -10.59 -28.72 40.37
C ALA G 1022 -9.58 -29.63 41.06
N ASN G 1023 -8.32 -29.19 41.13
CA ASN G 1023 -7.31 -29.96 41.84
C ASN G 1023 -7.59 -30.00 43.33
N LEU G 1024 -8.22 -28.96 43.87
CA LEU G 1024 -8.62 -28.98 45.27
C LEU G 1024 -9.82 -29.89 45.50
N ALA G 1025 -10.79 -29.85 44.59
CA ALA G 1025 -11.96 -30.72 44.70
C ALA G 1025 -11.56 -32.19 44.59
N ALA G 1026 -10.64 -32.50 43.66
CA ALA G 1026 -10.12 -33.86 43.57
C ALA G 1026 -9.35 -34.23 44.82
N THR G 1027 -8.58 -33.29 45.37
CA THR G 1027 -7.87 -33.53 46.62
C THR G 1027 -8.85 -33.75 47.77
N LYS G 1028 -9.92 -32.95 47.82
CA LYS G 1028 -10.90 -33.10 48.89
C LYS G 1028 -11.67 -34.41 48.74
N MET G 1029 -11.96 -34.83 47.51
CA MET G 1029 -12.64 -36.10 47.29
C MET G 1029 -11.77 -37.26 47.76
N SER G 1030 -10.47 -37.21 47.46
CA SER G 1030 -9.58 -38.31 47.84
C SER G 1030 -9.43 -38.39 49.36
N GLU G 1031 -9.37 -37.25 50.04
CA GLU G 1031 -9.05 -37.21 51.46
C GLU G 1031 -10.29 -37.14 52.35
N CYS G 1032 -11.26 -36.28 52.03
CA CYS G 1032 -12.44 -36.16 52.86
C CYS G 1032 -13.42 -37.30 52.60
N VAL G 1033 -13.71 -37.58 51.34
CA VAL G 1033 -14.71 -38.59 51.01
C VAL G 1033 -14.13 -39.99 51.16
N LEU G 1034 -13.01 -40.27 50.50
CA LEU G 1034 -12.41 -41.59 50.52
C LEU G 1034 -11.59 -41.87 51.78
N GLY G 1035 -11.73 -41.04 52.80
CA GLY G 1035 -11.02 -41.28 54.04
C GLY G 1035 -11.52 -40.38 55.14
N GLN G 1036 -10.72 -40.26 56.19
CA GLN G 1036 -10.96 -39.30 57.26
C GLN G 1036 -9.70 -38.46 57.42
N SER G 1037 -9.84 -37.16 57.19
CA SER G 1037 -8.69 -36.26 57.10
C SER G 1037 -8.46 -35.57 58.44
N LYS G 1038 -7.20 -35.55 58.88
CA LYS G 1038 -6.82 -34.86 60.11
C LYS G 1038 -6.40 -33.42 59.87
N ARG G 1039 -6.41 -32.96 58.63
CA ARG G 1039 -6.08 -31.58 58.33
C ARG G 1039 -7.21 -30.67 58.82
N VAL G 1040 -6.86 -29.72 59.70
CA VAL G 1040 -7.87 -28.89 60.33
C VAL G 1040 -8.47 -27.92 59.33
N ASP G 1041 -9.79 -27.76 59.38
CA ASP G 1041 -10.56 -26.87 58.52
C ASP G 1041 -10.44 -27.22 57.04
N PHE G 1042 -9.87 -28.37 56.70
CA PHE G 1042 -9.82 -28.80 55.31
C PHE G 1042 -11.17 -29.37 54.88
N CYS G 1043 -11.65 -30.37 55.59
CA CYS G 1043 -12.97 -30.95 55.33
C CYS G 1043 -14.01 -30.38 56.30
N GLY G 1044 -14.25 -29.07 56.19
CA GLY G 1044 -15.22 -28.40 57.01
C GLY G 1044 -14.69 -28.04 58.39
N LYS G 1045 -15.47 -27.24 59.11
CA LYS G 1045 -15.09 -26.78 60.44
C LYS G 1045 -15.46 -27.84 61.48
N GLY G 1046 -14.55 -28.08 62.41
CA GLY G 1046 -14.72 -29.09 63.43
C GLY G 1046 -13.94 -30.35 63.11
N TYR G 1047 -13.92 -31.25 64.08
CA TYR G 1047 -13.27 -32.55 63.89
C TYR G 1047 -14.01 -33.33 62.81
N HIS G 1048 -13.28 -33.73 61.78
CA HIS G 1048 -13.91 -34.35 60.61
C HIS G 1048 -14.41 -35.75 60.94
N LEU G 1049 -15.56 -36.10 60.36
CA LEU G 1049 -16.08 -37.46 60.42
C LEU G 1049 -16.12 -38.10 59.03
N MET G 1050 -16.80 -37.49 58.08
CA MET G 1050 -16.85 -38.00 56.72
C MET G 1050 -17.46 -36.91 55.83
N SER G 1051 -17.45 -37.16 54.53
CA SER G 1051 -18.03 -36.24 53.57
C SER G 1051 -18.79 -37.03 52.52
N PHE G 1052 -19.75 -36.36 51.90
CA PHE G 1052 -20.56 -36.97 50.84
C PHE G 1052 -20.53 -36.04 49.63
N PRO G 1053 -19.99 -36.47 48.50
CA PRO G 1053 -20.05 -35.64 47.30
C PRO G 1053 -21.48 -35.58 46.77
N GLN G 1054 -21.81 -34.44 46.15
CA GLN G 1054 -23.07 -34.27 45.45
C GLN G 1054 -22.80 -33.49 44.18
N SER G 1055 -23.18 -34.08 43.04
CA SER G 1055 -22.89 -33.45 41.76
C SER G 1055 -23.63 -32.14 41.62
N ALA G 1056 -22.98 -31.17 40.99
CA ALA G 1056 -23.55 -29.88 40.65
C ALA G 1056 -23.19 -29.56 39.22
N PRO G 1057 -24.00 -28.75 38.52
CA PRO G 1057 -23.82 -28.53 37.07
C PRO G 1057 -22.38 -28.39 36.61
N HIS G 1058 -21.61 -27.53 37.26
CA HIS G 1058 -20.20 -27.34 36.94
C HIS G 1058 -19.37 -27.30 38.21
N GLY G 1059 -19.64 -28.23 39.11
CA GLY G 1059 -18.92 -28.28 40.36
C GLY G 1059 -19.34 -29.49 41.16
N VAL G 1060 -18.90 -29.50 42.43
CA VAL G 1060 -19.22 -30.57 43.35
C VAL G 1060 -19.47 -29.97 44.72
N VAL G 1061 -20.44 -30.53 45.44
CA VAL G 1061 -20.82 -30.07 46.77
C VAL G 1061 -20.52 -31.19 47.75
N PHE G 1062 -19.68 -30.91 48.73
CA PHE G 1062 -19.32 -31.89 49.76
C PHE G 1062 -20.15 -31.63 51.00
N LEU G 1063 -20.73 -32.70 51.55
CA LEU G 1063 -21.51 -32.62 52.78
C LEU G 1063 -20.59 -33.03 53.92
N HIS G 1064 -19.74 -32.09 54.34
CA HIS G 1064 -18.75 -32.35 55.38
C HIS G 1064 -19.47 -32.60 56.71
N VAL G 1065 -19.45 -33.85 57.16
CA VAL G 1065 -19.98 -34.21 58.46
C VAL G 1065 -18.85 -34.09 59.47
N THR G 1066 -19.04 -33.26 60.50
CA THR G 1066 -17.99 -32.96 61.44
C THR G 1066 -18.52 -33.04 62.87
N TYR G 1067 -17.59 -33.25 63.80
CA TYR G 1067 -17.91 -33.38 65.21
C TYR G 1067 -17.55 -32.09 65.92
N VAL G 1068 -18.50 -31.51 66.63
CA VAL G 1068 -18.32 -30.26 67.35
C VAL G 1068 -18.69 -30.49 68.81
N PRO G 1069 -17.76 -30.28 69.75
CA PRO G 1069 -18.01 -30.67 71.15
C PRO G 1069 -19.21 -29.99 71.80
N ALA G 1070 -19.18 -28.67 71.94
CA ALA G 1070 -20.28 -27.91 72.54
C ALA G 1070 -20.56 -28.30 73.99
N GLN G 1071 -21.25 -27.44 74.72
CA GLN G 1071 -21.70 -27.70 76.09
C GLN G 1071 -20.55 -28.17 76.98
N GLU G 1072 -19.52 -27.34 77.07
CA GLU G 1072 -18.37 -27.68 77.88
C GLU G 1072 -18.65 -27.43 79.36
N LYS G 1073 -17.64 -27.67 80.19
CA LYS G 1073 -17.72 -27.49 81.63
C LYS G 1073 -16.30 -27.50 82.16
N ASN G 1074 -15.98 -26.52 83.02
CA ASN G 1074 -14.61 -26.36 83.47
C ASN G 1074 -14.35 -27.19 84.72
N PHE G 1075 -13.13 -27.72 84.82
CA PHE G 1075 -12.66 -28.46 85.98
C PHE G 1075 -11.26 -27.98 86.33
N THR G 1076 -10.64 -28.62 87.32
CA THR G 1076 -9.27 -28.34 87.68
C THR G 1076 -8.38 -29.53 87.36
N THR G 1077 -7.21 -29.27 86.80
CA THR G 1077 -6.32 -30.29 86.30
C THR G 1077 -5.05 -30.40 87.13
N ALA G 1078 -4.16 -31.29 86.68
CA ALA G 1078 -2.86 -31.54 87.26
C ALA G 1078 -2.00 -32.18 86.18
N PRO G 1079 -0.79 -31.67 85.93
CA PRO G 1079 0.08 -32.34 84.96
C PRO G 1079 0.30 -33.81 85.24
N ALA G 1080 0.40 -34.19 86.50
CA ALA G 1080 0.58 -35.58 86.89
C ALA G 1080 -0.12 -35.81 88.23
N ILE G 1081 -0.13 -37.07 88.66
CA ILE G 1081 -0.67 -37.47 89.96
C ILE G 1081 0.44 -38.15 90.73
N CYS G 1082 0.75 -37.64 91.91
CA CYS G 1082 1.87 -38.12 92.70
C CYS G 1082 1.41 -39.24 93.62
N HIS G 1083 1.97 -40.43 93.45
CA HIS G 1083 1.69 -41.57 94.32
C HIS G 1083 2.99 -42.28 94.62
N ASP G 1084 3.31 -42.40 95.91
CA ASP G 1084 4.54 -43.06 96.37
C ASP G 1084 5.77 -42.47 95.72
N GLY G 1085 5.75 -41.16 95.48
CA GLY G 1085 6.88 -40.50 94.84
C GLY G 1085 7.15 -41.01 93.44
N LYS G 1086 6.10 -41.20 92.63
CA LYS G 1086 6.27 -41.77 91.31
C LYS G 1086 5.67 -40.92 90.19
N ALA G 1087 4.75 -40.01 90.47
CA ALA G 1087 4.28 -39.01 89.51
C ALA G 1087 3.71 -39.68 88.25
N HIS G 1088 2.58 -40.35 88.43
CA HIS G 1088 1.92 -41.03 87.32
C HIS G 1088 1.37 -40.01 86.32
N PHE G 1089 1.38 -40.41 85.04
CA PHE G 1089 0.86 -39.63 83.93
C PHE G 1089 -0.23 -40.40 83.21
N PRO G 1090 -1.21 -39.72 82.62
CA PRO G 1090 -2.29 -40.44 81.95
C PRO G 1090 -1.91 -40.87 80.54
N ARG G 1091 -2.27 -42.10 80.20
CA ARG G 1091 -1.89 -42.64 78.90
C ARG G 1091 -2.59 -41.91 77.76
N GLU G 1092 -3.92 -41.77 77.85
CA GLU G 1092 -4.70 -41.23 76.74
C GLU G 1092 -5.73 -40.20 77.21
N GLY G 1093 -5.57 -39.64 78.39
CA GLY G 1093 -6.55 -38.69 78.87
C GLY G 1093 -5.96 -37.51 79.63
N VAL G 1094 -6.83 -36.79 80.33
CA VAL G 1094 -6.44 -35.69 81.21
C VAL G 1094 -6.76 -36.10 82.63
N PHE G 1095 -6.15 -35.40 83.58
CA PHE G 1095 -6.53 -35.50 84.98
C PHE G 1095 -7.44 -34.33 85.31
N VAL G 1096 -8.67 -34.63 85.72
CA VAL G 1096 -9.64 -33.60 86.07
C VAL G 1096 -10.11 -33.85 87.49
N SER G 1097 -10.80 -32.85 88.05
CA SER G 1097 -11.34 -32.98 89.39
C SER G 1097 -12.60 -32.14 89.52
N ASN G 1098 -13.66 -32.76 90.05
CA ASN G 1098 -14.88 -32.06 90.42
C ASN G 1098 -14.80 -31.73 91.91
N GLY G 1099 -13.88 -30.83 92.24
CA GLY G 1099 -13.61 -30.56 93.63
C GLY G 1099 -12.69 -31.57 94.26
N THR G 1100 -13.24 -32.46 95.09
CA THR G 1100 -12.43 -33.32 95.96
C THR G 1100 -12.04 -34.65 95.33
N HIS G 1101 -12.44 -34.93 94.08
CA HIS G 1101 -12.20 -36.23 93.47
C HIS G 1101 -11.53 -36.06 92.12
N TRP G 1102 -10.44 -36.80 91.90
CA TRP G 1102 -9.69 -36.74 90.65
C TRP G 1102 -10.03 -37.93 89.77
N PHE G 1103 -10.10 -37.69 88.45
CA PHE G 1103 -10.47 -38.71 87.48
C PHE G 1103 -9.54 -38.64 86.28
N VAL G 1104 -9.68 -39.61 85.38
CA VAL G 1104 -8.86 -39.70 84.16
C VAL G 1104 -9.83 -39.79 82.99
N THR G 1105 -10.20 -38.64 82.44
CA THR G 1105 -11.17 -38.61 81.35
C THR G 1105 -10.49 -38.28 80.03
N GLN G 1106 -11.09 -38.77 78.95
CA GLN G 1106 -10.58 -38.52 77.61
C GLN G 1106 -10.71 -37.04 77.27
N ARG G 1107 -9.86 -36.60 76.33
CA ARG G 1107 -9.62 -35.18 76.11
C ARG G 1107 -10.78 -34.45 75.42
N ASN G 1108 -11.74 -35.16 74.84
CA ASN G 1108 -12.79 -34.51 74.06
C ASN G 1108 -14.20 -34.93 74.48
N PHE G 1109 -14.35 -35.60 75.62
CA PHE G 1109 -15.66 -36.01 76.09
C PHE G 1109 -15.55 -36.39 77.55
N TYR G 1110 -16.44 -35.84 78.38
CA TYR G 1110 -16.37 -36.10 79.82
C TYR G 1110 -16.76 -37.54 80.09
N GLU G 1111 -15.79 -38.33 80.55
CA GLU G 1111 -16.03 -39.72 80.94
C GLU G 1111 -15.03 -40.06 82.03
N PRO G 1112 -15.38 -39.77 83.30
CA PRO G 1112 -14.35 -39.64 84.34
C PRO G 1112 -13.46 -40.86 84.56
N GLN G 1113 -14.03 -41.99 84.96
CA GLN G 1113 -13.27 -43.19 85.31
C GLN G 1113 -12.32 -42.96 86.49
N ILE G 1114 -12.22 -43.95 87.38
CA ILE G 1114 -11.30 -43.86 88.50
C ILE G 1114 -9.86 -43.97 87.99
N ILE G 1115 -8.90 -43.62 88.84
CA ILE G 1115 -7.49 -43.61 88.46
C ILE G 1115 -6.87 -44.94 88.89
N THR G 1116 -6.58 -45.78 87.91
CA THR G 1116 -5.92 -47.06 88.14
C THR G 1116 -4.54 -47.04 87.49
N THR G 1117 -3.77 -48.10 87.74
CA THR G 1117 -2.45 -48.24 87.14
C THR G 1117 -2.50 -48.72 85.70
N ASP G 1118 -3.69 -48.80 85.10
CA ASP G 1118 -3.83 -49.26 83.73
C ASP G 1118 -3.96 -48.13 82.73
N ASN G 1119 -4.53 -46.99 83.13
CA ASN G 1119 -4.58 -45.81 82.29
C ASN G 1119 -3.52 -44.79 82.67
N THR G 1120 -2.60 -45.15 83.56
CA THR G 1120 -1.53 -44.26 84.00
C THR G 1120 -0.21 -45.00 83.96
N PHE G 1121 0.83 -44.33 83.48
CA PHE G 1121 2.18 -44.86 83.47
C PHE G 1121 3.08 -44.02 84.37
N VAL G 1122 4.21 -44.60 84.75
CA VAL G 1122 5.07 -44.08 85.81
C VAL G 1122 6.43 -43.72 85.23
N SER G 1123 6.93 -42.53 85.61
CA SER G 1123 8.28 -42.15 85.20
C SER G 1123 8.80 -41.08 86.17
N GLY G 1124 9.67 -41.49 87.08
CA GLY G 1124 10.44 -40.56 87.90
C GLY G 1124 9.90 -40.39 89.31
N ASN G 1125 10.42 -39.38 89.97
CA ASN G 1125 10.04 -39.02 91.33
C ASN G 1125 9.14 -37.79 91.32
N CYS G 1126 8.61 -37.46 92.50
CA CYS G 1126 7.67 -36.35 92.66
C CYS G 1126 8.39 -35.04 92.98
N ASP G 1127 9.38 -34.68 92.17
CA ASP G 1127 10.11 -33.45 92.40
C ASP G 1127 10.28 -32.59 91.15
N VAL G 1128 10.47 -33.20 89.99
CA VAL G 1128 10.83 -32.45 88.79
C VAL G 1128 9.63 -31.94 88.00
N VAL G 1129 8.42 -32.34 88.35
CA VAL G 1129 7.22 -31.91 87.64
C VAL G 1129 6.63 -30.72 88.38
N ILE G 1130 6.20 -29.72 87.62
CA ILE G 1130 5.78 -28.44 88.21
C ILE G 1130 4.51 -28.61 89.05
N GLY G 1131 3.44 -29.06 88.41
CA GLY G 1131 2.13 -28.96 89.06
C GLY G 1131 1.47 -30.24 89.49
N ILE G 1132 2.24 -31.20 90.01
CA ILE G 1132 1.65 -32.43 90.51
C ILE G 1132 0.78 -32.12 91.72
N VAL G 1133 -0.44 -32.65 91.73
CA VAL G 1133 -1.26 -32.69 92.93
C VAL G 1133 -1.13 -34.07 93.54
N ASN G 1134 -1.35 -34.17 94.84
CA ASN G 1134 -1.08 -35.41 95.54
C ASN G 1134 -2.37 -36.19 95.74
N ASN G 1135 -2.31 -37.49 95.40
CA ASN G 1135 -3.50 -38.33 95.38
C ASN G 1135 -3.08 -39.79 95.38
N THR G 1136 -4.02 -40.71 95.19
CA THR G 1136 -3.74 -42.13 95.17
C THR G 1136 -4.31 -42.75 93.90
N VAL G 1137 -3.58 -43.73 93.37
CA VAL G 1137 -4.03 -44.49 92.22
C VAL G 1137 -4.43 -45.87 92.69
N TYR G 1138 -5.25 -46.54 91.90
CA TYR G 1138 -5.87 -47.80 92.29
C TYR G 1138 -5.14 -48.96 91.62
N ASP G 1139 -4.85 -50.00 92.40
CA ASP G 1139 -4.24 -51.20 91.85
C ASP G 1139 -5.33 -52.20 91.53
N PRO G 1140 -5.58 -52.51 90.24
CA PRO G 1140 -6.63 -53.48 89.93
C PRO G 1140 -6.37 -54.88 90.47
N LEU G 1141 -5.11 -55.26 90.63
CA LEU G 1141 -4.77 -56.61 91.07
C LEU G 1141 -4.80 -56.77 92.58
N GLN G 1142 -4.55 -55.70 93.33
CA GLN G 1142 -4.48 -55.81 94.79
C GLN G 1142 -5.75 -56.37 95.43
N PRO G 1143 -6.96 -55.97 95.04
CA PRO G 1143 -8.15 -56.60 95.66
C PRO G 1143 -8.24 -58.10 95.42
N GLU G 1144 -7.72 -58.59 94.28
CA GLU G 1144 -7.79 -60.02 93.99
C GLU G 1144 -7.05 -60.83 95.04
N LEU G 1145 -5.88 -60.36 95.47
CA LEU G 1145 -5.10 -61.06 96.47
C LEU G 1145 -4.63 -60.09 97.56
N ILE H 22 35.73 11.67 -29.54
CA ILE H 22 34.28 11.57 -29.66
C ILE H 22 33.81 12.33 -30.89
N VAL H 23 33.11 11.63 -31.78
CA VAL H 23 32.64 12.19 -33.03
C VAL H 23 31.12 12.29 -32.97
N LEU H 24 30.58 13.44 -33.37
CA LEU H 24 29.16 13.72 -33.26
C LEU H 24 28.53 13.83 -34.64
N THR H 25 27.30 13.33 -34.75
CA THR H 25 26.52 13.41 -35.98
C THR H 25 25.22 14.14 -35.66
N GLN H 26 25.01 15.28 -36.26
CA GLN H 26 23.78 16.03 -36.02
C GLN H 26 22.80 15.86 -37.16
N SER H 27 21.52 15.82 -36.80
CA SER H 27 20.39 15.45 -37.64
C SER H 27 19.43 16.64 -37.70
N PRO H 28 18.28 16.52 -38.40
CA PRO H 28 18.07 17.31 -39.62
C PRO H 28 18.86 18.61 -39.72
N ALA H 29 19.58 18.71 -40.84
CA ALA H 29 20.53 19.79 -41.09
C ALA H 29 19.89 20.91 -41.89
N SER H 30 19.42 20.62 -43.09
CA SER H 30 18.84 21.61 -43.99
C SER H 30 17.34 21.67 -43.71
N LEU H 31 16.97 22.56 -42.79
CA LEU H 31 15.56 22.82 -42.49
C LEU H 31 15.27 24.25 -42.88
N ALA H 32 14.26 24.43 -43.73
CA ALA H 32 13.86 25.75 -44.20
C ALA H 32 12.74 26.26 -43.30
N VAL H 33 12.95 27.42 -42.69
CA VAL H 33 12.08 27.93 -41.65
C VAL H 33 11.30 29.12 -42.19
N SER H 34 9.98 29.06 -42.07
CA SER H 34 9.13 30.22 -42.31
C SER H 34 8.97 31.01 -41.01
N LEU H 35 8.37 32.20 -41.13
CA LEU H 35 8.23 33.07 -39.98
C LEU H 35 7.32 32.45 -38.92
N GLY H 36 7.85 32.30 -37.70
CA GLY H 36 7.08 31.94 -36.54
C GLY H 36 6.93 30.45 -36.30
N GLN H 37 7.23 29.61 -37.28
CA GLN H 37 7.00 28.18 -37.12
C GLN H 37 8.04 27.57 -36.19
N ARG H 38 7.69 26.44 -35.58
CA ARG H 38 8.53 25.84 -34.56
C ARG H 38 9.62 24.98 -35.19
N ALA H 39 10.87 25.40 -35.04
CA ALA H 39 12.01 24.75 -35.68
C ALA H 39 12.79 23.94 -34.65
N THR H 40 13.54 22.96 -35.13
CA THR H 40 14.24 22.03 -34.26
C THR H 40 15.34 21.32 -35.04
N ILE H 41 16.51 21.15 -34.40
CA ILE H 41 17.60 20.34 -34.91
C ILE H 41 17.94 19.31 -33.84
N SER H 42 18.72 18.29 -34.21
CA SER H 42 19.07 17.25 -33.24
C SER H 42 20.54 16.89 -33.36
N CYS H 43 21.05 16.22 -32.33
CA CYS H 43 22.44 15.76 -32.30
C CYS H 43 22.52 14.41 -31.62
N ARG H 44 23.36 13.53 -32.16
CA ARG H 44 23.66 12.23 -31.60
C ARG H 44 25.16 12.12 -31.41
N ALA H 45 25.59 11.58 -30.27
CA ALA H 45 27.00 11.50 -29.93
C ALA H 45 27.54 10.08 -30.16
N SER H 46 28.83 9.92 -29.89
CA SER H 46 29.48 8.61 -29.94
C SER H 46 29.73 8.01 -28.57
N GLU H 47 29.90 8.84 -27.53
CA GLU H 47 30.19 8.37 -26.19
C GLU H 47 29.26 9.10 -25.22
N SER H 48 29.53 8.94 -23.92
CA SER H 48 28.71 9.53 -22.88
C SER H 48 29.20 10.92 -22.53
N VAL H 49 28.28 11.89 -22.47
CA VAL H 49 28.59 13.25 -22.09
C VAL H 49 28.07 13.59 -20.71
N GLU H 50 27.26 12.72 -20.11
CA GLU H 50 26.62 12.99 -18.83
C GLU H 50 27.52 12.63 -17.65
N TYR H 51 28.73 12.14 -17.91
CA TYR H 51 29.64 11.77 -16.84
C TYR H 51 29.89 12.94 -15.89
N TYR H 52 30.29 12.62 -14.66
CA TYR H 52 30.47 13.57 -13.57
C TYR H 52 29.13 14.15 -13.13
N GLY H 53 28.03 13.69 -13.74
CA GLY H 53 26.70 14.09 -13.34
C GLY H 53 26.06 15.19 -14.17
N THR H 54 26.71 15.67 -15.22
CA THR H 54 26.17 16.76 -16.02
C THR H 54 26.45 16.50 -17.49
N SER H 55 25.45 16.76 -18.34
CA SER H 55 25.65 16.74 -19.78
C SER H 55 26.62 17.85 -20.16
N LEU H 56 27.52 17.55 -21.09
CA LEU H 56 28.66 18.42 -21.36
C LEU H 56 28.75 18.76 -22.84
N MET H 57 27.65 19.21 -23.44
CA MET H 57 27.70 19.76 -24.77
C MET H 57 27.38 21.25 -24.77
N GLN H 58 27.75 21.91 -25.86
CA GLN H 58 27.48 23.33 -26.05
C GLN H 58 26.98 23.55 -27.47
N TRP H 59 26.04 24.48 -27.63
CA TRP H 59 25.42 24.75 -28.92
C TRP H 59 25.72 26.17 -29.33
N TYR H 60 26.20 26.34 -30.56
CA TYR H 60 26.68 27.61 -31.07
C TYR H 60 25.92 28.01 -32.33
N GLN H 61 25.78 29.30 -32.55
CA GLN H 61 25.22 29.84 -33.78
C GLN H 61 26.15 30.89 -34.36
N GLN H 62 26.10 31.05 -35.68
CA GLN H 62 27.05 31.87 -36.43
C GLN H 62 26.29 32.62 -37.52
N LYS H 63 25.98 33.88 -37.25
CA LYS H 63 25.48 34.75 -38.30
C LYS H 63 26.60 35.07 -39.29
N PRO H 64 26.36 34.96 -40.59
CA PRO H 64 27.43 35.17 -41.58
C PRO H 64 28.04 36.56 -41.45
N GLY H 65 29.32 36.60 -41.10
CA GLY H 65 30.02 37.86 -40.91
C GLY H 65 30.11 38.35 -39.49
N GLN H 66 29.74 37.52 -38.52
CA GLN H 66 29.70 37.89 -37.11
C GLN H 66 30.38 36.81 -36.28
N PRO H 67 30.80 37.13 -35.05
CA PRO H 67 31.37 36.10 -34.20
C PRO H 67 30.35 35.02 -33.91
N PRO H 68 30.80 33.77 -33.76
CA PRO H 68 29.84 32.67 -33.50
C PRO H 68 29.22 32.75 -32.12
N LYS H 69 27.92 33.04 -32.07
CA LYS H 69 27.23 33.18 -30.79
C LYS H 69 26.97 31.82 -30.17
N VAL H 70 26.84 31.81 -28.84
CA VAL H 70 26.70 30.58 -28.07
C VAL H 70 25.30 30.53 -27.49
N LEU H 71 24.68 29.34 -27.53
CA LEU H 71 23.27 29.18 -27.18
C LEU H 71 23.03 28.57 -25.81
N ILE H 72 23.79 27.55 -25.41
CA ILE H 72 23.55 26.87 -24.13
C ILE H 72 24.89 26.56 -23.47
N TYR H 73 24.96 26.75 -22.15
CA TYR H 73 26.09 26.25 -21.38
C TYR H 73 26.25 24.74 -21.54
N ALA H 74 25.13 24.03 -21.57
CA ALA H 74 25.04 22.62 -21.21
C ALA H 74 23.96 21.97 -22.04
N ALA H 75 23.35 20.90 -21.52
CA ALA H 75 22.12 20.40 -22.11
C ALA H 75 21.08 21.51 -22.27
N SER H 76 20.87 22.32 -21.22
CA SER H 76 19.73 23.25 -21.24
C SER H 76 20.02 24.65 -20.70
N ASN H 77 21.18 24.86 -20.07
CA ASN H 77 21.43 26.13 -19.40
C ASN H 77 21.72 27.25 -20.39
N VAL H 78 20.83 28.25 -20.44
CA VAL H 78 20.93 29.36 -21.40
C VAL H 78 21.71 30.50 -20.76
N GLU H 79 22.36 31.31 -21.60
CA GLU H 79 23.21 32.39 -21.16
C GLU H 79 22.41 33.67 -20.92
N SER H 80 23.04 34.60 -20.20
CA SER H 80 22.47 35.93 -20.03
C SER H 80 22.47 36.68 -21.36
N GLY H 81 21.49 37.56 -21.52
CA GLY H 81 21.36 38.33 -22.74
C GLY H 81 20.71 37.57 -23.87
N VAL H 82 20.87 36.25 -23.87
CA VAL H 82 20.23 35.42 -24.89
C VAL H 82 18.72 35.46 -24.69
N PRO H 83 17.93 35.68 -25.74
CA PRO H 83 16.48 35.67 -25.57
C PRO H 83 15.99 34.32 -25.07
N ALA H 84 14.93 34.35 -24.25
CA ALA H 84 14.37 33.14 -23.68
C ALA H 84 13.75 32.22 -24.72
N ARG H 85 13.57 32.70 -25.95
CA ARG H 85 12.99 31.87 -27.01
C ARG H 85 13.78 30.58 -27.20
N PHE H 86 15.10 30.67 -27.19
CA PHE H 86 15.94 29.49 -27.37
C PHE H 86 15.86 28.58 -26.16
N SER H 87 15.92 27.28 -26.42
CA SER H 87 16.05 26.27 -25.36
C SER H 87 16.43 24.96 -26.02
N GLY H 88 16.49 23.91 -25.22
CA GLY H 88 16.85 22.60 -25.73
C GLY H 88 17.32 21.68 -24.63
N SER H 89 17.31 20.37 -24.87
CA SER H 89 17.66 19.42 -23.82
C SER H 89 17.87 18.04 -24.43
N GLY H 90 18.09 17.07 -23.55
CA GLY H 90 18.42 15.72 -23.94
C GLY H 90 19.33 15.11 -22.90
N SER H 91 19.80 13.90 -23.19
CA SER H 91 20.69 13.19 -22.28
C SER H 91 21.32 12.02 -23.02
N GLY H 92 22.14 11.26 -22.32
CA GLY H 92 22.80 10.10 -22.89
C GLY H 92 23.63 10.46 -24.10
N THR H 93 23.14 10.08 -25.28
CA THR H 93 23.79 10.42 -26.54
C THR H 93 22.96 11.34 -27.41
N ASP H 94 21.72 11.63 -27.05
CA ASP H 94 20.80 12.37 -27.90
C ASP H 94 20.50 13.73 -27.27
N PHE H 95 20.40 14.75 -28.12
CA PHE H 95 20.04 16.09 -27.68
C PHE H 95 19.28 16.79 -28.80
N SER H 96 18.53 17.82 -28.44
CA SER H 96 17.66 18.50 -29.39
C SER H 96 17.47 19.95 -28.98
N LEU H 97 17.10 20.76 -29.97
CA LEU H 97 16.89 22.20 -29.83
C LEU H 97 15.40 22.52 -29.77
N ASN H 98 15.09 23.75 -29.35
CA ASN H 98 13.71 24.22 -29.25
C ASN H 98 13.71 25.72 -29.50
N ILE H 99 13.13 26.14 -30.62
CA ILE H 99 12.95 27.55 -30.96
C ILE H 99 11.56 27.69 -31.59
N HIS H 100 10.58 28.13 -30.79
CA HIS H 100 9.22 28.23 -31.32
C HIS H 100 9.06 29.45 -32.22
N PRO H 101 9.27 30.71 -31.74
CA PRO H 101 9.09 31.86 -32.64
C PRO H 101 10.37 32.22 -33.37
N VAL H 102 10.66 31.54 -34.48
CA VAL H 102 11.85 31.85 -35.26
C VAL H 102 11.73 33.26 -35.82
N GLU H 103 12.77 34.06 -35.64
CA GLU H 103 12.75 35.47 -36.02
C GLU H 103 13.59 35.70 -37.26
N GLU H 104 13.66 36.97 -37.69
CA GLU H 104 14.44 37.31 -38.86
C GLU H 104 15.92 37.07 -38.65
N ASP H 105 16.44 37.40 -37.47
CA ASP H 105 17.87 37.27 -37.23
C ASP H 105 18.29 35.82 -37.02
N ASP H 106 17.34 34.93 -36.71
CA ASP H 106 17.67 33.54 -36.42
C ASP H 106 17.76 32.78 -37.76
N ILE H 107 18.73 33.20 -38.57
CA ILE H 107 19.12 32.51 -39.80
C ILE H 107 20.63 32.46 -39.76
N ALA H 108 21.18 31.34 -39.28
CA ALA H 108 22.61 31.28 -39.01
C ALA H 108 23.08 29.83 -39.14
N MET H 109 24.38 29.64 -38.92
CA MET H 109 25.03 28.34 -38.99
C MET H 109 25.14 27.79 -37.56
N TYR H 110 24.52 26.66 -37.29
CA TYR H 110 24.43 26.14 -35.93
C TYR H 110 25.24 24.86 -35.79
N PHE H 111 25.90 24.73 -34.65
CA PHE H 111 26.75 23.58 -34.33
C PHE H 111 26.46 23.10 -32.91
N CYS H 112 26.73 21.82 -32.68
CA CYS H 112 26.74 21.25 -31.33
C CYS H 112 28.08 20.59 -31.09
N GLN H 113 28.67 20.86 -29.93
CA GLN H 113 30.05 20.55 -29.61
C GLN H 113 30.11 19.57 -28.43
N GLN H 114 31.24 18.86 -28.32
CA GLN H 114 31.47 17.89 -27.25
C GLN H 114 32.76 18.23 -26.51
N SER H 115 32.78 17.92 -25.22
CA SER H 115 33.83 18.46 -24.36
C SER H 115 34.41 17.48 -23.34
N ARG H 116 34.05 16.20 -23.36
CA ARG H 116 34.56 15.29 -22.33
C ARG H 116 35.91 14.72 -22.71
N LYS H 117 35.98 14.01 -23.84
CA LYS H 117 37.25 13.47 -24.31
C LYS H 117 38.20 14.62 -24.64
N VAL H 118 39.50 14.41 -24.38
CA VAL H 118 40.50 15.46 -24.49
C VAL H 118 40.42 16.15 -25.85
N PRO H 119 40.27 15.42 -26.98
CA PRO H 119 39.90 16.13 -28.21
C PRO H 119 38.47 16.65 -28.14
N TRP H 120 38.33 17.96 -28.01
CA TRP H 120 37.04 18.62 -27.90
C TRP H 120 36.51 18.87 -29.31
N THR H 121 35.45 18.16 -29.69
CA THR H 121 34.99 18.09 -31.07
C THR H 121 33.67 18.82 -31.25
N PHE H 122 33.56 19.55 -32.35
CA PHE H 122 32.34 20.26 -32.73
C PHE H 122 31.49 19.37 -33.62
N GLY H 123 30.48 19.96 -34.27
CA GLY H 123 29.60 19.26 -35.15
C GLY H 123 29.79 19.62 -36.61
N GLY H 124 28.87 19.13 -37.44
CA GLY H 124 28.90 19.41 -38.87
C GLY H 124 28.02 20.56 -39.27
N GLY H 125 26.87 20.28 -39.88
CA GLY H 125 25.98 21.34 -40.33
C GLY H 125 24.54 21.16 -39.90
N THR H 126 23.95 22.23 -39.36
CA THR H 126 22.50 22.34 -39.11
C THR H 126 21.99 23.71 -39.52
N LYS H 127 22.33 24.14 -40.74
CA LYS H 127 22.03 25.50 -41.17
C LYS H 127 20.53 25.75 -41.21
N LEU H 128 20.14 27.03 -41.16
CA LEU H 128 18.76 27.46 -41.27
C LEU H 128 18.61 28.41 -42.46
N GLU H 129 17.42 28.39 -43.08
CA GLU H 129 17.16 29.20 -44.24
C GLU H 129 15.69 29.60 -44.25
N ILE H 130 15.39 30.74 -44.85
CA ILE H 130 14.01 31.24 -44.93
C ILE H 130 13.27 30.47 -46.01
N LYS H 131 12.07 29.99 -45.67
CA LYS H 131 11.24 29.25 -46.61
C LYS H 131 10.10 30.13 -47.14
N VAL I 21 34.47 45.50 -22.20
CA VAL I 21 34.64 44.06 -22.10
C VAL I 21 34.49 43.41 -23.49
N GLN I 22 35.39 43.76 -24.39
CA GLN I 22 35.40 43.26 -25.75
C GLN I 22 36.73 42.59 -26.05
N LEU I 23 36.81 41.92 -27.19
CA LEU I 23 38.03 41.26 -27.65
C LEU I 23 38.32 41.70 -29.08
N GLN I 24 39.59 41.95 -29.38
CA GLN I 24 39.99 42.31 -30.73
C GLN I 24 41.08 41.37 -31.22
N GLN I 25 40.88 40.80 -32.41
CA GLN I 25 41.80 39.82 -32.96
C GLN I 25 42.52 40.38 -34.17
N SER I 26 43.83 40.17 -34.24
CA SER I 26 44.65 40.63 -35.36
C SER I 26 45.74 39.61 -35.65
N GLY I 27 46.07 39.45 -36.93
CA GLY I 27 45.47 40.19 -38.02
C GLY I 27 45.55 39.43 -39.33
N PRO I 28 45.07 40.05 -40.42
CA PRO I 28 45.13 39.37 -41.73
C PRO I 28 46.57 39.11 -42.15
N GLU I 29 46.79 37.94 -42.77
CA GLU I 29 48.12 37.52 -43.18
C GLU I 29 48.04 36.89 -44.56
N LEU I 30 49.21 36.86 -45.23
CA LEU I 30 49.38 36.20 -46.51
C LEU I 30 50.70 35.43 -46.52
N VAL I 31 50.98 34.72 -45.43
CA VAL I 31 52.28 34.09 -45.25
C VAL I 31 52.35 32.77 -46.01
N LYS I 32 53.55 32.41 -46.45
CA LYS I 32 53.81 31.21 -47.21
C LYS I 32 53.88 29.99 -46.29
N PRO I 33 53.69 28.79 -46.83
CA PRO I 33 53.80 27.59 -45.98
C PRO I 33 55.20 27.41 -45.45
N GLY I 34 55.30 26.82 -44.25
CA GLY I 34 56.54 26.69 -43.55
C GLY I 34 56.91 27.88 -42.69
N ALA I 35 56.14 28.96 -42.73
CA ALA I 35 56.38 30.14 -41.92
C ALA I 35 55.66 29.98 -40.58
N SER I 36 55.60 31.05 -39.80
CA SER I 36 54.97 31.00 -38.49
C SER I 36 54.38 32.37 -38.16
N VAL I 37 53.18 32.36 -37.59
CA VAL I 37 52.49 33.58 -37.17
C VAL I 37 51.90 33.35 -35.79
N LYS I 38 52.08 34.32 -34.90
CA LYS I 38 51.51 34.27 -33.56
C LYS I 38 50.28 35.17 -33.54
N ILE I 39 49.10 34.55 -33.46
CA ILE I 39 47.85 35.29 -33.57
C ILE I 39 47.64 36.15 -32.32
N SER I 40 47.34 37.43 -32.53
CA SER I 40 47.21 38.40 -31.45
C SER I 40 45.74 38.58 -31.08
N CYS I 41 45.45 38.59 -29.77
CA CYS I 41 44.08 38.71 -29.28
C CYS I 41 44.10 39.58 -28.03
N LYS I 42 43.62 40.82 -28.16
CA LYS I 42 43.57 41.71 -27.01
C LYS I 42 42.24 41.53 -26.27
N ALA I 43 42.34 41.51 -24.94
CA ALA I 43 41.28 41.13 -24.02
C ALA I 43 40.45 42.31 -23.53
N SER I 44 41.05 43.49 -23.45
CA SER I 44 40.37 44.74 -23.10
C SER I 44 39.75 44.60 -21.72
N GLY I 45 38.43 44.64 -21.57
CA GLY I 45 37.78 44.71 -20.27
C GLY I 45 37.62 43.39 -19.55
N TYR I 46 38.29 42.33 -19.99
CA TYR I 46 38.19 41.05 -19.33
C TYR I 46 38.81 41.10 -17.94
N SER I 47 38.45 40.13 -17.10
CA SER I 47 39.11 40.00 -15.80
C SER I 47 40.48 39.33 -15.95
N PHE I 48 40.66 38.52 -16.99
CA PHE I 48 41.91 37.84 -17.37
C PHE I 48 42.65 37.24 -16.18
N THR I 49 41.92 36.82 -15.14
CA THR I 49 42.52 36.13 -14.01
C THR I 49 41.89 34.79 -13.70
N GLY I 50 40.66 34.53 -14.13
CA GLY I 50 40.00 33.27 -13.85
C GLY I 50 39.16 32.75 -15.00
N TYR I 51 39.45 33.21 -16.21
CA TYR I 51 38.73 32.78 -17.40
C TYR I 51 39.73 32.42 -18.49
N SER I 52 39.56 31.24 -19.08
CA SER I 52 40.51 30.73 -20.06
C SER I 52 40.37 31.48 -21.38
N MET I 53 41.45 31.42 -22.18
CA MET I 53 41.50 31.97 -23.53
C MET I 53 41.65 30.79 -24.47
N ASN I 54 40.60 30.51 -25.25
CA ASN I 54 40.47 29.24 -25.95
C ASN I 54 40.70 29.43 -27.45
N TRP I 55 41.61 28.62 -28.00
CA TRP I 55 42.00 28.63 -29.40
C TRP I 55 41.25 27.56 -30.19
N MET I 56 40.58 27.97 -31.26
CA MET I 56 39.90 27.06 -32.18
C MET I 56 40.25 27.45 -33.61
N LYS I 57 39.89 26.58 -34.56
CA LYS I 57 40.09 26.85 -35.97
C LYS I 57 38.79 26.65 -36.72
N GLN I 58 38.68 27.33 -37.87
CA GLN I 58 37.57 27.14 -38.79
C GLN I 58 38.12 27.25 -40.21
N SER I 59 38.20 26.12 -40.90
CA SER I 59 38.52 26.10 -42.32
C SER I 59 37.37 26.71 -43.11
N PRO I 60 37.59 27.12 -44.37
CA PRO I 60 36.48 27.69 -45.15
C PRO I 60 35.40 26.67 -45.47
N GLU I 61 34.97 25.97 -44.43
CA GLU I 61 33.76 25.16 -44.40
C GLU I 61 33.29 25.20 -42.95
N LYS I 62 32.45 24.26 -42.53
CA LYS I 62 32.07 24.23 -41.12
C LYS I 62 33.30 24.01 -40.25
N SER I 63 33.87 22.81 -40.29
CA SER I 63 35.20 22.48 -39.77
C SER I 63 35.61 23.18 -38.48
N LEU I 64 34.71 23.31 -37.51
CA LEU I 64 35.13 23.80 -36.20
C LEU I 64 35.86 22.71 -35.43
N GLU I 65 36.94 23.09 -34.76
CA GLU I 65 37.69 22.15 -33.93
C GLU I 65 38.38 22.92 -32.82
N TRP I 66 38.40 22.33 -31.62
CA TRP I 66 39.08 22.93 -30.47
C TRP I 66 40.58 22.69 -30.61
N ILE I 67 41.33 23.76 -30.91
CA ILE I 67 42.77 23.64 -31.01
C ILE I 67 43.39 23.45 -29.63
N GLY I 68 43.16 24.40 -28.74
CA GLY I 68 43.78 24.28 -27.43
C GLY I 68 43.19 25.28 -26.45
N GLU I 69 43.68 25.19 -25.21
CA GLU I 69 43.19 26.03 -24.13
C GLU I 69 44.32 26.23 -23.13
N ILE I 70 44.64 27.49 -22.85
CA ILE I 70 45.70 27.86 -21.92
C ILE I 70 45.10 28.74 -20.83
N ASN I 71 45.66 28.63 -19.63
CA ASN I 71 45.20 29.39 -18.48
C ASN I 71 45.85 30.77 -18.47
N PRO I 72 45.08 31.86 -18.58
CA PRO I 72 45.69 33.19 -18.45
C PRO I 72 45.89 33.58 -16.99
N SER I 73 46.35 32.63 -16.17
CA SER I 73 46.82 32.90 -14.83
C SER I 73 48.11 32.17 -14.46
N THR I 74 48.43 31.06 -15.12
CA THR I 74 49.64 30.29 -14.86
C THR I 74 50.05 29.62 -16.16
N GLY I 75 50.94 28.64 -16.07
CA GLY I 75 51.42 27.92 -17.24
C GLY I 75 50.55 26.77 -17.69
N GLY I 76 49.41 26.54 -17.04
CA GLY I 76 48.53 25.45 -17.44
C GLY I 76 48.03 25.57 -18.86
N THR I 77 48.15 24.48 -19.62
CA THR I 77 47.75 24.49 -21.03
C THR I 77 47.22 23.12 -21.42
N THR I 78 46.25 23.10 -22.32
CA THR I 78 45.70 21.88 -22.90
C THR I 78 45.51 22.09 -24.39
N ASP I 79 45.97 21.14 -25.19
CA ASP I 79 45.91 21.22 -26.64
C ASP I 79 45.61 19.86 -27.24
N ASN I 80 45.04 19.87 -28.44
CA ASN I 80 44.75 18.63 -29.14
C ASN I 80 46.06 18.01 -29.65
N GLN I 81 46.21 16.70 -29.44
CA GLN I 81 47.47 16.04 -29.78
C GLN I 81 47.73 16.04 -31.27
N LYS I 82 46.68 15.84 -32.07
CA LYS I 82 46.89 15.71 -33.52
C LYS I 82 47.37 17.01 -34.13
N PHE I 83 46.95 18.15 -33.57
CA PHE I 83 47.54 19.43 -33.93
C PHE I 83 48.73 19.82 -33.06
N LYS I 84 49.02 19.05 -32.02
CA LYS I 84 50.12 19.37 -31.11
C LYS I 84 51.49 19.16 -31.77
N ALA I 85 51.53 18.70 -33.02
CA ALA I 85 52.79 18.48 -33.73
C ALA I 85 53.77 19.62 -33.51
N LYS I 86 53.35 20.85 -33.80
CA LYS I 86 54.17 22.02 -33.49
C LYS I 86 53.31 23.21 -33.03
N ALA I 87 52.18 22.93 -32.38
CA ALA I 87 51.32 24.00 -31.88
C ALA I 87 51.68 24.34 -30.44
N THR I 88 51.86 25.63 -30.17
CA THR I 88 52.18 26.10 -28.83
C THR I 88 51.31 27.30 -28.48
N LEU I 89 51.13 27.51 -27.17
CA LEU I 89 50.28 28.57 -26.66
C LEU I 89 51.08 29.42 -25.68
N THR I 90 51.03 30.74 -25.85
CA THR I 90 51.77 31.67 -25.00
C THR I 90 50.83 32.73 -24.45
N VAL I 91 51.03 33.10 -23.20
CA VAL I 91 50.22 34.11 -22.54
C VAL I 91 51.12 35.26 -22.11
N ASP I 92 50.59 36.49 -22.19
CA ASP I 92 51.24 37.68 -21.68
C ASP I 92 50.28 38.34 -20.70
N LYS I 93 50.53 38.14 -19.41
CA LYS I 93 49.70 38.77 -18.38
C LYS I 93 49.90 40.27 -18.32
N SER I 94 51.03 40.78 -18.81
CA SER I 94 51.25 42.22 -18.83
C SER I 94 50.21 42.92 -19.69
N SER I 95 49.93 42.36 -20.87
CA SER I 95 48.87 42.86 -21.74
C SER I 95 47.63 41.96 -21.71
N SER I 96 47.66 40.88 -20.93
CA SER I 96 46.57 39.92 -20.80
C SER I 96 46.20 39.26 -22.13
N THR I 97 47.14 39.16 -23.06
CA THR I 97 46.85 38.62 -24.37
C THR I 97 47.34 37.18 -24.51
N ALA I 98 46.89 36.52 -25.57
CA ALA I 98 47.28 35.14 -25.85
C ALA I 98 47.68 35.03 -27.32
N TYR I 99 48.67 34.17 -27.57
CA TYR I 99 49.20 33.95 -28.91
C TYR I 99 49.40 32.46 -29.12
N MET I 100 48.74 31.91 -30.14
CA MET I 100 48.94 30.54 -30.56
C MET I 100 49.89 30.54 -31.76
N GLN I 101 50.88 29.65 -31.72
CA GLN I 101 51.87 29.56 -32.79
C GLN I 101 51.86 28.14 -33.32
N LEU I 102 51.47 28.00 -34.59
CA LEU I 102 51.56 26.73 -35.30
C LEU I 102 52.89 26.72 -36.06
N LYS I 103 53.95 26.31 -35.35
CA LYS I 103 55.27 26.27 -35.94
C LYS I 103 55.27 25.36 -37.16
N SER I 104 55.85 25.86 -38.25
CA SER I 104 55.78 25.23 -39.57
C SER I 104 54.34 25.21 -40.06
N LEU I 105 54.08 25.81 -41.22
CA LEU I 105 52.72 25.99 -41.70
C LEU I 105 52.56 25.26 -43.02
N THR I 106 51.41 24.62 -43.20
CA THR I 106 51.09 23.87 -44.40
C THR I 106 49.85 24.45 -45.05
N SER I 107 49.72 24.25 -46.36
CA SER I 107 48.67 24.89 -47.14
C SER I 107 47.27 24.43 -46.75
N GLU I 108 47.12 23.18 -46.30
CA GLU I 108 45.81 22.72 -45.88
C GLU I 108 45.37 23.42 -44.60
N ASP I 109 46.32 23.91 -43.81
CA ASP I 109 46.02 24.71 -42.62
C ASP I 109 45.86 26.19 -42.98
N SER I 110 44.96 26.43 -43.94
CA SER I 110 44.61 27.79 -44.38
C SER I 110 43.20 28.05 -43.88
N ALA I 111 43.09 28.56 -42.66
CA ALA I 111 41.81 28.69 -41.99
C ALA I 111 41.79 29.97 -41.16
N VAL I 112 40.60 30.35 -40.72
CA VAL I 112 40.48 31.42 -39.74
C VAL I 112 40.75 30.81 -38.36
N TYR I 113 41.46 31.54 -37.51
CA TYR I 113 41.91 31.03 -36.23
C TYR I 113 41.29 31.87 -35.13
N TYR I 114 40.29 31.31 -34.44
CA TYR I 114 39.49 32.06 -33.48
C TYR I 114 40.05 31.95 -32.07
N CYS I 115 39.98 33.05 -31.34
CA CYS I 115 40.23 33.08 -29.90
C CYS I 115 38.93 33.49 -29.22
N ALA I 116 38.56 32.74 -28.18
CA ALA I 116 37.29 32.96 -27.49
C ALA I 116 37.52 32.96 -25.98
N ARG I 117 36.52 33.46 -25.27
CA ARG I 117 36.48 33.45 -23.81
C ARG I 117 35.50 32.39 -23.35
N SER I 118 35.88 31.67 -22.30
CA SER I 118 35.06 30.58 -21.75
C SER I 118 34.87 29.54 -22.87
N ARG I 119 33.66 29.03 -23.06
CA ARG I 119 33.35 28.13 -24.16
C ARG I 119 32.95 28.86 -25.43
N GLY I 120 33.01 30.19 -25.44
CA GLY I 120 32.60 30.96 -26.58
C GLY I 120 31.73 32.15 -26.20
N ASP I 121 31.66 32.45 -24.90
CA ASP I 121 30.84 33.56 -24.46
C ASP I 121 31.32 34.89 -25.03
N TYR I 122 32.60 34.98 -25.39
CA TYR I 122 33.16 36.19 -25.97
C TYR I 122 34.22 35.79 -26.98
N TRP I 123 34.00 36.13 -28.25
CA TRP I 123 34.87 35.76 -29.35
C TRP I 123 35.71 36.96 -29.81
N GLY I 124 36.58 36.70 -30.78
CA GLY I 124 37.26 37.74 -31.53
C GLY I 124 36.69 37.86 -32.93
N GLN I 125 37.22 38.85 -33.66
CA GLN I 125 36.74 39.08 -35.01
C GLN I 125 37.14 37.95 -35.95
N GLY I 126 38.33 37.37 -35.75
CA GLY I 126 38.77 36.26 -36.57
C GLY I 126 39.74 36.64 -37.67
N THR I 127 40.91 35.98 -37.69
CA THR I 127 41.92 36.23 -38.69
C THR I 127 42.07 35.02 -39.60
N SER I 128 41.92 35.24 -40.90
CA SER I 128 42.08 34.20 -41.91
C SER I 128 43.47 34.33 -42.53
N VAL I 129 44.27 33.28 -42.39
CA VAL I 129 45.62 33.25 -42.93
C VAL I 129 45.59 32.42 -44.21
N THR I 130 45.65 33.09 -45.36
CA THR I 130 45.62 32.44 -46.65
C THR I 130 47.03 31.98 -46.99
N VAL I 131 47.27 30.69 -46.84
CA VAL I 131 48.60 30.11 -47.11
C VAL I 131 48.76 30.01 -48.62
N SER I 132 49.62 30.86 -49.19
CA SER I 132 49.83 30.92 -50.63
C SER I 132 50.78 29.80 -51.05
N SER I 133 50.27 28.86 -51.84
CA SER I 133 51.05 27.73 -52.30
C SER I 133 52.17 28.16 -53.25
C1 NAG J . 21.94 -43.53 3.05
C2 NAG J . 21.66 -44.77 3.90
C3 NAG J . 22.98 -45.42 4.31
C4 NAG J . 23.67 -45.99 3.09
C5 NAG J . 23.73 -44.95 1.96
C6 NAG J . 22.92 -45.32 0.74
C7 NAG J . 19.80 -45.11 5.46
C8 NAG J . 19.41 -46.28 4.60
N2 NAG J . 20.88 -44.43 5.08
O3 NAG J . 22.72 -46.46 5.26
O4 NAG J . 24.99 -46.38 3.42
O5 NAG J . 23.27 -43.66 2.40
O6 NAG J . 23.28 -46.61 0.25
O7 NAG J . 19.15 -44.81 6.45
C1 NAG J . 25.16 -47.77 3.11
C2 NAG J . 26.38 -47.90 2.19
C3 NAG J . 26.65 -49.37 1.88
C4 NAG J . 26.76 -50.19 3.16
C5 NAG J . 25.52 -49.95 4.04
C6 NAG J . 25.62 -50.63 5.38
C7 NAG J . 26.94 -46.06 0.67
C8 NAG J . 26.64 -45.39 -0.64
N2 NAG J . 26.21 -47.14 0.97
O3 NAG J . 27.85 -49.49 1.13
O4 NAG J . 26.87 -51.57 2.86
O5 NAG J . 25.36 -48.56 4.29
O6 NAG J . 26.32 -49.81 6.32
O7 NAG J . 27.83 -45.65 1.42
C1 NAG K . 21.16 -37.38 -34.73
C2 NAG K . 21.00 -36.00 -35.39
C3 NAG K . 22.36 -35.42 -35.79
C4 NAG K . 23.40 -36.52 -36.01
C5 NAG K . 22.73 -37.74 -36.62
C6 NAG K . 23.72 -38.82 -36.97
C7 NAG K . 18.77 -36.08 -36.44
C8 NAG K . 18.02 -36.15 -37.73
N2 NAG K . 20.11 -36.07 -36.55
O3 NAG K . 22.80 -34.52 -34.77
O4 NAG K . 24.45 -36.08 -36.86
O5 NAG K . 21.81 -38.31 -35.67
O6 NAG K . 24.71 -38.35 -37.88
O7 NAG K . 18.21 -36.05 -35.35
C1 NAG K . 24.09 -34.96 -37.69
C2 NAG K . 25.16 -33.88 -37.54
C3 NAG K . 24.83 -32.69 -38.43
C4 NAG K . 24.58 -33.13 -39.86
C5 NAG K . 23.55 -34.25 -39.91
C6 NAG K . 23.36 -34.82 -41.29
C7 NAG K . 26.41 -33.71 -35.44
C8 NAG K . 26.39 -33.23 -34.02
N2 NAG K . 25.31 -33.47 -36.16
O3 NAG K . 25.90 -31.75 -38.37
O4 NAG K . 24.13 -32.03 -40.64
O5 NAG K . 23.96 -35.34 -39.07
O6 NAG K . 23.86 -36.14 -41.38
O7 NAG K . 27.39 -34.29 -35.92
C1 NAG L . -47.08 -6.63 -1.04
C2 NAG L . -48.56 -6.77 -0.62
C3 NAG L . -49.48 -6.82 -1.84
C4 NAG L . -48.78 -7.42 -3.06
C5 NAG L . -47.74 -8.43 -2.62
C6 NAG L . -47.10 -9.15 -3.78
C7 NAG L . -48.70 -7.87 1.57
C8 NAG L . -48.95 -9.15 2.31
N2 NAG L . -48.78 -7.93 0.24
O3 NAG L . -49.95 -5.52 -2.14
O4 NAG L . -49.71 -8.06 -3.92
O5 NAG L . -46.69 -7.76 -1.91
O6 NAG L . -47.48 -8.58 -5.02
O7 NAG L . -48.45 -6.83 2.16
C1 NAG L . -50.73 -8.78 -3.20
C2 NAG L . -52.00 -8.80 -4.04
C3 NAG L . -53.11 -9.58 -3.34
C4 NAG L . -52.61 -10.96 -2.94
C5 NAG L . -51.31 -10.85 -2.13
C6 NAG L . -50.70 -12.20 -1.81
C7 NAG L . -51.97 -6.73 -5.38
C8 NAG L . -52.54 -5.35 -5.54
N2 NAG L . -52.44 -7.45 -4.35
O3 NAG L . -54.23 -9.70 -4.20
O4 NAG L . -53.59 -11.62 -2.15
O5 NAG L . -50.33 -10.13 -2.89
O6 NAG L . -50.48 -12.33 -0.41
O7 NAG L . -51.13 -7.18 -6.15
C1 NAG M . -27.06 -63.37 76.58
C2 NAG M . -27.74 -62.79 75.34
C3 NAG M . -29.26 -62.89 75.48
C4 NAG M . -29.69 -63.44 76.83
C5 NAG M . -28.91 -64.70 77.25
C6 NAG M . -29.53 -65.97 76.72
C7 NAG M . -27.15 -60.88 73.90
C8 NAG M . -27.36 -61.81 72.74
N2 NAG M . -27.35 -61.40 75.12
O3 NAG M . -29.78 -63.71 74.43
O4 NAG M . -29.56 -62.42 77.83
O5 NAG M . -27.55 -64.67 76.80
O6 NAG M . -28.90 -67.12 77.28
O7 NAG M . -26.82 -59.72 73.74
C1 NAG M . -30.25 -62.76 79.05
C2 NAG M . -29.30 -62.57 80.23
C3 NAG M . -30.01 -62.84 81.54
C4 NAG M . -31.27 -61.99 81.64
C5 NAG M . -32.15 -62.21 80.42
C6 NAG M . -33.37 -61.31 80.39
C7 NAG M . -26.87 -62.96 80.05
C8 NAG M . -26.72 -61.47 80.13
N2 NAG M . -28.12 -63.43 80.10
O3 NAG M . -29.14 -62.55 82.63
O4 NAG M . -32.00 -62.34 82.81
O5 NAG M . -31.40 -61.94 79.22
O6 NAG M . -33.80 -61.07 79.06
O7 NAG M . -25.90 -63.71 79.94
C1 NAG N . -13.44 -71.06 63.33
C2 NAG N . -13.94 -72.50 63.18
C3 NAG N . -13.95 -73.19 64.53
C4 NAG N . -12.58 -73.09 65.20
C5 NAG N . -12.20 -71.62 65.31
C6 NAG N . -10.83 -71.40 65.91
C7 NAG N . -15.48 -72.89 61.30
C8 NAG N . -14.27 -73.26 60.50
N2 NAG N . -15.26 -72.53 62.58
O3 NAG N . -14.30 -74.57 64.36
O4 NAG N . -12.61 -73.69 66.49
O5 NAG N . -12.18 -71.03 63.99
O6 NAG N . -9.84 -72.18 65.26
O7 NAG N . -16.61 -72.91 60.82
C1 NAG N . -11.58 -74.71 66.53
C2 NAG N . -11.49 -75.27 67.95
C3 NAG N . -10.41 -76.35 68.01
C4 NAG N . -10.66 -77.42 66.95
C5 NAG N . -10.79 -76.77 65.58
C6 NAG N . -11.16 -77.76 64.49
C7 NAG N . -11.92 -74.09 70.05
C8 NAG N . -13.01 -75.07 70.29
N2 NAG N . -11.23 -74.23 68.91
O3 NAG N . -10.41 -76.94 69.30
O4 NAG N . -9.57 -78.33 66.92
O5 NAG N . -11.83 -75.77 65.60
O6 NAG N . -12.23 -77.27 63.68
O7 NAG N . -11.67 -73.18 70.85
C1 NAG O . 19.05 -56.78 42.41
C2 NAG O . 20.04 -57.90 42.65
C3 NAG O . 21.16 -57.84 41.61
C4 NAG O . 20.58 -57.82 40.20
C5 NAG O . 19.53 -56.72 40.06
C6 NAG O . 18.81 -56.75 38.73
C7 NAG O . 21.00 -58.93 44.65
C8 NAG O . 21.54 -58.70 46.03
N2 NAG O . 20.59 -57.85 43.99
O3 NAG O . 22.02 -58.95 41.77
O4 NAG O . 21.61 -57.59 39.25
O5 NAG O . 18.53 -56.86 41.08
O6 NAG O . 17.56 -57.43 38.83
O7 NAG O . 20.93 -60.06 44.16
C1 NAG O . 21.93 -58.85 38.60
C2 NAG O . 22.18 -58.57 37.14
C3 NAG O . 22.98 -59.70 36.49
C4 NAG O . 22.95 -60.99 37.30
C5 NAG O . 23.28 -60.76 38.79
C6 NAG O . 24.71 -61.11 39.13
C7 NAG O . 19.91 -59.17 36.32
C8 NAG O . 18.74 -58.70 35.51
N2 NAG O . 20.94 -58.31 36.41
O3 NAG O . 24.33 -59.27 36.29
O4 NAG O . 21.68 -61.62 37.19
O5 NAG O . 23.08 -59.41 39.17
O6 NAG O . 25.27 -60.15 40.02
O7 NAG O . 19.95 -60.28 36.85
C1 NAG P . -0.47 -63.80 49.46
C2 NAG P . -0.35 -65.31 49.64
C3 NAG P . 1.00 -65.80 49.15
C4 NAG P . 1.24 -65.34 47.72
C5 NAG P . 1.05 -63.83 47.62
C6 NAG P . 1.16 -63.31 46.19
C7 NAG P . -1.40 -66.65 51.41
C8 NAG P . -1.49 -66.92 52.87
N2 NAG P . -0.56 -65.69 51.03
O3 NAG P . 1.05 -67.22 49.22
O4 NAG P . 2.58 -65.66 47.33
O5 NAG P . -0.25 -63.46 48.09
O6 NAG P . 0.81 -61.94 46.12
O7 NAG P . -2.06 -67.29 50.59
C1 NAG P . 2.57 -66.71 46.35
C2 NAG P . 3.93 -66.70 45.65
C3 NAG P . 4.00 -67.84 44.63
C4 NAG P . 3.67 -69.16 45.30
C5 NAG P . 2.33 -69.07 46.01
C6 NAG P . 1.98 -70.31 46.81
C7 NAG P . 5.09 -64.55 45.45
C8 NAG P . 5.22 -63.28 44.66
N2 NAG P . 4.18 -65.42 45.00
O3 NAG P . 5.31 -67.90 44.08
O4 NAG P . 3.62 -70.20 44.34
O5 NAG P . 2.34 -67.98 46.95
O6 NAG P . 2.36 -70.16 48.17
O7 NAG P . 5.78 -64.77 46.44
C1 NAG Q . -29.79 -56.31 61.45
C2 NAG Q . -30.05 -56.37 62.94
C3 NAG Q . -30.86 -57.61 63.28
C4 NAG Q . -32.11 -57.70 62.42
C5 NAG Q . -31.78 -57.48 60.94
C6 NAG Q . -33.01 -57.35 60.08
C7 NAG Q . -28.18 -55.22 64.04
C8 NAG Q . -26.90 -55.39 64.80
N2 NAG Q . -28.79 -56.35 63.69
O3 NAG Q . -31.23 -57.57 64.66
O4 NAG Q . -32.69 -58.99 62.56
O5 NAG Q . -31.02 -56.29 60.75
O6 NAG Q . -34.04 -56.63 60.75
O7 NAG Q . -28.62 -54.11 63.76
C1 NAG Q . -34.00 -58.92 63.17
C2 NAG Q . -34.89 -59.96 62.50
C3 NAG Q . -36.27 -59.96 63.15
C4 NAG Q . -36.14 -60.17 64.65
C5 NAG Q . -35.19 -59.12 65.25
C6 NAG Q . -34.92 -59.33 66.72
C7 NAG Q . -34.86 -60.66 60.15
C8 NAG Q . -35.01 -60.23 58.73
N2 NAG Q . -35.01 -59.71 61.07
O3 NAG Q . -37.06 -61.00 62.59
O4 NAG Q . -37.42 -60.05 65.28
O5 NAG Q . -33.93 -59.18 64.58
O6 NAG Q . -33.65 -58.82 67.08
O7 NAG Q . -34.62 -61.83 60.45
C1 NAG R . -46.94 7.26 -21.98
C2 NAG R . -46.47 6.42 -20.79
C3 NAG R . -47.42 5.27 -20.52
C4 NAG R . -47.61 4.40 -21.77
C5 NAG R . -48.00 5.23 -22.98
C6 NAG R . -49.43 5.71 -22.98
C7 NAG R . -44.06 6.34 -20.27
C8 NAG R . -44.36 7.37 -19.21
N2 NAG R . -45.11 5.93 -20.99
O3 NAG R . -48.66 5.76 -20.05
O4 NAG R . -46.39 3.73 -22.08
O5 NAG R . -47.16 6.39 -23.15
O6 NAG R . -50.25 4.91 -22.15
O7 NAG R . -42.93 5.92 -20.47
C1 NAG R . -46.36 2.28 -22.00
C2 NAG R . -47.40 1.52 -22.84
C3 NAG R . -47.07 0.03 -22.89
C4 NAG R . -45.63 -0.20 -23.33
C5 NAG R . -44.70 0.56 -22.40
C6 NAG R . -43.24 0.44 -22.79
C7 NAG R . -49.84 1.57 -23.09
C8 NAG R . -51.15 1.81 -22.39
N2 NAG R . -48.75 1.71 -22.33
O3 NAG R . -47.95 -0.62 -23.80
O4 NAG R . -45.31 -1.59 -23.29
O5 NAG R . -45.03 1.95 -22.44
O6 NAG R . -43.09 0.46 -24.20
O7 NAG R . -49.79 1.27 -24.27
C1 NAG S . -2.13 -38.80 -43.70
C2 NAG S . -1.57 -37.81 -44.73
C3 NAG S . -2.70 -37.02 -45.40
C4 NAG S . -3.67 -36.44 -44.37
C5 NAG S . -4.05 -37.48 -43.32
C6 NAG S . -5.54 -37.66 -43.18
C7 NAG S . 0.52 -36.51 -44.72
C8 NAG S . 0.77 -37.05 -46.10
N2 NAG S . -0.61 -36.91 -44.12
O3 NAG S . -3.40 -37.87 -46.31
O4 NAG S . -3.10 -35.32 -43.72
O5 NAG S . -3.52 -38.76 -43.71
O6 NAG S . -6.01 -38.75 -43.96
O7 NAG S . 1.30 -35.74 -44.18
C1 NAG S . -3.35 -34.13 -44.49
C2 NAG S . -4.18 -33.15 -43.65
C3 NAG S . -4.38 -31.84 -44.41
C4 NAG S . -3.05 -31.27 -44.87
C5 NAG S . -2.29 -32.32 -45.67
C6 NAG S . -0.90 -31.87 -46.07
C7 NAG S . -5.68 -34.26 -42.07
C8 NAG S . -7.06 -34.79 -41.83
N2 NAG S . -5.45 -33.72 -43.27
O3 NAG S . -5.06 -30.90 -43.58
O4 NAG S . -3.27 -30.12 -45.69
O5 NAG S . -2.12 -33.51 -44.89
O6 NAG S . -0.92 -31.11 -47.27
O7 NAG S . -4.81 -34.33 -41.20
C1 NAG T . 19.29 22.40 49.06
C2 NAG T . 20.40 21.69 49.80
C3 NAG T . 20.41 22.11 51.25
C4 NAG T . 20.86 23.56 51.36
C5 NAG T . 20.28 24.43 50.24
C6 NAG T . 21.29 24.85 49.20
C7 NAG T . 21.05 19.47 48.94
C8 NAG T . 22.15 20.19 48.20
N2 NAG T . 20.25 20.24 49.69
O3 NAG T . 21.30 21.27 51.99
O4 NAG T . 20.42 24.09 52.60
O5 NAG T . 19.18 23.80 49.55
O6 NAG T . 21.98 26.03 49.59
O7 NAG T . 20.91 18.26 48.86
C1 NAG T . 21.53 24.74 53.26
C2 NAG T . 21.07 26.11 53.75
C3 NAG T . 22.20 26.81 54.50
C4 NAG T . 22.73 25.91 55.61
C5 NAG T . 23.12 24.55 55.06
C6 NAG T . 23.53 23.57 56.13
C7 NAG T . 19.32 27.02 52.29
C8 NAG T . 19.01 27.91 51.13
N2 NAG T . 20.60 26.92 52.65
O3 NAG T . 21.71 28.03 55.04
O4 NAG T . 23.87 26.52 56.22
O5 NAG T . 22.00 23.96 54.37
O6 NAG T . 22.41 23.03 56.80
O7 NAG T . 18.44 26.40 52.88
C1 NAG U . 38.01 -26.28 -10.58
C2 NAG U . 37.28 -27.56 -10.94
C3 NAG U . 37.95 -28.74 -10.24
C4 NAG U . 39.45 -28.77 -10.45
C5 NAG U . 40.10 -27.38 -10.35
C6 NAG U . 41.46 -27.31 -11.02
C7 NAG U . 34.88 -27.90 -11.39
C8 NAG U . 35.29 -28.42 -12.73
N2 NAG U . 35.87 -27.50 -10.58
O3 NAG U . 37.36 -29.95 -10.69
O4 NAG U . 39.99 -29.59 -9.41
O5 NAG U . 39.33 -26.38 -10.99
O6 NAG U . 41.44 -26.39 -12.11
O7 NAG U . 33.70 -27.82 -11.06
C1 NAG U . 41.18 -30.36 -9.69
C2 NAG U . 42.17 -30.09 -8.57
C3 NAG U . 43.44 -30.92 -8.76
C4 NAG U . 43.08 -32.40 -8.92
C5 NAG U . 42.06 -32.57 -10.03
C6 NAG U . 41.57 -33.99 -10.17
C7 NAG U . 42.44 -27.96 -7.37
C8 NAG U . 42.82 -26.52 -7.48
N2 NAG U . 42.50 -28.68 -8.49
O3 NAG U . 44.29 -30.74 -7.64
O4 NAG U . 44.24 -33.15 -9.21
O5 NAG U . 40.90 -31.76 -9.77
O6 NAG U . 40.25 -34.15 -9.66
O7 NAG U . 42.08 -28.46 -6.30
C1 NAG V . 18.23 -68.62 72.15
C2 NAG V . 18.64 -68.21 70.73
C3 NAG V . 19.88 -69.01 70.28
C4 NAG V . 19.99 -70.33 71.03
C5 NAG V . 19.99 -70.13 72.56
C6 NAG V . 21.39 -70.13 73.16
C7 NAG V . 17.26 -67.48 68.85
C8 NAG V . 18.13 -66.25 68.80
N2 NAG V . 17.56 -68.37 69.79
O3 NAG V . 21.04 -68.22 70.49
O4 NAG V . 18.92 -71.19 70.65
O5 NAG V . 19.39 -68.89 72.92
O6 NAG V . 22.29 -70.91 72.38
O7 NAG V . 16.33 -67.64 68.06
C1 NAG V . 19.06 -72.49 71.27
C2 NAG V . 17.69 -72.92 71.80
C3 NAG V . 17.77 -74.33 72.39
C4 NAG V . 18.37 -75.30 71.38
C5 NAG V . 19.72 -74.77 70.89
C6 NAG V . 20.32 -75.63 69.81
C7 NAG V . 15.94 -71.46 72.73
C8 NAG V . 15.08 -71.93 71.60
N2 NAG V . 17.18 -71.98 72.77
O3 NAG V . 16.46 -74.76 72.77
O4 NAG V . 18.57 -76.57 72.01
O5 NAG V . 19.55 -73.46 70.33
O6 NAG V . 21.42 -74.98 69.17
O7 NAG V . 15.54 -70.67 73.57
C1 NAG W . 23.69 -51.40 80.23
C2 NAG W . 25.03 -50.91 80.69
C3 NAG W . 25.09 -51.02 82.21
C4 NAG W . 23.80 -50.54 82.88
C5 NAG W . 22.51 -50.69 82.04
C6 NAG W . 21.45 -49.69 82.44
C7 NAG W . 27.09 -51.12 79.36
C8 NAG W . 27.04 -49.63 79.21
N2 NAG W . 26.10 -51.68 80.07
O3 NAG W . 26.20 -50.27 82.68
O4 NAG W . 23.61 -51.37 84.02
O5 NAG W . 22.72 -50.53 80.63
O6 NAG W . 21.90 -48.81 83.46
O7 NAG W . 27.98 -51.80 78.86
C1 NAG W . 23.83 -50.72 85.29
C2 NAG W . 24.07 -51.86 86.30
C3 NAG W . 24.32 -51.28 87.68
C4 NAG W . 25.45 -50.26 87.64
C5 NAG W . 25.16 -49.20 86.57
C6 NAG W . 26.30 -48.23 86.39
C7 NAG W . 23.08 -54.07 85.95
C8 NAG W . 24.44 -54.50 85.50
N2 NAG W . 22.96 -52.79 86.32
O3 NAG W . 24.65 -52.33 88.58
O4 NAG W . 25.58 -49.63 88.91
O5 NAG W . 24.94 -49.83 85.30
O6 NAG W . 25.91 -47.14 85.55
O7 NAG W . 22.11 -54.84 85.98
C1 NAG X . 9.99 -12.02 78.77
C2 NAG X . 10.49 -11.58 80.14
C3 NAG X . 10.48 -10.07 80.26
C4 NAG X . 11.22 -9.43 79.09
C5 NAG X . 10.70 -9.97 77.77
C6 NAG X . 11.49 -9.49 76.57
C7 NAG X . 9.91 -13.40 81.68
C8 NAG X . 8.97 -13.87 82.76
N2 NAG X . 9.68 -12.18 81.20
O3 NAG X . 11.06 -9.68 81.49
O4 NAG X . 11.02 -8.02 79.13
O5 NAG X . 10.79 -11.40 77.76
O6 NAG X . 11.84 -10.56 75.70
O7 NAG X . 10.81 -14.12 81.27
C1 NAG X . 12.27 -7.33 79.26
C2 NAG X . 11.97 -5.85 79.53
C3 NAG X . 13.28 -5.07 79.70
C4 NAG X . 14.15 -5.72 80.76
C5 NAG X . 14.35 -7.21 80.44
C6 NAG X . 15.11 -7.94 81.52
C7 NAG X . 11.50 -5.19 77.19
C8 NAG X . 10.51 -4.54 76.27
N2 NAG X . 11.14 -5.27 78.48
O3 NAG X . 12.97 -3.73 80.09
O4 NAG X . 15.42 -5.09 80.80
O5 NAG X . 13.08 -7.86 80.32
O6 NAG X . 14.48 -7.80 82.78
O7 NAG X . 12.59 -5.60 76.78
C1 NAG Y . 20.29 -31.16 76.24
C2 NAG Y . 21.05 -31.62 77.49
C3 NAG Y . 21.05 -30.52 78.55
C4 NAG Y . 21.57 -29.22 77.96
C5 NAG Y . 20.79 -28.86 76.70
C6 NAG Y . 21.32 -27.64 75.98
C7 NAG Y . 21.14 -33.72 78.76
C8 NAG Y . 20.37 -34.93 79.22
N2 NAG Y . 20.45 -32.84 78.03
O3 NAG Y . 21.85 -30.92 79.66
O4 NAG Y . 21.44 -28.18 78.92
O5 NAG Y . 20.86 -29.94 75.77
O6 NAG Y . 20.77 -27.52 74.68
O7 NAG Y . 22.33 -33.57 79.03
C1 NAG Y . 22.73 -27.59 79.18
C2 NAG Y . 22.50 -26.13 79.56
C3 NAG Y . 23.83 -25.46 79.89
C4 NAG Y . 24.58 -26.26 80.95
C5 NAG Y . 24.72 -27.71 80.52
C6 NAG Y . 25.35 -28.58 81.58
C7 NAG Y . 20.54 -25.00 78.62
C8 NAG Y . 19.98 -24.28 77.43
N2 NAG Y . 21.81 -25.41 78.51
O3 NAG Y . 23.60 -24.13 80.35
O4 NAG Y . 25.87 -25.70 81.16
O5 NAG Y . 23.43 -28.27 80.24
O6 NAG Y . 24.50 -29.68 81.91
O7 NAG Y . 19.88 -25.20 79.64
C1 NAG Z . 23.66 -58.55 58.92
C2 NAG Z . 23.17 -59.80 59.63
C3 NAG Z . 24.09 -60.99 59.32
C4 NAG Z . 25.47 -60.56 58.81
C5 NAG Z . 25.42 -59.51 57.70
C6 NAG Z . 25.67 -60.10 56.34
C7 NAG Z . 21.90 -59.65 61.71
C8 NAG Z . 21.96 -59.41 63.19
N2 NAG Z . 23.07 -59.59 61.06
O3 NAG Z . 23.47 -61.84 58.36
O4 NAG Z . 26.28 -60.09 59.89
O5 NAG Z . 24.13 -58.88 57.65
O6 NAG Z . 24.62 -59.80 55.43
O7 NAG Z . 20.84 -59.89 61.14
C1 NAG Z . 27.64 -60.16 59.44
C2 NAG Z . 28.58 -59.91 60.62
C3 NAG Z . 30.04 -60.09 60.18
C4 NAG Z . 30.24 -61.44 59.52
C5 NAG Z . 29.23 -61.63 58.38
C6 NAG Z . 29.30 -63.00 57.75
C7 NAG Z . 27.42 -58.31 62.06
C8 NAG Z . 27.35 -56.89 62.53
N2 NAG Z . 28.38 -58.59 61.18
O3 NAG Z . 30.89 -59.96 61.31
O4 NAG Z . 31.56 -61.53 58.99
O5 NAG Z . 27.90 -61.47 58.89
O6 NAG Z . 28.01 -63.49 57.44
O7 NAG Z . 26.64 -59.16 62.47
C1 NAG AA . 40.49 -16.14 -31.75
C2 NAG AA . 41.95 -15.73 -31.91
C3 NAG AA . 42.42 -14.97 -30.68
C4 NAG AA . 41.49 -13.81 -30.37
C5 NAG AA . 40.04 -14.30 -30.29
C6 NAG AA . 39.04 -13.18 -30.10
C7 NAG AA . 43.72 -16.93 -33.14
C8 NAG AA . 43.83 -15.69 -33.99
N2 NAG AA . 42.80 -16.88 -32.16
O3 NAG AA . 43.75 -14.51 -30.88
O4 NAG AA . 41.84 -13.19 -29.14
O5 NAG AA . 39.68 -14.97 -31.51
O6 NAG AA . 39.21 -12.16 -31.07
O7 NAG AA . 44.42 -17.91 -33.33
C1 NAG AA . 42.54 -11.96 -29.40
C2 NAG AA . 43.86 -11.98 -28.64
C3 NAG AA . 44.66 -10.72 -28.93
C4 NAG AA . 44.85 -10.54 -30.43
C5 NAG AA . 43.49 -10.57 -31.13
C6 NAG AA . 43.60 -10.53 -32.64
C7 NAG AA . 44.16 -13.10 -26.48
C8 NAG AA . 43.82 -13.09 -25.01
N2 NAG AA . 43.63 -12.12 -27.21
O3 NAG AA . 45.93 -10.80 -28.29
O4 NAG AA . 45.48 -9.30 -30.70
O5 NAG AA . 42.80 -11.79 -30.81
O6 NAG AA . 43.81 -11.83 -33.18
O7 NAG AA . 44.90 -13.95 -26.96
C1 NAG BA . 55.45 35.79 10.98
C2 NAG BA . 54.74 34.42 11.01
C3 NAG BA . 54.10 34.12 9.66
C4 NAG BA . 53.23 35.28 9.20
C5 NAG BA . 53.99 36.60 9.28
C6 NAG BA . 53.12 37.80 8.98
C7 NAG BA . 55.40 32.46 12.34
C8 NAG BA . 54.07 32.58 13.02
N2 NAG BA . 55.66 33.37 11.40
O3 NAG BA . 53.32 32.94 9.77
O4 NAG BA . 52.76 35.08 7.87
O5 NAG BA . 54.51 36.79 10.59
O6 NAG BA . 51.82 37.40 8.54
O7 NAG BA . 56.21 31.58 12.63
C1 NAG BA . 53.77 34.45 7.03
C2 NAG BA . 53.14 33.25 6.31
C3 NAG BA . 53.32 33.38 4.80
C4 NAG BA . 52.74 34.71 4.35
C5 NAG BA . 53.58 35.85 4.92
C6 NAG BA . 52.74 36.99 5.43
C7 NAG BA . 53.01 31.04 7.37
C8 NAG BA . 53.76 29.82 7.80
N2 NAG BA . 53.72 32.00 6.78
O3 NAG BA . 52.64 32.30 4.15
O4 NAG BA . 52.76 34.78 2.92
O5 NAG BA . 54.38 35.39 6.03
O6 NAG BA . 53.03 38.20 4.73
O7 NAG BA . 51.80 31.15 7.55
C1 NAG CA . -38.92 25.13 37.10
C2 NAG CA . -38.16 25.43 38.38
C3 NAG CA . -38.57 26.78 38.92
C4 NAG CA . -38.06 27.87 38.00
C5 NAG CA . -38.27 27.51 36.53
C6 NAG CA . -36.99 27.20 35.78
C7 NAG CA . -37.49 23.46 39.70
C8 NAG CA . -36.17 23.54 38.98
N2 NAG CA . -38.40 24.39 39.37
O3 NAG CA . -38.02 26.95 40.23
O4 NAG CA . -38.76 29.09 38.26
O5 NAG CA . -39.16 26.40 36.35
O6 NAG CA . -36.19 28.37 35.61
O7 NAG CA . -37.72 22.60 40.54
C1 NAG CA . -38.01 29.92 39.17
C2 NAG CA . -38.07 31.37 38.69
C3 NAG CA . -37.36 32.29 39.67
C4 NAG CA . -37.90 32.09 41.08
C5 NAG CA . -37.85 30.62 41.47
C6 NAG CA . -38.49 30.33 42.81
C7 NAG CA . -38.25 31.47 36.24
C8 NAG CA . -37.49 31.63 34.96
N2 NAG CA . -37.51 31.50 37.36
O3 NAG CA . -37.53 33.64 39.27
O4 NAG CA . -37.14 32.85 42.01
O5 NAG CA . -38.55 29.82 40.50
O6 NAG CA . -39.40 31.36 43.18
O7 NAG CA . -39.47 31.32 36.27
C1 NAG DA . -48.44 -10.32 22.81
C2 NAG DA . -49.03 -10.81 24.13
C3 NAG DA . -50.44 -11.33 23.90
C4 NAG DA . -51.35 -10.17 23.52
C5 NAG DA . -50.74 -9.36 22.38
C6 NAG DA . -50.40 -7.94 22.75
C7 NAG DA . -47.76 -11.79 25.99
C8 NAG DA . -48.18 -10.58 26.78
N2 NAG DA . -48.20 -11.85 24.72
O3 NAG DA . -50.89 -11.97 25.09
O4 NAG DA . -52.62 -10.65 23.12
O5 NAG DA . -49.53 -9.98 21.86
O6 NAG DA . -49.80 -7.25 21.66
O7 NAG DA . -47.05 -12.67 26.47
C1 NAG DA . -53.55 -10.62 24.21
C2 NAG DA . -54.09 -12.04 24.40
C3 NAG DA . -55.05 -12.10 25.59
C4 NAG DA . -54.37 -11.55 26.84
C5 NAG DA . -53.84 -10.15 26.56
C6 NAG DA . -53.05 -9.57 27.72
C7 NAG DA . -54.14 -13.14 22.20
C8 NAG DA . -54.98 -13.54 21.03
N2 NAG DA . -54.77 -12.50 23.19
O3 NAG DA . -55.44 -13.44 25.82
O4 NAG DA . -55.31 -11.48 27.91
O5 NAG DA . -52.94 -10.18 25.43
O6 NAG DA . -51.66 -9.86 27.59
O7 NAG DA . -52.93 -13.39 22.26
C1 NAG EA . -58.21 19.67 4.75
C2 NAG EA . -57.52 20.15 3.47
C3 NAG EA . -58.28 19.67 2.22
C4 NAG EA . -59.73 20.09 2.25
C5 NAG EA . -60.13 20.69 3.58
C6 NAG EA . -61.62 20.82 3.76
C7 NAG EA . -56.61 22.28 4.32
C8 NAG EA . -56.55 23.76 4.11
N2 NAG EA . -57.34 21.60 3.43
O3 NAG EA . -58.18 18.24 2.15
O4 NAG EA . -60.02 21.03 1.21
O5 NAG EA . -59.66 19.84 4.64
O6 NAG EA . -62.10 22.06 3.26
O7 NAG EA . -56.03 21.73 5.25
C1 NAG EA . -59.01 21.01 0.16
C2 NAG EA . -59.69 20.70 -1.17
C3 NAG EA . -59.28 21.72 -2.25
C4 NAG EA . -57.77 21.95 -2.25
C5 NAG EA . -57.26 22.22 -0.83
C6 NAG EA . -56.53 23.53 -0.70
C7 NAG EA . -60.03 18.27 -1.12
C8 NAG EA . -59.59 16.95 -1.69
N2 NAG EA . -59.40 19.35 -1.61
O3 NAG EA . -59.96 22.94 -2.03
O4 NAG EA . -57.11 20.81 -2.77
O5 NAG EA . -58.35 22.26 0.08
O6 NAG EA . -55.91 23.65 0.57
O7 NAG EA . -60.91 18.35 -0.28
C1 NAG FA . 1.75 -34.85 99.05
C2 NAG FA . 2.01 -33.51 98.38
C3 NAG FA . 2.19 -32.41 99.42
C4 NAG FA . 2.56 -32.97 100.79
C5 NAG FA . 1.59 -34.05 101.27
C6 NAG FA . 0.53 -33.52 102.20
C7 NAG FA . 3.22 -32.98 96.30
C8 NAG FA . 1.99 -32.21 95.88
N2 NAG FA . 3.18 -33.57 97.49
O3 NAG FA . 0.98 -31.65 99.52
O4 NAG FA . 3.89 -33.50 100.74
O5 NAG FA . 0.91 -34.66 100.16
O6 NAG FA . -0.04 -34.56 102.99
O7 NAG FA . 4.22 -33.04 95.58
C1 NAG FA . 4.51 -33.38 102.03
C2 NAG FA . 5.17 -34.72 102.37
C3 NAG FA . 5.91 -34.63 103.71
C4 NAG FA . 6.88 -33.45 103.69
C5 NAG FA . 6.16 -32.16 103.31
C6 NAG FA . 7.08 -30.98 103.15
C7 NAG FA . 4.37 -36.96 101.78
C8 NAG FA . 5.66 -37.13 101.04
N2 NAG FA . 4.19 -35.79 102.41
O3 NAG FA . 6.60 -35.83 103.95
O4 NAG FA . 7.47 -33.29 104.97
O5 NAG FA . 5.50 -32.35 102.04
O6 NAG FA . 6.36 -29.79 102.86
O7 NAG FA . 3.52 -37.85 101.83
C1 NAG GA . -17.48 -35.70 92.22
C2 NAG GA . -18.33 -35.44 93.46
C3 NAG GA . -18.34 -36.69 94.34
C4 NAG GA . -18.78 -37.91 93.54
C5 NAG GA . -17.96 -38.03 92.26
C6 NAG GA . -18.45 -39.13 91.35
C7 NAG GA . -18.46 -33.11 94.21
C8 NAG GA . -19.71 -33.01 93.40
N2 NAG GA . -17.84 -34.29 94.21
O3 NAG GA . -19.22 -36.48 95.44
O4 NAG GA . -18.57 -39.09 94.31
O5 NAG GA . -18.01 -36.81 91.50
O6 NAG GA . -19.85 -39.34 91.50
O7 NAG GA . -18.02 -32.15 94.85
C1 NAG GA . -19.81 -39.60 94.83
C2 NAG GA . -19.55 -40.07 96.27
C3 NAG GA . -20.85 -40.58 96.91
C4 NAG GA . -21.94 -39.53 96.80
C5 NAG GA . -22.11 -39.10 95.33
C6 NAG GA . -23.11 -38.00 95.15
C7 NAG GA . -17.22 -40.84 96.30
C8 NAG GA . -16.31 -42.03 96.34
N2 NAG GA . -18.53 -41.11 96.31
O3 NAG GA . -20.60 -40.88 98.28
O4 NAG GA . -23.17 -40.06 97.27
O5 NAG GA . -20.86 -38.62 94.83
O6 NAG GA . -24.25 -38.44 94.41
O7 NAG GA . -16.79 -39.69 96.25
C1 NAG HA . -35.64 -40.31 55.60
C2 NAG HA . -36.78 -41.29 55.83
C3 NAG HA . -37.88 -41.07 54.80
C4 NAG HA . -38.32 -39.61 54.77
C5 NAG HA . -37.11 -38.69 54.64
C6 NAG HA . -37.46 -37.23 54.78
C7 NAG HA . -36.46 -43.52 56.82
C8 NAG HA . -35.91 -44.89 56.61
N2 NAG HA . -36.31 -42.66 55.80
O3 NAG HA . -38.98 -41.92 55.12
O4 NAG HA . -39.15 -39.36 53.64
O5 NAG HA . -36.14 -38.97 55.66
O6 NAG HA . -37.63 -36.88 56.15
O7 NAG HA . -37.01 -43.19 57.86
C1 NAG HA . -40.55 -39.61 53.90
C2 NAG HA . -41.38 -38.39 53.52
C3 NAG HA . -42.87 -38.67 53.67
C4 NAG HA . -43.25 -39.93 52.91
C5 NAG HA . -42.36 -41.09 53.35
C6 NAG HA . -42.60 -42.36 52.57
C7 NAG HA . -41.16 -37.10 55.62
C8 NAG HA . -40.70 -35.80 56.23
N2 NAG HA . -41.00 -37.21 54.30
O3 NAG HA . -43.62 -37.56 53.18
O4 NAG HA . -44.61 -40.26 53.15
O5 NAG HA . -40.98 -40.74 53.15
O6 NAG HA . -41.56 -42.62 51.65
O7 NAG HA . -41.63 -38.01 56.31
C1 NAG IA . -26.72 -33.45 74.06
C2 NAG IA . -27.62 -33.83 75.24
C3 NAG IA . -28.94 -34.39 74.74
C4 NAG IA . -29.59 -33.44 73.76
C5 NAG IA . -28.61 -33.09 72.63
C6 NAG IA . -29.15 -32.07 71.66
C7 NAG IA . -26.54 -34.50 77.34
C8 NAG IA . -25.88 -35.60 78.10
N2 NAG IA . -26.95 -34.79 76.11
O3 NAG IA . -29.81 -34.61 75.85
O4 NAG IA . -30.77 -34.04 73.21
O5 NAG IA . -27.42 -32.54 73.20
O6 NAG IA . -28.19 -31.74 70.67
O7 NAG IA . -26.71 -33.39 77.85
C1 NAG IA . -31.92 -33.20 73.46
C2 NAG IA . -32.94 -33.45 72.36
C3 NAG IA . -34.19 -32.61 72.60
C4 NAG IA . -34.73 -32.85 74.01
C5 NAG IA . -33.63 -32.63 75.04
C6 NAG IA . -34.06 -32.96 76.45
C7 NAG IA . -32.16 -34.12 70.13
C8 NAG IA . -31.57 -33.65 68.83
N2 NAG IA . -32.38 -33.17 71.04
O3 NAG IA . -35.17 -32.94 71.64
O4 NAG IA . -35.81 -31.97 74.27
O5 NAG IA . -32.50 -33.48 74.74
O6 NAG IA . -33.14 -32.46 77.40
O7 NAG IA . -32.43 -35.29 70.34
C1 NAG JA . -0.79 -21.77 89.78
C2 NAG JA . 0.27 -22.39 90.69
C3 NAG JA . 0.19 -21.79 92.10
C4 NAG JA . 0.24 -20.27 92.04
C5 NAG JA . -0.85 -19.76 91.11
C6 NAG JA . -0.83 -18.27 90.93
C7 NAG JA . 0.55 -24.66 89.82
C8 NAG JA . 0.30 -26.12 90.04
N2 NAG JA . 0.12 -23.83 90.76
O3 NAG JA . 1.28 -22.28 92.88
O4 NAG JA . 0.05 -19.72 93.34
O5 NAG JA . -0.68 -20.34 89.81
O6 NAG JA . 0.50 -17.76 90.91
O7 NAG JA . 1.13 -24.25 88.80
C1 NAG JA . 1.29 -19.15 93.79
C2 NAG JA . 1.00 -18.22 94.96
C3 NAG JA . 2.30 -17.64 95.52
C4 NAG JA . 3.28 -18.75 95.87
C5 NAG JA . 3.49 -19.67 94.65
C6 NAG JA . 4.35 -20.86 94.95
C7 NAG JA . -1.24 -17.24 94.70
C8 NAG JA . -2.02 -16.05 94.25
N2 NAG JA . 0.09 -17.16 94.57
O3 NAG JA . 2.02 -16.87 96.68
O4 NAG JA . 4.53 -18.21 96.24
O5 NAG JA . 2.21 -20.18 94.21
O6 NAG JA . 3.61 -22.08 94.87
O7 NAG JA . -1.78 -18.24 95.17
C1 NAG KA . 2.76 45.66 5.46
C2 NAG KA . 2.56 44.84 6.73
C3 NAG KA . 1.73 45.64 7.74
C4 NAG KA . 0.87 46.69 7.06
C5 NAG KA . 1.70 47.65 6.19
C6 NAG KA . 2.05 48.93 6.90
C7 NAG KA . 2.25 42.43 7.04
C8 NAG KA . 3.35 42.51 8.06
N2 NAG KA . 1.92 43.58 6.43
O3 NAG KA . 2.61 46.26 8.67
O4 NAG KA . -0.13 46.04 6.26
O5 NAG KA . 2.92 47.02 5.80
O6 NAG KA . 1.65 50.07 6.16
O7 NAG KA . 1.68 41.37 6.78
C1 NAG KA . -1.02 46.96 5.60
C2 NAG KA . -1.09 46.61 4.12
C3 NAG KA . -2.10 47.50 3.40
C4 NAG KA . -3.45 47.45 4.10
C5 NAG KA . -3.28 47.79 5.58
C6 NAG KA . -4.57 47.65 6.36
C7 NAG KA . 0.73 45.77 2.69
C8 NAG KA . -0.13 44.55 2.47
N2 NAG KA . 0.22 46.71 3.48
O3 NAG KA . -2.23 47.08 2.05
O4 NAG KA . -4.34 48.37 3.50
O5 NAG KA . -2.33 46.90 6.18
O6 NAG KA . -4.42 46.71 7.42
O7 NAG KA . 1.84 45.88 2.18
C1 NAG LA . -51.33 42.26 14.71
C2 NAG LA . -51.19 42.87 13.32
C3 NAG LA . -49.72 42.87 12.87
C4 NAG LA . -48.83 43.51 13.92
C5 NAG LA . -49.08 42.87 15.29
C6 NAG LA . -48.36 43.57 16.42
C7 NAG LA . -52.83 42.76 11.49
C8 NAG LA . -53.60 41.85 10.58
N2 NAG LA . -52.02 42.15 12.36
O3 NAG LA . -49.60 43.57 11.64
O4 NAG LA . -47.45 43.30 13.60
O5 NAG LA . -50.48 42.94 15.62
O6 NAG LA . -48.39 44.98 16.24
O7 NAG LA . -52.93 43.97 11.44
C1 NAG LA . -46.88 44.57 13.22
C2 NAG LA . -45.45 44.65 13.72
C3 NAG LA . -44.80 45.95 13.24
C4 NAG LA . -44.92 46.08 11.73
C5 NAG LA . -46.38 45.93 11.31
C6 NAG LA . -46.55 45.91 9.80
C7 NAG LA . -45.06 43.44 15.82
C8 NAG LA . -45.02 43.53 17.32
N2 NAG LA . -45.38 44.56 15.18
O3 NAG LA . -43.43 45.95 13.63
O4 NAG LA . -44.44 47.35 11.32
O5 NAG LA . -46.90 44.68 11.80
O6 NAG LA . -46.70 44.59 9.31
O7 NAG LA . -44.79 42.40 15.23
C1 NAG MA . -29.65 -51.62 19.68
C2 NAG MA . -30.73 -51.44 18.62
C3 NAG MA . -31.04 -52.78 17.95
C4 NAG MA . -29.76 -53.43 17.43
C5 NAG MA . -28.71 -53.51 18.53
C6 NAG MA . -27.37 -54.01 18.04
C7 NAG MA . -32.69 -51.40 20.14
C8 NAG MA . -33.90 -50.62 20.57
N2 NAG MA . -31.95 -50.85 19.17
O3 NAG MA . -31.95 -52.57 16.87
O4 NAG MA . -30.04 -54.73 16.95
O5 NAG MA . -28.47 -52.20 19.09
O6 NAG MA . -27.07 -53.51 16.74
O7 NAG MA . -32.40 -52.49 20.65
C1 NAG NA . -31.33 -31.84 11.37
C2 NAG NA . -32.36 -31.60 10.25
C3 NAG NA . -33.78 -31.59 10.79
C4 NAG NA . -33.91 -32.60 11.91
C5 NAG NA . -33.09 -32.12 13.11
C6 NAG NA . -32.65 -33.24 14.02
C7 NAG NA . -31.12 -30.22 8.62
C8 NAG NA . -30.96 -28.85 8.03
N2 NAG NA . -32.06 -30.34 9.56
O3 NAG NA . -34.69 -31.90 9.74
O4 NAG NA . -35.27 -32.72 12.30
O5 NAG NA . -31.90 -31.43 12.67
O6 NAG NA . -32.90 -32.93 15.38
O7 NAG NA . -30.44 -31.17 8.26
C1 NAG OA . 2.60 -51.53 15.62
C2 NAG OA . 1.95 -52.07 16.90
C3 NAG OA . 1.71 -53.58 16.78
C4 NAG OA . 2.74 -54.25 15.89
C5 NAG OA . 2.83 -53.60 14.50
C6 NAG OA . 2.16 -54.41 13.42
C7 NAG OA . 2.22 -51.43 19.26
C8 NAG OA . 3.19 -51.15 20.36
N2 NAG OA . 2.76 -51.77 18.07
O3 NAG OA . 0.39 -53.80 16.27
O4 NAG OA . 4.01 -54.24 16.51
O5 NAG OA . 2.20 -52.31 14.52
O6 NAG OA . 0.79 -54.02 13.27
O7 NAG OA . 1.00 -51.34 19.41
C1 NAG PA . 11.37 -17.69 -37.57
C2 NAG PA . 10.65 -18.41 -38.71
C3 NAG PA . 9.65 -17.48 -39.37
C4 NAG PA . 8.71 -16.88 -38.34
C5 NAG PA . 9.51 -16.21 -37.22
C6 NAG PA . 8.64 -15.69 -36.11
C7 NAG PA . 11.34 -19.96 -40.49
C8 NAG PA . 12.45 -20.34 -41.44
N2 NAG PA . 11.61 -18.92 -39.68
O3 NAG PA . 8.91 -18.19 -40.35
O4 NAG PA . 7.85 -15.92 -38.95
O5 NAG PA . 10.41 -17.16 -36.65
O6 NAG PA . 8.49 -16.65 -35.07
O7 NAG PA . 10.27 -20.56 -40.45
C1 NAG QA . -11.32 -45.28 -13.42
C2 NAG QA . -12.49 -45.43 -14.39
C3 NAG QA . -13.55 -46.34 -13.79
C4 NAG QA . -12.94 -47.67 -13.37
C5 NAG QA . -11.74 -47.43 -12.45
C6 NAG QA . -11.01 -48.70 -12.09
C7 NAG QA . -13.40 -43.78 -15.97
C8 NAG QA . -13.15 -44.79 -17.04
N2 NAG QA . -13.06 -44.14 -14.72
O3 NAG QA . -14.58 -46.57 -14.75
O4 NAG QA . -13.90 -48.46 -12.67
O5 NAG QA . -10.79 -46.57 -13.10
O6 NAG QA . -10.65 -49.45 -13.25
O7 NAG QA . -13.88 -42.67 -16.21
C1 NAG RA . -17.21 -61.99 50.46
C2 NAG RA . -16.50 -63.13 49.71
C3 NAG RA . -17.52 -64.01 48.97
C4 NAG RA . -18.87 -63.33 48.89
C5 NAG RA . -18.67 -61.88 48.49
C6 NAG RA . -19.97 -61.13 48.25
C7 NAG RA . -14.33 -63.20 48.56
C8 NAG RA . -13.43 -62.51 47.58
N2 NAG RA . -15.51 -62.60 48.78
O3 NAG RA . -17.64 -65.26 49.63
O4 NAG RA . -19.69 -63.97 47.92
O5 NAG RA . -17.97 -61.17 49.52
O6 NAG RA . -20.76 -61.77 47.26
O7 NAG RA . -14.00 -64.23 49.14
C1 NAG SA . -20.04 -63.69 52.51
C2 NAG SA . -20.73 -64.61 53.52
C3 NAG SA . -21.65 -65.59 52.81
C4 NAG SA . -22.63 -64.85 51.91
C5 NAG SA . -21.87 -63.94 50.95
C6 NAG SA . -22.78 -63.08 50.11
C7 NAG SA . -19.97 -65.63 55.62
C8 NAG SA . -18.86 -66.36 56.31
N2 NAG SA . -19.75 -65.31 54.34
O3 NAG SA . -22.37 -66.35 53.78
O4 NAG SA . -23.40 -65.78 51.16
O5 NAG SA . -21.03 -63.04 51.70
O6 NAG SA . -22.49 -63.20 48.73
O7 NAG SA . -21.01 -65.33 56.20
C1 NAG TA . 0.87 -19.12 -24.14
C2 NAG TA . 0.42 -17.93 -23.30
C3 NAG TA . -0.33 -16.92 -24.17
C4 NAG TA . 0.52 -16.53 -25.38
C5 NAG TA . 0.94 -17.78 -26.14
C6 NAG TA . 1.86 -17.48 -27.30
C7 NAG TA . 0.03 -18.35 -20.91
C8 NAG TA . 1.43 -17.88 -20.69
N2 NAG TA . -0.40 -18.35 -22.18
O3 NAG TA . -0.63 -15.77 -23.41
O4 NAG TA . -0.23 -15.67 -26.24
O5 NAG TA . 1.64 -18.67 -25.26
O6 NAG TA . 3.21 -17.31 -26.86
O7 NAG TA . -0.69 -18.72 -19.99
C1 NAG UA . 43.73 -27.49 40.49
C2 NAG UA . 43.43 -28.54 39.41
C3 NAG UA . 44.53 -28.53 38.35
C4 NAG UA . 44.73 -27.12 37.81
C5 NAG UA . 44.98 -26.14 38.95
C6 NAG UA . 45.08 -24.71 38.49
C7 NAG UA . 44.18 -30.53 40.66
C8 NAG UA . 43.78 -31.89 41.15
N2 NAG UA . 43.24 -29.87 39.97
O3 NAG UA . 44.17 -29.41 37.29
O4 NAG UA . 45.85 -27.11 36.93
O5 NAG UA . 43.89 -26.20 39.89
O6 NAG UA . 43.79 -24.12 38.34
O7 NAG UA . 45.30 -30.07 40.87
C1 NAG VA . 35.91 -22.24 20.34
C2 NAG VA . 36.76 -23.13 19.41
C3 NAG VA . 36.18 -24.53 19.30
C4 NAG VA . 35.71 -25.00 20.67
C5 NAG VA . 34.50 -24.16 21.09
C6 NAG VA . 34.38 -23.99 22.59
C7 NAG VA . 38.07 -22.36 17.47
C8 NAG VA . 39.28 -22.83 18.21
N2 NAG VA . 36.89 -22.52 18.09
O3 NAG VA . 37.16 -25.42 18.79
O4 NAG VA . 35.34 -26.37 20.62
O5 NAG VA . 34.56 -22.86 20.52
O6 NAG VA . 35.58 -24.39 23.24
O7 NAG VA . 38.13 -21.84 16.36
C1 NAG WA . 26.92 -2.52 53.66
C2 NAG WA . 27.99 -3.17 54.52
C3 NAG WA . 27.69 -2.93 56.00
C4 NAG WA . 27.52 -1.45 56.27
C5 NAG WA . 26.49 -0.84 55.32
C6 NAG WA . 26.38 0.66 55.44
C7 NAG WA . 29.26 -5.20 53.97
C8 NAG WA . 30.48 -4.34 53.99
N2 NAG WA . 28.09 -4.60 54.24
O3 NAG WA . 28.76 -3.46 56.78
O4 NAG WA . 27.10 -1.25 57.62
O5 NAG WA . 26.85 -1.12 53.96
O6 NAG WA . 25.67 1.23 54.35
O7 NAG WA . 29.32 -6.41 53.74
C1 NAG XA . 33.06 42.27 4.60
C2 NAG XA . 32.76 41.42 3.35
C3 NAG XA . 31.82 42.17 2.40
C4 NAG XA . 30.77 42.93 3.20
C5 NAG XA . 31.45 44.05 3.96
C6 NAG XA . 30.75 44.41 5.25
C7 NAG XA . 34.65 39.92 2.91
C8 NAG XA . 35.90 39.71 2.11
N2 NAG XA . 33.99 41.05 2.67
O3 NAG XA . 31.19 41.24 1.52
O4 NAG XA . 29.81 43.48 2.33
O5 NAG XA . 32.80 43.70 4.32
O6 NAG XA . 31.67 44.75 6.28
O7 NAG XA . 34.26 39.10 3.73
C1 NAG YA . 47.21 9.02 27.53
C2 NAG YA . 46.67 7.60 27.32
C3 NAG YA . 47.32 6.97 26.10
C4 NAG YA . 47.49 8.01 25.00
C5 NAG YA . 48.54 9.01 25.43
C6 NAG YA . 48.34 10.38 24.82
C7 NAG YA . 45.96 6.50 29.40
C8 NAG YA . 44.62 7.14 29.16
N2 NAG YA . 46.90 6.76 28.49
O3 NAG YA . 46.52 5.89 25.62
O4 NAG YA . 47.90 7.39 23.79
O5 NAG YA . 48.52 9.17 26.86
O6 NAG YA . 46.98 10.62 24.50
O7 NAG YA . 46.19 5.80 30.38
C1 NAG ZA . 35.84 48.30 28.24
C2 NAG ZA . 35.26 48.36 26.82
C3 NAG ZA . 33.95 49.15 26.81
C4 NAG ZA . 34.13 50.56 27.35
C5 NAG ZA . 35.13 50.55 28.50
C6 NAG ZA . 34.76 51.50 29.61
C7 NAG ZA . 36.78 48.24 24.90
C8 NAG ZA . 37.75 48.99 24.04
N2 NAG ZA . 36.21 48.93 25.89
O3 NAG ZA . 32.96 48.46 27.56
O4 NAG ZA . 34.60 51.42 26.33
O5 NAG ZA . 35.17 49.24 29.08
O6 NAG ZA . 35.16 52.83 29.30
O7 NAG ZA . 36.52 47.05 24.71
C1 NAG AB . 27.31 -43.29 66.48
C2 NAG AB . 28.50 -42.63 67.21
C3 NAG AB . 29.27 -41.74 66.25
C4 NAG AB . 29.73 -42.55 65.06
C5 NAG AB . 28.53 -43.19 64.35
C6 NAG AB . 28.64 -44.69 64.24
C7 NAG AB . 27.95 -42.40 69.59
C8 NAG AB . 27.47 -41.48 70.67
N2 NAG AB . 28.04 -41.88 68.36
O3 NAG AB . 30.38 -41.17 66.92
O4 NAG AB . 30.42 -41.71 64.14
O5 NAG AB . 27.33 -42.92 65.08
O6 NAG AB . 29.76 -45.07 63.44
O7 NAG AB . 28.26 -43.56 69.82
C1 NAG BB . 28.83 -47.05 67.68
C2 NAG BB . 28.96 -48.54 68.02
C3 NAG BB . 30.42 -48.89 68.31
C4 NAG BB . 31.30 -48.45 67.15
C5 NAG BB . 31.10 -46.97 66.87
C6 NAG BB . 31.87 -46.48 65.66
C7 NAG BB . 27.14 -49.80 69.08
C8 NAG BB . 26.38 -50.06 70.35
N2 NAG BB . 28.13 -48.90 69.16
O3 NAG BB . 30.55 -50.29 68.51
O4 NAG BB . 32.68 -48.68 67.47
O5 NAG BB . 29.70 -46.72 66.60
O6 NAG BB . 32.49 -47.55 64.97
O7 NAG BB . 26.87 -50.38 68.03
C1 NAG CB . 33.55 23.07 7.80
C2 NAG CB . 32.99 22.51 6.49
C3 NAG CB . 33.76 21.26 6.07
C4 NAG CB . 35.25 21.53 6.03
C5 NAG CB . 35.71 22.11 7.38
C6 NAG CB . 37.17 22.51 7.38
C7 NAG CB . 30.61 23.15 6.45
C8 NAG CB . 29.21 22.66 6.61
N2 NAG CB . 31.57 22.22 6.60
O3 NAG CB . 33.32 20.83 4.79
O4 NAG CB . 35.97 20.33 5.77
O5 NAG CB . 34.96 23.29 7.67
O6 NAG CB . 37.32 23.92 7.33
O7 NAG CB . 30.88 24.32 6.21
C1 NAG DB . -21.20 9.36 69.35
C2 NAG DB . -20.05 10.23 68.83
C3 NAG DB . -20.42 11.70 68.87
C4 NAG DB . -21.75 11.95 68.16
C5 NAG DB . -22.82 11.01 68.72
C6 NAG DB . -24.14 11.12 67.99
C7 NAG DB . -18.65 10.22 70.87
C8 NAG DB . -17.29 9.89 71.42
N2 NAG DB . -18.81 9.98 69.56
O3 NAG DB . -19.40 12.47 68.25
O4 NAG DB . -22.16 13.29 68.35
O5 NAG DB . -22.39 9.65 68.59
O6 NAG DB . -24.74 9.84 67.82
O7 NAG DB . -19.54 10.68 71.57
C1 NAG EB . -8.86 17.54 52.67
C2 NAG EB . -9.31 18.61 53.68
C3 NAG EB . -8.49 18.52 54.96
C4 NAG EB . -8.53 17.10 55.52
C5 NAG EB . -8.07 16.11 54.46
C6 NAG EB . -8.18 14.68 54.93
C7 NAG EB . -9.81 21.02 53.60
C8 NAG EB . -9.57 22.31 52.85
N2 NAG EB . -9.21 19.93 53.09
O3 NAG EB . -8.99 19.44 55.92
O4 NAG EB . -7.68 17.01 56.66
O5 NAG EB . -8.90 16.23 53.30
O6 NAG EB . -8.89 14.57 56.14
O7 NAG EB . -10.49 20.96 54.61
C1 NAG FB . -38.13 -8.40 49.18
C2 NAG FB . -37.94 -9.88 49.53
C3 NAG FB . -39.30 -10.52 49.85
C4 NAG FB . -40.01 -9.72 50.93
C5 NAG FB . -40.08 -8.23 50.55
C6 NAG FB . -40.66 -7.37 51.65
C7 NAG FB . -36.31 -11.49 48.63
C8 NAG FB . -35.91 -11.74 50.05
N2 NAG FB . -37.29 -10.59 48.44
O3 NAG FB . -39.11 -11.86 50.27
O4 NAG FB . -41.32 -10.22 51.12
O5 NAG FB . -38.77 -7.73 50.27
O6 NAG FB . -40.28 -6.01 51.48
O7 NAG FB . -35.79 -12.08 47.69
C1 NAG GB . -39.65 30.21 -4.28
C2 NAG GB . -39.31 30.76 -5.69
C3 NAG GB . -40.43 31.68 -6.20
C4 NAG GB . -41.74 31.40 -5.48
C5 NAG GB . -41.58 31.80 -4.02
C6 NAG GB . -42.71 31.30 -3.15
C7 NAG GB . -36.87 30.86 -5.45
C8 NAG GB . -35.66 31.76 -5.46
N2 NAG GB . -38.04 31.47 -5.66
O3 NAG GB . -40.59 31.50 -7.60
O4 NAG GB . -42.78 32.17 -6.07
O5 NAG GB . -40.37 31.26 -3.47
O6 NAG GB . -42.73 31.97 -1.90
O7 NAG GB . -36.79 29.66 -5.25
C1 NAG HB . 4.22 44.01 32.69
C2 NAG HB . 3.87 45.47 32.93
C3 NAG HB . 4.44 45.93 34.28
C4 NAG HB . 3.96 45.00 35.39
C5 NAG HB . 4.30 43.55 35.04
C6 NAG HB . 3.76 42.55 36.05
C7 NAG HB . 3.60 47.24 31.25
C8 NAG HB . 2.18 47.36 31.73
N2 NAG HB . 4.36 46.33 31.87
O3 NAG HB . 4.00 47.26 34.55
O4 NAG HB . 4.62 45.35 36.62
O5 NAG HB . 3.72 43.21 33.77
O6 NAG HB . 4.43 42.66 37.29
O7 NAG HB . 4.04 47.95 30.35
C1 NAG IB . -16.55 -21.57 83.26
C2 NAG IB . -16.51 -20.65 82.08
C3 NAG IB . -15.95 -19.28 82.49
C4 NAG IB . -15.87 -19.13 84.01
C5 NAG IB . -17.03 -19.78 84.77
C6 NAG IB . -18.27 -18.93 84.81
C7 NAG IB . -16.21 -22.14 80.16
C8 NAG IB . -15.26 -22.61 79.09
N2 NAG IB . -15.74 -21.21 80.99
O3 NAG IB . -16.76 -18.25 81.94
O4 NAG IB . -14.62 -19.60 84.51
O5 NAG IB . -17.41 -21.06 84.23
O6 NAG IB . -18.04 -17.69 85.47
O7 NAG IB . -17.35 -22.58 80.25
C1 NAG JB . -14.89 -22.41 86.57
C2 NAG JB . -14.97 -23.17 87.88
C3 NAG JB . -15.49 -22.25 88.99
C4 NAG JB . -15.32 -20.77 88.65
C5 NAG JB . -14.09 -20.46 87.80
C6 NAG JB . -12.79 -20.52 88.59
C7 NAG JB . -15.74 -25.39 88.57
C8 NAG JB . -16.70 -26.51 88.29
N2 NAG JB . -15.82 -24.34 87.75
O3 NAG JB . -14.80 -22.56 90.20
O4 NAG JB . -16.49 -20.26 88.02
O5 NAG JB . -13.94 -21.36 86.70
O6 NAG JB . -11.65 -20.36 87.75
O7 NAG JB . -14.92 -25.44 89.47
C1 NAG KB . -30.50 25.96 8.28
C2 NAG KB . -30.13 25.72 6.82
C3 NAG KB . -28.69 25.22 6.71
C4 NAG KB . -27.75 26.18 7.41
C5 NAG KB . -28.19 26.40 8.85
C6 NAG KB . -27.37 27.43 9.57
C7 NAG KB . -31.83 25.09 5.16
C8 NAG KB . -32.71 23.99 4.65
N2 NAG KB . -31.05 24.76 6.20
O3 NAG KB . -28.33 25.10 5.33
O4 NAG KB . -26.42 25.65 7.41
O5 NAG KB . -29.55 26.87 8.87
O6 NAG KB . -28.07 28.67 9.70
O7 NAG KB . -31.83 26.20 4.65
#